data_1RVZ
#
_entry.id   1RVZ
#
_cell.length_a   227.583
_cell.length_b   131.522
_cell.length_c   175.017
_cell.angle_alpha   90.00
_cell.angle_beta   110.07
_cell.angle_gamma   90.00
#
_symmetry.space_group_name_H-M   'C 1 2 1'
#
loop_
_entity.id
_entity.type
_entity.pdbx_description
1 polymer hemagglutinin
2 polymer hemagglutinin
3 branched 'N-acetyl-alpha-neuraminic acid-(2-6)-beta-D-galactopyranose-(1-4)-2-acetamido-2-deoxy-beta-D-glucopyranose'
4 non-polymer 2-acetamido-2-deoxy-beta-D-glucopyranose
5 water water
#
loop_
_entity_poly.entity_id
_entity_poly.type
_entity_poly.pdbx_seq_one_letter_code
_entity_poly.pdbx_strand_id
1 'polypeptide(L)'
;ATNADTICIGYHANNSTDTVDTVLEKNVTVTHSVNLLEDSHNGKLCRLKGIAPLQLGKCNIAGWLLGNPECDPLLPVRSW
SYIVETPNSENGICYPGDFIDYEELREQLSSVSSFERFEIFPKESSWPNHNTNGVTAACSHEGKSSFYRNLLWLTEKEGS
YPKLKNSYVNKKGKEVLVLWGIHHPPNSKEQQNLYQNENAYVSVVTSNYNRRFTPEIAERPKVRDQAGRMNYYWTLLKPG
DTIIFEANGNLIAPMYAFALRRGFGSGIITSNASMHECNTKCQTPLGAINSSLPYQNIHPVTIGECPKYVRSAKLRMVTG
LRNIPAR
;
A,C,E,G,I,K
2 'polypeptide(L)'
;GLFGAIAGFIEGGWTGMIDGWYGYHHQNEQGSGYAADQKSTQNAINGITNKVNSVIEKMNIQFTAVGKEFNKLEKRMENL
NNKVDDGFLDIWTYNAELLVLLENERTLDFHDSNVKNLYEKVKSQLKNNAKEIGNGCFEFYHKCDNECMESVRNGTYDYP
;
B,D,F,H,J,L
#
# COMPACT_ATOMS: atom_id res chain seq x y z
N ASP A 5 -17.52 20.94 2.99
CA ASP A 5 -16.41 20.19 2.36
C ASP A 5 -15.21 21.07 2.11
N THR A 6 -14.04 20.59 2.49
CA THR A 6 -12.81 21.34 2.31
C THR A 6 -11.63 20.46 1.94
N ILE A 7 -10.71 21.02 1.15
CA ILE A 7 -9.51 20.30 0.74
C ILE A 7 -8.35 21.23 1.03
N CYS A 8 -7.36 20.74 1.76
CA CYS A 8 -6.21 21.57 2.09
C CYS A 8 -4.94 21.06 1.43
N ILE A 9 -4.02 21.98 1.16
CA ILE A 9 -2.73 21.65 0.56
C ILE A 9 -1.71 21.83 1.67
N GLY A 10 -0.93 20.79 1.92
CA GLY A 10 0.07 20.86 2.97
C GLY A 10 1.33 20.07 2.67
N TYR A 11 2.25 20.09 3.61
CA TYR A 11 3.52 19.39 3.48
C TYR A 11 3.80 18.42 4.61
N HIS A 12 4.68 17.46 4.33
CA HIS A 12 5.07 16.43 5.29
C HIS A 12 5.82 16.96 6.51
N ALA A 13 5.64 16.29 7.63
CA ALA A 13 6.29 16.64 8.90
C ALA A 13 6.50 15.33 9.65
N ASN A 14 7.37 15.34 10.65
CA ASN A 14 7.62 14.12 11.43
C ASN A 14 8.31 14.36 12.76
N ASN A 15 8.85 13.30 13.33
CA ASN A 15 9.53 13.37 14.62
C ASN A 15 11.03 13.60 14.51
N SER A 16 11.56 13.55 13.28
CA SER A 16 12.99 13.76 13.03
C SER A 16 13.55 14.94 13.79
N THR A 17 14.74 14.77 14.36
CA THR A 17 15.39 15.83 15.12
C THR A 17 16.65 16.32 14.43
N ASP A 18 16.94 15.78 13.26
CA ASP A 18 18.12 16.15 12.49
C ASP A 18 18.17 17.67 12.30
N THR A 19 19.38 18.21 12.27
CA THR A 19 19.55 19.64 12.04
C THR A 19 20.64 19.87 11.01
N VAL A 20 20.51 20.98 10.29
CA VAL A 20 21.48 21.36 9.27
C VAL A 20 21.60 22.86 9.32
N ASP A 21 22.69 23.39 8.74
CA ASP A 21 22.87 24.84 8.73
C ASP A 21 22.67 25.38 7.32
N THR A 22 22.30 26.65 7.24
CA THR A 22 22.09 27.32 5.97
C THR A 22 22.81 28.64 6.09
N VAL A 23 22.74 29.47 5.06
CA VAL A 23 23.40 30.76 5.08
C VAL A 23 22.69 31.74 5.99
N LEU A 24 21.36 31.66 6.02
CA LEU A 24 20.56 32.56 6.82
C LEU A 24 20.24 32.09 8.24
N GLU A 25 20.26 30.77 8.45
CA GLU A 25 19.92 30.24 9.75
C GLU A 25 20.67 28.96 10.11
N LYS A 26 21.10 28.86 11.36
CA LYS A 26 21.82 27.68 11.83
C LYS A 26 20.86 26.72 12.53
N ASN A 27 21.28 25.48 12.66
CA ASN A 27 20.49 24.43 13.31
C ASN A 27 19.02 24.46 12.98
N VAL A 28 18.72 24.20 11.71
CA VAL A 28 17.35 24.15 11.21
C VAL A 28 16.92 22.70 11.21
N THR A 29 15.90 22.38 12.00
CA THR A 29 15.40 21.01 12.09
C THR A 29 14.72 20.65 10.78
N VAL A 30 15.14 19.54 10.20
CA VAL A 30 14.58 19.08 8.92
C VAL A 30 14.01 17.67 9.07
N THR A 31 13.21 17.26 8.10
CA THR A 31 12.59 15.93 8.15
C THR A 31 13.52 14.81 7.69
N HIS A 32 14.20 15.05 6.56
CA HIS A 32 15.13 14.06 6.00
C HIS A 32 16.45 14.74 5.65
N SER A 33 17.56 14.07 5.95
CA SER A 33 18.87 14.62 5.65
C SER A 33 19.90 13.52 5.39
N VAL A 34 21.05 13.92 4.86
CA VAL A 34 22.11 12.97 4.56
C VAL A 34 23.46 13.48 5.05
N ASN A 35 24.19 12.61 5.74
CA ASN A 35 25.51 12.95 6.24
C ASN A 35 26.51 12.68 5.11
N LEU A 36 27.44 13.60 4.90
CA LEU A 36 28.44 13.44 3.86
C LEU A 36 29.83 13.33 4.49
N LEU A 37 29.87 13.47 5.82
CA LEU A 37 31.12 13.43 6.54
C LEU A 37 31.36 12.14 7.33
N GLU A 38 32.30 11.32 6.85
CA GLU A 38 32.63 10.07 7.51
C GLU A 38 33.48 10.30 8.75
N ASP A 39 33.01 9.84 9.90
CA ASP A 39 33.76 10.01 11.14
C ASP A 39 34.01 8.71 11.90
N SER A 40 33.81 7.58 11.23
CA SER A 40 34.02 6.29 11.89
C SER A 40 35.06 5.44 11.21
N HIS A 41 35.70 4.60 12.01
CA HIS A 41 36.74 3.69 11.54
C HIS A 41 36.94 2.68 12.65
N ASN A 42 37.65 1.60 12.34
CA ASN A 42 37.96 0.62 13.38
C ASN A 42 39.41 0.87 13.67
N GLY A 43 39.69 1.21 14.92
CA GLY A 43 41.04 1.49 15.37
C GLY A 43 41.97 0.32 15.13
N LYS A 44 41.97 -0.18 13.91
CA LYS A 44 42.82 -1.30 13.54
C LYS A 44 43.55 -1.07 12.24
N LEU A 45 44.65 -1.79 12.09
CA LEU A 45 45.46 -1.76 10.88
C LEU A 45 44.96 -2.98 10.11
N CYS A 46 44.59 -2.80 8.86
CA CYS A 46 44.06 -3.92 8.07
C CYS A 46 44.83 -4.23 6.79
N ARG A 47 44.44 -5.34 6.17
CA ARG A 47 45.05 -5.74 4.90
C ARG A 47 44.43 -4.76 3.91
N LEU A 48 45.16 -4.45 2.85
CA LEU A 48 44.65 -3.56 1.83
C LEU A 48 44.35 -4.44 0.63
N LYS A 49 43.08 -4.71 0.42
CA LYS A 49 42.66 -5.56 -0.68
C LYS A 49 43.35 -6.93 -0.60
N GLY A 50 43.28 -7.54 0.59
CA GLY A 50 43.87 -8.84 0.81
C GLY A 50 45.36 -8.90 1.11
N ILE A 51 46.08 -7.82 0.85
CA ILE A 51 47.52 -7.80 1.09
C ILE A 51 47.91 -7.07 2.38
N ALA A 52 48.60 -7.79 3.26
CA ALA A 52 49.02 -7.24 4.54
C ALA A 52 50.15 -6.20 4.44
N PRO A 53 50.17 -5.27 5.40
CA PRO A 53 51.19 -4.24 5.41
C PRO A 53 52.46 -4.78 6.07
N LEU A 54 53.59 -4.13 5.79
CA LEU A 54 54.85 -4.52 6.39
C LEU A 54 54.93 -3.74 7.70
N GLN A 55 54.94 -4.45 8.83
CA GLN A 55 55.03 -3.80 10.13
C GLN A 55 56.48 -3.81 10.62
N LEU A 56 57.11 -2.65 10.61
CA LEU A 56 58.50 -2.56 11.04
C LEU A 56 58.62 -2.68 12.57
N GLY A 57 57.51 -2.47 13.28
CA GLY A 57 57.53 -2.58 14.72
C GLY A 57 58.50 -1.65 15.41
N LYS A 58 59.47 -2.21 16.14
CA LYS A 58 60.45 -1.41 16.86
C LYS A 58 61.59 -0.96 15.94
N CYS A 59 61.52 -1.35 14.67
CA CYS A 59 62.52 -0.98 13.69
C CYS A 59 62.04 0.12 12.73
N ASN A 60 62.97 0.78 12.06
CA ASN A 60 62.62 1.80 11.09
C ASN A 60 63.24 1.36 9.77
N ILE A 61 62.99 2.09 8.70
CA ILE A 61 63.51 1.72 7.39
C ILE A 61 65.00 1.37 7.41
N ALA A 62 65.80 2.20 8.08
CA ALA A 62 67.25 1.97 8.14
C ALA A 62 67.57 0.60 8.77
N GLY A 63 66.93 0.31 9.90
CA GLY A 63 67.17 -0.96 10.56
C GLY A 63 66.80 -2.13 9.68
N TRP A 64 65.65 -2.04 9.04
CA TRP A 64 65.16 -3.08 8.15
C TRP A 64 66.08 -3.33 6.97
N LEU A 65 66.42 -2.28 6.22
CA LEU A 65 67.29 -2.44 5.05
C LEU A 65 68.74 -2.78 5.33
N LEU A 66 69.32 -2.26 6.42
CA LEU A 66 70.72 -2.59 6.73
C LEU A 66 70.78 -3.96 7.39
N GLY A 67 69.68 -4.39 7.99
CA GLY A 67 69.68 -5.67 8.63
C GLY A 67 70.12 -5.59 10.08
N ASN A 68 69.64 -4.56 10.78
CA ASN A 68 69.96 -4.40 12.19
C ASN A 68 69.54 -5.72 12.84
N PRO A 69 70.45 -6.35 13.60
CA PRO A 69 70.17 -7.63 14.28
C PRO A 69 68.82 -7.69 15.01
N GLU A 70 68.35 -6.55 15.51
CA GLU A 70 67.07 -6.50 16.21
C GLU A 70 65.86 -6.54 15.29
N CYS A 71 66.10 -6.64 13.98
CA CYS A 71 65.01 -6.66 13.01
C CYS A 71 64.98 -7.96 12.22
N ASP A 72 65.52 -9.03 12.80
CA ASP A 72 65.54 -10.32 12.12
C ASP A 72 64.15 -10.81 11.69
N PRO A 73 63.11 -10.58 12.51
CA PRO A 73 61.76 -11.01 12.14
C PRO A 73 61.26 -10.47 10.80
N LEU A 74 61.92 -9.44 10.28
CA LEU A 74 61.53 -8.84 9.01
C LEU A 74 62.24 -9.45 7.80
N LEU A 75 63.38 -10.09 8.04
CA LEU A 75 64.17 -10.70 6.96
C LEU A 75 63.41 -11.48 5.88
N PRO A 76 62.46 -12.33 6.27
CA PRO A 76 61.70 -13.12 5.30
C PRO A 76 60.55 -12.43 4.55
N VAL A 77 60.08 -11.28 5.05
CA VAL A 77 58.97 -10.59 4.38
C VAL A 77 59.38 -10.13 2.98
N ARG A 78 58.62 -10.53 1.97
CA ARG A 78 58.94 -10.18 0.60
C ARG A 78 57.98 -9.24 -0.13
N SER A 79 56.79 -9.04 0.40
CA SER A 79 55.82 -8.16 -0.24
C SER A 79 54.85 -7.58 0.79
N TRP A 80 54.30 -6.41 0.48
CA TRP A 80 53.38 -5.72 1.39
C TRP A 80 52.52 -4.72 0.61
N SER A 81 51.46 -4.22 1.25
CA SER A 81 50.56 -3.26 0.61
C SER A 81 50.92 -1.84 1.01
N TYR A 82 51.50 -1.69 2.19
CA TYR A 82 51.96 -0.41 2.69
C TYR A 82 52.93 -0.69 3.83
N ILE A 83 53.73 0.31 4.21
CA ILE A 83 54.72 0.15 5.27
C ILE A 83 54.28 0.90 6.52
N VAL A 84 54.48 0.28 7.68
CA VAL A 84 54.06 0.87 8.94
C VAL A 84 55.15 1.02 9.99
N GLU A 85 55.41 2.26 10.40
CA GLU A 85 56.37 2.54 11.45
C GLU A 85 55.55 2.94 12.66
N THR A 86 56.12 2.75 13.85
CA THR A 86 55.43 3.10 15.09
C THR A 86 56.24 4.16 15.81
N PRO A 87 55.61 4.83 16.79
CA PRO A 87 56.32 5.87 17.55
C PRO A 87 57.57 5.28 18.17
N ASN A 88 57.54 3.97 18.43
CA ASN A 88 58.68 3.29 19.04
C ASN A 88 59.61 2.58 18.06
N SER A 89 59.72 3.10 16.83
CA SER A 89 60.60 2.52 15.83
C SER A 89 61.98 3.18 15.95
N GLU A 90 62.71 2.81 16.99
CA GLU A 90 64.03 3.37 17.26
C GLU A 90 65.19 2.63 16.59
N ASN A 91 65.12 1.30 16.55
CA ASN A 91 66.16 0.47 15.96
C ASN A 91 66.45 0.75 14.49
N GLY A 92 67.31 1.74 14.24
CA GLY A 92 67.69 2.08 12.89
C GLY A 92 69.10 1.59 12.73
N ILE A 93 70.04 2.51 12.55
CA ILE A 93 71.43 2.12 12.44
C ILE A 93 71.86 1.84 13.88
N CYS A 94 72.74 0.87 14.08
CA CYS A 94 73.20 0.59 15.43
C CYS A 94 74.61 1.14 15.63
N TYR A 95 75.38 1.22 14.55
CA TYR A 95 76.71 1.80 14.65
C TYR A 95 76.54 3.26 14.21
N PRO A 96 76.88 4.22 15.08
CA PRO A 96 76.73 5.65 14.77
C PRO A 96 77.36 6.10 13.46
N GLY A 97 76.70 7.07 12.83
CA GLY A 97 77.18 7.59 11.56
C GLY A 97 76.02 8.26 10.84
N ASP A 98 76.23 8.63 9.58
CA ASP A 98 75.18 9.26 8.79
C ASP A 98 74.71 8.36 7.66
N PHE A 99 73.39 8.27 7.47
CA PHE A 99 72.81 7.46 6.40
C PHE A 99 72.55 8.46 5.27
N ILE A 100 73.46 8.52 4.30
CA ILE A 100 73.33 9.46 3.20
C ILE A 100 72.09 9.27 2.33
N ASP A 101 71.39 10.38 2.07
CA ASP A 101 70.16 10.40 1.29
C ASP A 101 69.13 9.41 1.79
N TYR A 102 69.06 9.30 3.11
CA TYR A 102 68.13 8.40 3.77
C TYR A 102 66.69 8.72 3.44
N GLU A 103 66.32 9.99 3.46
CA GLU A 103 64.93 10.38 3.15
C GLU A 103 64.56 9.96 1.73
N GLU A 104 65.47 10.10 0.78
CA GLU A 104 65.18 9.70 -0.60
C GLU A 104 65.05 8.17 -0.70
N LEU A 105 65.77 7.44 0.16
CA LEU A 105 65.69 5.98 0.12
C LEU A 105 64.30 5.58 0.59
N ARG A 106 63.80 6.25 1.63
CA ARG A 106 62.48 5.97 2.15
C ARG A 106 61.45 6.23 1.06
N GLU A 107 61.64 7.31 0.31
CA GLU A 107 60.71 7.66 -0.75
C GLU A 107 60.75 6.57 -1.81
N GLN A 108 61.93 6.00 -2.06
CA GLN A 108 62.07 4.94 -3.04
C GLN A 108 61.27 3.70 -2.62
N LEU A 109 61.39 3.34 -1.34
CA LEU A 109 60.68 2.17 -0.83
C LEU A 109 59.17 2.33 -0.81
N SER A 110 58.70 3.57 -0.76
CA SER A 110 57.27 3.81 -0.71
C SER A 110 56.51 3.41 -1.99
N SER A 111 57.23 3.11 -3.07
CA SER A 111 56.58 2.70 -4.33
C SER A 111 57.04 1.29 -4.69
N VAL A 112 57.63 0.59 -3.74
CA VAL A 112 58.07 -0.77 -3.95
C VAL A 112 56.98 -1.68 -3.42
N SER A 113 56.51 -2.61 -4.26
CA SER A 113 55.45 -3.52 -3.83
C SER A 113 56.07 -4.81 -3.29
N SER A 114 57.29 -5.12 -3.70
CA SER A 114 57.96 -6.32 -3.23
C SER A 114 59.39 -6.41 -3.73
N PHE A 115 60.20 -7.21 -3.04
CA PHE A 115 61.57 -7.40 -3.46
C PHE A 115 62.10 -8.76 -3.03
N GLU A 116 63.22 -9.17 -3.61
CA GLU A 116 63.83 -10.42 -3.20
C GLU A 116 65.19 -10.10 -2.62
N ARG A 117 65.38 -10.48 -1.36
CA ARG A 117 66.64 -10.27 -0.66
C ARG A 117 67.57 -11.40 -1.09
N PHE A 118 68.68 -11.08 -1.73
CA PHE A 118 69.62 -12.09 -2.19
C PHE A 118 71.08 -11.74 -1.89
N GLU A 119 71.95 -12.75 -1.88
CA GLU A 119 73.36 -12.56 -1.62
C GLU A 119 74.05 -12.00 -2.84
N ILE A 120 74.45 -10.74 -2.76
CA ILE A 120 75.12 -10.11 -3.89
C ILE A 120 76.60 -10.51 -3.83
N PHE A 121 77.11 -10.69 -2.61
CA PHE A 121 78.49 -11.10 -2.40
C PHE A 121 78.56 -12.12 -1.27
N PRO A 122 78.45 -13.42 -1.60
CA PRO A 122 78.50 -14.48 -0.58
C PRO A 122 79.70 -14.32 0.35
N LYS A 123 79.42 -14.33 1.65
CA LYS A 123 80.45 -14.18 2.68
C LYS A 123 81.64 -15.12 2.56
N GLU A 124 81.35 -16.38 2.26
CA GLU A 124 82.39 -17.40 2.17
C GLU A 124 83.37 -17.31 1.00
N SER A 125 82.86 -16.98 -0.18
CA SER A 125 83.71 -16.92 -1.37
C SER A 125 84.00 -15.57 -2.01
N SER A 126 83.56 -14.48 -1.40
CA SER A 126 83.80 -13.17 -2.00
C SER A 126 85.09 -12.50 -1.56
N TRP A 127 85.44 -12.67 -0.29
CA TRP A 127 86.62 -12.03 0.28
C TRP A 127 87.67 -13.02 0.78
N PRO A 128 88.28 -13.77 -0.14
CA PRO A 128 89.30 -14.77 0.17
C PRO A 128 90.48 -14.26 1.00
N ASN A 129 90.89 -13.03 0.75
CA ASN A 129 92.03 -12.45 1.44
C ASN A 129 91.74 -11.45 2.56
N HIS A 130 90.52 -11.46 3.10
CA HIS A 130 90.18 -10.53 4.16
C HIS A 130 89.37 -11.22 5.26
N ASN A 131 89.44 -10.69 6.47
CA ASN A 131 88.65 -11.23 7.57
C ASN A 131 87.27 -10.62 7.45
N THR A 132 86.25 -11.44 7.68
CA THR A 132 84.87 -10.99 7.58
C THR A 132 84.09 -11.15 8.88
N ASN A 133 84.76 -11.58 9.94
CA ASN A 133 84.08 -11.78 11.21
C ASN A 133 83.93 -10.53 12.07
N GLY A 134 84.26 -9.37 11.50
CA GLY A 134 84.14 -8.13 12.23
C GLY A 134 82.80 -8.00 12.92
N VAL A 135 82.83 -7.63 14.20
CA VAL A 135 81.61 -7.52 14.99
C VAL A 135 81.67 -6.29 15.91
N THR A 136 80.55 -5.89 16.50
CA THR A 136 80.53 -4.73 17.40
C THR A 136 79.43 -4.78 18.46
N ALA A 137 79.76 -4.31 19.66
CA ALA A 137 78.79 -4.30 20.77
C ALA A 137 77.68 -3.31 20.49
N ALA A 138 77.92 -2.42 19.54
CA ALA A 138 76.92 -1.42 19.18
C ALA A 138 75.76 -2.11 18.45
N CYS A 139 76.05 -3.24 17.81
CA CYS A 139 75.03 -4.02 17.08
C CYS A 139 74.98 -5.42 17.69
N SER A 140 74.58 -5.50 18.95
CA SER A 140 74.54 -6.78 19.62
C SER A 140 73.20 -7.53 19.52
N HIS A 141 73.28 -8.85 19.57
CA HIS A 141 72.10 -9.69 19.50
C HIS A 141 72.28 -10.80 20.54
N GLU A 142 71.21 -11.10 21.27
CA GLU A 142 71.25 -12.12 22.31
C GLU A 142 72.37 -11.78 23.31
N GLY A 143 72.54 -10.49 23.58
CA GLY A 143 73.57 -10.06 24.52
C GLY A 143 75.00 -10.26 24.04
N LYS A 144 75.18 -10.57 22.76
CA LYS A 144 76.52 -10.79 22.23
C LYS A 144 76.79 -9.86 21.05
N SER A 145 78.01 -9.35 20.97
CA SER A 145 78.38 -8.46 19.88
C SER A 145 78.11 -9.12 18.54
N SER A 146 77.51 -8.37 17.62
CA SER A 146 77.18 -8.90 16.31
C SER A 146 77.29 -7.82 15.23
N PHE A 147 76.62 -8.03 14.10
CA PHE A 147 76.67 -7.05 13.01
C PHE A 147 75.43 -7.12 12.10
N TYR A 148 75.29 -6.09 11.26
CA TYR A 148 74.18 -6.01 10.31
C TYR A 148 74.13 -7.31 9.51
N ARG A 149 72.93 -7.82 9.25
CA ARG A 149 72.78 -9.07 8.49
C ARG A 149 73.08 -8.91 7.01
N ASN A 150 72.86 -7.70 6.47
CA ASN A 150 73.07 -7.47 5.04
C ASN A 150 74.41 -6.89 4.66
N LEU A 151 75.26 -6.61 5.65
CA LEU A 151 76.57 -6.04 5.40
C LEU A 151 77.66 -6.89 6.06
N LEU A 152 78.89 -6.74 5.59
CA LEU A 152 80.05 -7.45 6.12
C LEU A 152 81.19 -6.50 6.43
N TRP A 153 81.67 -6.55 7.67
CA TRP A 153 82.76 -5.68 8.07
C TRP A 153 84.08 -6.35 7.69
N LEU A 154 84.73 -5.84 6.66
CA LEU A 154 86.00 -6.41 6.23
C LEU A 154 87.16 -5.79 7.00
N THR A 155 88.11 -6.63 7.40
CA THR A 155 89.29 -6.15 8.12
C THR A 155 90.54 -6.89 7.65
N GLU A 156 91.70 -6.45 8.11
CA GLU A 156 92.97 -7.07 7.73
C GLU A 156 93.05 -8.55 8.08
N LYS A 157 93.86 -9.28 7.32
CA LYS A 157 94.06 -10.72 7.54
C LYS A 157 95.53 -11.07 7.49
N GLU A 158 96.05 -11.58 8.61
CA GLU A 158 97.45 -11.96 8.71
C GLU A 158 98.33 -10.72 8.54
N GLY A 159 97.91 -9.64 9.18
CA GLY A 159 98.65 -8.39 9.10
C GLY A 159 98.67 -7.77 7.72
N SER A 160 97.67 -8.08 6.91
CA SER A 160 97.60 -7.53 5.56
C SER A 160 96.16 -7.28 5.09
N TYR A 161 95.98 -6.21 4.32
CA TYR A 161 94.68 -5.87 3.78
C TYR A 161 94.87 -5.54 2.31
N PRO A 162 94.89 -6.57 1.45
CA PRO A 162 95.07 -6.42 0.01
C PRO A 162 94.02 -5.51 -0.60
N LYS A 163 94.34 -4.91 -1.75
CA LYS A 163 93.40 -4.05 -2.43
C LYS A 163 92.37 -4.98 -3.02
N LEU A 164 91.11 -4.79 -2.66
CA LEU A 164 90.05 -5.65 -3.17
C LEU A 164 89.31 -5.00 -4.33
N LYS A 165 88.77 -5.84 -5.20
CA LYS A 165 88.01 -5.37 -6.34
C LYS A 165 87.00 -6.44 -6.74
N ASN A 166 85.76 -6.28 -6.28
CA ASN A 166 84.68 -7.21 -6.57
C ASN A 166 83.60 -6.55 -7.41
N SER A 167 82.93 -7.36 -8.23
CA SER A 167 81.89 -6.86 -9.11
C SER A 167 80.67 -7.75 -9.04
N TYR A 168 79.55 -7.22 -9.48
CA TYR A 168 78.30 -7.96 -9.52
C TYR A 168 77.51 -7.45 -10.71
N VAL A 169 77.10 -8.36 -11.58
CA VAL A 169 76.32 -7.99 -12.76
C VAL A 169 74.84 -8.20 -12.45
N ASN A 170 74.03 -7.17 -12.64
CA ASN A 170 72.61 -7.27 -12.37
C ASN A 170 71.90 -8.08 -13.45
N LYS A 171 71.65 -9.35 -13.18
CA LYS A 171 70.96 -10.21 -14.13
C LYS A 171 69.60 -10.61 -13.60
N LYS A 172 69.09 -9.82 -12.65
CA LYS A 172 67.79 -10.08 -12.04
C LYS A 172 66.63 -9.54 -12.86
N GLY A 173 66.92 -8.72 -13.85
CA GLY A 173 65.86 -8.15 -14.68
C GLY A 173 65.07 -7.08 -13.93
N LYS A 174 65.66 -6.56 -12.85
CA LYS A 174 65.02 -5.53 -12.04
C LYS A 174 66.07 -4.66 -11.38
N GLU A 175 65.64 -3.49 -10.91
CA GLU A 175 66.55 -2.60 -10.22
C GLU A 175 66.99 -3.32 -8.97
N VAL A 176 68.26 -3.22 -8.65
CA VAL A 176 68.81 -3.83 -7.45
C VAL A 176 69.33 -2.73 -6.54
N LEU A 177 68.80 -2.68 -5.33
CA LEU A 177 69.23 -1.70 -4.34
C LEU A 177 70.47 -2.25 -3.62
N VAL A 178 71.59 -1.55 -3.72
CA VAL A 178 72.80 -1.99 -3.06
C VAL A 178 73.12 -1.00 -1.94
N LEU A 179 73.44 -1.52 -0.77
CA LEU A 179 73.77 -0.68 0.38
C LEU A 179 75.14 -1.09 0.86
N TRP A 180 75.85 -0.14 1.48
CA TRP A 180 77.17 -0.42 2.02
C TRP A 180 77.55 0.68 2.98
N GLY A 181 78.68 0.51 3.65
CA GLY A 181 79.12 1.51 4.60
C GLY A 181 80.61 1.76 4.48
N ILE A 182 81.05 2.86 5.09
CA ILE A 182 82.44 3.24 5.11
C ILE A 182 82.73 3.49 6.58
N HIS A 183 83.67 2.75 7.16
CA HIS A 183 83.98 2.94 8.58
C HIS A 183 85.02 4.02 8.79
N HIS A 184 84.84 4.84 9.82
CA HIS A 184 85.76 5.92 10.14
C HIS A 184 86.35 5.79 11.55
N PRO A 185 87.55 5.22 11.67
CA PRO A 185 88.21 5.04 12.97
C PRO A 185 88.42 6.39 13.65
N PRO A 186 88.50 6.41 14.99
CA PRO A 186 88.70 7.66 15.72
C PRO A 186 90.17 8.11 15.77
N ASN A 187 91.10 7.19 15.49
CA ASN A 187 92.53 7.49 15.50
C ASN A 187 93.30 6.62 14.50
N SER A 188 94.45 7.10 14.06
CA SER A 188 95.28 6.39 13.09
C SER A 188 95.72 5.00 13.55
N LYS A 189 95.95 4.85 14.85
CA LYS A 189 96.37 3.57 15.39
C LYS A 189 95.32 2.51 15.08
N GLU A 190 94.06 2.86 15.28
CA GLU A 190 92.96 1.94 14.99
C GLU A 190 92.88 1.69 13.48
N GLN A 191 93.05 2.75 12.69
CA GLN A 191 93.02 2.64 11.23
C GLN A 191 94.11 1.66 10.77
N GLN A 192 95.27 1.72 11.42
CA GLN A 192 96.38 0.85 11.09
C GLN A 192 96.10 -0.59 11.49
N ASN A 193 95.64 -0.78 12.73
CA ASN A 193 95.36 -2.12 13.24
C ASN A 193 94.22 -2.82 12.50
N LEU A 194 93.28 -2.04 11.98
CA LEU A 194 92.14 -2.64 11.26
C LEU A 194 92.33 -2.82 9.77
N TYR A 195 92.93 -1.84 9.12
CA TYR A 195 93.09 -1.90 7.66
C TYR A 195 94.52 -1.83 7.13
N GLN A 196 95.50 -1.75 8.02
CA GLN A 196 96.91 -1.68 7.61
C GLN A 196 97.29 -0.42 6.85
N ASN A 197 96.62 -0.12 5.74
CA ASN A 197 96.94 1.06 4.94
C ASN A 197 96.46 2.36 5.59
N GLU A 198 97.40 3.26 5.89
CA GLU A 198 97.10 4.54 6.53
C GLU A 198 96.26 5.49 5.67
N ASN A 199 96.46 5.46 4.36
CA ASN A 199 95.70 6.31 3.45
C ASN A 199 94.79 5.48 2.55
N ALA A 200 93.88 4.74 3.16
CA ALA A 200 92.95 3.89 2.42
C ALA A 200 91.91 4.69 1.66
N TYR A 201 91.10 3.99 0.88
CA TYR A 201 90.03 4.63 0.11
C TYR A 201 89.10 3.55 -0.43
N VAL A 202 87.87 3.94 -0.71
CA VAL A 202 86.90 3.03 -1.27
C VAL A 202 86.31 3.68 -2.51
N SER A 203 86.07 2.88 -3.53
CA SER A 203 85.50 3.38 -4.77
C SER A 203 84.32 2.49 -5.15
N VAL A 204 83.24 3.11 -5.57
CA VAL A 204 82.04 2.39 -5.99
C VAL A 204 81.56 3.03 -7.29
N VAL A 205 81.39 2.21 -8.31
CA VAL A 205 80.97 2.71 -9.60
C VAL A 205 80.04 1.76 -10.33
N THR A 206 79.17 2.35 -11.15
CA THR A 206 78.24 1.61 -11.98
C THR A 206 78.24 2.44 -13.25
N SER A 207 77.29 2.19 -14.16
CA SER A 207 77.25 2.95 -15.39
C SER A 207 76.78 4.38 -15.15
N ASN A 208 76.06 4.59 -14.05
CA ASN A 208 75.55 5.93 -13.74
C ASN A 208 75.86 6.42 -12.33
N TYR A 209 76.64 5.67 -11.57
CA TYR A 209 77.02 6.06 -10.22
C TYR A 209 78.55 6.08 -10.15
N ASN A 210 79.11 7.05 -9.44
CA ASN A 210 80.55 7.17 -9.35
C ASN A 210 80.96 8.00 -8.13
N ARG A 211 81.41 7.33 -7.08
CA ARG A 211 81.80 8.03 -5.87
C ARG A 211 83.01 7.39 -5.19
N ARG A 212 83.84 8.23 -4.59
CA ARG A 212 85.04 7.78 -3.89
C ARG A 212 84.94 8.22 -2.44
N PHE A 213 85.36 7.35 -1.53
CA PHE A 213 85.28 7.67 -0.11
C PHE A 213 86.63 7.60 0.56
N THR A 214 86.94 8.63 1.33
CA THR A 214 88.19 8.71 2.05
C THR A 214 87.93 8.71 3.54
N PRO A 215 88.64 7.86 4.28
CA PRO A 215 88.46 7.80 5.73
C PRO A 215 88.83 9.16 6.31
N GLU A 216 88.02 9.65 7.24
CA GLU A 216 88.32 10.93 7.89
C GLU A 216 88.48 10.59 9.36
N ILE A 217 89.74 10.49 9.80
CA ILE A 217 90.07 10.12 11.17
C ILE A 217 90.11 11.29 12.13
N ALA A 218 89.43 11.14 13.25
CA ALA A 218 89.39 12.18 14.27
C ALA A 218 88.68 11.68 15.53
N GLU A 219 89.07 12.20 16.68
CA GLU A 219 88.44 11.83 17.94
C GLU A 219 87.02 12.39 17.90
N ARG A 220 86.04 11.62 18.35
CA ARG A 220 84.67 12.07 18.33
C ARG A 220 83.92 11.67 19.58
N PRO A 221 82.84 12.39 19.93
CA PRO A 221 82.06 12.05 21.11
C PRO A 221 81.54 10.64 20.91
N LYS A 222 81.42 9.87 21.99
CA LYS A 222 80.93 8.50 21.87
C LYS A 222 79.43 8.45 21.74
N VAL A 223 78.96 7.65 20.79
CA VAL A 223 77.54 7.46 20.56
C VAL A 223 77.41 5.95 20.60
N ARG A 224 76.52 5.45 21.45
CA ARG A 224 76.36 4.01 21.61
C ARG A 224 77.74 3.45 21.93
N ASP A 225 78.44 4.18 22.79
CA ASP A 225 79.77 3.85 23.25
C ASP A 225 80.82 3.72 22.15
N GLN A 226 80.60 4.40 21.02
CA GLN A 226 81.54 4.35 19.90
C GLN A 226 82.02 5.74 19.51
N ALA A 227 83.33 5.91 19.41
CA ALA A 227 83.90 7.18 19.01
C ALA A 227 84.04 7.09 17.49
N GLY A 228 84.00 5.85 17.00
CA GLY A 228 84.11 5.62 15.59
C GLY A 228 82.78 6.00 14.93
N ARG A 229 82.76 6.02 13.62
CA ARG A 229 81.56 6.35 12.88
C ARG A 229 81.51 5.47 11.66
N MET A 230 80.31 5.27 11.16
CA MET A 230 80.09 4.45 9.97
C MET A 230 79.05 5.19 9.13
N ASN A 231 79.38 5.53 7.89
CA ASN A 231 78.42 6.21 7.02
C ASN A 231 77.87 5.21 6.03
N TYR A 232 76.57 5.28 5.79
CA TYR A 232 75.93 4.34 4.89
C TYR A 232 75.51 4.99 3.60
N TYR A 233 75.69 4.27 2.51
CA TYR A 233 75.33 4.75 1.19
C TYR A 233 74.55 3.67 0.45
N TRP A 234 73.94 4.05 -0.65
CA TRP A 234 73.15 3.13 -1.44
C TRP A 234 73.03 3.68 -2.84
N THR A 235 72.60 2.83 -3.76
CA THR A 235 72.38 3.23 -5.13
C THR A 235 71.49 2.19 -5.80
N LEU A 236 70.88 2.56 -6.91
CA LEU A 236 70.03 1.63 -7.63
C LEU A 236 70.75 1.17 -8.87
N LEU A 237 71.08 -0.12 -8.90
CA LEU A 237 71.77 -0.71 -10.03
C LEU A 237 70.71 -1.11 -11.07
N LYS A 238 70.81 -0.50 -12.25
CA LYS A 238 69.88 -0.75 -13.34
C LYS A 238 70.00 -2.17 -13.86
N PRO A 239 68.91 -2.71 -14.40
CA PRO A 239 68.91 -4.07 -14.94
C PRO A 239 70.03 -4.21 -15.97
N GLY A 240 70.87 -5.24 -15.81
CA GLY A 240 71.96 -5.44 -16.75
C GLY A 240 73.25 -4.71 -16.44
N ASP A 241 73.19 -3.67 -15.62
CA ASP A 241 74.40 -2.91 -15.30
C ASP A 241 75.30 -3.65 -14.30
N THR A 242 76.52 -3.16 -14.16
CA THR A 242 77.49 -3.76 -13.25
C THR A 242 77.96 -2.75 -12.21
N ILE A 243 78.13 -3.19 -10.96
CA ILE A 243 78.63 -2.32 -9.90
C ILE A 243 79.98 -2.87 -9.43
N ILE A 244 80.95 -1.99 -9.28
CA ILE A 244 82.29 -2.40 -8.88
C ILE A 244 82.74 -1.76 -7.57
N PHE A 245 83.12 -2.58 -6.61
CA PHE A 245 83.64 -2.08 -5.34
C PHE A 245 85.14 -2.32 -5.38
N GLU A 246 85.90 -1.29 -5.03
CA GLU A 246 87.35 -1.38 -5.02
C GLU A 246 87.79 -0.63 -3.78
N ALA A 247 88.68 -1.24 -3.00
CA ALA A 247 89.13 -0.60 -1.78
C ALA A 247 90.34 -1.25 -1.14
N ASN A 248 91.04 -0.48 -0.32
CA ASN A 248 92.18 -1.01 0.41
C ASN A 248 91.98 -0.70 1.88
N GLY A 249 90.70 -0.64 2.28
CA GLY A 249 90.35 -0.39 3.67
C GLY A 249 89.02 0.30 3.90
N ASN A 250 88.59 0.30 5.15
CA ASN A 250 87.37 0.99 5.56
C ASN A 250 86.02 0.62 4.94
N LEU A 251 86.01 -0.30 3.99
CA LEU A 251 84.75 -0.69 3.37
C LEU A 251 83.90 -1.65 4.19
N ILE A 252 82.64 -1.30 4.40
CA ILE A 252 81.69 -2.17 5.08
C ILE A 252 80.91 -2.67 3.86
N ALA A 253 81.36 -3.79 3.31
CA ALA A 253 80.79 -4.37 2.09
C ALA A 253 79.37 -4.94 2.09
N PRO A 254 78.72 -4.88 0.92
CA PRO A 254 77.36 -5.39 0.76
C PRO A 254 77.44 -6.91 0.79
N MET A 255 76.48 -7.56 1.43
CA MET A 255 76.46 -9.01 1.46
C MET A 255 75.15 -9.39 0.79
N TYR A 256 74.06 -8.78 1.24
CA TYR A 256 72.74 -9.00 0.67
C TYR A 256 72.25 -7.70 0.02
N ALA A 257 71.60 -7.82 -1.13
CA ALA A 257 71.05 -6.69 -1.85
C ALA A 257 69.56 -6.97 -2.10
N PHE A 258 68.86 -6.03 -2.74
CA PHE A 258 67.42 -6.22 -2.98
C PHE A 258 66.97 -5.96 -4.42
N ALA A 259 66.41 -6.97 -5.06
CA ALA A 259 65.87 -6.83 -6.42
C ALA A 259 64.48 -6.31 -6.15
N LEU A 260 64.20 -5.10 -6.61
CA LEU A 260 62.92 -4.43 -6.36
C LEU A 260 61.85 -4.52 -7.44
N ARG A 261 60.59 -4.64 -7.01
CA ARG A 261 59.45 -4.67 -7.91
C ARG A 261 58.60 -3.44 -7.56
N ARG A 262 58.30 -2.61 -8.56
CA ARG A 262 57.51 -1.40 -8.32
C ARG A 262 55.99 -1.61 -8.35
N GLY A 263 55.29 -0.81 -7.57
CA GLY A 263 53.83 -0.90 -7.51
C GLY A 263 53.25 0.49 -7.32
N PHE A 264 51.94 0.57 -7.12
CA PHE A 264 51.28 1.85 -6.92
C PHE A 264 50.44 1.84 -5.66
N GLY A 265 50.19 3.04 -5.12
CA GLY A 265 49.36 3.16 -3.94
C GLY A 265 49.98 2.86 -2.60
N SER A 266 51.25 2.46 -2.57
CA SER A 266 51.88 2.16 -1.29
C SER A 266 52.37 3.44 -0.63
N GLY A 267 52.95 3.30 0.55
CA GLY A 267 53.46 4.45 1.28
C GLY A 267 53.80 4.07 2.71
N ILE A 268 54.48 4.96 3.41
CA ILE A 268 54.85 4.70 4.79
C ILE A 268 53.98 5.54 5.69
N ILE A 269 53.46 4.92 6.74
CA ILE A 269 52.64 5.64 7.71
C ILE A 269 53.13 5.34 9.12
N THR A 270 52.84 6.23 10.06
CA THR A 270 53.23 6.01 11.44
C THR A 270 51.94 5.78 12.21
N SER A 271 51.89 4.67 12.94
CA SER A 271 50.68 4.32 13.67
C SER A 271 51.00 3.52 14.93
N ASN A 272 50.14 3.61 15.93
CA ASN A 272 50.32 2.82 17.14
C ASN A 272 49.13 1.87 17.25
N ALA A 273 48.39 1.74 16.15
CA ALA A 273 47.23 0.85 16.10
C ALA A 273 47.74 -0.57 15.80
N SER A 274 46.96 -1.58 16.14
CA SER A 274 47.38 -2.96 15.92
C SER A 274 46.84 -3.59 14.64
N MET A 275 47.64 -4.48 14.06
CA MET A 275 47.27 -5.20 12.85
C MET A 275 46.25 -6.31 13.22
N HIS A 276 45.20 -6.42 12.42
CA HIS A 276 44.17 -7.43 12.68
C HIS A 276 43.80 -8.09 11.36
N GLU A 277 43.09 -9.22 11.42
CA GLU A 277 42.69 -9.91 10.21
C GLU A 277 41.40 -9.30 9.68
N CYS A 278 41.55 -8.12 9.09
CA CYS A 278 40.46 -7.37 8.49
C CYS A 278 40.97 -6.93 7.14
N ASN A 279 40.04 -6.62 6.23
CA ASN A 279 40.42 -6.17 4.91
C ASN A 279 39.77 -4.80 4.72
N THR A 280 40.40 -3.94 3.92
CA THR A 280 39.85 -2.61 3.69
C THR A 280 40.35 -2.05 2.37
N LYS A 281 39.70 -0.99 1.92
CA LYS A 281 40.10 -0.32 0.69
C LYS A 281 40.72 1.00 1.10
N CYS A 282 40.42 1.43 2.33
CA CYS A 282 40.96 2.68 2.84
C CYS A 282 41.55 2.54 4.24
N GLN A 283 42.84 2.84 4.38
CA GLN A 283 43.52 2.73 5.66
C GLN A 283 44.12 4.05 6.14
N THR A 284 43.92 4.36 7.42
CA THR A 284 44.51 5.57 8.01
C THR A 284 45.27 5.10 9.23
N PRO A 285 46.20 5.92 9.72
CA PRO A 285 47.00 5.60 10.91
C PRO A 285 46.17 5.29 12.15
N LEU A 286 44.94 5.80 12.18
CA LEU A 286 44.06 5.59 13.34
C LEU A 286 43.18 4.36 13.21
N GLY A 287 42.92 3.94 11.96
CA GLY A 287 42.08 2.80 11.70
C GLY A 287 41.61 2.76 10.26
N ALA A 288 40.92 1.68 9.89
CA ALA A 288 40.44 1.52 8.54
C ALA A 288 39.06 2.13 8.36
N ILE A 289 38.78 2.56 7.13
CA ILE A 289 37.51 3.17 6.79
C ILE A 289 36.78 2.39 5.70
N ASN A 290 35.48 2.26 5.87
CA ASN A 290 34.62 1.58 4.89
C ASN A 290 33.47 2.55 4.70
N SER A 291 33.56 3.38 3.67
CA SER A 291 32.54 4.39 3.44
C SER A 291 32.44 4.84 1.99
N SER A 292 31.31 5.44 1.65
CA SER A 292 31.09 5.94 0.29
C SER A 292 30.90 7.45 0.34
N LEU A 293 30.89 8.01 1.55
CA LEU A 293 30.72 9.44 1.72
C LEU A 293 31.91 10.17 1.09
N PRO A 294 31.66 11.37 0.53
CA PRO A 294 32.69 12.19 -0.10
C PRO A 294 33.79 12.72 0.83
N TYR A 295 33.48 12.96 2.09
CA TYR A 295 34.48 13.47 3.03
C TYR A 295 34.64 12.65 4.31
N GLN A 296 35.72 12.93 5.03
CA GLN A 296 36.03 12.29 6.31
C GLN A 296 36.89 13.25 7.13
N ASN A 297 36.72 13.24 8.44
CA ASN A 297 37.49 14.11 9.32
C ASN A 297 38.31 13.26 10.30
N ILE A 298 38.60 12.03 9.91
CA ILE A 298 39.37 11.10 10.73
C ILE A 298 40.88 11.40 10.71
N HIS A 299 41.48 11.40 9.53
CA HIS A 299 42.91 11.66 9.42
C HIS A 299 43.31 12.06 8.01
N PRO A 300 44.33 12.93 7.87
CA PRO A 300 44.78 13.37 6.54
C PRO A 300 45.63 12.34 5.82
N VAL A 301 46.24 11.43 6.58
CA VAL A 301 47.10 10.39 5.99
C VAL A 301 46.24 9.19 5.59
N THR A 302 46.20 8.91 4.30
CA THR A 302 45.38 7.81 3.80
C THR A 302 46.10 6.90 2.81
N ILE A 303 45.78 5.62 2.89
CA ILE A 303 46.34 4.62 1.99
C ILE A 303 45.14 3.99 1.27
N GLY A 304 45.17 3.95 -0.06
CA GLY A 304 44.08 3.35 -0.82
C GLY A 304 43.15 4.35 -1.51
N GLU A 305 41.86 4.06 -1.45
CA GLU A 305 40.83 4.92 -2.03
C GLU A 305 39.99 5.39 -0.86
N CYS A 306 40.13 6.66 -0.52
CA CYS A 306 39.45 7.21 0.63
C CYS A 306 38.68 8.49 0.38
N PRO A 307 37.84 8.89 1.35
CA PRO A 307 37.06 10.12 1.22
C PRO A 307 38.08 11.24 1.42
N LYS A 308 37.77 12.45 0.97
CA LYS A 308 38.67 13.58 1.13
C LYS A 308 38.71 14.11 2.56
N TYR A 309 39.91 14.25 3.12
CA TYR A 309 40.04 14.77 4.48
C TYR A 309 39.68 16.24 4.52
N VAL A 310 38.97 16.62 5.58
CA VAL A 310 38.52 17.98 5.77
C VAL A 310 38.46 18.21 7.29
N ARG A 311 38.66 19.45 7.74
CA ARG A 311 38.64 19.76 9.18
C ARG A 311 37.24 19.89 9.77
N SER A 312 36.21 19.74 8.93
CA SER A 312 34.84 19.88 9.38
C SER A 312 34.41 18.94 10.48
N ALA A 313 33.59 19.44 11.40
CA ALA A 313 33.07 18.64 12.49
C ALA A 313 31.74 18.07 12.01
N LYS A 314 31.09 18.77 11.08
CA LYS A 314 29.79 18.37 10.57
C LYS A 314 29.51 18.82 9.13
N LEU A 315 28.97 17.91 8.33
CA LEU A 315 28.60 18.20 6.95
C LEU A 315 27.34 17.39 6.66
N ARG A 316 26.18 18.00 6.90
CA ARG A 316 24.90 17.36 6.67
C ARG A 316 24.07 18.12 5.65
N MET A 317 23.73 17.46 4.56
CA MET A 317 22.95 18.07 3.50
C MET A 317 21.46 17.75 3.68
N VAL A 318 20.63 18.78 3.70
CA VAL A 318 19.19 18.57 3.85
C VAL A 318 18.55 18.07 2.57
N THR A 319 17.68 17.06 2.69
CA THR A 319 16.99 16.49 1.53
C THR A 319 15.49 16.74 1.66
N GLY A 320 14.96 16.55 2.87
CA GLY A 320 13.55 16.78 3.10
C GLY A 320 13.32 18.27 3.29
N LEU A 321 12.38 18.64 4.16
CA LEU A 321 12.12 20.06 4.39
C LEU A 321 12.11 20.47 5.84
N ARG A 322 11.84 21.76 6.07
CA ARG A 322 11.78 22.31 7.41
C ARG A 322 10.71 21.55 8.17
N ASN A 323 11.12 20.86 9.22
CA ASN A 323 10.21 20.05 10.03
C ASN A 323 9.41 20.86 11.05
N ILE A 324 8.08 20.82 10.89
CA ILE A 324 7.18 21.54 11.80
C ILE A 324 6.03 20.64 12.23
N PRO A 325 6.24 19.81 13.27
CA PRO A 325 5.22 18.90 13.80
C PRO A 325 3.93 19.62 14.20
N ALA A 326 4.08 20.86 14.66
CA ALA A 326 2.93 21.66 15.07
C ALA A 326 2.10 20.90 16.10
N ARG A 327 2.73 20.56 17.22
CA ARG A 327 2.05 19.83 18.31
C ARG A 327 1.51 20.77 19.39
N GLY B 1 10.05 31.60 4.74
CA GLY B 1 10.50 31.02 3.48
C GLY B 1 10.48 31.98 2.31
N LEU B 2 11.35 31.74 1.33
CA LEU B 2 11.47 32.59 0.15
C LEU B 2 10.16 32.75 -0.62
N PHE B 3 9.37 31.70 -0.73
CA PHE B 3 8.11 31.76 -1.46
C PHE B 3 6.86 31.91 -0.60
N GLY B 4 7.04 32.01 0.71
CA GLY B 4 5.92 32.22 1.63
C GLY B 4 4.99 31.09 1.98
N ALA B 5 5.17 29.91 1.39
CA ALA B 5 4.29 28.78 1.69
C ALA B 5 4.66 28.09 3.02
N ILE B 6 5.71 27.27 3.00
CA ILE B 6 6.15 26.54 4.18
C ILE B 6 6.45 27.51 5.32
N ALA B 7 5.86 27.25 6.48
CA ALA B 7 6.05 28.12 7.65
C ALA B 7 5.55 29.52 7.28
N GLY B 8 4.76 29.59 6.22
CA GLY B 8 4.22 30.86 5.76
C GLY B 8 2.72 30.88 5.94
N PHE B 9 1.97 31.08 4.86
CA PHE B 9 0.53 31.10 4.98
C PHE B 9 0.03 29.70 5.35
N ILE B 10 0.94 28.72 5.25
CA ILE B 10 0.62 27.36 5.64
C ILE B 10 1.52 27.08 6.84
N GLU B 11 1.08 27.59 7.99
CA GLU B 11 1.80 27.48 9.26
C GLU B 11 2.62 26.24 9.56
N GLY B 12 2.02 25.05 9.44
CA GLY B 12 2.76 23.84 9.76
C GLY B 12 2.60 22.65 8.85
N GLY B 13 3.32 21.57 9.19
CA GLY B 13 3.28 20.35 8.40
C GLY B 13 2.31 19.33 8.96
N TRP B 14 2.10 18.25 8.20
CA TRP B 14 1.19 17.20 8.61
C TRP B 14 1.87 15.88 8.95
N THR B 15 1.91 15.55 10.24
CA THR B 15 2.52 14.29 10.66
C THR B 15 1.70 13.13 10.09
N GLY B 16 0.45 13.43 9.73
CA GLY B 16 -0.43 12.42 9.15
C GLY B 16 0.00 12.03 7.75
N MET B 17 0.74 12.92 7.08
CA MET B 17 1.24 12.66 5.74
C MET B 17 2.43 11.72 5.84
N ILE B 18 2.34 10.58 5.16
CA ILE B 18 3.43 9.61 5.19
C ILE B 18 3.57 8.92 3.84
N ASP B 19 3.23 9.66 2.79
CA ASP B 19 3.33 9.14 1.42
C ASP B 19 4.29 10.00 0.61
N GLY B 20 4.37 11.28 0.96
CA GLY B 20 5.25 12.18 0.25
C GLY B 20 5.53 13.44 1.05
N TRP B 21 6.09 14.45 0.38
CA TRP B 21 6.41 15.71 1.04
C TRP B 21 5.28 16.72 0.92
N TYR B 22 4.52 16.64 -0.17
CA TYR B 22 3.40 17.55 -0.43
C TYR B 22 2.11 16.75 -0.65
N GLY B 23 1.00 17.20 -0.08
CA GLY B 23 -0.24 16.47 -0.28
C GLY B 23 -1.52 17.23 0.07
N TYR B 24 -2.61 16.49 0.31
CA TYR B 24 -3.89 17.08 0.65
C TYR B 24 -4.63 16.31 1.75
N HIS B 25 -5.64 16.97 2.32
CA HIS B 25 -6.46 16.38 3.37
C HIS B 25 -7.95 16.39 2.97
N HIS B 26 -8.66 15.29 3.24
CA HIS B 26 -10.10 15.18 2.92
C HIS B 26 -10.92 15.76 4.06
N GLN B 27 -11.97 16.49 3.72
CA GLN B 27 -12.82 17.10 4.75
C GLN B 27 -14.30 16.89 4.50
N ASN B 28 -14.63 16.08 3.50
CA ASN B 28 -16.03 15.80 3.20
C ASN B 28 -16.58 14.79 4.22
N GLU B 29 -17.85 14.48 4.10
CA GLU B 29 -18.55 13.57 5.01
C GLU B 29 -18.17 12.09 4.92
N GLN B 30 -17.67 11.64 3.77
CA GLN B 30 -17.26 10.25 3.65
C GLN B 30 -16.02 9.98 4.52
N GLY B 31 -15.62 11.00 5.28
CA GLY B 31 -14.47 10.86 6.16
C GLY B 31 -13.32 11.77 5.73
N SER B 32 -12.42 12.06 6.66
CA SER B 32 -11.26 12.90 6.37
C SER B 32 -10.11 12.03 5.88
N GLY B 33 -8.88 12.56 5.98
CA GLY B 33 -7.73 11.79 5.55
C GLY B 33 -6.66 12.59 4.83
N TYR B 34 -5.52 11.95 4.54
CA TYR B 34 -4.41 12.60 3.85
C TYR B 34 -4.06 11.87 2.56
N ALA B 35 -3.55 12.60 1.58
CA ALA B 35 -3.17 12.03 0.30
C ALA B 35 -2.01 12.82 -0.32
N ALA B 36 -0.87 12.15 -0.50
CA ALA B 36 0.31 12.79 -1.07
C ALA B 36 0.26 12.88 -2.58
N ASP B 37 0.73 14.01 -3.11
CA ASP B 37 0.75 14.23 -4.55
C ASP B 37 2.01 13.60 -5.12
N GLN B 38 1.83 12.46 -5.79
CA GLN B 38 2.96 11.73 -6.39
C GLN B 38 3.74 12.57 -7.38
N LYS B 39 3.03 13.29 -8.25
CA LYS B 39 3.67 14.13 -9.25
C LYS B 39 4.72 15.06 -8.62
N SER B 40 4.26 15.95 -7.75
CA SER B 40 5.15 16.90 -7.09
C SER B 40 6.23 16.23 -6.27
N THR B 41 5.82 15.44 -5.28
CA THR B 41 6.77 14.76 -4.42
C THR B 41 7.86 14.04 -5.19
N GLN B 42 7.48 13.31 -6.23
CA GLN B 42 8.46 12.58 -7.02
C GLN B 42 9.44 13.52 -7.72
N ASN B 43 8.90 14.49 -8.47
CA ASN B 43 9.76 15.44 -9.18
C ASN B 43 10.76 16.06 -8.21
N ALA B 44 10.29 16.36 -7.00
CA ALA B 44 11.14 16.95 -5.97
C ALA B 44 12.23 15.96 -5.56
N ILE B 45 11.88 14.68 -5.54
CA ILE B 45 12.85 13.65 -5.19
C ILE B 45 13.90 13.49 -6.28
N ASN B 46 13.48 13.65 -7.54
CA ASN B 46 14.42 13.52 -8.65
C ASN B 46 15.48 14.62 -8.57
N GLY B 47 15.01 15.84 -8.30
CA GLY B 47 15.91 16.98 -8.20
C GLY B 47 16.87 16.87 -7.03
N ILE B 48 16.32 16.75 -5.82
CA ILE B 48 17.14 16.63 -4.62
C ILE B 48 18.12 15.46 -4.72
N THR B 49 17.68 14.34 -5.28
CA THR B 49 18.54 13.18 -5.43
C THR B 49 19.68 13.51 -6.39
N ASN B 50 19.36 14.27 -7.43
CA ASN B 50 20.38 14.66 -8.39
C ASN B 50 21.37 15.63 -7.74
N LYS B 51 20.86 16.54 -6.91
CA LYS B 51 21.70 17.50 -6.25
C LYS B 51 22.75 16.80 -5.40
N VAL B 52 22.31 15.91 -4.52
CA VAL B 52 23.21 15.18 -3.64
C VAL B 52 24.22 14.35 -4.43
N ASN B 53 23.77 13.72 -5.50
CA ASN B 53 24.70 12.92 -6.30
C ASN B 53 25.71 13.78 -7.03
N SER B 54 25.39 15.05 -7.27
CA SER B 54 26.31 15.94 -7.94
C SER B 54 27.40 16.35 -6.95
N VAL B 55 26.97 16.71 -5.74
CA VAL B 55 27.91 17.12 -4.71
C VAL B 55 28.90 15.98 -4.47
N ILE B 56 28.38 14.77 -4.31
CA ILE B 56 29.22 13.60 -4.07
C ILE B 56 30.12 13.28 -5.25
N GLU B 57 29.59 13.37 -6.46
CA GLU B 57 30.38 13.08 -7.65
C GLU B 57 31.54 14.04 -7.88
N LYS B 58 31.33 15.32 -7.57
CA LYS B 58 32.36 16.33 -7.76
C LYS B 58 33.60 16.09 -6.91
N MET B 59 33.42 15.44 -5.77
CA MET B 59 34.52 15.13 -4.86
C MET B 59 35.06 13.73 -5.13
N ASN B 60 35.85 13.58 -6.19
CA ASN B 60 36.40 12.28 -6.51
C ASN B 60 37.18 11.72 -5.30
N ILE B 61 37.44 10.42 -5.32
CA ILE B 61 38.14 9.76 -4.23
C ILE B 61 39.57 10.25 -4.02
N GLN B 62 39.94 10.38 -2.76
CA GLN B 62 41.28 10.80 -2.41
C GLN B 62 42.14 9.55 -2.41
N PHE B 63 43.16 9.52 -3.26
CA PHE B 63 44.04 8.38 -3.29
C PHE B 63 45.14 8.51 -2.24
N THR B 64 46.04 7.54 -2.19
CA THR B 64 47.11 7.55 -1.20
C THR B 64 47.81 8.89 -1.02
N ALA B 65 47.72 9.41 0.21
CA ALA B 65 48.36 10.67 0.56
C ALA B 65 49.02 10.43 1.92
N VAL B 66 50.35 10.53 1.95
CA VAL B 66 51.09 10.31 3.19
C VAL B 66 52.11 11.41 3.47
N GLY B 67 52.61 11.44 4.71
CA GLY B 67 53.60 12.42 5.09
C GLY B 67 54.96 12.12 4.46
N LYS B 68 55.88 13.05 4.60
CA LYS B 68 57.22 12.87 4.04
C LYS B 68 58.22 13.30 5.12
N GLU B 69 59.43 12.74 5.06
CA GLU B 69 60.46 13.09 6.02
C GLU B 69 61.46 14.04 5.36
N PHE B 70 62.14 14.83 6.17
CA PHE B 70 63.13 15.76 5.67
C PHE B 70 64.30 15.76 6.64
N ASN B 71 65.53 15.85 6.13
CA ASN B 71 66.67 15.86 7.03
C ASN B 71 66.74 17.24 7.71
N LYS B 72 67.62 17.37 8.71
CA LYS B 72 67.76 18.60 9.47
C LYS B 72 68.16 19.83 8.65
N LEU B 73 68.68 19.60 7.46
CA LEU B 73 69.09 20.70 6.58
C LEU B 73 68.08 20.92 5.45
N GLU B 74 66.87 20.42 5.62
CA GLU B 74 65.83 20.59 4.60
C GLU B 74 64.61 21.21 5.25
N LYS B 75 64.84 22.17 6.13
CA LYS B 75 63.77 22.84 6.85
C LYS B 75 62.88 23.69 5.95
N ARG B 76 63.46 24.33 4.93
CA ARG B 76 62.66 25.13 4.03
C ARG B 76 61.72 24.22 3.22
N MET B 77 62.26 23.10 2.72
CA MET B 77 61.46 22.16 1.94
C MET B 77 60.34 21.59 2.80
N GLU B 78 60.67 21.27 4.05
CA GLU B 78 59.68 20.73 4.98
C GLU B 78 58.56 21.75 5.19
N ASN B 79 58.91 23.03 5.34
CA ASN B 79 57.89 24.05 5.54
C ASN B 79 57.06 24.31 4.29
N LEU B 80 57.67 24.11 3.12
CA LEU B 80 56.96 24.30 1.86
C LEU B 80 55.90 23.21 1.76
N ASN B 81 56.32 21.98 2.03
CA ASN B 81 55.43 20.83 1.99
C ASN B 81 54.27 21.09 2.94
N ASN B 82 54.60 21.66 4.08
CA ASN B 82 53.61 21.98 5.10
C ASN B 82 52.65 23.06 4.60
N LYS B 83 53.18 24.09 3.94
CA LYS B 83 52.35 25.16 3.42
C LYS B 83 51.38 24.62 2.37
N VAL B 84 51.86 23.68 1.57
CA VAL B 84 51.05 23.07 0.53
C VAL B 84 49.89 22.26 1.13
N ASP B 85 50.21 21.36 2.06
CA ASP B 85 49.19 20.53 2.67
C ASP B 85 48.15 21.36 3.42
N ASP B 86 48.60 22.32 4.22
CA ASP B 86 47.68 23.18 4.96
C ASP B 86 46.85 24.03 4.02
N GLY B 87 47.49 24.51 2.95
CA GLY B 87 46.81 25.34 1.97
C GLY B 87 45.67 24.61 1.31
N PHE B 88 45.95 23.43 0.76
CA PHE B 88 44.90 22.64 0.12
C PHE B 88 43.81 22.26 1.12
N LEU B 89 44.23 21.89 2.34
CA LEU B 89 43.26 21.53 3.36
C LEU B 89 42.31 22.70 3.67
N ASP B 90 42.85 23.91 3.76
CA ASP B 90 42.00 25.07 4.03
C ASP B 90 40.93 25.26 2.96
N ILE B 91 41.35 25.18 1.70
CA ILE B 91 40.43 25.37 0.59
C ILE B 91 39.31 24.33 0.54
N TRP B 92 39.68 23.05 0.60
CA TRP B 92 38.68 21.99 0.56
C TRP B 92 37.71 22.05 1.75
N THR B 93 38.22 22.42 2.92
CA THR B 93 37.36 22.52 4.09
C THR B 93 36.38 23.67 3.87
N TYR B 94 36.89 24.75 3.30
CA TYR B 94 36.10 25.94 3.00
C TYR B 94 35.06 25.58 1.93
N ASN B 95 35.53 24.95 0.86
CA ASN B 95 34.64 24.56 -0.23
C ASN B 95 33.50 23.67 0.27
N ALA B 96 33.86 22.57 0.94
CA ALA B 96 32.87 21.64 1.45
C ALA B 96 31.84 22.33 2.36
N GLU B 97 32.31 23.13 3.31
CA GLU B 97 31.41 23.82 4.22
C GLU B 97 30.54 24.88 3.56
N LEU B 98 31.08 25.59 2.57
CA LEU B 98 30.31 26.61 1.87
C LEU B 98 29.24 25.96 1.00
N LEU B 99 29.64 24.97 0.22
CA LEU B 99 28.70 24.29 -0.67
C LEU B 99 27.48 23.74 0.07
N VAL B 100 27.71 23.07 1.20
CA VAL B 100 26.62 22.50 1.96
C VAL B 100 25.68 23.58 2.51
N LEU B 101 26.25 24.65 3.05
CA LEU B 101 25.46 25.75 3.60
C LEU B 101 24.59 26.42 2.54
N LEU B 102 25.18 26.71 1.39
CA LEU B 102 24.45 27.37 0.31
C LEU B 102 23.40 26.46 -0.32
N GLU B 103 23.73 25.19 -0.52
CA GLU B 103 22.78 24.27 -1.12
C GLU B 103 21.63 23.91 -0.18
N ASN B 104 21.89 23.92 1.11
CA ASN B 104 20.85 23.62 2.08
C ASN B 104 19.81 24.73 1.99
N GLU B 105 20.30 25.96 1.82
CA GLU B 105 19.43 27.12 1.70
C GLU B 105 18.55 26.92 0.48
N ARG B 106 19.19 26.58 -0.64
CA ARG B 106 18.52 26.36 -1.90
C ARG B 106 17.49 25.23 -1.83
N THR B 107 17.86 24.14 -1.16
CA THR B 107 16.96 23.02 -1.04
C THR B 107 15.68 23.39 -0.30
N LEU B 108 15.81 24.15 0.77
CA LEU B 108 14.64 24.55 1.55
C LEU B 108 13.73 25.48 0.76
N ASP B 109 14.32 26.34 -0.07
CA ASP B 109 13.51 27.24 -0.87
C ASP B 109 12.80 26.44 -1.94
N PHE B 110 13.48 25.41 -2.45
CA PHE B 110 12.91 24.54 -3.48
C PHE B 110 11.59 23.93 -3.01
N HIS B 111 11.56 23.46 -1.77
CA HIS B 111 10.36 22.86 -1.22
C HIS B 111 9.30 23.93 -1.01
N ASP B 112 9.72 25.08 -0.50
CA ASP B 112 8.79 26.17 -0.28
C ASP B 112 8.10 26.46 -1.61
N SER B 113 8.89 26.49 -2.66
CA SER B 113 8.41 26.75 -4.01
C SER B 113 7.44 25.67 -4.51
N ASN B 114 7.74 24.41 -4.21
CA ASN B 114 6.89 23.31 -4.65
C ASN B 114 5.53 23.33 -3.97
N VAL B 115 5.49 23.80 -2.71
CA VAL B 115 4.24 23.88 -1.97
C VAL B 115 3.42 25.02 -2.56
N LYS B 116 4.10 26.13 -2.84
CA LYS B 116 3.47 27.31 -3.42
C LYS B 116 2.83 26.97 -4.76
N ASN B 117 3.61 26.38 -5.66
CA ASN B 117 3.12 26.02 -6.99
C ASN B 117 1.96 25.04 -6.97
N LEU B 118 1.99 24.09 -6.04
CA LEU B 118 0.93 23.10 -5.94
C LEU B 118 -0.32 23.77 -5.40
N TYR B 119 -0.12 24.74 -4.51
CA TYR B 119 -1.22 25.46 -3.92
C TYR B 119 -1.91 26.29 -5.01
N GLU B 120 -1.10 26.95 -5.83
CA GLU B 120 -1.63 27.77 -6.92
C GLU B 120 -2.23 26.92 -8.03
N LYS B 121 -1.72 25.70 -8.20
CA LYS B 121 -2.23 24.80 -9.23
C LYS B 121 -3.68 24.46 -8.90
N VAL B 122 -3.94 24.21 -7.61
CA VAL B 122 -5.29 23.89 -7.14
C VAL B 122 -6.18 25.13 -7.13
N LYS B 123 -5.67 26.21 -6.56
CA LYS B 123 -6.40 27.46 -6.47
C LYS B 123 -6.81 28.02 -7.83
N SER B 124 -6.19 27.53 -8.90
CA SER B 124 -6.54 28.01 -10.23
C SER B 124 -7.63 27.13 -10.85
N GLN B 125 -7.83 25.95 -10.28
CA GLN B 125 -8.86 25.04 -10.78
C GLN B 125 -10.20 25.38 -10.14
N LEU B 126 -10.26 25.18 -8.83
CA LEU B 126 -11.47 25.45 -8.07
C LEU B 126 -12.07 26.80 -8.45
N LYS B 127 -11.22 27.82 -8.48
CA LYS B 127 -11.66 29.16 -8.84
C LYS B 127 -12.89 29.64 -8.08
N ASN B 128 -14.06 29.49 -8.71
CA ASN B 128 -15.31 29.93 -8.10
C ASN B 128 -16.05 28.85 -7.33
N ASN B 129 -15.69 27.59 -7.58
CA ASN B 129 -16.34 26.48 -6.92
C ASN B 129 -15.99 26.32 -5.44
N ALA B 130 -15.29 27.31 -4.88
CA ALA B 130 -14.90 27.28 -3.48
C ALA B 130 -14.12 28.54 -3.11
N LYS B 131 -13.87 28.73 -1.82
CA LYS B 131 -13.12 29.89 -1.35
C LYS B 131 -11.89 29.46 -0.57
N GLU B 132 -10.99 30.40 -0.30
CA GLU B 132 -9.77 30.11 0.45
C GLU B 132 -10.00 30.54 1.90
N ILE B 133 -9.82 29.61 2.84
CA ILE B 133 -10.06 29.91 4.25
C ILE B 133 -8.83 29.86 5.16
N GLY B 134 -8.56 28.69 5.72
CA GLY B 134 -7.44 28.51 6.62
C GLY B 134 -6.07 28.47 5.97
N ASN B 135 -5.95 29.11 4.82
CA ASN B 135 -4.67 29.14 4.09
C ASN B 135 -4.20 27.72 3.81
N GLY B 136 -4.21 27.37 2.53
CA GLY B 136 -3.82 26.04 2.13
C GLY B 136 -5.10 25.25 1.98
N CYS B 137 -6.17 25.77 2.58
CA CYS B 137 -7.48 25.12 2.53
C CYS B 137 -8.50 25.85 1.67
N PHE B 138 -9.40 25.08 1.08
CA PHE B 138 -10.47 25.60 0.23
C PHE B 138 -11.80 24.99 0.64
N GLU B 139 -12.80 25.82 0.92
CA GLU B 139 -14.13 25.32 1.28
C GLU B 139 -14.99 25.23 0.04
N PHE B 140 -15.30 24.01 -0.40
CA PHE B 140 -16.12 23.83 -1.59
C PHE B 140 -17.52 24.40 -1.40
N TYR B 141 -17.90 25.26 -2.33
CA TYR B 141 -19.22 25.88 -2.30
C TYR B 141 -20.32 24.89 -2.67
N HIS B 142 -19.97 23.92 -3.53
CA HIS B 142 -20.94 22.94 -3.96
C HIS B 142 -20.91 21.62 -3.19
N LYS B 143 -19.87 21.42 -2.39
CA LYS B 143 -19.74 20.19 -1.62
C LYS B 143 -19.64 19.01 -2.58
N CYS B 144 -18.60 18.19 -2.45
CA CYS B 144 -18.44 17.07 -3.36
C CYS B 144 -17.90 15.76 -2.78
N ASP B 145 -17.99 14.70 -3.57
CA ASP B 145 -17.58 13.34 -3.18
C ASP B 145 -16.08 13.08 -2.98
N ASN B 146 -15.79 11.90 -2.45
CA ASN B 146 -14.41 11.46 -2.22
C ASN B 146 -13.79 11.26 -3.59
N GLU B 147 -14.55 10.64 -4.49
CA GLU B 147 -14.10 10.39 -5.84
C GLU B 147 -13.80 11.75 -6.48
N CYS B 148 -14.60 12.74 -6.10
CA CYS B 148 -14.42 14.10 -6.61
C CYS B 148 -13.18 14.76 -6.04
N MET B 149 -12.98 14.65 -4.73
CA MET B 149 -11.80 15.23 -4.11
C MET B 149 -10.60 14.70 -4.88
N GLU B 150 -10.77 13.54 -5.50
CA GLU B 150 -9.70 12.93 -6.29
C GLU B 150 -9.51 13.66 -7.60
N SER B 151 -10.59 14.18 -8.17
CA SER B 151 -10.48 14.92 -9.41
C SER B 151 -9.46 16.03 -9.21
N VAL B 152 -9.50 16.64 -8.04
CA VAL B 152 -8.58 17.74 -7.71
C VAL B 152 -7.14 17.25 -7.63
N ARG B 153 -6.92 16.16 -6.92
CA ARG B 153 -5.59 15.61 -6.78
C ARG B 153 -4.95 15.25 -8.12
N ASN B 154 -5.67 14.52 -8.97
CA ASN B 154 -5.13 14.13 -10.27
C ASN B 154 -5.17 15.24 -11.31
N GLY B 155 -5.21 16.49 -10.86
CA GLY B 155 -5.20 17.62 -11.77
C GLY B 155 -6.36 17.81 -12.72
N THR B 156 -7.38 16.97 -12.62
CA THR B 156 -8.55 17.11 -13.50
C THR B 156 -9.44 18.21 -12.93
N TYR B 157 -10.75 17.99 -12.96
CA TYR B 157 -11.68 18.98 -12.42
C TYR B 157 -11.55 20.29 -13.20
N ASP B 158 -12.33 20.42 -14.27
CA ASP B 158 -12.29 21.62 -15.10
C ASP B 158 -13.64 22.35 -15.07
N TYR B 159 -13.98 22.89 -13.90
CA TYR B 159 -15.24 23.61 -13.70
C TYR B 159 -14.97 25.07 -13.36
N PRO B 160 -15.78 26.00 -13.90
CA PRO B 160 -15.63 27.45 -13.66
C PRO B 160 -15.78 27.86 -12.21
N ASP C 5 -9.66 56.00 3.48
CA ASP C 5 -8.57 55.41 4.30
C ASP C 5 -7.77 54.39 3.51
N THR C 6 -6.48 54.67 3.33
CA THR C 6 -5.60 53.79 2.57
C THR C 6 -4.40 53.32 3.39
N ILE C 7 -3.94 52.10 3.10
CA ILE C 7 -2.78 51.54 3.79
C ILE C 7 -1.88 50.92 2.73
N CYS C 8 -0.62 51.36 2.69
CA CYS C 8 0.32 50.86 1.71
C CYS C 8 1.46 50.05 2.31
N ILE C 9 2.01 49.16 1.49
CA ILE C 9 3.14 48.32 1.88
C ILE C 9 4.31 48.83 1.05
N GLY C 10 5.40 49.19 1.70
CA GLY C 10 6.56 49.69 0.98
C GLY C 10 7.87 49.29 1.64
N TYR C 11 8.97 49.80 1.11
CA TYR C 11 10.28 49.47 1.65
C TYR C 11 11.14 50.70 1.91
N HIS C 12 12.18 50.50 2.71
CA HIS C 12 13.11 51.54 3.11
C HIS C 12 13.95 52.08 1.95
N ALA C 13 14.37 53.34 2.10
CA ALA C 13 15.20 54.03 1.13
C ALA C 13 15.89 55.16 1.88
N ASN C 14 17.03 55.61 1.37
CA ASN C 14 17.78 56.70 2.02
C ASN C 14 18.71 57.40 1.04
N ASN C 15 19.68 58.13 1.55
CA ASN C 15 20.63 58.85 0.71
C ASN C 15 21.97 58.13 0.52
N SER C 16 22.06 56.89 0.98
CA SER C 16 23.28 56.11 0.87
C SER C 16 23.75 56.03 -0.57
N THR C 17 25.07 56.15 -0.77
CA THR C 17 25.64 56.06 -2.10
C THR C 17 26.48 54.80 -2.23
N ASP C 18 26.38 53.93 -1.23
CA ASP C 18 27.11 52.66 -1.25
C ASP C 18 26.72 51.88 -2.49
N THR C 19 27.70 51.26 -3.14
CA THR C 19 27.41 50.46 -4.33
C THR C 19 28.07 49.10 -4.20
N VAL C 20 27.48 48.10 -4.84
CA VAL C 20 28.01 46.75 -4.81
C VAL C 20 27.76 46.11 -6.16
N ASP C 21 28.49 45.04 -6.46
CA ASP C 21 28.29 44.34 -7.70
C ASP C 21 27.56 43.05 -7.42
N THR C 22 26.95 42.49 -8.46
CA THR C 22 26.23 41.23 -8.37
C THR C 22 26.50 40.52 -9.68
N VAL C 23 26.05 39.27 -9.78
CA VAL C 23 26.23 38.47 -10.97
C VAL C 23 25.53 39.12 -12.17
N LEU C 24 24.30 39.56 -11.97
CA LEU C 24 23.51 40.17 -13.02
C LEU C 24 23.75 41.66 -13.25
N GLU C 25 24.19 42.38 -12.22
CA GLU C 25 24.36 43.82 -12.35
C GLU C 25 25.47 44.43 -11.51
N LYS C 26 26.24 45.32 -12.12
CA LYS C 26 27.32 46.01 -11.44
C LYS C 26 26.88 47.35 -10.85
N ASN C 27 27.67 47.83 -9.90
CA ASN C 27 27.43 49.11 -9.23
C ASN C 27 25.97 49.40 -8.91
N VAL C 28 25.41 48.58 -8.03
CA VAL C 28 24.03 48.72 -7.59
C VAL C 28 24.02 49.51 -6.28
N THR C 29 23.36 50.66 -6.29
CA THR C 29 23.28 51.50 -5.10
C THR C 29 22.36 50.85 -4.07
N VAL C 30 22.84 50.73 -2.84
CA VAL C 30 22.06 50.10 -1.78
C VAL C 30 22.02 50.95 -0.51
N THR C 31 21.02 50.67 0.32
CA THR C 31 20.81 51.39 1.57
C THR C 31 21.81 51.05 2.68
N HIS C 32 22.19 49.78 2.76
CA HIS C 32 23.15 49.32 3.78
C HIS C 32 24.07 48.22 3.25
N SER C 33 25.36 48.34 3.55
CA SER C 33 26.35 47.36 3.12
C SER C 33 27.49 47.30 4.12
N VAL C 34 28.38 46.33 3.94
CA VAL C 34 29.52 46.15 4.83
C VAL C 34 30.79 45.83 4.06
N ASN C 35 31.86 46.54 4.37
CA ASN C 35 33.13 46.32 3.72
C ASN C 35 33.81 45.12 4.38
N LEU C 36 34.26 44.16 3.57
CA LEU C 36 34.94 42.98 4.11
C LEU C 36 36.41 43.00 3.74
N LEU C 37 36.82 44.03 3.01
CA LEU C 37 38.20 44.15 2.55
C LEU C 37 38.97 45.26 3.27
N GLU C 38 39.92 44.88 4.11
CA GLU C 38 40.73 45.86 4.84
C GLU C 38 41.82 46.41 3.92
N ASP C 39 41.92 47.73 3.83
CA ASP C 39 42.92 48.36 2.98
C ASP C 39 43.70 49.46 3.71
N SER C 40 43.50 49.56 5.02
CA SER C 40 44.18 50.58 5.82
C SER C 40 45.26 50.01 6.73
N HIS C 41 46.39 50.71 6.84
CA HIS C 41 47.48 50.27 7.70
C HIS C 41 48.23 51.44 8.32
N ASN C 42 48.98 51.14 9.39
CA ASN C 42 49.78 52.07 10.18
C ASN C 42 50.90 52.82 9.45
N GLY C 43 51.48 52.17 8.46
CA GLY C 43 52.60 52.78 7.76
C GLY C 43 53.84 52.65 8.63
N LYS C 44 53.72 51.93 9.76
CA LYS C 44 54.83 51.76 10.69
C LYS C 44 55.07 50.32 11.14
N LEU C 45 56.27 50.10 11.67
CA LEU C 45 56.64 48.81 12.22
C LEU C 45 56.28 48.93 13.69
N CYS C 46 55.57 47.96 14.22
CA CYS C 46 55.16 48.00 15.63
C CYS C 46 55.62 46.81 16.42
N ARG C 47 55.33 46.88 17.72
CA ARG C 47 55.63 45.79 18.62
C ARG C 47 54.53 44.80 18.34
N LEU C 48 54.83 43.51 18.48
CA LEU C 48 53.85 42.47 18.27
C LEU C 48 53.53 41.94 19.65
N LYS C 49 52.32 42.23 20.13
CA LYS C 49 51.92 41.79 21.47
C LYS C 49 52.91 42.30 22.52
N GLY C 50 53.31 43.56 22.41
CA GLY C 50 54.25 44.13 23.36
C GLY C 50 55.73 43.86 23.15
N ILE C 51 56.05 42.95 22.23
CA ILE C 51 57.45 42.61 21.98
C ILE C 51 57.97 43.25 20.69
N ALA C 52 59.08 43.96 20.80
CA ALA C 52 59.67 44.64 19.66
C ALA C 52 60.39 43.67 18.73
N PRO C 53 60.51 44.03 17.45
CA PRO C 53 61.20 43.18 16.48
C PRO C 53 62.69 43.52 16.45
N LEU C 54 63.47 42.62 15.88
CA LEU C 54 64.89 42.86 15.76
C LEU C 54 65.11 43.60 14.46
N GLN C 55 65.59 44.84 14.53
CA GLN C 55 65.86 45.62 13.33
C GLN C 55 67.34 45.51 13.00
N LEU C 56 67.65 44.74 11.96
CA LEU C 56 69.03 44.56 11.56
C LEU C 56 69.56 45.78 10.80
N GLY C 57 68.65 46.66 10.38
CA GLY C 57 69.04 47.86 9.67
C GLY C 57 69.93 47.61 8.47
N LYS C 58 71.13 48.18 8.51
CA LYS C 58 72.12 48.06 7.43
C LYS C 58 72.77 46.68 7.37
N CYS C 59 72.42 45.81 8.31
CA CYS C 59 72.99 44.45 8.37
C CYS C 59 72.00 43.36 7.98
N ASN C 60 72.52 42.18 7.62
CA ASN C 60 71.66 41.04 7.30
C ASN C 60 71.93 39.96 8.32
N ILE C 61 71.21 38.84 8.23
CA ILE C 61 71.39 37.74 9.17
C ILE C 61 72.86 37.33 9.33
N ALA C 62 73.58 37.18 8.21
CA ALA C 62 74.99 36.79 8.24
C ALA C 62 75.83 37.77 9.06
N GLY C 63 75.66 39.06 8.78
CA GLY C 63 76.42 40.08 9.50
C GLY C 63 76.14 40.01 10.98
N TRP C 64 74.87 39.80 11.31
CA TRP C 64 74.42 39.70 12.69
C TRP C 64 75.03 38.52 13.43
N LEU C 65 74.84 37.31 12.89
CA LEU C 65 75.34 36.09 13.55
C LEU C 65 76.85 35.94 13.60
N LEU C 66 77.58 36.39 12.57
CA LEU C 66 79.03 36.28 12.56
C LEU C 66 79.68 37.38 13.40
N GLY C 67 78.97 38.48 13.59
CA GLY C 67 79.51 39.58 14.36
C GLY C 67 80.28 40.58 13.52
N ASN C 68 79.76 40.91 12.34
CA ASN C 68 80.38 41.91 11.45
C ASN C 68 80.51 43.18 12.29
N PRO C 69 81.72 43.76 12.37
CA PRO C 69 81.94 44.98 13.15
C PRO C 69 80.88 46.07 12.96
N GLU C 70 80.34 46.16 11.75
CA GLU C 70 79.33 47.17 11.44
C GLU C 70 77.95 46.85 12.02
N CYS C 71 77.84 45.75 12.76
CA CYS C 71 76.55 45.36 13.35
C CYS C 71 76.59 45.28 14.87
N ASP C 72 77.61 45.90 15.47
CA ASP C 72 77.77 45.90 16.93
C ASP C 72 76.53 46.32 17.73
N PRO C 73 75.76 47.31 17.25
CA PRO C 73 74.58 47.73 18.01
C PRO C 73 73.60 46.57 18.25
N LEU C 74 73.72 45.51 17.47
CA LEU C 74 72.85 44.34 17.60
C LEU C 74 73.33 43.33 18.64
N LEU C 75 74.62 43.37 18.95
CA LEU C 75 75.22 42.43 19.90
C LEU C 75 74.46 42.16 21.20
N PRO C 76 73.89 43.21 21.83
CA PRO C 76 73.14 43.04 23.08
C PRO C 76 71.69 42.55 22.99
N VAL C 77 71.07 42.67 21.81
CA VAL C 77 69.68 42.22 21.66
C VAL C 77 69.51 40.73 21.91
N ARG C 78 68.62 40.38 22.84
CA ARG C 78 68.40 38.98 23.21
C ARG C 78 67.06 38.35 22.83
N SER C 79 66.02 39.15 22.62
CA SER C 79 64.72 38.61 22.25
C SER C 79 63.99 39.56 21.29
N TRP C 80 63.06 39.00 20.52
CA TRP C 80 62.31 39.78 19.53
C TRP C 80 61.05 39.02 19.11
N SER C 81 60.12 39.73 18.47
CA SER C 81 58.88 39.13 18.00
C SER C 81 58.98 38.74 16.52
N TYR C 82 59.87 39.40 15.79
CA TYR C 82 60.11 39.11 14.39
C TYR C 82 61.37 39.85 13.97
N ILE C 83 61.96 39.41 12.87
CA ILE C 83 63.18 40.00 12.36
C ILE C 83 62.93 40.83 11.12
N VAL C 84 63.50 42.04 11.09
CA VAL C 84 63.33 42.95 9.97
C VAL C 84 64.64 43.27 9.26
N GLU C 85 64.67 43.03 7.95
CA GLU C 85 65.83 43.37 7.14
C GLU C 85 65.31 44.53 6.27
N THR C 86 66.22 45.29 5.68
CA THR C 86 65.82 46.42 4.86
C THR C 86 66.44 46.28 3.48
N PRO C 87 65.98 47.09 2.52
CA PRO C 87 66.53 47.03 1.16
C PRO C 87 68.03 47.30 1.20
N ASN C 88 68.47 48.08 2.19
CA ASN C 88 69.90 48.41 2.33
C ASN C 88 70.67 47.55 3.32
N SER C 89 70.21 46.32 3.56
CA SER C 89 70.90 45.41 4.47
C SER C 89 72.03 44.76 3.67
N GLU C 90 73.11 45.52 3.48
CA GLU C 90 74.27 45.03 2.73
C GLU C 90 75.39 44.45 3.57
N ASN C 91 75.50 44.90 4.82
CA ASN C 91 76.54 44.43 5.73
C ASN C 91 76.34 43.03 6.29
N GLY C 92 76.85 42.05 5.56
CA GLY C 92 76.73 40.68 6.03
C GLY C 92 78.14 40.18 6.24
N ILE C 93 78.58 39.29 5.36
CA ILE C 93 79.93 38.76 5.43
C ILE C 93 80.86 39.87 4.94
N CYS C 94 81.93 40.14 5.66
CA CYS C 94 82.85 41.19 5.21
C CYS C 94 84.06 40.60 4.50
N TYR C 95 84.47 39.39 4.89
CA TYR C 95 85.58 38.72 4.21
C TYR C 95 84.90 37.82 3.18
N PRO C 96 85.21 38.02 1.88
CA PRO C 96 84.61 37.24 0.80
C PRO C 96 84.67 35.72 0.91
N GLY C 97 83.58 35.08 0.51
CA GLY C 97 83.50 33.63 0.55
C GLY C 97 82.06 33.14 0.49
N ASP C 98 81.87 31.85 0.79
CA ASP C 98 80.56 31.26 0.78
C ASP C 98 80.07 30.93 2.19
N PHE C 99 78.81 31.25 2.46
CA PHE C 99 78.20 30.97 3.76
C PHE C 99 77.38 29.71 3.49
N ILE C 100 77.91 28.56 3.92
CA ILE C 100 77.24 27.29 3.66
C ILE C 100 75.90 27.08 4.35
N ASP C 101 74.89 26.73 3.55
CA ASP C 101 73.53 26.49 4.04
C ASP C 101 72.97 27.72 4.73
N TYR C 102 73.26 28.89 4.14
CA TYR C 102 72.82 30.16 4.67
C TYR C 102 71.30 30.26 4.75
N GLU C 103 70.60 29.95 3.67
CA GLU C 103 69.15 30.03 3.64
C GLU C 103 68.53 29.19 4.75
N GLU C 104 69.05 27.98 4.95
CA GLU C 104 68.55 27.12 6.02
C GLU C 104 68.76 27.78 7.39
N LEU C 105 69.92 28.39 7.60
CA LEU C 105 70.19 29.06 8.88
C LEU C 105 69.16 30.16 9.09
N ARG C 106 68.81 30.88 8.02
CA ARG C 106 67.80 31.93 8.12
C ARG C 106 66.48 31.32 8.55
N GLU C 107 66.18 30.14 7.98
CA GLU C 107 64.94 29.46 8.33
C GLU C 107 64.97 29.06 9.81
N GLN C 108 66.12 28.62 10.30
CA GLN C 108 66.23 28.23 11.70
C GLN C 108 65.95 29.44 12.59
N LEU C 109 66.60 30.56 12.31
CA LEU C 109 66.42 31.77 13.11
C LEU C 109 64.98 32.25 13.07
N SER C 110 64.24 31.84 12.05
CA SER C 110 62.85 32.24 11.89
C SER C 110 61.93 31.71 12.98
N SER C 111 62.34 30.64 13.66
CA SER C 111 61.51 30.09 14.75
C SER C 111 62.15 30.33 16.11
N VAL C 112 63.14 31.22 16.15
CA VAL C 112 63.83 31.55 17.41
C VAL C 112 63.20 32.80 18.02
N SER C 113 62.81 32.71 19.28
CA SER C 113 62.19 33.83 19.98
C SER C 113 63.20 34.61 20.83
N SER C 114 64.34 33.98 21.11
CA SER C 114 65.39 34.64 21.88
C SER C 114 66.57 33.71 22.04
N PHE C 115 67.71 34.28 22.41
CA PHE C 115 68.90 33.47 22.64
C PHE C 115 69.91 34.20 23.52
N GLU C 116 70.88 33.48 24.04
CA GLU C 116 71.90 34.14 24.83
C GLU C 116 73.23 33.96 24.13
N ARG C 117 73.85 35.09 23.81
CA ARG C 117 75.15 35.08 23.17
C ARG C 117 76.13 34.84 24.32
N PHE C 118 76.98 33.84 24.19
CA PHE C 118 77.94 33.51 25.24
C PHE C 118 79.27 33.03 24.64
N GLU C 119 80.34 33.15 25.44
CA GLU C 119 81.66 32.73 25.01
C GLU C 119 81.82 31.23 25.08
N ILE C 120 81.89 30.60 23.92
CA ILE C 120 82.05 29.16 23.86
C ILE C 120 83.54 28.84 24.01
N PHE C 121 84.37 29.72 23.45
CA PHE C 121 85.81 29.56 23.51
C PHE C 121 86.47 30.89 23.87
N PRO C 122 86.57 31.22 25.17
CA PRO C 122 87.18 32.46 25.62
C PRO C 122 88.51 32.72 24.92
N LYS C 123 88.65 33.91 24.34
CA LYS C 123 89.87 34.28 23.64
C LYS C 123 91.12 34.12 24.50
N GLU C 124 90.99 34.51 25.77
CA GLU C 124 92.11 34.46 26.71
C GLU C 124 92.72 33.09 26.98
N SER C 125 91.90 32.12 27.35
CA SER C 125 92.41 30.80 27.70
C SER C 125 92.17 29.64 26.74
N SER C 126 91.55 29.88 25.59
CA SER C 126 91.27 28.78 24.68
C SER C 126 92.41 28.34 23.76
N TRP C 127 93.27 29.27 23.34
CA TRP C 127 94.33 28.91 22.41
C TRP C 127 95.71 29.37 22.89
N PRO C 128 96.25 28.71 23.93
CA PRO C 128 97.54 29.02 24.53
C PRO C 128 98.70 29.04 23.54
N ASN C 129 98.61 28.21 22.50
CA ASN C 129 99.70 28.10 21.54
C ASN C 129 99.47 28.67 20.15
N HIS C 130 98.60 29.67 20.04
CA HIS C 130 98.33 30.27 18.75
C HIS C 130 98.07 31.76 18.89
N ASN C 131 98.32 32.52 17.84
CA ASN C 131 98.01 33.95 17.89
C ASN C 131 96.53 34.11 17.56
N THR C 132 95.90 35.11 18.16
CA THR C 132 94.48 35.33 17.95
C THR C 132 94.15 36.76 17.53
N ASN C 133 95.18 37.54 17.24
CA ASN C 133 94.98 38.94 16.85
C ASN C 133 94.77 39.13 15.35
N GLY C 134 94.74 38.04 14.60
CA GLY C 134 94.53 38.15 13.16
C GLY C 134 93.41 39.12 12.86
N VAL C 135 93.66 40.06 11.97
CA VAL C 135 92.67 41.08 11.64
C VAL C 135 92.66 41.31 10.13
N THR C 136 91.66 42.01 9.59
CA THR C 136 91.60 42.26 8.14
C THR C 136 90.95 43.58 7.77
N ALA C 137 91.41 44.17 6.67
CA ALA C 137 90.86 45.44 6.19
C ALA C 137 89.47 45.25 5.58
N ALA C 138 89.15 44.01 5.24
CA ALA C 138 87.85 43.69 4.65
C ALA C 138 86.76 43.80 5.72
N CYS C 139 87.17 43.73 6.98
CA CYS C 139 86.24 43.84 8.10
C CYS C 139 86.76 44.95 8.99
N SER C 140 86.81 46.16 8.45
CA SER C 140 87.32 47.30 9.19
C SER C 140 86.25 47.98 10.04
N HIS C 141 86.68 48.60 11.13
CA HIS C 141 85.79 49.31 12.04
C HIS C 141 86.54 50.56 12.49
N GLU C 142 85.89 51.72 12.39
CA GLU C 142 86.51 52.98 12.76
C GLU C 142 87.74 53.20 11.87
N GLY C 143 87.56 52.98 10.58
CA GLY C 143 88.64 53.15 9.63
C GLY C 143 89.88 52.34 9.96
N LYS C 144 89.70 51.27 10.73
CA LYS C 144 90.83 50.44 11.12
C LYS C 144 90.54 48.95 10.93
N SER C 145 91.55 48.21 10.48
CA SER C 145 91.41 46.77 10.26
C SER C 145 90.87 46.07 11.51
N SER C 146 89.87 45.21 11.32
CA SER C 146 89.28 44.51 12.45
C SER C 146 88.83 43.09 12.06
N PHE C 147 87.87 42.54 12.81
CA PHE C 147 87.39 41.19 12.54
C PHE C 147 86.04 40.91 13.21
N TYR C 148 85.39 39.81 12.80
CA TYR C 148 84.10 39.40 13.35
C TYR C 148 84.19 39.32 14.86
N ARG C 149 83.12 39.75 15.54
CA ARG C 149 83.10 39.71 17.01
C ARG C 149 82.83 38.32 17.57
N ASN C 150 82.28 37.42 16.76
CA ASN C 150 81.97 36.10 17.27
C ASN C 150 82.92 34.99 16.85
N LEU C 151 83.95 35.35 16.07
CA LEU C 151 84.94 34.39 15.58
C LEU C 151 86.34 34.90 15.90
N LEU C 152 87.32 34.01 15.83
CA LEU C 152 88.72 34.34 16.09
C LEU C 152 89.62 33.77 15.00
N TRP C 153 90.43 34.63 14.40
CA TRP C 153 91.35 34.19 13.37
C TRP C 153 92.61 33.67 14.06
N LEU C 154 92.77 32.34 14.09
CA LEU C 154 93.96 31.76 14.72
C LEU C 154 95.09 31.67 13.71
N THR C 155 96.29 32.08 14.12
CA THR C 155 97.45 31.99 13.24
C THR C 155 98.66 31.42 13.96
N GLU C 156 99.71 31.16 13.19
CA GLU C 156 100.95 30.62 13.71
C GLU C 156 101.53 31.49 14.84
N LYS C 157 102.14 30.84 15.82
CA LYS C 157 102.76 31.56 16.94
C LYS C 157 104.22 31.16 17.10
N GLU C 158 105.11 32.14 16.98
CA GLU C 158 106.54 31.90 17.11
C GLU C 158 107.02 30.91 16.06
N GLY C 159 106.54 31.09 14.84
CA GLY C 159 106.92 30.21 13.75
C GLY C 159 106.29 28.84 13.76
N SER C 160 105.29 28.63 14.62
CA SER C 160 104.67 27.31 14.69
C SER C 160 103.16 27.32 14.92
N TYR C 161 102.47 26.39 14.25
CA TYR C 161 101.02 26.25 14.40
C TYR C 161 100.76 24.79 14.77
N PRO C 162 100.81 24.48 16.08
CA PRO C 162 100.58 23.13 16.62
C PRO C 162 99.17 22.65 16.34
N LYS C 163 98.99 21.34 16.19
CA LYS C 163 97.67 20.80 15.95
C LYS C 163 96.86 21.15 17.19
N LEU C 164 95.67 21.69 16.99
CA LEU C 164 94.83 22.07 18.11
C LEU C 164 93.60 21.19 18.21
N LYS C 165 93.11 21.03 19.42
CA LYS C 165 91.91 20.26 19.67
C LYS C 165 91.24 20.88 20.87
N ASN C 166 90.01 21.33 20.68
CA ASN C 166 89.26 21.95 21.75
C ASN C 166 87.84 21.44 21.72
N SER C 167 87.24 21.32 22.90
CA SER C 167 85.89 20.81 23.03
C SER C 167 85.01 21.74 23.84
N TYR C 168 83.71 21.57 23.66
CA TYR C 168 82.72 22.32 24.39
C TYR C 168 81.54 21.40 24.60
N VAL C 169 81.10 21.28 25.85
CA VAL C 169 79.98 20.44 26.20
C VAL C 169 78.80 21.37 26.43
N ASN C 170 77.71 21.13 25.71
CA ASN C 170 76.54 21.97 25.83
C ASN C 170 75.77 21.66 27.11
N LYS C 171 75.84 22.57 28.07
CA LYS C 171 75.13 22.39 29.33
C LYS C 171 74.13 23.51 29.54
N LYS C 172 73.75 24.16 28.44
CA LYS C 172 72.80 25.27 28.48
C LYS C 172 71.36 24.76 28.55
N GLY C 173 71.17 23.47 28.34
CA GLY C 173 69.82 22.92 28.35
C GLY C 173 69.03 23.38 27.14
N LYS C 174 69.74 23.81 26.10
CA LYS C 174 69.10 24.30 24.86
C LYS C 174 70.03 24.08 23.68
N GLU C 175 69.47 24.08 22.48
CA GLU C 175 70.27 23.92 21.28
C GLU C 175 71.26 25.07 21.27
N VAL C 176 72.49 24.79 20.86
CA VAL C 176 73.50 25.83 20.77
C VAL C 176 73.94 25.96 19.32
N LEU C 177 73.73 27.14 18.75
CA LEU C 177 74.12 27.42 17.38
C LEU C 177 75.59 27.80 17.37
N VAL C 178 76.43 27.00 16.72
CA VAL C 178 77.86 27.29 16.66
C VAL C 178 78.23 27.63 15.21
N LEU C 179 79.01 28.70 15.03
CA LEU C 179 79.45 29.11 13.70
C LEU C 179 80.97 29.21 13.68
N TRP C 180 81.57 28.98 12.52
CA TRP C 180 83.01 29.06 12.39
C TRP C 180 83.37 29.23 10.92
N GLY C 181 84.66 29.43 10.64
CA GLY C 181 85.06 29.61 9.27
C GLY C 181 86.30 28.82 8.90
N ILE C 182 86.56 28.74 7.61
CA ILE C 182 87.72 28.04 7.08
C ILE C 182 88.34 29.04 6.12
N HIS C 183 89.59 29.41 6.35
CA HIS C 183 90.25 30.37 5.49
C HIS C 183 91.01 29.67 4.37
N HIS C 184 90.95 30.25 3.17
CA HIS C 184 91.59 29.70 1.99
C HIS C 184 92.56 30.73 1.39
N PRO C 185 93.87 30.62 1.71
CA PRO C 185 94.85 31.57 1.16
C PRO C 185 94.86 31.50 -0.37
N PRO C 186 95.32 32.58 -1.04
CA PRO C 186 95.39 32.66 -2.51
C PRO C 186 96.64 31.99 -3.07
N ASN C 187 97.61 31.71 -2.19
CA ASN C 187 98.85 31.04 -2.60
C ASN C 187 99.48 30.32 -1.41
N SER C 188 100.20 29.24 -1.69
CA SER C 188 100.85 28.44 -0.67
C SER C 188 101.81 29.26 0.18
N LYS C 189 102.31 30.33 -0.43
CA LYS C 189 103.24 31.23 0.24
C LYS C 189 102.57 31.79 1.49
N GLU C 190 101.37 32.33 1.31
CA GLU C 190 100.61 32.91 2.41
C GLU C 190 100.11 31.82 3.36
N GLN C 191 99.70 30.69 2.81
CA GLN C 191 99.21 29.58 3.62
C GLN C 191 100.26 29.18 4.66
N GLN C 192 101.52 29.12 4.22
CA GLN C 192 102.60 28.72 5.08
C GLN C 192 103.03 29.73 6.14
N ASN C 193 103.01 31.02 5.83
CA ASN C 193 103.43 31.96 6.86
C ASN C 193 102.32 32.36 7.82
N LEU C 194 101.11 31.88 7.54
CA LEU C 194 99.96 32.14 8.40
C LEU C 194 99.70 30.90 9.26
N TYR C 195 99.87 29.72 8.65
CA TYR C 195 99.59 28.47 9.34
C TYR C 195 100.76 27.47 9.41
N GLN C 196 101.87 27.79 8.76
CA GLN C 196 103.05 26.92 8.75
C GLN C 196 102.86 25.65 7.93
N ASN C 197 101.79 24.90 8.21
CA ASN C 197 101.54 23.65 7.51
C ASN C 197 100.98 23.81 6.11
N GLU C 198 101.77 23.41 5.13
CA GLU C 198 101.40 23.50 3.72
C GLU C 198 100.14 22.65 3.47
N ASN C 199 100.05 21.51 4.13
CA ASN C 199 98.90 20.63 3.99
C ASN C 199 98.17 20.54 5.32
N ALA C 200 97.21 21.44 5.51
CA ALA C 200 96.45 21.48 6.75
C ALA C 200 95.01 21.02 6.56
N TYR C 201 94.32 20.81 7.68
CA TYR C 201 92.94 20.36 7.64
C TYR C 201 92.23 20.82 8.90
N VAL C 202 90.91 20.83 8.85
CA VAL C 202 90.09 21.20 9.99
C VAL C 202 89.01 20.15 10.12
N SER C 203 88.75 19.73 11.35
CA SER C 203 87.72 18.74 11.62
C SER C 203 86.78 19.27 12.69
N VAL C 204 85.49 19.07 12.48
CA VAL C 204 84.47 19.51 13.43
C VAL C 204 83.49 18.36 13.57
N VAL C 205 83.31 17.87 14.79
CA VAL C 205 82.41 16.75 15.01
C VAL C 205 81.60 16.88 16.29
N THR C 206 80.40 16.31 16.27
CA THR C 206 79.50 16.28 17.43
C THR C 206 78.92 14.86 17.36
N SER C 207 77.84 14.61 18.09
CA SER C 207 77.23 13.27 18.06
C SER C 207 76.48 13.02 16.75
N ASN C 208 76.08 14.09 16.07
CA ASN C 208 75.33 13.95 14.82
C ASN C 208 75.88 14.79 13.67
N TYR C 209 77.02 15.42 13.87
CA TYR C 209 77.63 16.24 12.83
C TYR C 209 79.08 15.76 12.69
N ASN C 210 79.53 15.62 11.45
CA ASN C 210 80.87 15.13 11.21
C ASN C 210 81.39 15.61 9.86
N ARG C 211 82.22 16.64 9.88
CA ARG C 211 82.75 17.19 8.63
C ARG C 211 84.23 17.57 8.73
N ARG C 212 84.92 17.44 7.60
CA ARG C 212 86.34 17.77 7.51
C ARG C 212 86.55 18.79 6.39
N PHE C 213 87.44 19.75 6.63
CA PHE C 213 87.70 20.80 5.65
C PHE C 213 89.15 20.86 5.23
N THR C 214 89.35 20.98 3.92
CA THR C 214 90.68 21.07 3.35
C THR C 214 90.86 22.40 2.62
N PRO C 215 91.95 23.11 2.93
CA PRO C 215 92.21 24.39 2.28
C PRO C 215 92.41 24.16 0.79
N GLU C 216 91.81 25.01 -0.03
CA GLU C 216 91.95 24.90 -1.48
C GLU C 216 92.59 26.22 -1.89
N ILE C 217 93.90 26.17 -2.12
CA ILE C 217 94.68 27.35 -2.47
C ILE C 217 94.74 27.63 -3.97
N ALA C 218 94.42 28.88 -4.34
CA ALA C 218 94.45 29.29 -5.76
C ALA C 218 94.24 30.80 -5.92
N GLU C 219 94.84 31.36 -6.97
CA GLU C 219 94.71 32.79 -7.26
C GLU C 219 93.25 33.04 -7.58
N ARG C 220 92.65 34.05 -6.95
CA ARG C 220 91.25 34.36 -7.19
C ARG C 220 91.04 35.85 -7.41
N PRO C 221 90.03 36.23 -8.20
CA PRO C 221 89.78 37.66 -8.43
C PRO C 221 89.56 38.31 -7.06
N LYS C 222 89.99 39.56 -6.91
CA LYS C 222 89.81 40.22 -5.63
C LYS C 222 88.40 40.71 -5.39
N VAL C 223 87.87 40.37 -4.21
CA VAL C 223 86.54 40.80 -3.80
C VAL C 223 86.83 41.52 -2.50
N ARG C 224 86.36 42.77 -2.38
CA ARG C 224 86.63 43.57 -1.19
C ARG C 224 88.14 43.62 -0.99
N ASP C 225 88.85 43.64 -2.11
CA ASP C 225 90.31 43.69 -2.18
C ASP C 225 91.01 42.48 -1.58
N GLN C 226 90.33 41.34 -1.59
CA GLN C 226 90.92 40.10 -1.06
C GLN C 226 90.88 39.02 -2.12
N ALA C 227 92.02 38.38 -2.35
CA ALA C 227 92.08 37.29 -3.30
C ALA C 227 91.79 36.02 -2.49
N GLY C 228 91.93 36.14 -1.17
CA GLY C 228 91.65 35.00 -0.32
C GLY C 228 90.15 34.84 -0.19
N ARG C 229 89.73 33.76 0.46
CA ARG C 229 88.31 33.48 0.68
C ARG C 229 88.17 32.82 2.04
N MET C 230 87.00 33.00 2.62
CA MET C 230 86.70 32.43 3.92
C MET C 230 85.29 31.84 3.83
N ASN C 231 85.15 30.53 4.00
CA ASN C 231 83.82 29.91 3.95
C ASN C 231 83.34 29.82 5.39
N TYR C 232 82.04 29.98 5.58
CA TYR C 232 81.47 29.93 6.92
C TYR C 232 80.53 28.75 7.07
N TYR C 233 80.58 28.11 8.24
CA TYR C 233 79.74 26.95 8.52
C TYR C 233 79.08 27.05 9.89
N TRP C 234 78.05 26.26 10.09
CA TRP C 234 77.33 26.27 11.36
C TRP C 234 76.71 24.90 11.61
N THR C 235 76.32 24.69 12.86
CA THR C 235 75.64 23.46 13.23
C THR C 235 74.90 23.71 14.53
N LEU C 236 73.92 22.86 14.81
CA LEU C 236 73.16 22.99 16.04
C LEU C 236 73.65 21.90 16.98
N LEU C 237 74.14 22.29 18.14
CA LEU C 237 74.64 21.34 19.12
C LEU C 237 73.49 21.03 20.08
N LYS C 238 73.04 19.78 20.07
CA LYS C 238 71.95 19.36 20.95
C LYS C 238 72.33 19.52 22.42
N PRO C 239 71.34 19.66 23.31
CA PRO C 239 71.60 19.80 24.75
C PRO C 239 72.42 18.62 25.24
N GLY C 240 73.47 18.89 26.00
CA GLY C 240 74.29 17.81 26.53
C GLY C 240 75.36 17.24 25.61
N ASP C 241 75.23 17.45 24.29
CA ASP C 241 76.20 16.92 23.35
C ASP C 241 77.51 17.74 23.38
N THR C 242 78.55 17.21 22.77
CA THR C 242 79.85 17.87 22.75
C THR C 242 80.30 18.12 21.32
N ILE C 243 80.91 19.28 21.09
CA ILE C 243 81.44 19.58 19.77
C ILE C 243 82.96 19.68 19.92
N ILE C 244 83.69 19.04 19.01
CA ILE C 244 85.14 19.02 19.06
C ILE C 244 85.76 19.64 17.82
N PHE C 245 86.63 20.64 18.02
CA PHE C 245 87.33 21.28 16.92
C PHE C 245 88.78 20.79 16.95
N GLU C 246 89.28 20.37 15.80
CA GLU C 246 90.64 19.89 15.69
C GLU C 246 91.21 20.43 14.38
N ALA C 247 92.43 20.94 14.42
CA ALA C 247 93.02 21.48 13.20
C ALA C 247 94.49 21.85 13.33
N ASN C 248 95.16 21.97 12.20
CA ASN C 248 96.55 22.39 12.18
C ASN C 248 96.69 23.57 11.20
N GLY C 249 95.66 24.40 11.16
CA GLY C 249 95.69 25.58 10.30
C GLY C 249 94.33 25.92 9.70
N ASN C 250 94.23 27.13 9.15
CA ASN C 250 93.03 27.59 8.46
C ASN C 250 91.71 27.72 9.20
N LEU C 251 91.70 27.41 10.48
CA LEU C 251 90.47 27.52 11.25
C LEU C 251 90.17 28.94 11.73
N ILE C 252 88.94 29.38 11.49
CA ILE C 252 88.48 30.67 11.97
C ILE C 252 87.55 30.19 13.07
N ALA C 253 88.11 30.02 14.26
CA ALA C 253 87.40 29.48 15.41
C ALA C 253 86.23 30.24 15.98
N PRO C 254 85.29 29.52 16.60
CA PRO C 254 84.13 30.15 17.21
C PRO C 254 84.63 30.79 18.50
N MET C 255 84.07 31.95 18.84
CA MET C 255 84.43 32.60 20.08
C MET C 255 83.11 32.72 20.85
N TYR C 256 82.07 33.21 20.17
CA TYR C 256 80.76 33.31 20.79
C TYR C 256 79.79 32.38 20.08
N ALA C 257 78.86 31.83 20.83
CA ALA C 257 77.85 30.94 20.31
C ALA C 257 76.48 31.41 20.83
N PHE C 258 75.40 30.78 20.39
CA PHE C 258 74.08 31.21 20.83
C PHE C 258 73.21 30.05 21.32
N ALA C 259 72.72 30.16 22.55
CA ALA C 259 71.84 29.14 23.10
C ALA C 259 70.44 29.60 22.67
N LEU C 260 69.81 28.82 21.80
CA LEU C 260 68.50 29.15 21.24
C LEU C 260 67.25 28.73 21.99
N ARG C 261 66.26 29.62 22.00
CA ARG C 261 64.96 29.34 22.61
C ARG C 261 64.00 29.46 21.43
N ARG C 262 63.20 28.42 21.19
CA ARG C 262 62.25 28.41 20.08
C ARG C 262 60.90 29.00 20.45
N GLY C 263 60.26 29.61 19.46
CA GLY C 263 58.95 30.20 19.66
C GLY C 263 58.14 30.06 18.38
N PHE C 264 56.88 30.48 18.40
CA PHE C 264 56.01 30.38 17.22
C PHE C 264 55.58 31.75 16.74
N GLY C 265 55.27 31.85 15.45
CA GLY C 265 54.78 33.11 14.90
C GLY C 265 55.78 34.15 14.43
N SER C 266 57.08 33.87 14.54
CA SER C 266 58.09 34.84 14.10
C SER C 266 58.43 34.61 12.64
N GLY C 267 59.27 35.48 12.10
CA GLY C 267 59.67 35.36 10.71
C GLY C 267 60.53 36.55 10.32
N ILE C 268 61.11 36.49 9.14
CA ILE C 268 61.95 37.59 8.65
C ILE C 268 61.21 38.31 7.54
N ILE C 269 61.11 39.63 7.65
CA ILE C 269 60.45 40.42 6.61
C ILE C 269 61.41 41.51 6.17
N THR C 270 61.17 42.03 4.97
CA THR C 270 61.99 43.10 4.43
C THR C 270 61.08 44.31 4.34
N SER C 271 61.46 45.38 5.02
CA SER C 271 60.65 46.58 5.05
C SER C 271 61.51 47.84 5.11
N ASN C 272 60.98 48.95 4.60
CA ASN C 272 61.71 50.20 4.69
C ASN C 272 60.90 51.15 5.57
N ALA C 273 59.93 50.59 6.29
CA ALA C 273 59.10 51.38 7.20
C ALA C 273 59.89 51.53 8.50
N SER C 274 59.54 52.52 9.31
CA SER C 274 60.27 52.75 10.55
C SER C 274 59.58 52.19 11.78
N MET C 275 60.39 51.88 12.78
CA MET C 275 59.91 51.36 14.06
C MET C 275 59.40 52.54 14.89
N HIS C 276 58.22 52.35 15.48
CA HIS C 276 57.58 53.36 16.33
C HIS C 276 57.12 52.64 17.58
N GLU C 277 56.76 53.40 18.62
CA GLU C 277 56.27 52.77 19.85
C GLU C 277 54.77 52.51 19.75
N CYS C 278 54.40 51.55 18.90
CA CYS C 278 53.01 51.16 18.70
C CYS C 278 52.92 49.66 18.91
N ASN C 279 51.71 49.16 19.15
CA ASN C 279 51.52 47.74 19.35
C ASN C 279 50.45 47.25 18.39
N THR C 280 50.63 46.05 17.86
CA THR C 280 49.68 45.49 16.92
C THR C 280 49.60 43.99 17.09
N LYS C 281 48.60 43.39 16.47
CA LYS C 281 48.40 41.95 16.49
C LYS C 281 48.77 41.47 15.10
N CYS C 282 48.85 42.41 14.16
CA CYS C 282 49.18 42.08 12.78
C CYS C 282 50.12 43.08 12.11
N GLN C 283 51.27 42.59 11.66
CA GLN C 283 52.26 43.45 11.02
C GLN C 283 52.61 43.01 9.59
N THR C 284 52.70 43.98 8.68
CA THR C 284 53.08 43.71 7.29
C THR C 284 54.28 44.63 7.06
N PRO C 285 55.01 44.43 5.94
CA PRO C 285 56.17 45.26 5.62
C PRO C 285 55.83 46.72 5.35
N LEU C 286 54.55 46.98 5.09
CA LEU C 286 54.14 48.36 4.82
C LEU C 286 53.62 49.05 6.06
N GLY C 287 53.10 48.26 7.00
CA GLY C 287 52.57 48.82 8.23
C GLY C 287 51.70 47.82 8.97
N ALA C 288 51.33 48.18 10.19
CA ALA C 288 50.52 47.34 11.04
C ALA C 288 49.06 47.48 10.68
N ILE C 289 48.30 46.42 10.96
CA ILE C 289 46.87 46.39 10.67
C ILE C 289 46.09 46.10 11.94
N ASN C 290 45.01 46.85 12.14
CA ASN C 290 44.13 46.64 13.27
C ASN C 290 42.75 46.48 12.65
N SER C 291 42.34 45.23 12.42
CA SER C 291 41.06 44.98 11.77
C SER C 291 40.46 43.62 12.11
N SER C 292 39.16 43.52 11.94
CA SER C 292 38.43 42.27 12.20
C SER C 292 37.89 41.73 10.87
N LEU C 293 38.12 42.48 9.80
CA LEU C 293 37.66 42.08 8.47
C LEU C 293 38.33 40.80 8.00
N PRO C 294 37.60 39.95 7.25
CA PRO C 294 38.18 38.70 6.77
C PRO C 294 39.30 38.83 5.76
N TYR C 295 39.25 39.87 4.91
CA TYR C 295 40.29 40.03 3.90
C TYR C 295 41.05 41.36 3.95
N GLN C 296 42.20 41.38 3.29
CA GLN C 296 43.06 42.57 3.19
C GLN C 296 43.83 42.51 1.87
N ASN C 297 44.05 43.68 1.27
CA ASN C 297 44.77 43.76 0.01
C ASN C 297 46.00 44.64 0.19
N ILE C 298 46.47 44.72 1.42
CA ILE C 298 47.64 45.53 1.74
C ILE C 298 48.95 44.86 1.33
N HIS C 299 49.19 43.65 1.84
CA HIS C 299 50.43 42.95 1.52
C HIS C 299 50.32 41.45 1.83
N PRO C 300 50.96 40.60 1.01
CA PRO C 300 50.92 39.15 1.21
C PRO C 300 51.77 38.67 2.40
N VAL C 301 52.78 39.45 2.77
CA VAL C 301 53.64 39.09 3.89
C VAL C 301 52.98 39.62 5.15
N THR C 302 52.77 38.74 6.13
CA THR C 302 52.14 39.16 7.37
C THR C 302 52.70 38.40 8.57
N ILE C 303 52.81 39.10 9.70
CA ILE C 303 53.28 38.50 10.94
C ILE C 303 52.16 38.66 11.96
N GLY C 304 51.75 37.56 12.59
CA GLY C 304 50.71 37.64 13.60
C GLY C 304 49.41 36.96 13.24
N GLU C 305 48.29 37.62 13.55
CA GLU C 305 46.96 37.11 13.24
C GLU C 305 46.35 38.17 12.35
N CYS C 306 46.37 37.92 11.05
CA CYS C 306 45.90 38.88 10.08
C CYS C 306 44.76 38.43 9.17
N PRO C 307 44.19 39.37 8.40
CA PRO C 307 43.11 39.05 7.47
C PRO C 307 43.79 38.36 6.30
N LYS C 308 43.05 37.58 5.53
CA LYS C 308 43.62 36.89 4.38
C LYS C 308 43.89 37.86 3.24
N TYR C 309 45.08 37.78 2.67
CA TYR C 309 45.45 38.64 1.55
C TYR C 309 44.83 38.15 0.25
N VAL C 310 44.28 39.08 -0.51
CA VAL C 310 43.68 38.79 -1.82
C VAL C 310 44.03 39.97 -2.73
N ARG C 311 43.93 39.78 -4.03
CA ARG C 311 44.26 40.86 -4.97
C ARG C 311 43.12 41.85 -5.19
N SER C 312 41.94 41.50 -4.70
CA SER C 312 40.76 42.35 -4.85
C SER C 312 40.98 43.81 -4.46
N ALA C 313 40.34 44.71 -5.20
CA ALA C 313 40.44 46.13 -4.93
C ALA C 313 39.22 46.50 -4.11
N LYS C 314 38.18 45.67 -4.20
CA LYS C 314 36.91 45.88 -3.49
C LYS C 314 36.12 44.61 -3.19
N LEU C 315 35.62 44.51 -1.95
CA LEU C 315 34.79 43.39 -1.52
C LEU C 315 33.79 43.96 -0.52
N ARG C 316 32.57 44.20 -0.99
CA ARG C 316 31.54 44.76 -0.14
C ARG C 316 30.23 43.98 -0.27
N MET C 317 29.71 43.53 0.87
CA MET C 317 28.47 42.78 0.89
C MET C 317 27.33 43.71 1.20
N VAL C 318 26.25 43.59 0.43
CA VAL C 318 25.09 44.42 0.66
C VAL C 318 24.30 43.78 1.78
N THR C 319 23.78 44.59 2.69
CA THR C 319 22.98 44.09 3.79
C THR C 319 21.58 44.67 3.64
N GLY C 320 21.52 45.93 3.23
CA GLY C 320 20.25 46.59 3.02
C GLY C 320 19.67 46.18 1.68
N LEU C 321 18.69 46.94 1.19
CA LEU C 321 18.09 46.61 -0.09
C LEU C 321 18.42 47.63 -1.16
N ARG C 322 17.96 47.36 -2.37
CA ARG C 322 18.18 48.25 -3.48
C ARG C 322 17.66 49.63 -3.07
N ASN C 323 18.50 50.65 -3.20
CA ASN C 323 18.13 52.01 -2.80
C ASN C 323 17.44 52.78 -3.93
N ILE C 324 16.15 53.07 -3.72
CA ILE C 324 15.36 53.79 -4.71
C ILE C 324 14.60 54.95 -4.08
N PRO C 325 15.29 56.08 -3.82
CA PRO C 325 14.69 57.27 -3.23
C PRO C 325 13.52 57.79 -4.07
N ALA C 326 13.63 57.62 -5.38
CA ALA C 326 12.60 58.07 -6.31
C ALA C 326 12.30 59.56 -6.13
N ARG C 327 13.32 60.32 -5.70
CA ARG C 327 13.17 61.76 -5.48
C ARG C 327 12.63 62.49 -6.70
N GLY D 1 13.52 42.71 -9.93
CA GLY D 1 13.65 41.77 -8.84
C GLY D 1 13.05 40.41 -9.17
N LEU D 2 13.59 39.37 -8.57
CA LEU D 2 13.13 38.01 -8.80
C LEU D 2 11.68 37.80 -8.37
N PHE D 3 11.24 38.55 -7.35
CA PHE D 3 9.87 38.38 -6.87
C PHE D 3 8.88 39.46 -7.28
N GLY D 4 9.33 40.42 -8.08
CA GLY D 4 8.47 41.48 -8.58
C GLY D 4 8.00 42.62 -7.70
N ALA D 5 8.38 42.63 -6.43
CA ALA D 5 7.95 43.70 -5.53
C ALA D 5 8.83 44.95 -5.57
N ILE D 6 10.08 44.82 -5.11
CA ILE D 6 11.01 45.95 -5.08
C ILE D 6 11.35 46.40 -6.49
N ALA D 7 11.19 47.70 -6.75
CA ALA D 7 11.45 48.25 -8.07
C ALA D 7 10.57 47.49 -9.05
N GLY D 8 9.45 46.96 -8.55
CA GLY D 8 8.51 46.20 -9.37
C GLY D 8 7.12 46.82 -9.32
N PHE D 9 6.15 46.11 -8.74
CA PHE D 9 4.80 46.65 -8.65
C PHE D 9 4.75 47.67 -7.52
N ILE D 10 5.91 47.91 -6.91
CA ILE D 10 6.06 48.90 -5.86
C ILE D 10 7.27 49.70 -6.33
N GLU D 11 6.99 50.60 -7.26
CA GLU D 11 7.99 51.46 -7.91
C GLU D 11 9.23 51.88 -7.12
N GLY D 12 9.05 52.53 -5.98
CA GLY D 12 10.19 52.97 -5.22
C GLY D 12 10.12 52.76 -3.72
N GLY D 13 11.12 53.29 -3.01
CA GLY D 13 11.17 53.16 -1.57
C GLY D 13 10.81 54.42 -0.82
N TRP D 14 10.61 54.29 0.48
CA TRP D 14 10.24 55.43 1.30
C TRP D 14 11.38 55.94 2.16
N THR D 15 11.90 57.12 1.82
CA THR D 15 12.97 57.70 2.62
C THR D 15 12.31 58.20 3.89
N GLY D 16 10.98 58.10 3.92
CA GLY D 16 10.22 58.55 5.08
C GLY D 16 10.13 57.50 6.18
N MET D 17 10.33 56.25 5.81
CA MET D 17 10.28 55.16 6.79
C MET D 17 11.70 54.87 7.25
N ILE D 18 11.98 55.16 8.52
CA ILE D 18 13.31 54.97 9.08
C ILE D 18 13.39 53.96 10.22
N ASP D 19 12.30 53.24 10.48
CA ASP D 19 12.28 52.26 11.56
C ASP D 19 12.57 50.83 11.10
N GLY D 20 12.79 50.65 9.81
CA GLY D 20 13.06 49.31 9.30
C GLY D 20 13.20 49.24 7.79
N TRP D 21 13.23 48.03 7.27
CA TRP D 21 13.37 47.80 5.84
C TRP D 21 12.03 47.67 5.14
N TYR D 22 11.09 47.01 5.80
CA TYR D 22 9.76 46.81 5.24
C TYR D 22 8.72 47.40 6.18
N GLY D 23 7.74 48.09 5.62
CA GLY D 23 6.73 48.67 6.48
C GLY D 23 5.46 49.12 5.81
N TYR D 24 4.73 50.01 6.49
CA TYR D 24 3.48 50.52 5.96
C TYR D 24 3.35 52.02 6.13
N HIS D 25 2.66 52.67 5.21
CA HIS D 25 2.38 54.09 5.35
C HIS D 25 0.88 54.09 5.60
N HIS D 26 0.39 54.96 6.46
CA HIS D 26 -1.04 54.95 6.70
C HIS D 26 -1.67 56.26 6.27
N GLN D 27 -2.95 56.18 5.91
CA GLN D 27 -3.68 57.37 5.51
C GLN D 27 -5.05 57.32 6.15
N ASN D 28 -5.22 58.15 7.18
CA ASN D 28 -6.47 58.24 7.94
C ASN D 28 -6.88 59.69 7.98
N GLU D 29 -8.12 59.93 8.35
CA GLU D 29 -8.60 61.27 8.44
C GLU D 29 -8.31 61.67 9.88
N GLN D 30 -7.31 60.98 10.41
CA GLN D 30 -6.76 61.19 11.75
C GLN D 30 -5.33 61.65 11.49
N GLY D 31 -4.82 61.26 10.33
CA GLY D 31 -3.46 61.63 9.94
C GLY D 31 -2.75 60.62 9.08
N SER D 32 -1.58 61.02 8.60
CA SER D 32 -0.75 60.14 7.76
C SER D 32 0.56 59.83 8.48
N GLY D 33 1.42 59.02 7.86
CA GLY D 33 2.69 58.68 8.50
C GLY D 33 3.17 57.28 8.17
N TYR D 34 4.40 56.96 8.57
CA TYR D 34 4.96 55.64 8.29
C TYR D 34 5.13 54.80 9.55
N ALA D 35 5.24 53.49 9.34
CA ALA D 35 5.42 52.54 10.44
C ALA D 35 6.12 51.28 9.92
N ALA D 36 7.26 50.95 10.51
CA ALA D 36 8.02 49.77 10.09
C ALA D 36 7.43 48.48 10.64
N ASP D 37 7.53 47.42 9.86
CA ASP D 37 7.01 46.12 10.29
C ASP D 37 8.13 45.37 11.00
N GLN D 38 8.19 45.54 12.32
CA GLN D 38 9.22 44.91 13.16
C GLN D 38 9.41 43.42 12.87
N LYS D 39 8.32 42.68 12.85
CA LYS D 39 8.36 41.25 12.58
C LYS D 39 9.28 40.95 11.39
N SER D 40 8.88 41.43 10.22
CA SER D 40 9.63 41.23 8.98
C SER D 40 11.06 41.76 9.02
N THR D 41 11.19 43.04 9.31
CA THR D 41 12.49 43.69 9.36
C THR D 41 13.49 42.93 10.24
N GLN D 42 13.05 42.52 11.43
CA GLN D 42 13.93 41.80 12.34
C GLN D 42 14.40 40.46 11.77
N ASN D 43 13.46 39.66 11.30
CA ASN D 43 13.78 38.36 10.72
C ASN D 43 14.76 38.48 9.57
N ALA D 44 14.65 39.56 8.81
CA ALA D 44 15.54 39.80 7.68
C ALA D 44 16.90 40.19 8.24
N ILE D 45 16.88 40.90 9.37
CA ILE D 45 18.12 41.32 10.01
C ILE D 45 18.85 40.10 10.56
N ASN D 46 18.12 39.16 11.15
CA ASN D 46 18.75 37.97 11.68
C ASN D 46 19.39 37.16 10.55
N GLY D 47 18.68 37.08 9.43
CA GLY D 47 19.18 36.33 8.29
C GLY D 47 20.44 36.90 7.68
N ILE D 48 20.42 38.20 7.37
CA ILE D 48 21.55 38.87 6.78
C ILE D 48 22.73 38.91 7.74
N THR D 49 22.45 39.07 9.02
CA THR D 49 23.51 39.10 10.03
C THR D 49 24.22 37.75 10.10
N ASN D 50 23.45 36.67 10.05
CA ASN D 50 24.03 35.34 10.10
C ASN D 50 24.81 35.07 8.81
N LYS D 51 24.33 35.62 7.69
CA LYS D 51 25.01 35.42 6.42
C LYS D 51 26.40 36.05 6.46
N VAL D 52 26.45 37.34 6.79
CA VAL D 52 27.71 38.05 6.86
C VAL D 52 28.66 37.40 7.85
N ASN D 53 28.13 36.95 8.99
CA ASN D 53 28.96 36.30 9.99
C ASN D 53 29.50 34.98 9.48
N SER D 54 28.71 34.28 8.67
CA SER D 54 29.16 33.01 8.12
C SER D 54 30.31 33.25 7.14
N VAL D 55 30.18 34.28 6.31
CA VAL D 55 31.21 34.61 5.34
C VAL D 55 32.51 34.95 6.06
N ILE D 56 32.37 35.69 7.15
CA ILE D 56 33.53 36.10 7.93
C ILE D 56 34.15 34.90 8.66
N GLU D 57 33.30 34.09 9.27
CA GLU D 57 33.76 32.93 10.03
C GLU D 57 34.47 31.87 9.21
N LYS D 58 34.04 31.67 7.96
CA LYS D 58 34.65 30.67 7.10
C LYS D 58 36.09 31.04 6.71
N MET D 59 36.43 32.32 6.81
CA MET D 59 37.77 32.82 6.49
C MET D 59 38.63 32.97 7.74
N ASN D 60 38.73 31.93 8.53
CA ASN D 60 39.54 31.96 9.75
C ASN D 60 40.91 32.62 9.54
N ILE D 61 41.32 33.41 10.53
CA ILE D 61 42.58 34.17 10.52
C ILE D 61 43.81 33.61 9.81
N GLN D 62 44.52 34.48 9.10
CA GLN D 62 45.75 34.11 8.39
C GLN D 62 46.92 34.33 9.34
N PHE D 63 47.60 33.27 9.73
CA PHE D 63 48.74 33.40 10.62
C PHE D 63 50.01 33.71 9.84
N THR D 64 51.09 33.98 10.56
CA THR D 64 52.37 34.33 9.96
C THR D 64 52.70 33.61 8.64
N ALA D 65 52.90 34.42 7.61
CA ALA D 65 53.26 33.93 6.27
C ALA D 65 54.28 34.92 5.73
N VAL D 66 55.49 34.44 5.48
CA VAL D 66 56.53 35.32 4.96
C VAL D 66 57.25 34.71 3.76
N GLY D 67 58.18 35.47 3.18
CA GLY D 67 58.92 34.98 2.04
C GLY D 67 60.01 34.02 2.44
N LYS D 68 60.59 33.35 1.45
CA LYS D 68 61.68 32.40 1.68
C LYS D 68 62.83 32.77 0.75
N GLU D 69 64.05 32.42 1.16
CA GLU D 69 65.22 32.70 0.35
C GLU D 69 65.77 31.40 -0.25
N PHE D 70 66.39 31.51 -1.42
CA PHE D 70 66.94 30.35 -2.11
C PHE D 70 68.26 30.74 -2.74
N ASN D 71 69.27 29.86 -2.64
CA ASN D 71 70.55 30.21 -3.25
C ASN D 71 70.42 30.16 -4.78
N LYS D 72 71.48 30.56 -5.47
CA LYS D 72 71.50 30.60 -6.92
C LYS D 72 71.34 29.25 -7.59
N LEU D 73 71.54 28.18 -6.83
CA LEU D 73 71.38 26.85 -7.40
C LEU D 73 70.07 26.21 -6.97
N GLU D 74 69.13 27.04 -6.52
CA GLU D 74 67.82 26.54 -6.09
C GLU D 74 66.68 27.21 -6.83
N LYS D 75 66.92 27.53 -8.10
CA LYS D 75 65.93 28.19 -8.93
C LYS D 75 64.63 27.39 -9.05
N ARG D 76 64.74 26.09 -9.24
CA ARG D 76 63.55 25.24 -9.36
C ARG D 76 62.72 25.27 -8.08
N MET D 77 63.39 25.19 -6.93
CA MET D 77 62.68 25.22 -5.65
C MET D 77 62.05 26.60 -5.48
N GLU D 78 62.74 27.63 -5.96
CA GLU D 78 62.24 28.99 -5.86
C GLU D 78 60.99 29.17 -6.72
N ASN D 79 61.01 28.62 -7.93
CA ASN D 79 59.85 28.72 -8.80
C ASN D 79 58.71 27.89 -8.26
N LEU D 80 59.01 26.76 -7.62
CA LEU D 80 57.96 25.91 -7.07
C LEU D 80 57.24 26.72 -5.98
N ASN D 81 58.02 27.34 -5.10
CA ASN D 81 57.46 28.14 -4.01
C ASN D 81 56.60 29.27 -4.60
N ASN D 82 57.08 29.84 -5.70
CA ASN D 82 56.37 30.92 -6.37
C ASN D 82 55.02 30.44 -6.90
N LYS D 83 55.04 29.26 -7.51
CA LYS D 83 53.81 28.67 -8.06
C LYS D 83 52.79 28.41 -6.95
N VAL D 84 53.26 27.88 -5.83
CA VAL D 84 52.40 27.59 -4.70
C VAL D 84 51.74 28.87 -4.19
N ASP D 85 52.54 29.90 -3.93
CA ASP D 85 51.99 31.16 -3.44
C ASP D 85 51.03 31.82 -4.43
N ASP D 86 51.39 31.82 -5.71
CA ASP D 86 50.51 32.43 -6.70
C ASP D 86 49.23 31.63 -6.83
N GLY D 87 49.37 30.30 -6.86
CA GLY D 87 48.21 29.44 -7.00
C GLY D 87 47.19 29.63 -5.90
N PHE D 88 47.64 29.65 -4.64
CA PHE D 88 46.72 29.84 -3.54
C PHE D 88 46.13 31.25 -3.59
N LEU D 89 46.96 32.23 -3.96
CA LEU D 89 46.47 33.61 -4.04
C LEU D 89 45.36 33.74 -5.09
N ASP D 90 45.53 33.10 -6.23
CA ASP D 90 44.51 33.15 -7.29
C ASP D 90 43.20 32.52 -6.82
N ILE D 91 43.30 31.40 -6.12
CA ILE D 91 42.12 30.71 -5.65
C ILE D 91 41.33 31.47 -4.61
N TRP D 92 42.02 32.11 -3.68
CA TRP D 92 41.34 32.87 -2.64
C TRP D 92 40.75 34.18 -3.17
N THR D 93 41.44 34.80 -4.14
CA THR D 93 40.95 36.05 -4.72
C THR D 93 39.67 35.68 -5.46
N TYR D 94 39.74 34.61 -6.23
CA TYR D 94 38.59 34.12 -6.99
C TYR D 94 37.45 33.79 -6.03
N ASN D 95 37.72 32.94 -5.03
CA ASN D 95 36.69 32.55 -4.06
C ASN D 95 36.02 33.75 -3.39
N ALA D 96 36.84 34.67 -2.89
CA ALA D 96 36.33 35.85 -2.21
C ALA D 96 35.42 36.68 -3.11
N GLU D 97 35.92 37.04 -4.29
CA GLU D 97 35.13 37.85 -5.23
C GLU D 97 33.85 37.15 -5.69
N LEU D 98 33.95 35.88 -6.04
CA LEU D 98 32.77 35.14 -6.48
C LEU D 98 31.74 35.05 -5.37
N LEU D 99 32.17 34.66 -4.18
CA LEU D 99 31.26 34.52 -3.05
C LEU D 99 30.48 35.81 -2.78
N VAL D 100 31.15 36.95 -2.86
CA VAL D 100 30.48 38.21 -2.60
C VAL D 100 29.47 38.57 -3.70
N LEU D 101 29.85 38.37 -4.96
CA LEU D 101 28.97 38.67 -6.09
C LEU D 101 27.70 37.84 -6.01
N LEU D 102 27.87 36.53 -5.81
CA LEU D 102 26.74 35.62 -5.73
C LEU D 102 25.83 35.86 -4.54
N GLU D 103 26.41 36.16 -3.37
CA GLU D 103 25.58 36.39 -2.20
C GLU D 103 24.87 37.75 -2.23
N ASN D 104 25.48 38.73 -2.91
CA ASN D 104 24.86 40.04 -3.01
C ASN D 104 23.57 39.90 -3.83
N GLU D 105 23.61 39.08 -4.87
CA GLU D 105 22.44 38.87 -5.71
C GLU D 105 21.35 38.22 -4.85
N ARG D 106 21.74 37.16 -4.14
CA ARG D 106 20.82 36.44 -3.27
C ARG D 106 20.23 37.34 -2.20
N THR D 107 21.03 38.26 -1.70
CA THR D 107 20.56 39.15 -0.67
C THR D 107 19.49 40.08 -1.21
N LEU D 108 19.72 40.67 -2.37
CA LEU D 108 18.73 41.56 -2.94
C LEU D 108 17.42 40.81 -3.19
N ASP D 109 17.52 39.59 -3.70
CA ASP D 109 16.31 38.81 -3.95
C ASP D 109 15.64 38.55 -2.61
N PHE D 110 16.45 38.32 -1.59
CA PHE D 110 15.90 38.05 -0.27
C PHE D 110 14.94 39.15 0.15
N HIS D 111 15.40 40.39 0.03
CA HIS D 111 14.58 41.52 0.39
C HIS D 111 13.32 41.58 -0.47
N ASP D 112 13.50 41.44 -1.78
CA ASP D 112 12.39 41.46 -2.72
C ASP D 112 11.33 40.48 -2.24
N SER D 113 11.76 39.26 -1.98
CA SER D 113 10.89 38.21 -1.50
C SER D 113 10.18 38.64 -0.23
N ASN D 114 10.91 39.25 0.69
CA ASN D 114 10.33 39.70 1.96
C ASN D 114 9.23 40.73 1.75
N VAL D 115 9.40 41.60 0.77
CA VAL D 115 8.40 42.63 0.51
C VAL D 115 7.18 41.99 -0.15
N LYS D 116 7.41 41.01 -1.03
CA LYS D 116 6.34 40.31 -1.71
C LYS D 116 5.45 39.58 -0.72
N ASN D 117 6.05 38.77 0.14
CA ASN D 117 5.29 38.00 1.12
C ASN D 117 4.55 38.87 2.14
N LEU D 118 5.15 39.99 2.53
CA LEU D 118 4.50 40.87 3.48
C LEU D 118 3.27 41.47 2.81
N TYR D 119 3.40 41.77 1.52
CA TYR D 119 2.30 42.33 0.75
C TYR D 119 1.18 41.31 0.65
N GLU D 120 1.52 40.10 0.21
CA GLU D 120 0.54 39.04 0.08
C GLU D 120 -0.10 38.74 1.43
N LYS D 121 0.65 39.01 2.51
CA LYS D 121 0.14 38.78 3.84
C LYS D 121 -1.04 39.71 4.09
N VAL D 122 -0.83 41.00 3.83
CA VAL D 122 -1.86 42.01 4.02
C VAL D 122 -3.03 41.81 3.06
N LYS D 123 -2.71 41.55 1.79
CA LYS D 123 -3.74 41.33 0.77
C LYS D 123 -4.72 40.26 1.24
N SER D 124 -4.20 39.14 1.73
CA SER D 124 -5.04 38.05 2.20
C SER D 124 -5.86 38.40 3.44
N GLN D 125 -5.52 39.51 4.09
CA GLN D 125 -6.27 39.95 5.27
C GLN D 125 -7.37 40.90 4.85
N LEU D 126 -7.02 41.86 4.01
CA LEU D 126 -7.97 42.83 3.51
C LEU D 126 -8.75 42.19 2.37
N LYS D 127 -8.77 40.86 2.36
CA LYS D 127 -9.48 40.06 1.35
C LYS D 127 -10.49 40.89 0.58
N ASN D 128 -11.67 41.03 1.17
CA ASN D 128 -12.74 41.80 0.56
C ASN D 128 -13.25 42.85 1.53
N ASN D 129 -12.38 43.81 1.83
CA ASN D 129 -12.71 44.90 2.74
C ASN D 129 -12.08 46.15 2.17
N ALA D 130 -11.48 45.98 1.00
CA ALA D 130 -10.81 47.07 0.28
C ALA D 130 -10.41 46.54 -1.08
N LYS D 131 -9.83 47.39 -1.91
CA LYS D 131 -9.37 46.96 -3.23
C LYS D 131 -7.89 47.30 -3.39
N GLU D 132 -7.23 46.66 -4.35
CA GLU D 132 -5.83 46.93 -4.62
C GLU D 132 -5.77 48.10 -5.59
N ILE D 133 -5.05 49.16 -5.20
CA ILE D 133 -4.96 50.33 -6.07
C ILE D 133 -3.55 50.54 -6.60
N GLY D 134 -2.90 51.61 -6.16
CA GLY D 134 -1.56 51.95 -6.60
C GLY D 134 -0.47 50.93 -6.35
N ASN D 135 -0.86 49.66 -6.27
CA ASN D 135 0.08 48.58 -6.02
C ASN D 135 0.93 48.85 -4.79
N GLY D 136 0.68 48.04 -3.76
CA GLY D 136 1.37 48.20 -2.50
C GLY D 136 0.36 48.85 -1.58
N CYS D 137 -0.62 49.52 -2.18
CA CYS D 137 -1.65 50.21 -1.42
C CYS D 137 -3.03 49.56 -1.50
N PHE D 138 -3.85 49.82 -0.49
CA PHE D 138 -5.21 49.28 -0.42
C PHE D 138 -6.15 50.39 0.07
N GLU D 139 -7.27 50.56 -0.63
CA GLU D 139 -8.26 51.56 -0.22
C GLU D 139 -9.39 50.86 0.50
N PHE D 140 -9.52 51.11 1.78
CA PHE D 140 -10.58 50.48 2.56
C PHE D 140 -11.97 50.85 2.06
N TYR D 141 -12.92 49.95 2.28
CA TYR D 141 -14.31 50.16 1.87
C TYR D 141 -15.04 50.86 3.01
N HIS D 142 -14.86 50.35 4.21
CA HIS D 142 -15.53 50.86 5.41
C HIS D 142 -14.86 52.01 6.13
N LYS D 143 -13.67 52.42 5.69
CA LYS D 143 -12.97 53.52 6.36
C LYS D 143 -12.64 53.06 7.78
N CYS D 144 -11.36 52.98 8.12
CA CYS D 144 -11.00 52.51 9.44
C CYS D 144 -9.92 53.32 10.16
N ASP D 145 -10.18 53.60 11.44
CA ASP D 145 -9.33 54.38 12.35
C ASP D 145 -7.82 54.13 12.34
N ASN D 146 -7.21 54.39 13.48
CA ASN D 146 -5.77 54.20 13.70
C ASN D 146 -5.56 52.84 14.36
N GLU D 147 -6.45 52.51 15.29
CA GLU D 147 -6.35 51.24 15.99
C GLU D 147 -6.48 50.11 14.98
N CYS D 148 -7.46 50.22 14.10
CA CYS D 148 -7.69 49.22 13.07
C CYS D 148 -6.53 49.11 12.08
N MET D 149 -5.84 50.23 11.84
CA MET D 149 -4.69 50.21 10.95
C MET D 149 -3.63 49.35 11.61
N GLU D 150 -3.61 49.39 12.93
CA GLU D 150 -2.66 48.62 13.71
C GLU D 150 -3.05 47.14 13.66
N SER D 151 -4.34 46.87 13.63
CA SER D 151 -4.81 45.49 13.58
C SER D 151 -4.33 44.85 12.29
N VAL D 152 -4.09 45.69 11.28
CA VAL D 152 -3.60 45.19 10.00
C VAL D 152 -2.11 44.92 10.14
N ARG D 153 -1.42 45.81 10.83
CA ARG D 153 0.02 45.67 11.03
C ARG D 153 0.37 44.42 11.85
N ASN D 154 -0.27 44.25 12.99
CA ASN D 154 0.03 43.10 13.84
C ASN D 154 -0.62 41.80 13.38
N GLY D 155 -0.92 41.71 12.09
CA GLY D 155 -1.51 40.52 11.52
C GLY D 155 -2.88 40.06 11.96
N THR D 156 -3.64 40.92 12.62
CA THR D 156 -4.99 40.55 13.05
C THR D 156 -6.00 40.97 11.99
N TYR D 157 -6.99 41.77 12.36
CA TYR D 157 -8.00 42.22 11.41
C TYR D 157 -8.66 40.99 10.78
N ASP D 158 -9.61 40.40 11.49
CA ASP D 158 -10.28 39.20 10.99
C ASP D 158 -11.69 39.51 10.50
N TYR D 159 -11.77 40.18 9.34
CA TYR D 159 -13.04 40.55 8.72
C TYR D 159 -13.12 39.90 7.34
N PRO D 160 -14.28 39.33 6.99
CA PRO D 160 -14.45 38.70 5.67
C PRO D 160 -14.07 39.64 4.52
N ASP E 5 -11.13 38.52 -28.98
CA ASP E 5 -9.92 39.35 -28.71
C ASP E 5 -9.20 38.84 -27.47
N THR E 6 -8.08 38.15 -27.70
CA THR E 6 -7.30 37.58 -26.61
C THR E 6 -5.81 37.85 -26.73
N ILE E 7 -5.21 38.30 -25.63
CA ILE E 7 -3.78 38.58 -25.60
C ILE E 7 -3.15 37.56 -24.67
N CYS E 8 -2.10 36.89 -25.14
CA CYS E 8 -1.42 35.87 -24.34
C CYS E 8 0.01 36.28 -24.00
N ILE E 9 0.49 35.81 -22.85
CA ILE E 9 1.86 36.08 -22.43
C ILE E 9 2.60 34.74 -22.56
N GLY E 10 3.69 34.76 -23.33
CA GLY E 10 4.46 33.53 -23.52
C GLY E 10 5.96 33.74 -23.59
N TYR E 11 6.68 32.68 -23.94
CA TYR E 11 8.13 32.74 -24.04
C TYR E 11 8.69 32.04 -25.28
N HIS E 12 9.87 32.49 -25.70
CA HIS E 12 10.57 31.98 -26.86
C HIS E 12 10.80 30.47 -26.85
N ALA E 13 11.00 29.92 -28.05
CA ALA E 13 11.25 28.50 -28.25
C ALA E 13 11.88 28.37 -29.64
N ASN E 14 12.58 27.27 -29.89
CA ASN E 14 13.21 27.05 -31.19
C ASN E 14 13.63 25.61 -31.44
N ASN E 15 14.43 25.41 -32.46
CA ASN E 15 14.89 24.06 -32.83
C ASN E 15 16.24 23.66 -32.26
N SER E 16 16.77 24.49 -31.37
CA SER E 16 18.06 24.22 -30.74
C SER E 16 18.04 22.93 -29.94
N THR E 17 19.14 22.18 -30.00
CA THR E 17 19.24 20.93 -29.26
C THR E 17 20.37 21.01 -28.22
N ASP E 18 20.83 22.23 -27.93
CA ASP E 18 21.87 22.45 -26.95
C ASP E 18 21.39 21.93 -25.60
N THR E 19 22.31 21.34 -24.85
CA THR E 19 21.95 20.83 -23.54
C THR E 19 22.97 21.28 -22.50
N VAL E 20 22.51 21.50 -21.29
CA VAL E 20 23.38 21.91 -20.19
C VAL E 20 22.94 21.22 -18.93
N ASP E 21 23.83 21.14 -17.96
CA ASP E 21 23.52 20.50 -16.70
C ASP E 21 23.21 21.52 -15.63
N THR E 22 22.32 21.14 -14.72
CA THR E 22 21.94 22.00 -13.62
C THR E 22 22.11 21.14 -12.37
N VAL E 23 21.84 21.72 -11.20
CA VAL E 23 21.98 20.98 -9.95
C VAL E 23 20.87 19.94 -9.77
N LEU E 24 19.68 20.29 -10.22
CA LEU E 24 18.52 19.41 -10.09
C LEU E 24 18.27 18.50 -11.29
N GLU E 25 18.78 18.88 -12.46
CA GLU E 25 18.55 18.09 -13.65
C GLU E 25 19.69 18.15 -14.67
N LYS E 26 20.01 17.00 -15.25
CA LYS E 26 21.07 16.93 -16.25
C LYS E 26 20.44 16.94 -17.64
N ASN E 27 21.25 17.26 -18.65
CA ASN E 27 20.80 17.30 -20.04
C ASN E 27 19.49 18.06 -20.28
N VAL E 28 19.47 19.33 -19.91
CA VAL E 28 18.30 20.17 -20.12
C VAL E 28 18.47 20.91 -21.45
N THR E 29 17.60 20.62 -22.40
CA THR E 29 17.66 21.27 -23.72
C THR E 29 17.28 22.74 -23.56
N VAL E 30 18.09 23.63 -24.12
CA VAL E 30 17.85 25.07 -24.01
C VAL E 30 17.92 25.78 -25.36
N THR E 31 17.30 26.95 -25.43
CA THR E 31 17.25 27.75 -26.66
C THR E 31 18.59 28.37 -27.07
N HIS E 32 19.29 28.95 -26.10
CA HIS E 32 20.59 29.58 -26.36
C HIS E 32 21.57 29.27 -25.24
N SER E 33 22.83 29.08 -25.59
CA SER E 33 23.85 28.76 -24.60
C SER E 33 25.23 29.09 -25.15
N VAL E 34 26.20 29.21 -24.24
CA VAL E 34 27.57 29.53 -24.64
C VAL E 34 28.54 28.50 -24.09
N ASN E 35 29.50 28.11 -24.93
CA ASN E 35 30.52 27.14 -24.51
C ASN E 35 31.66 27.91 -23.86
N LEU E 36 32.13 27.43 -22.72
CA LEU E 36 33.23 28.10 -22.04
C LEU E 36 34.48 27.26 -22.04
N LEU E 37 34.41 26.08 -22.66
CA LEU E 37 35.53 25.16 -22.68
C LEU E 37 36.15 24.93 -24.05
N GLU E 38 37.37 25.44 -24.25
CA GLU E 38 38.07 25.28 -25.52
C GLU E 38 38.65 23.88 -25.66
N ASP E 39 38.24 23.17 -26.71
CA ASP E 39 38.73 21.81 -26.94
C ASP E 39 39.38 21.64 -28.31
N SER E 40 39.58 22.74 -29.02
CA SER E 40 40.19 22.68 -30.35
C SER E 40 41.57 23.31 -30.39
N HIS E 41 42.51 22.63 -31.02
CA HIS E 41 43.85 23.16 -31.16
C HIS E 41 44.36 23.01 -32.59
N ASN E 42 45.38 23.79 -32.92
CA ASN E 42 45.99 23.81 -34.24
C ASN E 42 46.15 22.42 -34.82
N GLY E 43 47.30 20.31 -33.78
CA GLY E 43 48.66 19.94 -34.13
C GLY E 43 49.45 21.20 -34.37
N LYS E 44 50.65 21.06 -34.92
CA LYS E 44 51.48 22.23 -35.20
C LYS E 44 52.03 23.05 -34.04
N LEU E 45 53.34 23.29 -34.12
CA LEU E 45 54.05 24.12 -33.16
C LEU E 45 54.10 25.42 -33.95
N CYS E 46 53.82 26.54 -33.30
CA CYS E 46 53.84 27.80 -34.01
C CYS E 46 54.79 28.81 -33.44
N ARG E 47 54.90 29.93 -34.15
CA ARG E 47 55.71 31.03 -33.69
C ARG E 47 54.87 31.59 -32.58
N LEU E 48 55.52 32.20 -31.60
CA LEU E 48 54.80 32.82 -30.49
C LEU E 48 55.03 34.30 -30.71
N LYS E 49 53.98 34.99 -31.11
CA LYS E 49 54.08 36.41 -31.38
C LYS E 49 55.22 36.70 -32.37
N GLY E 50 55.25 35.93 -33.45
CA GLY E 50 56.27 36.11 -34.48
C GLY E 50 57.63 35.47 -34.28
N ILE E 51 57.95 35.03 -33.07
CA ILE E 51 59.24 34.42 -32.81
C ILE E 51 59.18 32.89 -32.78
N ALA E 52 60.06 32.26 -33.54
CA ALA E 52 60.10 30.81 -33.62
C ALA E 52 60.76 30.16 -32.41
N PRO E 53 60.29 28.97 -32.03
CA PRO E 53 60.87 28.28 -30.89
C PRO E 53 62.19 27.62 -31.31
N LEU E 54 62.94 27.13 -30.35
CA LEU E 54 64.18 26.45 -30.65
C LEU E 54 63.81 24.97 -30.64
N GLN E 55 64.04 24.29 -31.77
CA GLN E 55 63.73 22.87 -31.84
C GLN E 55 65.02 22.09 -31.68
N LEU E 56 65.16 21.44 -30.53
CA LEU E 56 66.35 20.67 -30.26
C LEU E 56 66.35 19.35 -31.05
N GLY E 57 65.15 18.92 -31.44
CA GLY E 57 65.02 17.68 -32.21
C GLY E 57 65.59 16.45 -31.54
N LYS E 58 66.61 15.87 -32.17
CA LYS E 58 67.26 14.66 -31.67
C LYS E 58 68.19 14.97 -30.50
N CYS E 59 68.41 16.25 -30.21
CA CYS E 59 69.29 16.67 -29.13
C CYS E 59 68.53 17.19 -27.91
N ASN E 60 69.20 17.22 -26.76
CA ASN E 60 68.59 17.76 -25.56
C ASN E 60 69.43 18.96 -25.12
N ILE E 61 68.99 19.65 -24.08
CA ILE E 61 69.70 20.83 -23.58
C ILE E 61 71.22 20.57 -23.46
N ALA E 62 71.60 19.45 -22.86
CA ALA E 62 73.01 19.11 -22.68
C ALA E 62 73.79 19.02 -24.00
N GLY E 63 73.26 18.27 -24.96
CA GLY E 63 73.96 18.13 -26.23
C GLY E 63 74.09 19.48 -26.93
N TRP E 64 73.07 20.31 -26.77
CA TRP E 64 73.04 21.64 -27.37
C TRP E 64 74.10 22.53 -26.75
N LEU E 65 74.06 22.68 -25.43
CA LEU E 65 75.01 23.55 -24.73
C LEU E 65 76.47 23.08 -24.76
N LEU E 66 76.71 21.78 -24.75
CA LEU E 66 78.09 21.28 -24.78
C LEU E 66 78.62 21.27 -26.21
N GLY E 67 77.71 21.21 -27.17
CA GLY E 67 78.13 21.19 -28.55
C GLY E 67 78.41 19.79 -29.06
N ASN E 68 77.52 18.86 -28.72
CA ASN E 68 77.63 17.48 -29.18
C ASN E 68 77.65 17.60 -30.72
N PRO E 69 78.62 16.95 -31.38
CA PRO E 69 78.75 16.99 -32.84
C PRO E 69 77.46 16.75 -33.62
N GLU E 70 76.53 15.99 -33.05
CA GLU E 70 75.28 15.74 -33.76
C GLU E 70 74.21 16.82 -33.56
N CYS E 71 74.58 17.95 -32.97
CA CYS E 71 73.65 19.05 -32.76
C CYS E 71 74.13 20.32 -33.49
N ASP E 72 75.10 20.16 -34.39
CA ASP E 72 75.64 21.31 -35.13
C ASP E 72 74.61 22.26 -35.75
N PRO E 73 73.51 21.73 -36.32
CA PRO E 73 72.48 22.58 -36.93
C PRO E 73 71.92 23.61 -35.97
N LEU E 74 72.21 23.44 -34.68
CA LEU E 74 71.73 24.35 -33.65
C LEU E 74 72.74 25.44 -33.33
N LEU E 75 73.98 25.21 -33.72
CA LEU E 75 75.06 26.18 -33.45
C LEU E 75 74.76 27.64 -33.80
N PRO E 76 74.09 27.90 -34.93
CA PRO E 76 73.77 29.27 -35.32
C PRO E 76 72.54 29.95 -34.67
N VAL E 77 71.60 29.17 -34.17
CA VAL E 77 70.41 29.75 -33.56
C VAL E 77 70.77 30.66 -32.38
N ARG E 78 70.23 31.88 -32.39
CA ARG E 78 70.52 32.84 -31.33
C ARG E 78 69.36 33.29 -30.46
N SER E 79 68.13 33.17 -30.97
CA SER E 79 66.97 33.59 -30.19
C SER E 79 65.79 32.65 -30.44
N TRP E 80 64.86 32.63 -29.50
CA TRP E 80 63.71 31.74 -29.61
C TRP E 80 62.63 32.19 -28.64
N SER E 81 61.41 31.73 -28.84
CA SER E 81 60.30 32.10 -27.97
C SER E 81 60.06 31.03 -26.91
N TYR E 82 60.47 29.80 -27.22
CA TYR E 82 60.36 28.69 -26.28
C TYR E 82 61.22 27.54 -26.81
N ILE E 83 61.52 26.58 -25.95
CA ILE E 83 62.37 25.46 -26.32
C ILE E 83 61.56 24.18 -26.42
N VAL E 84 61.83 23.42 -27.47
CA VAL E 84 61.10 22.19 -27.71
C VAL E 84 62.02 20.99 -27.82
N GLU E 85 61.75 20.00 -26.97
CA GLU E 85 62.48 18.74 -26.98
C GLU E 85 61.47 17.72 -27.49
N THR E 86 61.97 16.61 -28.04
CA THR E 86 61.08 15.59 -28.56
C THR E 86 61.29 14.30 -27.80
N PRO E 87 60.38 13.34 -27.95
CA PRO E 87 60.55 12.07 -27.25
C PRO E 87 61.85 11.42 -27.74
N ASN E 88 62.35 11.86 -28.89
CA ASN E 88 63.56 11.32 -29.49
C ASN E 88 64.81 12.18 -29.23
N SER E 89 64.76 13.02 -28.19
CA SER E 89 65.92 13.86 -27.86
C SER E 89 66.88 13.03 -27.01
N GLU E 90 67.64 12.17 -27.67
CA GLU E 90 68.59 11.28 -27.00
C GLU E 90 70.03 11.79 -27.00
N ASN E 91 70.40 12.54 -28.04
CA ASN E 91 71.76 13.07 -28.15
C ASN E 91 72.07 14.18 -27.16
N GLY E 92 72.65 13.80 -26.03
CA GLY E 92 73.01 14.78 -25.02
C GLY E 92 74.48 14.64 -24.83
N ILE E 93 74.88 14.23 -23.64
CA ILE E 93 76.28 14.00 -23.35
C ILE E 93 76.70 12.84 -24.26
N CYS E 94 77.91 12.89 -24.81
CA CYS E 94 78.37 11.78 -25.66
C CYS E 94 79.50 11.00 -25.00
N TYR E 95 80.22 11.64 -24.09
CA TYR E 95 81.27 10.96 -23.34
C TYR E 95 80.63 10.73 -21.98
N PRO E 96 80.58 9.46 -21.52
CA PRO E 96 79.97 9.11 -20.24
C PRO E 96 80.44 9.92 -19.04
N GLY E 97 79.48 10.29 -18.20
CA GLY E 97 79.81 11.07 -17.02
C GLY E 97 78.60 11.70 -16.37
N ASP E 98 78.85 12.57 -15.41
CA ASP E 98 77.79 13.23 -14.67
C ASP E 98 77.73 14.72 -15.06
N PHE E 99 76.53 15.25 -15.23
CA PHE E 99 76.37 16.67 -15.56
C PHE E 99 75.84 17.32 -14.28
N ILE E 100 76.74 17.89 -13.50
CA ILE E 100 76.37 18.50 -12.23
C ILE E 100 75.36 19.64 -12.35
N ASP E 101 74.30 19.55 -11.55
CA ASP E 101 73.24 20.56 -11.53
C ASP E 101 72.65 20.78 -12.90
N TYR E 102 72.42 19.70 -13.63
CA TYR E 102 71.86 19.77 -14.96
C TYR E 102 70.45 20.34 -14.96
N GLU E 103 69.62 19.89 -14.01
CA GLU E 103 68.25 20.36 -13.94
C GLU E 103 68.18 21.88 -13.75
N GLU E 104 69.04 22.40 -12.88
CA GLU E 104 69.10 23.84 -12.63
C GLU E 104 69.54 24.57 -13.91
N LEU E 105 70.50 23.99 -14.64
CA LEU E 105 70.95 24.60 -15.87
C LEU E 105 69.77 24.71 -16.84
N ARG E 106 68.91 23.71 -16.86
CA ARG E 106 67.74 23.73 -17.75
C ARG E 106 66.78 24.84 -17.35
N GLU E 107 66.60 24.99 -16.04
CA GLU E 107 65.73 26.02 -15.50
C GLU E 107 66.28 27.39 -15.89
N GLN E 108 67.61 27.55 -15.84
CA GLN E 108 68.24 28.81 -16.22
C GLN E 108 67.92 29.14 -17.68
N LEU E 109 68.10 28.18 -18.58
CA LEU E 109 67.81 28.43 -19.98
C LEU E 109 66.34 28.72 -20.22
N SER E 110 65.50 28.33 -19.28
CA SER E 110 64.07 28.56 -19.42
C SER E 110 63.67 30.03 -19.42
N SER E 111 64.53 30.90 -18.92
CA SER E 111 64.24 32.33 -18.88
C SER E 111 65.20 33.09 -19.79
N VAL E 112 65.84 32.36 -20.70
CA VAL E 112 66.76 32.98 -21.63
C VAL E 112 66.03 33.18 -22.95
N SER E 113 66.02 34.42 -23.44
CA SER E 113 65.34 34.74 -24.70
C SER E 113 66.32 34.69 -25.86
N SER E 114 67.61 34.84 -25.57
CA SER E 114 68.62 34.78 -26.62
C SER E 114 70.01 34.88 -26.03
N PHE E 115 71.01 34.49 -26.80
CA PHE E 115 72.39 34.58 -26.36
C PHE E 115 73.34 34.64 -27.54
N GLU E 116 74.59 34.98 -27.27
CA GLU E 116 75.59 34.99 -28.31
C GLU E 116 76.66 33.96 -27.93
N ARG E 117 76.94 33.04 -28.84
CA ARG E 117 77.96 32.01 -28.65
C ARG E 117 79.27 32.62 -29.10
N PHE E 118 80.23 32.76 -28.18
CA PHE E 118 81.51 33.36 -28.53
C PHE E 118 82.70 32.58 -27.98
N GLU E 119 83.88 32.81 -28.56
CA GLU E 119 85.10 32.14 -28.13
C GLU E 119 85.69 32.76 -26.87
N ILE E 120 85.45 32.14 -25.72
CA ILE E 120 85.99 32.63 -24.47
C ILE E 120 87.49 32.34 -24.46
N PHE E 121 87.86 31.18 -24.98
CA PHE E 121 89.26 30.76 -25.06
C PHE E 121 89.56 30.20 -26.45
N PRO E 122 89.96 31.07 -27.40
CA PRO E 122 90.28 30.64 -28.76
C PRO E 122 91.22 29.43 -28.80
N LYS E 123 90.87 28.44 -29.61
CA LYS E 123 91.67 27.23 -29.75
C LYS E 123 93.14 27.56 -30.03
N GLU E 124 93.37 28.47 -30.96
CA GLU E 124 94.73 28.88 -31.31
C GLU E 124 95.10 30.17 -30.58
N SER E 125 95.98 30.05 -29.58
CA SER E 125 96.48 31.18 -28.77
C SER E 125 96.25 31.05 -27.28
N SER E 126 95.26 30.26 -26.87
CA SER E 126 95.00 30.10 -25.44
C SER E 126 95.83 29.03 -24.76
N TRP E 127 96.09 27.93 -25.47
CA TRP E 127 96.84 26.82 -24.91
C TRP E 127 98.13 26.55 -25.69
N PRO E 128 99.13 27.43 -25.55
CA PRO E 128 100.42 27.34 -26.23
C PRO E 128 101.24 26.08 -25.88
N ASN E 129 101.23 25.71 -24.60
CA ASN E 129 102.01 24.56 -24.14
C ASN E 129 101.23 23.26 -23.93
N HIS E 130 100.11 23.10 -24.62
CA HIS E 130 99.30 21.90 -24.48
C HIS E 130 98.73 21.46 -25.82
N ASN E 131 98.43 20.17 -25.95
CA ASN E 131 97.82 19.67 -27.16
C ASN E 131 96.33 19.92 -27.02
N THR E 132 95.64 20.09 -28.14
CA THR E 132 94.21 20.37 -28.11
C THR E 132 93.43 19.54 -29.11
N ASN E 133 94.11 18.64 -29.80
CA ASN E 133 93.44 17.80 -30.79
C ASN E 133 92.74 16.59 -30.18
N GLY E 134 92.81 16.46 -28.86
CA GLY E 134 92.15 15.35 -28.20
C GLY E 134 90.78 15.11 -28.81
N VAL E 135 90.52 13.87 -29.20
CA VAL E 135 89.26 13.52 -29.84
C VAL E 135 88.80 12.16 -29.29
N THR E 136 87.52 11.80 -29.49
CA THR E 136 87.01 10.52 -29.00
C THR E 136 85.98 9.90 -29.92
N ALA E 137 85.92 8.57 -29.93
CA ALA E 137 84.96 7.85 -30.77
C ALA E 137 83.58 7.85 -30.14
N ALA E 138 83.51 8.29 -28.89
CA ALA E 138 82.24 8.37 -28.17
C ALA E 138 81.48 9.60 -28.66
N CYS E 139 82.22 10.57 -29.19
CA CYS E 139 81.63 11.81 -29.71
C CYS E 139 82.04 11.87 -31.18
N SER E 140 81.56 10.92 -31.96
CA SER E 140 81.92 10.86 -33.36
C SER E 140 80.99 11.67 -34.25
N HIS E 141 81.47 11.99 -35.45
CA HIS E 141 80.72 12.74 -36.44
C HIS E 141 81.21 12.29 -37.80
N GLU E 142 80.28 11.90 -38.66
CA GLU E 142 80.65 11.42 -39.99
C GLU E 142 81.55 10.20 -39.88
N GLY E 143 81.24 9.33 -38.92
CA GLY E 143 82.03 8.12 -38.73
C GLY E 143 83.47 8.31 -38.32
N LYS E 144 83.81 9.49 -37.81
CA LYS E 144 85.17 9.77 -37.38
C LYS E 144 85.16 10.33 -35.96
N SER E 145 86.16 9.96 -35.17
CA SER E 145 86.26 10.45 -33.80
C SER E 145 86.32 11.97 -33.78
N SER E 146 85.42 12.59 -33.01
CA SER E 146 85.40 14.03 -32.91
C SER E 146 85.29 14.46 -31.45
N PHE E 147 84.77 15.66 -31.20
CA PHE E 147 84.62 16.15 -29.84
C PHE E 147 83.62 17.30 -29.79
N TYR E 148 83.21 17.65 -28.56
CA TYR E 148 82.27 18.74 -28.31
C TYR E 148 82.74 20.00 -29.02
N ARG E 149 81.80 20.73 -29.62
CA ARG E 149 82.14 21.95 -30.33
C ARG E 149 82.51 23.11 -29.42
N ASN E 150 82.00 23.10 -28.20
CA ASN E 150 82.25 24.21 -27.29
C ASN E 150 83.30 23.95 -26.21
N LEU E 151 83.91 22.76 -26.24
CA LEU E 151 84.93 22.40 -25.27
C LEU E 151 86.17 21.90 -26.00
N LEU E 152 87.29 21.87 -25.28
CA LEU E 152 88.56 21.39 -25.82
C LEU E 152 89.25 20.43 -24.86
N TRP E 153 89.68 19.28 -25.39
CA TRP E 153 90.36 18.28 -24.58
C TRP E 153 91.85 18.65 -24.57
N LEU E 154 92.35 19.07 -23.42
CA LEU E 154 93.76 19.43 -23.29
C LEU E 154 94.58 18.23 -22.84
N THR E 155 95.68 17.95 -23.53
CA THR E 155 96.53 16.83 -23.15
C THR E 155 98.00 17.22 -23.16
N GLU E 156 98.83 16.28 -22.72
CA GLU E 156 100.28 16.46 -22.64
C GLU E 156 100.87 16.87 -23.99
N LYS E 157 101.94 17.65 -23.94
CA LYS E 157 102.62 18.09 -25.15
C LYS E 157 104.12 17.84 -25.01
N GLU E 158 104.65 16.95 -25.84
CA GLU E 158 106.07 16.61 -25.81
C GLU E 158 106.44 16.07 -24.44
N GLY E 159 105.65 15.11 -23.97
CA GLY E 159 105.90 14.50 -22.67
C GLY E 159 105.80 15.44 -21.48
N SER E 160 105.08 16.53 -21.66
CA SER E 160 104.94 17.50 -20.57
C SER E 160 103.58 18.22 -20.55
N TYR E 161 103.04 18.40 -19.35
CA TYR E 161 101.75 19.09 -19.17
C TYR E 161 102.01 20.19 -18.15
N PRO E 162 102.46 21.36 -18.63
CA PRO E 162 102.75 22.50 -17.75
C PRO E 162 101.50 22.98 -17.03
N LYS E 163 101.67 23.39 -15.77
CA LYS E 163 100.55 23.88 -15.00
C LYS E 163 100.03 25.10 -15.75
N LEU E 164 98.76 25.06 -16.12
CA LEU E 164 98.18 26.17 -16.86
C LEU E 164 97.32 27.06 -15.99
N LYS E 165 97.13 28.29 -16.44
CA LYS E 165 96.29 29.25 -15.73
C LYS E 165 95.78 30.27 -16.75
N ASN E 166 94.48 30.23 -17.02
CA ASN E 166 93.89 31.13 -17.97
C ASN E 166 92.74 31.92 -17.37
N SER E 167 92.62 33.18 -17.78
CA SER E 167 91.59 34.06 -17.29
C SER E 167 90.77 34.61 -18.42
N TYR E 168 89.59 35.11 -18.06
CA TYR E 168 88.69 35.72 -19.01
C TYR E 168 87.84 36.72 -18.24
N VAL E 169 87.95 37.99 -18.61
CA VAL E 169 87.17 39.02 -17.95
C VAL E 169 85.89 39.22 -18.76
N ASN E 170 84.76 39.16 -18.08
CA ASN E 170 83.48 39.31 -18.75
C ASN E 170 83.17 40.77 -19.06
N LYS E 171 83.28 41.14 -20.33
CA LYS E 171 83.01 42.51 -20.74
C LYS E 171 81.85 42.54 -21.73
N LYS E 172 80.98 41.53 -21.65
CA LYS E 172 79.83 41.42 -22.53
C LYS E 172 78.63 42.24 -22.05
N GLY E 173 78.68 42.68 -20.79
CA GLY E 173 77.57 43.45 -20.25
C GLY E 173 76.39 42.54 -19.94
N LYS E 174 76.65 41.25 -19.82
CA LYS E 174 75.61 40.25 -19.53
C LYS E 174 76.22 39.03 -18.86
N GLU E 175 75.38 38.21 -18.26
CA GLU E 175 75.85 36.98 -17.63
C GLU E 175 76.42 36.08 -18.72
N VAL E 176 77.57 35.48 -18.45
CA VAL E 176 78.15 34.56 -19.41
C VAL E 176 78.11 33.16 -18.84
N LEU E 177 77.44 32.27 -19.56
CA LEU E 177 77.36 30.88 -19.15
C LEU E 177 78.64 30.21 -19.62
N VAL E 178 79.39 29.65 -18.67
CA VAL E 178 80.63 28.95 -18.98
C VAL E 178 80.49 27.50 -18.59
N LEU E 179 80.90 26.61 -19.49
CA LEU E 179 80.83 25.18 -19.21
C LEU E 179 82.21 24.57 -19.39
N TRP E 180 82.47 23.49 -18.68
CA TRP E 180 83.76 22.83 -18.78
C TRP E 180 83.63 21.41 -18.24
N GLY E 181 84.69 20.62 -18.36
CA GLY E 181 84.63 19.26 -17.88
C GLY E 181 85.91 18.81 -17.20
N ILE E 182 85.79 17.69 -16.49
CA ILE E 182 86.92 17.10 -15.78
C ILE E 182 86.97 15.66 -16.25
N HIS E 183 88.09 15.25 -16.84
CA HIS E 183 88.20 13.88 -17.32
C HIS E 183 88.79 12.94 -16.26
N HIS E 184 88.20 11.76 -16.14
CA HIS E 184 88.64 10.77 -15.16
C HIS E 184 89.10 9.47 -15.85
N PRO E 185 90.42 9.28 -15.96
CA PRO E 185 90.97 8.07 -16.58
C PRO E 185 90.59 6.84 -15.75
N PRO E 186 90.48 5.66 -16.39
CA PRO E 186 90.13 4.46 -15.64
C PRO E 186 91.32 3.86 -14.87
N ASN E 187 92.53 4.30 -15.20
CA ASN E 187 93.72 3.79 -14.51
C ASN E 187 94.89 4.77 -14.54
N SER E 188 95.82 4.57 -13.62
CA SER E 188 97.00 5.43 -13.49
C SER E 188 97.84 5.58 -14.75
N LYS E 189 97.99 4.52 -15.53
CA LYS E 189 98.78 4.60 -16.76
C LYS E 189 98.23 5.67 -17.69
N GLU E 190 96.92 5.66 -17.88
CA GLU E 190 96.27 6.63 -18.74
C GLU E 190 96.49 8.03 -18.18
N GLN E 191 96.29 8.19 -16.88
CA GLN E 191 96.48 9.48 -16.23
C GLN E 191 97.87 10.03 -16.56
N GLN E 192 98.88 9.20 -16.37
CA GLN E 192 100.27 9.58 -16.65
C GLN E 192 100.46 9.89 -18.13
N ASN E 193 99.95 9.03 -18.98
CA ASN E 193 100.10 9.20 -20.41
C ASN E 193 99.44 10.46 -20.98
N LEU E 194 98.23 10.77 -20.52
CA LEU E 194 97.51 11.94 -21.00
C LEU E 194 97.89 13.24 -20.32
N TYR E 195 98.21 13.18 -19.03
CA TYR E 195 98.50 14.39 -18.29
C TYR E 195 99.82 14.46 -17.54
N GLN E 196 100.71 13.49 -17.78
CA GLN E 196 102.01 13.47 -17.13
C GLN E 196 101.96 13.34 -15.60
N ASN E 197 101.26 14.26 -14.94
CA ASN E 197 101.16 14.26 -13.48
C ASN E 197 100.13 13.27 -12.95
N GLU E 198 100.54 12.49 -11.95
CA GLU E 198 99.67 11.49 -11.35
C GLU E 198 98.70 12.09 -10.34
N ASN E 199 99.11 13.18 -9.71
CA ASN E 199 98.27 13.85 -8.73
C ASN E 199 97.92 15.25 -9.20
N ALA E 200 97.11 15.31 -10.25
CA ALA E 200 96.68 16.55 -10.86
C ALA E 200 95.44 17.13 -10.20
N TYR E 201 95.08 18.33 -10.59
CA TYR E 201 93.89 18.99 -10.06
C TYR E 201 93.46 20.12 -10.98
N VAL E 202 92.20 20.49 -10.87
CA VAL E 202 91.65 21.58 -11.66
C VAL E 202 91.00 22.56 -10.71
N SER E 203 91.22 23.85 -10.96
CA SER E 203 90.64 24.89 -10.13
C SER E 203 89.90 25.89 -11.00
N VAL E 204 88.68 26.23 -10.62
CA VAL E 204 87.88 27.18 -11.36
C VAL E 204 87.31 28.13 -10.33
N VAL E 205 87.57 29.44 -10.51
CA VAL E 205 87.10 30.43 -9.55
C VAL E 205 86.66 31.73 -10.21
N THR E 206 85.72 32.41 -9.56
CA THR E 206 85.22 33.71 -10.00
C THR E 206 85.04 34.49 -8.71
N SER E 207 84.34 35.62 -8.76
CA SER E 207 84.12 36.38 -7.54
C SER E 207 83.14 35.67 -6.63
N ASN E 208 82.29 34.82 -7.19
CA ASN E 208 81.30 34.12 -6.39
C ASN E 208 81.20 32.61 -6.63
N TYR E 209 82.23 32.03 -7.25
CA TYR E 209 82.25 30.59 -7.50
C TYR E 209 83.65 30.13 -7.09
N ASN E 210 83.73 28.98 -6.43
CA ASN E 210 85.01 28.48 -5.95
C ASN E 210 84.99 26.97 -5.84
N ARG E 211 85.53 26.28 -6.84
CA ARG E 211 85.53 24.83 -6.78
C ARG E 211 86.83 24.20 -7.24
N ARG E 212 87.19 23.09 -6.60
CA ARG E 212 88.42 22.38 -6.94
C ARG E 212 88.05 20.95 -7.35
N PHE E 213 88.72 20.43 -8.36
CA PHE E 213 88.41 19.09 -8.83
C PHE E 213 89.63 18.18 -8.83
N THR E 214 89.44 16.96 -8.34
CA THR E 214 90.50 15.97 -8.27
C THR E 214 90.11 14.73 -9.08
N PRO E 215 91.06 14.20 -9.87
CA PRO E 215 90.75 13.01 -10.67
C PRO E 215 90.52 11.84 -9.72
N GLU E 216 89.49 11.04 -9.99
CA GLU E 216 89.20 9.88 -9.18
C GLU E 216 89.33 8.72 -10.15
N ILE E 217 90.48 8.06 -10.06
CA ILE E 217 90.81 6.97 -10.96
C ILE E 217 90.44 5.60 -10.45
N ALA E 218 89.74 4.85 -11.30
CA ALA E 218 89.29 3.50 -10.98
C ALA E 218 88.69 2.88 -12.22
N GLU E 219 88.67 1.55 -12.28
CA GLU E 219 88.11 0.85 -13.42
C GLU E 219 86.60 0.92 -13.29
N ARG E 220 85.91 1.10 -14.42
CA ARG E 220 84.47 1.21 -14.41
C ARG E 220 83.83 0.48 -15.60
N PRO E 221 82.52 0.18 -15.49
CA PRO E 221 81.83 -0.51 -16.58
C PRO E 221 81.89 0.44 -17.77
N LYS E 222 82.09 -0.10 -18.97
CA LYS E 222 82.16 0.75 -20.16
C LYS E 222 80.79 1.28 -20.57
N VAL E 223 80.72 2.57 -20.87
CA VAL E 223 79.48 3.21 -21.32
C VAL E 223 79.86 3.87 -22.63
N ARG E 224 79.13 3.56 -23.70
CA ARG E 224 79.44 4.08 -25.02
C ARG E 224 80.90 3.73 -25.28
N ASP E 225 81.23 2.50 -24.87
CA ASP E 225 82.55 1.91 -25.00
C ASP E 225 83.66 2.69 -24.32
N GLN E 226 83.35 3.31 -23.19
CA GLN E 226 84.35 4.07 -22.45
C GLN E 226 84.32 3.71 -20.97
N ALA E 227 85.48 3.38 -20.42
CA ALA E 227 85.60 3.04 -19.01
C ALA E 227 85.89 4.37 -18.32
N GLY E 228 86.40 5.32 -19.10
CA GLY E 228 86.69 6.63 -18.58
C GLY E 228 85.40 7.38 -18.32
N ARG E 229 85.50 8.50 -17.62
CA ARG E 229 84.35 9.33 -17.32
C ARG E 229 84.70 10.80 -17.46
N MET E 230 83.69 11.60 -17.73
CA MET E 230 83.87 13.02 -17.88
C MET E 230 82.71 13.69 -17.16
N ASN E 231 83.02 14.50 -16.15
CA ASN E 231 81.98 15.21 -15.43
C ASN E 231 81.91 16.61 -15.96
N TYR E 232 80.70 17.12 -16.10
CA TYR E 232 80.50 18.45 -16.65
C TYR E 232 79.97 19.43 -15.61
N TYR E 233 80.54 20.63 -15.61
CA TYR E 233 80.15 21.68 -14.68
C TYR E 233 79.92 23.00 -15.43
N TRP E 234 79.28 23.95 -14.74
CA TRP E 234 78.99 25.25 -15.34
C TRP E 234 78.78 26.32 -14.27
N THR E 235 78.88 27.58 -14.69
CA THR E 235 78.62 28.73 -13.83
C THR E 235 78.16 29.90 -14.67
N LEU E 236 77.62 30.89 -13.97
CA LEU E 236 77.19 32.12 -14.61
C LEU E 236 78.20 33.17 -14.14
N LEU E 237 78.99 33.68 -15.09
CA LEU E 237 79.97 34.71 -14.79
C LEU E 237 79.29 36.06 -14.89
N LYS E 238 79.18 36.77 -13.77
CA LYS E 238 78.53 38.08 -13.73
C LYS E 238 79.26 39.11 -14.58
N PRO E 239 78.53 40.14 -15.04
CA PRO E 239 79.11 41.21 -15.87
C PRO E 239 80.30 41.84 -15.15
N GLY E 240 81.41 41.97 -15.87
CA GLY E 240 82.60 42.57 -15.29
C GLY E 240 83.47 41.64 -14.42
N ASP E 241 82.95 40.47 -14.06
CA ASP E 241 83.73 39.56 -13.21
C ASP E 241 84.74 38.76 -14.03
N THR E 242 85.64 38.07 -13.34
CA THR E 242 86.67 37.27 -13.97
C THR E 242 86.60 35.81 -13.55
N ILE E 243 86.84 34.90 -14.49
CA ILE E 243 86.87 33.49 -14.17
C ILE E 243 88.30 33.00 -14.41
N ILE E 244 88.82 32.22 -13.48
CA ILE E 244 90.18 31.73 -13.62
C ILE E 244 90.22 30.21 -13.62
N PHE E 245 90.81 29.65 -14.66
CA PHE E 245 90.97 28.21 -14.76
C PHE E 245 92.45 27.94 -14.48
N GLU E 246 92.70 26.97 -13.61
CA GLU E 246 94.06 26.60 -13.26
C GLU E 246 94.07 25.08 -13.17
N ALA E 247 95.03 24.46 -13.84
CA ALA E 247 95.10 23.00 -13.82
C ALA E 247 96.44 22.45 -14.29
N ASN E 248 96.71 21.21 -13.89
CA ASN E 248 97.92 20.53 -14.33
C ASN E 248 97.51 19.17 -14.86
N GLY E 249 96.30 19.13 -15.43
CA GLY E 249 95.77 17.92 -16.02
C GLY E 249 94.26 17.74 -15.89
N ASN E 250 93.73 16.81 -16.68
CA ASN E 250 92.32 16.46 -16.61
C ASN E 250 91.27 17.50 -16.96
N LEU E 251 91.70 18.72 -17.27
CA LEU E 251 90.76 19.77 -17.63
C LEU E 251 90.23 19.69 -19.06
N ILE E 252 88.91 19.69 -19.19
CA ILE E 252 88.29 19.70 -20.51
C ILE E 252 87.86 21.17 -20.57
N ALA E 253 88.75 22.00 -21.09
CA ALA E 253 88.55 23.45 -21.16
C ALA E 253 87.41 24.01 -22.00
N PRO E 254 86.89 25.18 -21.59
CA PRO E 254 85.81 25.86 -22.29
C PRO E 254 86.44 26.47 -23.54
N MET E 255 85.74 26.42 -24.67
CA MET E 255 86.27 27.05 -25.87
C MET E 255 85.25 28.12 -26.24
N TYR E 256 83.98 27.77 -26.17
CA TYR E 256 82.91 28.72 -26.45
C TYR E 256 82.02 28.87 -25.23
N ALA E 257 81.59 30.09 -24.95
CA ALA E 257 80.71 30.38 -23.84
C ALA E 257 79.48 31.12 -24.39
N PHE E 258 78.51 31.42 -23.53
CA PHE E 258 77.30 32.10 -23.99
C PHE E 258 76.95 33.35 -23.20
N ALA E 259 76.82 34.48 -23.90
CA ALA E 259 76.42 35.73 -23.26
C ALA E 259 74.89 35.65 -23.31
N LEU E 260 74.26 35.62 -22.14
CA LEU E 260 72.82 35.47 -22.01
C LEU E 260 71.96 36.73 -21.88
N ARG E 261 70.79 36.70 -22.51
CA ARG E 261 69.84 37.80 -22.41
C ARG E 261 68.59 37.17 -21.82
N ARG E 262 68.02 37.80 -20.80
CA ARG E 262 66.83 37.26 -20.15
C ARG E 262 65.52 37.80 -20.71
N GLY E 263 64.50 36.95 -20.68
CA GLY E 263 63.18 37.33 -21.15
C GLY E 263 62.11 36.73 -20.24
N PHE E 264 60.86 36.84 -20.65
CA PHE E 264 59.76 36.30 -19.86
C PHE E 264 58.82 35.45 -20.71
N GLY E 265 58.12 34.52 -20.07
CA GLY E 265 57.17 33.67 -20.77
C GLY E 265 57.72 32.45 -21.47
N SER E 266 59.03 32.30 -21.55
CA SER E 266 59.57 31.13 -22.21
C SER E 266 59.52 29.91 -21.29
N GLY E 267 59.94 28.77 -21.83
CA GLY E 267 59.94 27.54 -21.08
C GLY E 267 60.33 26.41 -21.99
N ILE E 268 60.51 25.21 -21.42
CA ILE E 268 60.88 24.05 -22.20
C ILE E 268 59.72 23.08 -22.24
N ILE E 269 59.36 22.63 -23.44
CA ILE E 269 58.28 21.67 -23.58
C ILE E 269 58.75 20.46 -24.39
N THR E 270 58.04 19.36 -24.23
CA THR E 270 58.37 18.14 -24.96
C THR E 270 57.18 17.92 -25.87
N SER E 271 57.46 17.72 -27.16
CA SER E 271 56.40 17.54 -28.12
C SER E 271 56.85 16.76 -29.34
N ASN E 272 55.92 16.05 -29.96
CA ASN E 272 56.24 15.30 -31.16
C ASN E 272 55.54 15.99 -32.35
N ALA E 273 54.87 17.10 -32.08
CA ALA E 273 54.17 17.84 -33.12
C ALA E 273 55.19 18.53 -34.01
N SER E 274 54.77 18.96 -35.19
CA SER E 274 55.68 19.62 -36.13
C SER E 274 55.60 21.13 -36.14
N MET E 275 56.72 21.76 -36.47
CA MET E 275 56.81 23.22 -36.56
C MET E 275 56.32 23.64 -37.96
N HIS E 276 55.40 24.61 -37.98
CA HIS E 276 54.85 25.12 -39.26
C HIS E 276 54.94 26.64 -39.19
N GLU E 277 54.66 27.30 -40.32
CA GLU E 277 54.71 28.75 -40.35
C GLU E 277 53.39 29.37 -39.92
N CYS E 278 53.04 29.17 -38.66
CA CYS E 278 51.81 29.70 -38.07
C CYS E 278 52.25 30.57 -36.91
N ASN E 279 51.35 31.43 -36.46
CA ASN E 279 51.64 32.33 -35.35
C ASN E 279 50.55 32.17 -34.32
N THR E 280 50.90 32.20 -33.03
CA THR E 280 49.92 32.05 -31.96
C THR E 280 50.31 32.85 -30.73
N LYS E 281 49.38 32.95 -29.79
CA LYS E 281 49.62 33.64 -28.54
C LYS E 281 49.63 32.55 -27.46
N CYS E 282 49.16 31.37 -27.83
CA CYS E 282 49.09 30.24 -26.91
C CYS E 282 49.47 28.90 -27.54
N GLN E 283 50.55 28.32 -27.03
CA GLN E 283 51.05 27.05 -27.54
C GLN E 283 51.07 25.93 -26.49
N THR E 284 50.69 24.72 -26.90
CA THR E 284 50.74 23.56 -26.01
C THR E 284 51.57 22.53 -26.76
N PRO E 285 51.94 21.43 -26.10
CA PRO E 285 52.74 20.40 -26.78
C PRO E 285 51.98 19.66 -27.89
N LEU E 286 50.65 19.77 -27.89
CA LEU E 286 49.82 19.11 -28.91
C LEU E 286 49.49 20.00 -30.09
N GLY E 287 49.51 21.31 -29.86
CA GLY E 287 49.18 22.24 -30.93
C GLY E 287 48.84 23.62 -30.38
N ALA E 288 48.77 24.61 -31.26
CA ALA E 288 48.48 25.98 -30.85
C ALA E 288 46.99 26.20 -30.62
N ILE E 289 46.67 27.20 -29.79
CA ILE E 289 45.30 27.54 -29.46
C ILE E 289 45.00 29.01 -29.77
N ASN E 290 43.85 29.28 -30.36
CA ASN E 290 43.42 30.64 -30.67
C ASN E 290 42.02 30.70 -30.10
N SER E 291 41.89 31.28 -28.91
CA SER E 291 40.60 31.31 -28.25
C SER E 291 40.49 32.38 -27.17
N SER E 292 39.26 32.73 -26.85
CA SER E 292 38.98 33.72 -25.82
C SER E 292 38.27 33.08 -24.64
N LEU E 293 37.94 31.80 -24.77
CA LEU E 293 37.24 31.06 -23.72
C LEU E 293 38.11 30.97 -22.46
N PRO E 294 37.48 30.98 -21.28
CA PRO E 294 38.19 30.90 -20.00
C PRO E 294 38.88 29.58 -19.69
N TYR E 295 38.37 28.47 -20.22
CA TYR E 295 38.98 27.18 -19.93
C TYR E 295 39.36 26.40 -21.18
N GLN E 296 40.11 25.32 -20.96
CA GLN E 296 40.56 24.44 -22.03
C GLN E 296 40.88 23.09 -21.41
N ASN E 297 40.69 22.03 -22.18
CA ASN E 297 40.96 20.69 -21.70
C ASN E 297 41.92 20.00 -22.65
N ILE E 298 42.72 20.79 -23.35
CA ILE E 298 43.67 20.26 -24.31
C ILE E 298 44.97 19.74 -23.68
N HIS E 299 45.59 20.55 -22.82
CA HIS E 299 46.84 20.14 -22.21
C HIS E 299 47.25 21.08 -21.06
N PRO E 300 47.78 20.52 -19.96
CA PRO E 300 48.20 21.36 -18.83
C PRO E 300 49.45 22.19 -19.11
N VAL E 301 50.25 21.81 -20.10
CA VAL E 301 51.47 22.56 -20.43
C VAL E 301 51.15 23.64 -21.46
N THR E 302 51.41 24.89 -21.10
CA THR E 302 51.11 26.01 -21.99
C THR E 302 52.19 27.09 -22.01
N ILE E 303 52.36 27.70 -23.18
CA ILE E 303 53.32 28.79 -23.36
C ILE E 303 52.52 30.00 -23.84
N GLY E 304 52.67 31.13 -23.18
CA GLY E 304 51.97 32.33 -23.61
C GLY E 304 50.76 32.72 -22.77
N GLU E 305 49.71 33.15 -23.45
CA GLU E 305 48.48 33.57 -22.79
C GLU E 305 47.41 32.58 -23.22
N CYS E 306 47.03 31.72 -22.29
CA CYS E 306 46.07 30.66 -22.57
C CYS E 306 44.93 30.53 -21.59
N PRO E 307 43.92 29.72 -21.95
CA PRO E 307 42.78 29.50 -21.06
C PRO E 307 43.30 28.57 -19.95
N LYS E 308 42.57 28.50 -18.84
CA LYS E 308 42.98 27.64 -17.73
C LYS E 308 42.68 26.17 -18.03
N TYR E 309 43.68 25.31 -17.86
CA TYR E 309 43.49 23.89 -18.09
C TYR E 309 42.61 23.27 -17.01
N VAL E 310 41.69 22.43 -17.45
CA VAL E 310 40.75 21.75 -16.58
C VAL E 310 40.51 20.35 -17.16
N ARG E 311 40.19 19.37 -16.32
CA ARG E 311 39.95 18.01 -16.79
C ARG E 311 38.54 17.84 -17.37
N SER E 312 37.70 18.84 -17.20
CA SER E 312 36.33 18.78 -17.67
C SER E 312 36.17 18.41 -19.14
N ALA E 313 35.13 17.64 -19.41
CA ALA E 313 34.83 17.23 -20.78
C ALA E 313 33.87 18.26 -21.37
N LYS E 314 33.06 18.87 -20.51
CA LYS E 314 32.09 19.85 -20.95
C LYS E 314 31.79 20.94 -19.93
N LEU E 315 31.73 22.18 -20.40
CA LEU E 315 31.40 23.34 -19.58
C LEU E 315 30.61 24.29 -20.47
N ARG E 316 29.29 24.20 -20.39
CA ARG E 316 28.42 25.03 -21.21
C ARG E 316 27.45 25.80 -20.32
N MET E 317 27.41 27.11 -20.52
CA MET E 317 26.55 27.99 -19.74
C MET E 317 25.30 28.35 -20.48
N VAL E 318 24.14 28.04 -19.91
CA VAL E 318 22.88 28.36 -20.55
C VAL E 318 22.60 29.85 -20.45
N THR E 319 22.18 30.43 -21.58
CA THR E 319 21.84 31.85 -21.63
C THR E 319 20.34 31.98 -21.89
N GLY E 320 19.86 31.16 -22.82
CA GLY E 320 18.44 31.18 -23.14
C GLY E 320 17.64 30.50 -22.05
N LEU E 321 16.55 29.85 -22.43
CA LEU E 321 15.73 29.17 -21.44
C LEU E 321 15.39 27.75 -21.85
N ARG E 322 14.67 27.08 -20.97
CA ARG E 322 14.26 25.71 -21.24
C ARG E 322 13.53 25.79 -22.58
N ASN E 323 13.90 24.93 -23.51
CA ASN E 323 13.31 24.93 -24.85
C ASN E 323 12.17 23.94 -24.99
N ILE E 324 10.94 24.45 -25.04
CA ILE E 324 9.75 23.62 -25.17
C ILE E 324 8.99 23.96 -26.45
N PRO E 325 9.44 23.42 -27.59
CA PRO E 325 8.82 23.66 -28.91
C PRO E 325 7.32 23.36 -28.91
N ALA E 326 6.90 22.50 -28.01
CA ALA E 326 5.50 22.12 -27.89
C ALA E 326 4.98 21.53 -29.20
N ARG E 327 5.86 20.84 -29.92
CA ARG E 327 5.49 20.21 -31.18
C ARG E 327 4.44 19.12 -30.98
N GLY F 1 9.53 24.38 -12.83
CA GLY F 1 10.02 25.74 -12.66
C GLY F 1 9.87 26.25 -11.25
N LEU F 2 10.82 27.09 -10.82
CA LEU F 2 10.79 27.63 -9.47
C LEU F 2 9.66 28.66 -9.28
N PHE F 3 9.33 29.39 -10.34
CA PHE F 3 8.27 30.40 -10.24
C PHE F 3 6.94 30.00 -10.89
N GLY F 4 6.85 28.74 -11.31
CA GLY F 4 5.62 28.22 -11.92
C GLY F 4 5.24 28.61 -13.34
N ALA F 5 5.88 29.62 -13.90
CA ALA F 5 5.54 30.06 -15.25
C ALA F 5 5.98 29.10 -16.35
N ILE F 6 7.25 29.17 -16.74
CA ILE F 6 7.78 28.32 -17.80
C ILE F 6 7.58 26.84 -17.47
N ALA F 7 7.18 26.07 -18.46
CA ALA F 7 6.95 24.65 -18.25
C ALA F 7 5.98 24.46 -17.08
N GLY F 8 5.26 25.53 -16.76
CA GLY F 8 4.31 25.49 -15.66
C GLY F 8 2.90 25.82 -16.15
N PHE F 9 2.29 26.86 -15.60
CA PHE F 9 0.95 27.22 -16.02
C PHE F 9 0.98 27.74 -17.46
N ILE F 10 2.14 27.62 -18.10
CA ILE F 10 2.30 28.00 -19.49
C ILE F 10 3.13 26.87 -20.08
N GLU F 11 2.44 25.74 -20.26
CA GLU F 11 3.00 24.50 -20.78
C GLU F 11 4.19 24.54 -21.73
N GLY F 12 4.14 25.39 -22.75
CA GLY F 12 5.24 25.43 -23.70
C GLY F 12 5.60 26.79 -24.25
N GLY F 13 6.61 26.82 -25.12
CA GLY F 13 7.03 28.08 -25.71
C GLY F 13 6.49 28.31 -27.12
N TRP F 14 6.77 29.50 -27.65
CA TRP F 14 6.30 29.85 -28.98
C TRP F 14 7.42 29.89 -30.00
N THR F 15 7.47 28.88 -30.86
CA THR F 15 8.49 28.85 -31.91
C THR F 15 8.21 30.02 -32.84
N GLY F 16 7.01 30.58 -32.72
CA GLY F 16 6.61 31.71 -33.54
C GLY F 16 7.26 33.03 -33.17
N MET F 17 7.76 33.13 -31.94
CA MET F 17 8.43 34.36 -31.51
C MET F 17 9.89 34.35 -31.95
N ILE F 18 10.35 35.49 -32.45
CA ILE F 18 11.73 35.59 -32.91
C ILE F 18 12.27 36.99 -32.65
N ASP F 19 11.65 37.71 -31.72
CA ASP F 19 12.09 39.06 -31.39
C ASP F 19 12.64 39.11 -29.98
N GLY F 20 12.46 38.03 -29.23
CA GLY F 20 12.95 37.99 -27.86
C GLY F 20 12.60 36.71 -27.14
N TRP F 21 12.83 36.71 -25.83
CA TRP F 21 12.56 35.55 -24.99
C TRP F 21 11.16 35.59 -24.40
N TYR F 22 10.65 36.80 -24.18
CA TYR F 22 9.32 36.98 -23.60
C TYR F 22 8.50 37.90 -24.51
N GLY F 23 7.21 37.60 -24.63
CA GLY F 23 6.36 38.42 -25.48
C GLY F 23 4.87 38.11 -25.40
N TYR F 24 4.11 38.52 -26.41
CA TYR F 24 2.68 38.29 -26.44
C TYR F 24 2.14 37.82 -27.78
N HIS F 25 0.84 37.57 -27.80
CA HIS F 25 0.12 37.13 -28.99
C HIS F 25 -1.28 37.71 -28.85
N HIS F 26 -1.85 38.19 -29.96
CA HIS F 26 -3.19 38.78 -29.90
C HIS F 26 -4.21 38.16 -30.85
N GLN F 27 -5.47 38.14 -30.39
CA GLN F 27 -6.58 37.56 -31.13
C GLN F 27 -7.63 38.57 -31.62
N ASN F 28 -7.20 39.72 -32.11
CA ASN F 28 -8.15 40.72 -32.62
C ASN F 28 -8.74 40.40 -33.99
N GLU F 29 -9.61 41.29 -34.45
CA GLU F 29 -10.26 41.17 -35.75
C GLU F 29 -9.28 41.61 -36.84
N GLN F 30 -8.34 42.47 -36.48
CA GLN F 30 -7.34 42.95 -37.42
C GLN F 30 -6.29 41.86 -37.71
N GLY F 31 -6.41 40.75 -37.01
CA GLY F 31 -5.48 39.65 -37.20
C GLY F 31 -4.77 39.26 -35.93
N SER F 32 -3.85 38.31 -36.05
CA SER F 32 -3.06 37.82 -34.92
C SER F 32 -1.58 38.12 -35.17
N GLY F 33 -0.72 37.64 -34.27
CA GLY F 33 0.70 37.88 -34.44
C GLY F 33 1.46 37.91 -33.13
N TYR F 34 2.73 37.52 -33.17
CA TYR F 34 3.57 37.51 -31.99
C TYR F 34 4.33 38.82 -31.89
N ALA F 35 4.68 39.21 -30.68
CA ALA F 35 5.44 40.44 -30.44
C ALA F 35 6.21 40.31 -29.14
N ALA F 36 7.51 40.58 -29.20
CA ALA F 36 8.36 40.48 -28.01
C ALA F 36 8.33 41.75 -27.18
N ASP F 37 8.43 41.58 -25.86
CA ASP F 37 8.44 42.72 -24.95
C ASP F 37 9.89 43.13 -24.77
N GLN F 38 10.31 44.16 -25.51
CA GLN F 38 11.69 44.63 -25.44
C GLN F 38 12.15 44.90 -24.01
N LYS F 39 11.31 45.55 -23.23
CA LYS F 39 11.64 45.88 -21.85
C LYS F 39 12.21 44.69 -21.08
N SER F 40 11.40 43.65 -20.89
CA SER F 40 11.82 42.47 -20.14
C SER F 40 12.89 41.63 -20.82
N THR F 41 12.86 41.55 -22.15
CA THR F 41 13.85 40.76 -22.86
C THR F 41 15.22 41.41 -22.78
N GLN F 42 15.23 42.73 -22.87
CA GLN F 42 16.48 43.48 -22.81
C GLN F 42 17.12 43.36 -21.43
N ASN F 43 16.33 43.58 -20.38
CA ASN F 43 16.86 43.47 -19.03
C ASN F 43 17.46 42.08 -18.83
N ALA F 44 16.73 41.07 -19.30
CA ALA F 44 17.18 39.69 -19.20
C ALA F 44 18.51 39.51 -19.93
N ILE F 45 18.67 40.21 -21.04
CA ILE F 45 19.88 40.13 -21.84
C ILE F 45 21.05 40.83 -21.15
N ASN F 46 20.79 42.01 -20.59
CA ASN F 46 21.84 42.73 -19.90
C ASN F 46 22.35 41.94 -18.68
N GLY F 47 21.42 41.32 -17.96
CA GLY F 47 21.80 40.54 -16.79
C GLY F 47 22.57 39.27 -17.11
N ILE F 48 22.03 38.45 -18.01
CA ILE F 48 22.69 37.21 -18.40
C ILE F 48 24.05 37.49 -19.07
N THR F 49 24.13 38.61 -19.78
CA THR F 49 25.38 38.97 -20.44
C THR F 49 26.39 39.34 -19.38
N ASN F 50 25.92 39.98 -18.32
CA ASN F 50 26.80 40.37 -17.23
C ASN F 50 27.26 39.12 -16.49
N LYS F 51 26.36 38.14 -16.36
CA LYS F 51 26.70 36.90 -15.65
C LYS F 51 27.80 36.14 -16.37
N VAL F 52 27.63 35.97 -17.68
CA VAL F 52 28.63 35.26 -18.46
C VAL F 52 29.98 35.98 -18.48
N ASN F 53 29.96 37.31 -18.58
CA ASN F 53 31.20 38.06 -18.61
C ASN F 53 31.91 38.07 -17.26
N SER F 54 31.14 37.97 -16.17
CA SER F 54 31.73 37.94 -14.85
C SER F 54 32.43 36.61 -14.67
N VAL F 55 31.79 35.54 -15.14
CA VAL F 55 32.35 34.20 -15.02
C VAL F 55 33.65 34.10 -15.82
N ILE F 56 33.65 34.70 -17.01
CA ILE F 56 34.82 34.69 -17.87
C ILE F 56 35.94 35.53 -17.28
N GLU F 57 35.60 36.72 -16.82
CA GLU F 57 36.57 37.64 -16.25
C GLU F 57 37.26 37.15 -14.99
N LYS F 58 36.54 36.46 -14.10
CA LYS F 58 37.15 35.96 -12.88
C LYS F 58 38.26 34.94 -13.16
N MET F 59 38.19 34.31 -14.33
CA MET F 59 39.18 33.32 -14.75
C MET F 59 40.24 33.98 -15.62
N ASN F 60 40.97 34.93 -15.06
CA ASN F 60 42.00 35.62 -15.83
C ASN F 60 42.89 34.65 -16.61
N ILE F 61 43.69 35.23 -17.50
CA ILE F 61 44.59 34.48 -18.37
C ILE F 61 45.60 33.58 -17.66
N GLN F 62 45.82 32.41 -18.24
CA GLN F 62 46.78 31.41 -17.75
C GLN F 62 48.11 31.61 -18.44
N PHE F 63 49.10 32.13 -17.73
CA PHE F 63 50.42 32.34 -18.33
C PHE F 63 51.25 31.08 -18.38
N THR F 64 52.39 31.14 -19.05
CA THR F 64 53.26 29.98 -19.20
C THR F 64 53.38 29.10 -17.95
N ALA F 65 53.00 27.84 -18.10
CA ALA F 65 53.09 26.84 -17.04
C ALA F 65 53.71 25.63 -17.71
N VAL F 66 54.90 25.24 -17.25
CA VAL F 66 55.62 24.11 -17.83
C VAL F 66 56.06 23.06 -16.80
N GLY F 67 56.47 21.90 -17.28
CA GLY F 67 56.93 20.86 -16.38
C GLY F 67 58.40 21.09 -16.04
N LYS F 68 58.89 20.43 -14.99
CA LYS F 68 60.28 20.60 -14.57
C LYS F 68 60.93 19.22 -14.42
N GLU F 69 62.25 19.14 -14.58
CA GLU F 69 62.97 17.88 -14.41
C GLU F 69 63.58 17.78 -13.00
N PHE F 70 63.74 16.56 -12.53
CA PHE F 70 64.32 16.30 -11.21
C PHE F 70 65.28 15.14 -11.37
N ASN F 71 66.45 15.22 -10.75
CA ASN F 71 67.40 14.11 -10.88
C ASN F 71 66.91 12.91 -10.08
N LYS F 72 67.61 11.79 -10.19
CA LYS F 72 67.23 10.55 -9.51
C LYS F 72 67.21 10.64 -8.00
N LEU F 73 67.92 11.61 -7.44
CA LEU F 73 67.95 11.79 -5.99
C LEU F 73 67.04 12.94 -5.57
N GLU F 74 66.07 13.27 -6.41
CA GLU F 74 65.14 14.35 -6.07
C GLU F 74 63.70 13.88 -6.18
N LYS F 75 63.47 12.61 -5.83
CA LYS F 75 62.13 12.03 -5.91
C LYS F 75 61.09 12.71 -5.03
N ARG F 76 61.48 13.11 -3.82
CA ARG F 76 60.52 13.76 -2.92
C ARG F 76 60.09 15.11 -3.50
N MET F 77 61.05 15.87 -4.01
CA MET F 77 60.76 17.17 -4.61
C MET F 77 59.86 16.96 -5.84
N GLU F 78 60.20 15.97 -6.65
CA GLU F 78 59.42 15.65 -7.84
C GLU F 78 57.99 15.32 -7.47
N ASN F 79 57.81 14.61 -6.36
CA ASN F 79 56.47 14.25 -5.89
C ASN F 79 55.75 15.45 -5.27
N LEU F 80 56.50 16.37 -4.67
CA LEU F 80 55.88 17.56 -4.09
C LEU F 80 55.32 18.38 -5.28
N ASN F 81 56.13 18.55 -6.31
CA ASN F 81 55.74 19.31 -7.50
C ASN F 81 54.48 18.66 -8.07
N ASN F 82 54.47 17.34 -8.10
CA ASN F 82 53.33 16.60 -8.62
C ASN F 82 52.08 16.88 -7.78
N LYS F 83 52.24 16.84 -6.45
CA LYS F 83 51.13 17.08 -5.55
C LYS F 83 50.56 18.48 -5.75
N VAL F 84 51.44 19.45 -6.01
CA VAL F 84 51.00 20.82 -6.23
C VAL F 84 50.19 20.95 -7.51
N ASP F 85 50.74 20.51 -8.63
CA ASP F 85 50.02 20.62 -9.89
C ASP F 85 48.66 19.91 -9.84
N ASP F 86 48.63 18.68 -9.33
CA ASP F 86 47.39 17.93 -9.24
C ASP F 86 46.38 18.56 -8.30
N GLY F 87 46.89 19.12 -7.21
CA GLY F 87 46.02 19.74 -6.22
C GLY F 87 45.31 20.95 -6.80
N PHE F 88 46.04 21.79 -7.51
CA PHE F 88 45.44 22.98 -8.13
C PHE F 88 44.48 22.56 -9.23
N LEU F 89 44.90 21.61 -10.06
CA LEU F 89 44.05 21.14 -11.15
C LEU F 89 42.72 20.62 -10.58
N ASP F 90 42.79 19.85 -9.50
CA ASP F 90 41.58 19.33 -8.86
C ASP F 90 40.65 20.48 -8.46
N ILE F 91 41.21 21.51 -7.84
CA ILE F 91 40.41 22.63 -7.38
C ILE F 91 39.78 23.44 -8.50
N TRP F 92 40.56 23.76 -9.53
CA TRP F 92 40.04 24.53 -10.64
C TRP F 92 38.98 23.77 -11.45
N THR F 93 39.19 22.48 -11.62
CA THR F 93 38.21 21.67 -12.37
C THR F 93 36.91 21.65 -11.56
N TYR F 94 37.05 21.50 -10.25
CA TYR F 94 35.93 21.46 -9.33
C TYR F 94 35.18 22.79 -9.33
N ASN F 95 35.91 23.89 -9.21
CA ASN F 95 35.31 25.23 -9.19
C ASN F 95 34.54 25.51 -10.49
N ALA F 96 35.19 25.28 -11.63
CA ALA F 96 34.55 25.53 -12.92
C ALA F 96 33.25 24.75 -13.08
N GLU F 97 33.31 23.43 -12.91
CA GLU F 97 32.14 22.60 -13.06
C GLU F 97 31.00 22.97 -12.11
N LEU F 98 31.33 23.30 -10.86
CA LEU F 98 30.32 23.69 -9.89
C LEU F 98 29.71 25.03 -10.25
N LEU F 99 30.56 26.01 -10.57
CA LEU F 99 30.07 27.33 -10.93
C LEU F 99 29.08 27.25 -12.08
N VAL F 100 29.42 26.47 -13.11
CA VAL F 100 28.53 26.34 -14.26
C VAL F 100 27.21 25.67 -13.91
N LEU F 101 27.28 24.57 -13.17
CA LEU F 101 26.09 23.84 -12.74
C LEU F 101 25.14 24.71 -11.94
N LEU F 102 25.70 25.43 -10.97
CA LEU F 102 24.90 26.29 -10.10
C LEU F 102 24.31 27.51 -10.80
N GLU F 103 25.07 28.14 -11.68
CA GLU F 103 24.57 29.31 -12.39
C GLU F 103 23.52 28.96 -13.41
N ASN F 104 23.65 27.80 -14.06
CA ASN F 104 22.66 27.40 -15.05
C ASN F 104 21.29 27.28 -14.37
N GLU F 105 21.26 26.68 -13.18
CA GLU F 105 20.01 26.54 -12.45
C GLU F 105 19.46 27.95 -12.22
N ARG F 106 20.32 28.82 -11.68
CA ARG F 106 19.96 30.20 -11.41
C ARG F 106 19.42 30.91 -12.65
N THR F 107 20.02 30.65 -13.80
CA THR F 107 19.60 31.28 -15.04
C THR F 107 18.21 30.81 -15.49
N LEU F 108 17.98 29.50 -15.47
CA LEU F 108 16.69 28.99 -15.88
C LEU F 108 15.61 29.59 -15.00
N ASP F 109 15.86 29.64 -13.69
CA ASP F 109 14.88 30.19 -12.76
C ASP F 109 14.70 31.68 -13.01
N PHE F 110 15.73 32.32 -13.52
CA PHE F 110 15.66 33.75 -13.80
C PHE F 110 14.59 34.02 -14.84
N HIS F 111 14.65 33.28 -15.93
CA HIS F 111 13.70 33.42 -17.03
C HIS F 111 12.29 33.12 -16.53
N ASP F 112 12.16 32.03 -15.80
CA ASP F 112 10.88 31.61 -15.25
C ASP F 112 10.26 32.78 -14.49
N SER F 113 11.09 33.47 -13.73
CA SER F 113 10.67 34.61 -12.95
C SER F 113 10.22 35.77 -13.83
N ASN F 114 11.00 36.07 -14.87
CA ASN F 114 10.65 37.16 -15.76
C ASN F 114 9.28 36.95 -16.43
N VAL F 115 9.02 35.72 -16.84
CA VAL F 115 7.75 35.39 -17.48
C VAL F 115 6.60 35.59 -16.49
N LYS F 116 6.81 35.09 -15.27
CA LYS F 116 5.84 35.20 -14.20
C LYS F 116 5.52 36.64 -13.90
N ASN F 117 6.55 37.48 -13.84
CA ASN F 117 6.35 38.88 -13.54
C ASN F 117 5.71 39.64 -14.70
N LEU F 118 6.03 39.23 -15.92
CA LEU F 118 5.46 39.86 -17.10
C LEU F 118 3.97 39.54 -17.14
N TYR F 119 3.63 38.29 -16.82
CA TYR F 119 2.25 37.86 -16.81
C TYR F 119 1.47 38.67 -15.79
N GLU F 120 2.04 38.85 -14.60
CA GLU F 120 1.37 39.59 -13.54
C GLU F 120 1.22 41.07 -13.87
N LYS F 121 2.21 41.65 -14.53
CA LYS F 121 2.17 43.06 -14.90
C LYS F 121 0.96 43.33 -15.79
N VAL F 122 0.65 42.36 -16.65
CA VAL F 122 -0.48 42.47 -17.57
C VAL F 122 -1.78 42.25 -16.81
N LYS F 123 -1.84 41.17 -16.03
CA LYS F 123 -3.02 40.83 -15.25
C LYS F 123 -3.48 42.01 -14.38
N SER F 124 -2.54 42.70 -13.74
CA SER F 124 -2.89 43.82 -12.89
C SER F 124 -3.28 45.04 -13.72
N GLN F 125 -2.94 45.02 -15.00
CA GLN F 125 -3.27 46.11 -15.90
C GLN F 125 -4.73 46.00 -16.35
N LEU F 126 -5.06 44.83 -16.90
CA LEU F 126 -6.41 44.57 -17.41
C LEU F 126 -7.50 44.56 -16.35
N LYS F 127 -7.20 43.98 -15.20
CA LYS F 127 -8.18 43.90 -14.11
C LYS F 127 -9.46 43.20 -14.56
N ASN F 128 -10.59 43.89 -14.41
CA ASN F 128 -11.90 43.33 -14.78
C ASN F 128 -12.27 43.35 -16.27
N ASN F 129 -11.51 44.06 -17.09
CA ASN F 129 -11.82 44.13 -18.51
C ASN F 129 -11.44 42.88 -19.30
N ALA F 130 -11.16 41.80 -18.59
CA ALA F 130 -10.79 40.55 -19.24
C ALA F 130 -10.75 39.43 -18.22
N LYS F 131 -10.83 38.18 -18.69
CA LYS F 131 -10.77 37.04 -17.79
C LYS F 131 -9.56 36.18 -18.12
N GLU F 132 -9.09 35.41 -17.14
CA GLU F 132 -7.93 34.54 -17.32
C GLU F 132 -8.37 33.18 -17.85
N ILE F 133 -8.06 32.90 -19.11
CA ILE F 133 -8.45 31.63 -19.73
C ILE F 133 -7.38 30.55 -19.63
N GLY F 134 -6.99 30.01 -20.78
CA GLY F 134 -6.00 28.94 -20.85
C GLY F 134 -4.60 29.21 -20.33
N ASN F 135 -4.51 29.88 -19.18
CA ASN F 135 -3.23 30.18 -18.57
C ASN F 135 -2.25 30.87 -19.51
N GLY F 136 -1.95 32.12 -19.21
CA GLY F 136 -1.04 32.89 -20.02
C GLY F 136 -1.82 33.81 -20.94
N CYS F 137 -3.05 33.42 -21.24
CA CYS F 137 -3.90 34.21 -22.13
C CYS F 137 -5.00 34.96 -21.39
N PHE F 138 -5.49 36.02 -22.03
CA PHE F 138 -6.57 36.84 -21.49
C PHE F 138 -7.61 37.15 -22.57
N GLU F 139 -8.88 37.03 -22.22
CA GLU F 139 -9.97 37.31 -23.15
C GLU F 139 -10.56 38.66 -22.76
N PHE F 140 -10.42 39.65 -23.65
CA PHE F 140 -10.97 40.97 -23.36
C PHE F 140 -12.49 40.92 -23.39
N TYR F 141 -13.10 41.75 -22.55
CA TYR F 141 -14.56 41.82 -22.49
C TYR F 141 -15.06 42.93 -23.41
N HIS F 142 -14.25 43.96 -23.58
CA HIS F 142 -14.63 45.09 -24.43
C HIS F 142 -14.05 45.00 -25.82
N LYS F 143 -13.18 44.02 -26.06
CA LYS F 143 -12.57 43.86 -27.38
C LYS F 143 -11.78 45.15 -27.68
N CYS F 144 -10.50 45.03 -28.05
CA CYS F 144 -9.74 46.24 -28.28
C CYS F 144 -8.70 46.24 -29.41
N ASP F 145 -8.62 47.40 -30.08
CA ASP F 145 -7.72 47.67 -31.20
C ASP F 145 -6.31 47.11 -31.14
N ASN F 146 -5.58 47.31 -32.23
CA ASN F 146 -4.19 46.89 -32.33
C ASN F 146 -3.41 47.96 -31.60
N GLU F 147 -3.84 49.20 -31.77
CA GLU F 147 -3.20 50.34 -31.12
C GLU F 147 -3.41 50.19 -29.62
N CYS F 148 -4.43 49.42 -29.25
CA CYS F 148 -4.75 49.19 -27.84
C CYS F 148 -4.00 47.96 -27.33
N MET F 149 -3.81 46.97 -28.19
CA MET F 149 -3.07 45.77 -27.80
C MET F 149 -1.67 46.24 -27.49
N GLU F 150 -1.26 47.32 -28.14
CA GLU F 150 0.05 47.87 -27.92
C GLU F 150 0.08 48.47 -26.52
N SER F 151 -0.91 49.29 -26.20
CA SER F 151 -0.99 49.92 -24.88
C SER F 151 -0.79 48.88 -23.78
N VAL F 152 -1.15 47.63 -24.09
CA VAL F 152 -1.02 46.53 -23.14
C VAL F 152 0.42 46.03 -23.08
N ARG F 153 1.05 45.91 -24.25
CA ARG F 153 2.43 45.45 -24.36
C ARG F 153 3.42 46.47 -23.82
N ASN F 154 2.99 47.74 -23.73
CA ASN F 154 3.87 48.80 -23.26
C ASN F 154 3.58 49.35 -21.86
N GLY F 155 2.71 48.68 -21.12
CA GLY F 155 2.42 49.13 -19.77
C GLY F 155 1.42 50.26 -19.63
N THR F 156 0.95 50.84 -20.73
CA THR F 156 -0.03 51.92 -20.64
C THR F 156 -1.41 51.31 -20.44
N TYR F 157 -2.25 51.33 -21.46
CA TYR F 157 -3.58 50.75 -21.30
C TYR F 157 -4.34 51.48 -20.18
N ASP F 158 -5.35 52.24 -20.58
CA ASP F 158 -6.18 52.98 -19.62
C ASP F 158 -7.60 52.42 -19.65
N TYR F 159 -8.14 52.01 -18.48
CA TYR F 159 -9.50 51.47 -18.22
C TYR F 159 -9.50 50.20 -17.31
N PRO F 160 -10.35 50.15 -16.25
CA PRO F 160 -10.52 49.05 -15.27
C PRO F 160 -11.29 47.81 -15.68
N ASP G 5 -106.54 7.24 10.60
CA ASP G 5 -105.57 6.56 11.50
C ASP G 5 -104.78 5.50 10.74
N THR G 6 -103.47 5.70 10.65
CA THR G 6 -102.59 4.78 9.94
C THR G 6 -101.43 4.27 10.79
N ILE G 7 -100.91 3.09 10.43
CA ILE G 7 -99.79 2.50 11.12
C ILE G 7 -98.88 1.87 10.06
N CYS G 8 -97.64 2.35 10.00
CA CYS G 8 -96.70 1.83 9.02
C CYS G 8 -95.55 1.06 9.66
N ILE G 9 -95.07 0.05 8.93
CA ILE G 9 -93.94 -0.76 9.37
C ILE G 9 -92.79 -0.27 8.51
N GLY G 10 -91.67 0.04 9.15
CA GLY G 10 -90.51 0.52 8.41
C GLY G 10 -89.18 0.14 9.05
N TYR G 11 -88.10 0.67 8.51
CA TYR G 11 -86.77 0.37 9.03
C TYR G 11 -85.93 1.61 9.28
N HIS G 12 -84.90 1.44 10.09
CA HIS G 12 -83.99 2.52 10.46
C HIS G 12 -83.14 3.04 9.30
N ALA G 13 -82.73 4.29 9.44
CA ALA G 13 -81.89 4.98 8.48
C ALA G 13 -81.18 6.05 9.29
N ASN G 14 -80.02 6.53 8.81
CA ASN G 14 -79.28 7.55 9.53
C ASN G 14 -78.34 8.32 8.61
N ASN G 15 -77.35 8.99 9.20
CA ASN G 15 -76.39 9.78 8.44
C ASN G 15 -75.06 9.07 8.14
N SER G 16 -74.93 7.83 8.61
CA SER G 16 -73.71 7.06 8.39
C SER G 16 -73.33 6.93 6.93
N THR G 17 -72.04 7.10 6.62
CA THR G 17 -71.56 6.98 5.25
C THR G 17 -70.66 5.76 5.08
N ASP G 18 -70.72 4.84 6.04
CA ASP G 18 -69.93 3.62 5.99
C ASP G 18 -70.31 2.83 4.75
N THR G 19 -69.34 2.16 4.16
CA THR G 19 -69.61 1.34 2.98
C THR G 19 -68.95 -0.03 3.15
N VAL G 20 -69.55 -1.03 2.53
CA VAL G 20 -69.03 -2.39 2.58
C VAL G 20 -69.28 -3.02 1.21
N ASP G 21 -68.59 -4.12 0.93
CA ASP G 21 -68.77 -4.81 -0.32
C ASP G 21 -69.52 -6.10 -0.06
N THR G 22 -70.23 -6.58 -1.07
CA THR G 22 -70.97 -7.82 -0.98
C THR G 22 -70.61 -8.59 -2.24
N VAL G 23 -71.13 -9.80 -2.38
CA VAL G 23 -70.86 -10.61 -3.55
C VAL G 23 -71.52 -9.96 -4.77
N LEU G 24 -72.74 -9.50 -4.57
CA LEU G 24 -73.53 -8.88 -5.63
C LEU G 24 -73.27 -7.41 -5.90
N GLU G 25 -72.95 -6.64 -4.86
CA GLU G 25 -72.75 -5.21 -5.04
C GLU G 25 -71.62 -4.60 -4.21
N LYS G 26 -70.85 -3.71 -4.83
CA LYS G 26 -69.75 -3.05 -4.15
C LYS G 26 -70.17 -1.71 -3.55
N ASN G 27 -69.39 -1.22 -2.58
CA ASN G 27 -69.64 0.04 -1.91
C ASN G 27 -71.10 0.30 -1.54
N VAL G 28 -71.67 -0.56 -0.71
CA VAL G 28 -73.04 -0.38 -0.28
C VAL G 28 -73.02 0.43 1.02
N THR G 29 -73.77 1.53 1.04
CA THR G 29 -73.83 2.39 2.22
C THR G 29 -74.74 1.79 3.28
N VAL G 30 -74.21 1.61 4.49
CA VAL G 30 -74.98 1.02 5.57
C VAL G 30 -75.03 1.88 6.82
N THR G 31 -76.03 1.63 7.67
CA THR G 31 -76.25 2.38 8.90
C THR G 31 -75.24 2.06 10.00
N HIS G 32 -74.80 0.81 10.07
CA HIS G 32 -73.83 0.39 11.07
C HIS G 32 -72.87 -0.67 10.50
N SER G 33 -71.64 -0.67 10.98
CA SER G 33 -70.64 -1.63 10.54
C SER G 33 -69.46 -1.69 11.50
N VAL G 34 -68.65 -2.73 11.36
CA VAL G 34 -67.49 -2.90 12.22
C VAL G 34 -66.25 -3.22 11.39
N ASN G 35 -65.16 -2.52 11.68
CA ASN G 35 -63.91 -2.76 10.97
C ASN G 35 -63.24 -3.96 11.63
N LEU G 36 -62.70 -4.86 10.83
CA LEU G 36 -62.03 -6.05 11.38
C LEU G 36 -60.55 -6.03 11.04
N LEU G 37 -60.16 -5.04 10.25
CA LEU G 37 -58.77 -4.90 9.80
C LEU G 37 -58.03 -3.77 10.50
N GLU G 38 -57.08 -4.14 11.36
CA GLU G 38 -56.27 -3.17 12.09
C GLU G 38 -55.18 -2.61 11.17
N ASP G 39 -55.14 -1.28 11.04
CA ASP G 39 -54.14 -0.65 10.20
C ASP G 39 -53.33 0.44 10.94
N SER G 40 -53.46 0.51 12.25
CA SER G 40 -52.74 1.51 13.04
C SER G 40 -51.69 0.92 13.98
N HIS G 41 -50.54 1.57 14.03
CA HIS G 41 -49.44 1.15 14.90
C HIS G 41 -48.83 2.45 15.45
N ASN G 42 -48.14 2.38 16.58
CA ASN G 42 -47.57 3.59 17.18
C ASN G 42 -46.18 3.99 16.69
N GLY G 43 -45.72 3.37 15.62
CA GLY G 43 -44.42 3.70 15.04
C GLY G 43 -43.20 3.61 15.96
N LYS G 44 -43.33 2.85 17.04
CA LYS G 44 -42.23 2.71 17.99
C LYS G 44 -41.95 1.27 18.41
N LEU G 45 -40.72 1.04 18.89
CA LEU G 45 -40.34 -0.27 19.40
C LEU G 45 -40.63 -0.18 20.90
N CYS G 46 -41.44 -1.10 21.42
CA CYS G 46 -41.81 -1.06 22.82
C CYS G 46 -41.36 -2.26 23.63
N ARG G 47 -41.56 -2.17 24.94
CA ARG G 47 -41.27 -3.26 25.84
C ARG G 47 -42.40 -4.25 25.56
N LEU G 48 -42.10 -5.53 25.71
CA LEU G 48 -43.10 -6.57 25.51
C LEU G 48 -43.45 -7.07 26.91
N LYS G 49 -44.69 -6.83 27.33
CA LYS G 49 -45.11 -7.26 28.65
C LYS G 49 -44.13 -6.80 29.73
N GLY G 50 -43.67 -5.56 29.61
CA GLY G 50 -42.75 -5.02 30.59
C GLY G 50 -41.27 -5.29 30.38
N ILE G 51 -40.93 -6.14 29.42
CA ILE G 51 -39.53 -6.45 29.18
C ILE G 51 -38.99 -5.83 27.90
N ALA G 52 -37.91 -5.07 28.02
CA ALA G 52 -37.30 -4.39 26.89
C ALA G 52 -36.56 -5.34 25.94
N PRO G 53 -36.49 -4.96 24.67
CA PRO G 53 -35.80 -5.80 23.69
C PRO G 53 -34.31 -5.49 23.71
N LEU G 54 -33.52 -6.38 23.11
CA LEU G 54 -32.09 -6.18 23.02
C LEU G 54 -31.86 -5.46 21.69
N GLN G 55 -31.36 -4.23 21.74
CA GLN G 55 -31.09 -3.49 20.52
C GLN G 55 -29.63 -3.63 20.17
N LEU G 56 -29.34 -4.36 19.09
CA LEU G 56 -27.96 -4.55 18.68
C LEU G 56 -27.41 -3.32 17.97
N GLY G 57 -28.31 -2.40 17.59
CA GLY G 57 -27.88 -1.21 16.92
C GLY G 57 -27.06 -1.44 15.66
N LYS G 58 -25.83 -0.95 15.67
CA LYS G 58 -24.89 -1.07 14.56
C LYS G 58 -24.22 -2.46 14.49
N CYS G 59 -24.57 -3.33 15.43
CA CYS G 59 -24.01 -4.68 15.50
C CYS G 59 -24.99 -5.76 15.11
N ASN G 60 -24.49 -6.95 14.77
CA ASN G 60 -25.38 -8.05 14.46
C ASN G 60 -25.07 -9.15 15.46
N ILE G 61 -25.78 -10.27 15.37
CA ILE G 61 -25.59 -11.37 16.32
C ILE G 61 -24.13 -11.79 16.47
N ALA G 62 -23.41 -11.92 15.36
CA ALA G 62 -22.01 -12.31 15.39
C ALA G 62 -21.17 -11.33 16.20
N GLY G 63 -21.28 -10.05 15.86
CA GLY G 63 -20.53 -9.03 16.56
C GLY G 63 -20.85 -9.04 18.05
N TRP G 64 -22.11 -9.30 18.37
CA TRP G 64 -22.57 -9.35 19.75
C TRP G 64 -21.97 -10.52 20.54
N LEU G 65 -22.11 -11.73 19.99
CA LEU G 65 -21.62 -12.94 20.66
C LEU G 65 -20.10 -13.06 20.74
N LEU G 66 -19.41 -12.70 19.67
CA LEU G 66 -17.95 -12.80 19.65
C LEU G 66 -17.30 -11.70 20.51
N GLY G 67 -18.01 -10.58 20.65
CA GLY G 67 -17.49 -9.48 21.44
C GLY G 67 -16.75 -8.45 20.62
N ASN G 68 -17.21 -8.19 19.40
CA ASN G 68 -16.61 -7.16 18.53
C ASN G 68 -16.45 -5.90 19.42
N PRO G 69 -15.25 -5.32 19.46
CA PRO G 69 -15.03 -4.12 20.29
C PRO G 69 -16.09 -3.03 20.10
N GLU G 70 -16.61 -2.91 18.88
CA GLU G 70 -17.63 -1.92 18.55
C GLU G 70 -19.00 -2.21 19.18
N CYS G 71 -19.13 -3.34 19.87
CA CYS G 71 -20.40 -3.71 20.47
C CYS G 71 -20.33 -3.76 22.00
N ASP G 72 -19.30 -3.16 22.57
CA ASP G 72 -19.14 -3.15 24.03
C ASP G 72 -20.40 -2.76 24.83
N PRO G 73 -21.14 -1.72 24.38
CA PRO G 73 -22.35 -1.33 25.11
C PRO G 73 -23.32 -2.50 25.34
N LEU G 74 -23.18 -3.56 24.55
CA LEU G 74 -24.04 -4.73 24.69
C LEU G 74 -23.57 -5.75 25.74
N LEU G 75 -22.30 -5.69 26.08
CA LEU G 75 -21.72 -6.64 27.06
C LEU G 75 -22.50 -6.88 28.35
N PRO G 76 -23.09 -5.83 28.94
CA PRO G 76 -23.82 -6.05 30.18
C PRO G 76 -25.29 -6.51 30.10
N VAL G 77 -25.91 -6.43 28.92
CA VAL G 77 -27.31 -6.84 28.83
C VAL G 77 -27.47 -8.32 29.10
N ARG G 78 -28.33 -8.65 30.06
CA ARG G 78 -28.55 -10.05 30.46
C ARG G 78 -29.86 -10.69 30.02
N SER G 79 -30.90 -9.88 29.81
CA SER G 79 -32.19 -10.41 29.40
C SER G 79 -32.93 -9.50 28.44
N TRP G 80 -33.88 -10.06 27.69
CA TRP G 80 -34.63 -9.32 26.70
C TRP G 80 -35.90 -10.05 26.29
N SER G 81 -36.81 -9.35 25.63
CA SER G 81 -38.07 -9.93 25.17
C SER G 81 -37.97 -10.29 23.68
N TYR G 82 -37.08 -9.61 22.97
CA TYR G 82 -36.85 -9.88 21.56
C TYR G 82 -35.57 -9.18 21.13
N ILE G 83 -35.05 -9.56 19.98
CA ILE G 83 -33.81 -9.00 19.47
C ILE G 83 -34.07 -8.17 18.24
N VAL G 84 -33.47 -6.98 18.20
CA VAL G 84 -33.65 -6.06 17.10
C VAL G 84 -32.36 -5.71 16.40
N GLU G 85 -32.30 -6.00 15.11
CA GLU G 85 -31.15 -5.64 14.29
C GLU G 85 -31.65 -4.49 13.43
N THR G 86 -30.74 -3.67 12.92
CA THR G 86 -31.14 -2.54 12.10
C THR G 86 -30.56 -2.70 10.70
N PRO G 87 -31.02 -1.89 9.75
CA PRO G 87 -30.50 -1.96 8.38
C PRO G 87 -29.00 -1.66 8.38
N ASN G 88 -28.52 -1.02 9.44
CA ASN G 88 -27.11 -0.67 9.55
C ASN G 88 -26.31 -1.54 10.53
N SER G 89 -26.78 -2.75 10.79
CA SER G 89 -26.08 -3.65 11.69
C SER G 89 -24.96 -4.30 10.90
N GLU G 90 -23.87 -3.56 10.71
CA GLU G 90 -22.73 -4.04 9.95
C GLU G 90 -21.61 -4.67 10.78
N ASN G 91 -21.41 -4.17 12.00
CA ASN G 91 -20.36 -4.66 12.89
C ASN G 91 -20.56 -6.10 13.38
N GLY G 92 -20.08 -7.06 12.58
CA GLY G 92 -20.18 -8.45 12.97
C GLY G 92 -18.77 -8.92 13.25
N ILE G 93 -18.30 -9.89 12.49
CA ILE G 93 -16.94 -10.37 12.67
C ILE G 93 -16.06 -9.24 12.14
N CYS G 94 -14.94 -8.95 12.80
CA CYS G 94 -14.08 -7.90 12.29
C CYS G 94 -12.88 -8.50 11.56
N TYR G 95 -12.49 -9.72 11.94
CA TYR G 95 -11.38 -10.39 11.26
C TYR G 95 -12.05 -11.30 10.21
N PRO G 96 -11.72 -11.10 8.92
CA PRO G 96 -12.33 -11.90 7.86
C PRO G 96 -12.32 -13.41 8.05
N GLY G 97 -13.39 -14.05 7.62
CA GLY G 97 -13.49 -15.49 7.74
C GLY G 97 -14.94 -15.96 7.65
N ASP G 98 -15.15 -17.25 7.84
CA ASP G 98 -16.48 -17.82 7.80
C ASP G 98 -16.97 -18.16 9.21
N PHE G 99 -18.21 -17.80 9.50
CA PHE G 99 -18.79 -18.10 10.80
C PHE G 99 -19.62 -19.35 10.53
N ILE G 100 -19.09 -20.51 10.91
CA ILE G 100 -19.76 -21.79 10.68
C ILE G 100 -21.09 -21.96 11.42
N ASP G 101 -22.12 -22.32 10.66
CA ASP G 101 -23.47 -22.52 11.17
C ASP G 101 -24.01 -21.31 11.89
N TYR G 102 -23.69 -20.14 11.32
CA TYR G 102 -24.14 -18.87 11.88
C TYR G 102 -25.66 -18.78 11.93
N GLU G 103 -26.34 -19.10 10.82
CA GLU G 103 -27.79 -19.04 10.79
C GLU G 103 -28.40 -19.91 11.89
N GLU G 104 -27.87 -21.11 12.08
CA GLU G 104 -28.39 -21.98 13.14
C GLU G 104 -28.17 -21.33 14.51
N LEU G 105 -27.05 -20.63 14.69
CA LEU G 105 -26.76 -19.97 15.96
C LEU G 105 -27.79 -18.86 16.18
N ARG G 106 -28.12 -18.12 15.13
CA ARG G 106 -29.13 -17.07 15.23
C ARG G 106 -30.45 -17.69 15.66
N GLU G 107 -30.77 -18.86 15.09
CA GLU G 107 -32.01 -19.53 15.43
C GLU G 107 -31.99 -19.97 16.90
N GLN G 108 -30.83 -20.39 17.41
CA GLN G 108 -30.71 -20.80 18.80
C GLN G 108 -31.00 -19.62 19.73
N LEU G 109 -30.36 -18.48 19.47
CA LEU G 109 -30.56 -17.28 20.28
C LEU G 109 -31.98 -16.77 20.27
N SER G 110 -32.73 -17.13 19.23
CA SER G 110 -34.12 -16.70 19.09
C SER G 110 -35.06 -17.25 20.15
N SER G 111 -34.67 -18.31 20.85
CA SER G 111 -35.51 -18.86 21.91
C SER G 111 -34.84 -18.66 23.29
N VAL G 112 -33.86 -17.77 23.33
CA VAL G 112 -33.14 -17.47 24.57
C VAL G 112 -33.77 -16.23 25.23
N SER G 113 -34.20 -16.38 26.47
CA SER G 113 -34.83 -15.26 27.19
C SER G 113 -33.80 -14.49 28.00
N SER G 114 -32.66 -15.12 28.29
CA SER G 114 -31.60 -14.47 29.05
C SER G 114 -30.41 -15.38 29.18
N PHE G 115 -29.25 -14.79 29.51
CA PHE G 115 -28.05 -15.57 29.71
C PHE G 115 -27.06 -14.85 30.60
N GLU G 116 -26.09 -15.59 31.12
CA GLU G 116 -25.08 -14.96 31.94
C GLU G 116 -23.74 -15.12 31.24
N ARG G 117 -23.12 -13.99 30.95
CA ARG G 117 -21.81 -13.97 30.31
C ARG G 117 -20.83 -14.19 31.46
N PHE G 118 -19.98 -15.20 31.32
CA PHE G 118 -19.01 -15.51 32.37
C PHE G 118 -17.67 -15.95 31.77
N GLU G 119 -16.62 -15.89 32.60
CA GLU G 119 -15.28 -16.30 32.17
C GLU G 119 -15.13 -17.80 32.21
N ILE G 120 -15.06 -18.41 31.04
CA ILE G 120 -14.90 -19.86 30.96
C ILE G 120 -13.39 -20.15 31.11
N PHE G 121 -12.57 -19.27 30.54
CA PHE G 121 -11.11 -19.42 30.63
C PHE G 121 -10.48 -18.07 30.97
N PRO G 122 -10.32 -17.77 32.27
CA PRO G 122 -9.72 -16.52 32.75
C PRO G 122 -8.43 -16.16 32.02
N LYS G 123 -8.36 -14.93 31.52
CA LYS G 123 -7.21 -14.41 30.78
C LYS G 123 -5.85 -14.93 31.24
N GLU G 124 -5.24 -14.31 32.24
CA GLU G 124 -3.92 -14.77 32.67
C GLU G 124 -4.02 -15.66 33.89
N SER G 125 -4.27 -16.94 33.62
CA SER G 125 -4.43 -17.98 34.61
C SER G 125 -4.65 -19.28 33.83
N SER G 126 -5.38 -19.17 32.73
CA SER G 126 -5.68 -20.32 31.87
C SER G 126 -4.56 -20.73 30.91
N TRP G 127 -3.76 -19.77 30.47
CA TRP G 127 -2.69 -20.06 29.52
C TRP G 127 -1.31 -19.61 30.00
N PRO G 128 -0.77 -20.29 31.02
CA PRO G 128 0.53 -19.98 31.61
C PRO G 128 1.71 -19.98 30.62
N ASN G 129 1.63 -20.78 29.57
CA ASN G 129 2.74 -20.87 28.62
C ASN G 129 2.52 -20.31 27.22
N HIS G 130 1.59 -19.38 27.08
CA HIS G 130 1.33 -18.81 25.75
C HIS G 130 1.09 -17.32 25.90
N ASN G 131 1.38 -16.55 24.86
CA ASN G 131 1.09 -15.12 24.90
C ASN G 131 -0.40 -15.00 24.58
N THR G 132 -1.06 -14.01 25.18
CA THR G 132 -2.48 -13.80 24.97
C THR G 132 -2.81 -12.35 24.64
N ASN G 133 -1.80 -11.59 24.23
CA ASN G 133 -1.99 -10.19 23.91
C ASN G 133 -2.20 -9.92 22.43
N GLY G 134 -2.31 -11.00 21.65
CA GLY G 134 -2.52 -10.87 20.23
C GLY G 134 -3.64 -9.87 19.95
N VAL G 135 -3.40 -8.98 19.00
CA VAL G 135 -4.37 -7.94 18.69
C VAL G 135 -4.35 -7.69 17.16
N THR G 136 -5.35 -6.99 16.61
CA THR G 136 -5.38 -6.74 15.18
C THR G 136 -6.04 -5.42 14.79
N ALA G 137 -5.54 -4.79 13.74
CA ALA G 137 -6.10 -3.52 13.27
C ALA G 137 -7.48 -3.75 12.66
N ALA G 138 -7.78 -4.99 12.33
CA ALA G 138 -9.07 -5.34 11.76
C ALA G 138 -10.16 -5.21 12.82
N CYS G 139 -9.77 -5.34 14.10
CA CYS G 139 -10.71 -5.24 15.20
C CYS G 139 -10.21 -4.11 16.09
N SER G 140 -10.11 -2.92 15.52
CA SER G 140 -9.60 -1.77 16.27
C SER G 140 -10.69 -1.11 17.11
N HIS G 141 -10.25 -0.43 18.17
CA HIS G 141 -11.14 0.29 19.08
C HIS G 141 -10.39 1.54 19.53
N GLU G 142 -11.07 2.69 19.50
CA GLU G 142 -10.46 3.96 19.87
C GLU G 142 -9.23 4.20 18.98
N GLY G 143 -9.40 3.94 17.69
CA GLY G 143 -8.30 4.12 16.75
C GLY G 143 -7.08 3.28 17.08
N LYS G 144 -7.28 2.22 17.85
CA LYS G 144 -6.17 1.37 18.25
C LYS G 144 -6.48 -0.14 18.10
N SER G 145 -5.51 -0.90 17.59
CA SER G 145 -5.65 -2.34 17.38
C SER G 145 -6.12 -3.07 18.64
N SER G 146 -7.23 -3.80 18.52
CA SER G 146 -7.77 -4.51 19.66
C SER G 146 -8.20 -5.92 19.23
N PHE G 147 -9.10 -6.54 19.99
CA PHE G 147 -9.56 -7.88 19.67
C PHE G 147 -10.91 -8.16 20.32
N TYR G 148 -11.58 -9.21 19.85
CA TYR G 148 -12.88 -9.63 20.38
C TYR G 148 -12.78 -9.71 21.89
N ARG G 149 -13.84 -9.30 22.58
CA ARG G 149 -13.84 -9.31 24.04
C ARG G 149 -14.08 -10.69 24.65
N ASN G 150 -14.62 -11.62 23.86
CA ASN G 150 -14.91 -12.94 24.41
C ASN G 150 -13.93 -14.02 23.98
N LEU G 151 -12.92 -13.65 23.21
CA LEU G 151 -11.92 -14.60 22.71
C LEU G 151 -10.51 -14.09 22.96
N LEU G 152 -9.53 -15.01 22.91
CA LEU G 152 -8.12 -14.67 23.11
C LEU G 152 -7.28 -15.24 21.98
N TRP G 153 -6.45 -14.39 21.39
CA TRP G 153 -5.58 -14.82 20.33
C TRP G 153 -4.31 -15.34 20.98
N LEU G 154 -4.17 -16.67 21.04
CA LEU G 154 -2.97 -17.25 21.64
C LEU G 154 -1.84 -17.32 20.62
N THR G 155 -0.63 -16.99 21.06
CA THR G 155 0.53 -17.04 20.18
C THR G 155 1.74 -17.60 20.92
N GLU G 156 2.81 -17.83 20.17
CA GLU G 156 4.05 -18.36 20.71
C GLU G 156 4.60 -17.49 21.85
N LYS G 157 5.21 -18.13 22.83
CA LYS G 157 5.80 -17.41 23.95
C LYS G 157 7.25 -17.81 24.12
N GLU G 158 8.14 -16.84 23.98
CA GLU G 158 9.57 -17.06 24.13
C GLU G 158 10.08 -18.08 23.11
N GLY G 159 9.49 -18.07 21.93
CA GLY G 159 9.89 -18.98 20.87
C GLY G 159 9.21 -20.33 20.86
N SER G 160 8.28 -20.57 21.78
CA SER G 160 7.61 -21.85 21.83
C SER G 160 6.10 -21.78 22.02
N TYR G 161 5.39 -22.71 21.37
CA TYR G 161 3.94 -22.81 21.47
C TYR G 161 3.71 -24.29 21.80
N PRO G 162 3.76 -24.62 23.10
CA PRO G 162 3.57 -25.98 23.62
C PRO G 162 2.15 -26.50 23.40
N LYS G 163 2.00 -27.81 23.28
CA LYS G 163 0.66 -28.37 23.13
C LYS G 163 -0.11 -27.95 24.36
N LEU G 164 -1.28 -27.36 24.15
CA LEU G 164 -2.10 -26.93 25.25
C LEU G 164 -3.32 -27.83 25.33
N LYS G 165 -3.86 -27.93 26.53
CA LYS G 165 -5.05 -28.72 26.76
C LYS G 165 -5.70 -28.12 27.99
N ASN G 166 -6.93 -27.64 27.81
CA ASN G 166 -7.65 -27.03 28.91
C ASN G 166 -9.07 -27.53 28.87
N SER G 167 -9.68 -27.64 30.04
CA SER G 167 -11.04 -28.13 30.15
C SER G 167 -11.90 -27.22 30.98
N TYR G 168 -13.20 -27.40 30.81
CA TYR G 168 -14.19 -26.66 31.55
C TYR G 168 -15.35 -27.61 31.77
N VAL G 169 -15.80 -27.72 33.02
CA VAL G 169 -16.92 -28.57 33.35
C VAL G 169 -18.12 -27.66 33.56
N ASN G 170 -19.21 -27.94 32.86
CA ASN G 170 -20.41 -27.11 32.98
C ASN G 170 -21.19 -27.39 34.25
N LYS G 171 -21.06 -26.50 35.23
CA LYS G 171 -21.78 -26.67 36.48
C LYS G 171 -22.74 -25.51 36.65
N LYS G 172 -23.18 -24.95 35.54
CA LYS G 172 -24.11 -23.83 35.55
C LYS G 172 -25.56 -24.27 35.67
N GLY G 173 -25.82 -25.55 35.46
CA GLY G 173 -27.19 -26.04 35.53
C GLY G 173 -27.98 -25.60 34.31
N LYS G 174 -27.26 -25.16 33.28
CA LYS G 174 -27.87 -24.69 32.04
C LYS G 174 -26.91 -24.90 30.89
N GLU G 175 -27.44 -24.93 29.68
CA GLU G 175 -26.60 -25.10 28.48
C GLU G 175 -25.62 -23.94 28.44
N VAL G 176 -24.40 -24.22 28.04
CA VAL G 176 -23.41 -23.17 27.91
C VAL G 176 -22.99 -23.06 26.45
N LEU G 177 -23.22 -21.88 25.87
CA LEU G 177 -22.83 -21.63 24.49
C LEU G 177 -21.36 -21.20 24.50
N VAL G 178 -20.50 -21.97 23.84
CA VAL G 178 -19.09 -21.61 23.80
C VAL G 178 -18.64 -21.37 22.36
N LEU G 179 -17.93 -20.27 22.15
CA LEU G 179 -17.45 -19.91 20.82
C LEU G 179 -15.92 -19.84 20.82
N TRP G 180 -15.34 -20.02 19.64
CA TRP G 180 -13.89 -19.97 19.50
C TRP G 180 -13.58 -19.83 18.02
N GLY G 181 -12.30 -19.63 17.71
CA GLY G 181 -11.90 -19.48 16.34
C GLY G 181 -10.66 -20.28 16.01
N ILE G 182 -10.33 -20.30 14.73
CA ILE G 182 -9.16 -21.00 14.23
C ILE G 182 -8.58 -20.00 13.25
N HIS G 183 -7.34 -19.57 13.49
CA HIS G 183 -6.72 -18.61 12.60
C HIS G 183 -5.97 -19.34 11.49
N HIS G 184 -6.03 -18.77 10.28
CA HIS G 184 -5.38 -19.36 9.10
C HIS G 184 -4.43 -18.36 8.45
N PRO G 185 -3.12 -18.46 8.75
CA PRO G 185 -2.12 -17.56 8.17
C PRO G 185 -2.11 -17.67 6.64
N PRO G 186 -1.63 -16.62 5.94
CA PRO G 186 -1.55 -16.61 4.47
C PRO G 186 -0.29 -17.29 3.93
N ASN G 187 0.68 -17.56 4.80
CA ASN G 187 1.92 -18.25 4.39
C ASN G 187 2.53 -18.99 5.58
N SER G 188 3.35 -19.99 5.29
CA SER G 188 3.96 -20.80 6.32
C SER G 188 4.91 -20.00 7.21
N LYS G 189 5.57 -18.99 6.64
CA LYS G 189 6.46 -18.14 7.41
C LYS G 189 5.73 -17.58 8.61
N GLU G 190 4.54 -17.02 8.36
CA GLU G 190 3.74 -16.44 9.41
C GLU G 190 3.21 -17.49 10.38
N GLN G 191 2.82 -18.65 9.85
CA GLN G 191 2.32 -19.74 10.69
C GLN G 191 3.37 -20.11 11.72
N GLN G 192 4.61 -20.26 11.27
CA GLN G 192 5.71 -20.63 12.16
C GLN G 192 6.08 -19.49 13.09
N ASN G 193 6.10 -18.28 12.55
CA ASN G 193 6.45 -17.13 13.35
C ASN G 193 5.47 -16.95 14.53
N LEU G 194 4.19 -17.20 14.30
CA LEU G 194 3.18 -17.04 15.35
C LEU G 194 2.96 -18.28 16.21
N TYR G 195 3.02 -19.47 15.61
CA TYR G 195 2.74 -20.68 16.35
C TYR G 195 3.84 -21.73 16.41
N GLN G 196 5.05 -21.38 16.00
CA GLN G 196 6.17 -22.30 16.00
C GLN G 196 5.98 -23.53 15.12
N ASN G 197 4.91 -24.29 15.37
CA ASN G 197 4.64 -25.51 14.62
C ASN G 197 4.10 -25.32 13.22
N GLU G 198 4.88 -25.73 12.23
CA GLU G 198 4.51 -25.62 10.83
C GLU G 198 3.24 -26.40 10.53
N ASN G 199 3.09 -27.55 11.19
CA ASN G 199 1.91 -28.38 11.01
C ASN G 199 1.21 -28.50 12.36
N ALA G 200 0.21 -27.65 12.57
CA ALA G 200 -0.53 -27.61 13.82
C ALA G 200 -1.96 -28.09 13.66
N TYR G 201 -2.65 -28.20 14.79
CA TYR G 201 -4.04 -28.65 14.76
C TYR G 201 -4.72 -28.18 16.04
N VAL G 202 -6.03 -28.16 15.99
CA VAL G 202 -6.84 -27.79 17.14
C VAL G 202 -7.92 -28.86 17.27
N SER G 203 -8.22 -29.24 18.49
CA SER G 203 -9.23 -30.25 18.75
C SER G 203 -10.19 -29.76 19.82
N VAL G 204 -11.49 -29.87 19.56
CA VAL G 204 -12.52 -29.46 20.51
C VAL G 204 -13.47 -30.63 20.67
N VAL G 205 -13.66 -31.04 21.91
CA VAL G 205 -14.48 -32.21 22.20
C VAL G 205 -15.31 -32.11 23.48
N THR G 206 -16.54 -32.62 23.43
CA THR G 206 -17.43 -32.68 24.57
C THR G 206 -17.99 -34.11 24.51
N SER G 207 -19.02 -34.42 25.29
CA SER G 207 -19.57 -35.77 25.21
C SER G 207 -20.40 -35.98 23.93
N ASN G 208 -20.84 -34.90 23.29
CA ASN G 208 -21.63 -35.03 22.05
C ASN G 208 -21.10 -34.19 20.88
N TYR G 209 -19.93 -33.59 21.05
CA TYR G 209 -19.32 -32.79 20.00
C TYR G 209 -17.91 -33.30 19.80
N ASN G 210 -17.47 -33.38 18.56
CA ASN G 210 -16.14 -33.89 18.27
C ASN G 210 -15.58 -33.36 16.96
N ARG G 211 -14.70 -32.38 17.03
CA ARG G 211 -14.14 -31.82 15.81
C ARG G 211 -12.65 -31.47 15.88
N ARG G 212 -11.98 -31.61 14.75
CA ARG G 212 -10.56 -31.31 14.65
C ARG G 212 -10.34 -30.28 13.54
N PHE G 213 -9.51 -29.27 13.80
CA PHE G 213 -9.27 -28.24 12.81
C PHE G 213 -7.81 -28.18 12.39
N THR G 214 -7.60 -28.10 11.07
CA THR G 214 -6.26 -28.03 10.51
C THR G 214 -6.09 -26.74 9.74
N PRO G 215 -5.02 -26.00 10.02
CA PRO G 215 -4.79 -24.74 9.31
C PRO G 215 -4.62 -25.00 7.82
N GLU G 216 -5.21 -24.15 7.00
CA GLU G 216 -5.08 -24.28 5.55
C GLU G 216 -4.42 -22.98 5.13
N ILE G 217 -3.12 -23.06 4.85
CA ILE G 217 -2.33 -21.88 4.48
C ILE G 217 -2.28 -21.61 2.97
N ALA G 218 -2.53 -20.36 2.60
CA ALA G 218 -2.51 -19.92 1.20
C ALA G 218 -2.68 -18.41 1.07
N GLU G 219 -2.08 -17.84 0.04
CA GLU G 219 -2.18 -16.41 -0.22
C GLU G 219 -3.66 -16.16 -0.54
N ARG G 220 -4.22 -15.08 0.00
CA ARG G 220 -5.63 -14.79 -0.24
C ARG G 220 -5.88 -13.29 -0.45
N PRO G 221 -6.96 -12.95 -1.16
CA PRO G 221 -7.27 -11.53 -1.39
C PRO G 221 -7.43 -10.91 0.00
N LYS G 222 -7.04 -9.64 0.14
CA LYS G 222 -7.18 -9.00 1.44
C LYS G 222 -8.60 -8.52 1.70
N VAL G 223 -9.08 -8.78 2.90
CA VAL G 223 -10.41 -8.36 3.31
C VAL G 223 -10.14 -7.64 4.61
N ARG G 224 -10.63 -6.40 4.72
CA ARG G 224 -10.38 -5.59 5.92
C ARG G 224 -8.86 -5.52 6.08
N ASP G 225 -8.18 -5.49 4.94
CA ASP G 225 -6.73 -5.42 4.87
C ASP G 225 -6.03 -6.66 5.41
N GLN G 226 -6.76 -7.78 5.49
CA GLN G 226 -6.18 -9.02 6.01
C GLN G 226 -6.17 -10.14 4.97
N ALA G 227 -5.00 -10.72 4.74
CA ALA G 227 -4.88 -11.83 3.79
C ALA G 227 -5.17 -13.11 4.61
N GLY G 228 -5.02 -13.01 5.92
CA GLY G 228 -5.29 -14.14 6.77
C GLY G 228 -6.79 -14.30 6.93
N ARG G 229 -7.22 -15.39 7.55
CA ARG G 229 -8.64 -15.64 7.75
C ARG G 229 -8.82 -16.20 9.15
N MET G 230 -10.01 -16.05 9.69
CA MET G 230 -10.31 -16.58 11.02
C MET G 230 -11.71 -17.18 10.94
N ASN G 231 -11.82 -18.49 11.13
CA ASN G 231 -13.13 -19.15 11.08
C ASN G 231 -13.67 -19.30 12.49
N TYR G 232 -14.96 -19.06 12.65
CA TYR G 232 -15.57 -19.14 13.96
C TYR G 232 -16.50 -20.32 14.12
N TYR G 233 -16.44 -20.94 15.30
CA TYR G 233 -17.25 -22.11 15.59
C TYR G 233 -17.90 -22.00 16.95
N TRP G 234 -18.91 -22.83 17.18
CA TRP G 234 -19.61 -22.81 18.45
C TRP G 234 -20.27 -24.15 18.72
N THR G 235 -20.64 -24.35 19.97
CA THR G 235 -21.34 -25.57 20.35
C THR G 235 -22.05 -25.34 21.67
N LEU G 236 -23.05 -26.15 21.95
CA LEU G 236 -23.78 -26.04 23.20
C LEU G 236 -23.31 -27.16 24.11
N LEU G 237 -22.81 -26.77 25.27
CA LEU G 237 -22.33 -27.73 26.25
C LEU G 237 -23.46 -27.94 27.25
N LYS G 238 -23.95 -29.17 27.31
CA LYS G 238 -25.04 -29.55 28.20
C LYS G 238 -24.58 -29.45 29.65
N PRO G 239 -25.54 -29.28 30.59
CA PRO G 239 -25.22 -29.17 32.01
C PRO G 239 -24.45 -30.41 32.44
N GLY G 240 -23.38 -30.23 33.18
CA GLY G 240 -22.61 -31.38 33.65
C GLY G 240 -21.55 -31.90 32.69
N ASP G 241 -21.67 -31.60 31.40
CA ASP G 241 -20.68 -32.11 30.46
C ASP G 241 -19.39 -31.27 30.49
N THR G 242 -18.34 -31.81 29.87
CA THR G 242 -17.03 -31.17 29.84
C THR G 242 -16.58 -30.90 28.40
N ILE G 243 -15.96 -29.75 28.20
CA ILE G 243 -15.44 -29.42 26.88
C ILE G 243 -13.93 -29.36 27.02
N ILE G 244 -13.21 -29.96 26.07
CA ILE G 244 -11.77 -30.01 26.10
C ILE G 244 -11.15 -29.39 24.85
N PHE G 245 -10.33 -28.36 25.04
CA PHE G 245 -9.64 -27.74 23.92
C PHE G 245 -8.21 -28.22 23.96
N GLU G 246 -7.71 -28.66 22.81
CA GLU G 246 -6.34 -29.13 22.71
C GLU G 246 -5.76 -28.55 21.44
N ALA G 247 -4.55 -28.01 21.53
CA ALA G 247 -3.92 -27.42 20.35
C ALA G 247 -2.44 -27.17 20.50
N ASN G 248 -1.77 -27.05 19.36
CA ASN G 248 -0.35 -26.72 19.34
C ASN G 248 -0.19 -25.57 18.34
N GLY G 249 -1.29 -24.82 18.18
CA GLY G 249 -1.29 -23.66 17.30
C GLY G 249 -2.66 -23.22 16.79
N ASN G 250 -2.70 -22.03 16.20
CA ASN G 250 -3.88 -21.50 15.56
C ASN G 250 -5.22 -21.32 16.28
N LEU G 251 -5.31 -21.73 17.55
CA LEU G 251 -6.54 -21.58 18.32
C LEU G 251 -6.84 -20.17 18.80
N ILE G 252 -8.07 -19.71 18.58
CA ILE G 252 -8.50 -18.40 19.07
C ILE G 252 -9.41 -18.88 20.20
N ALA G 253 -8.83 -19.02 21.37
CA ALA G 253 -9.54 -19.57 22.52
C ALA G 253 -10.70 -18.79 23.11
N PRO G 254 -11.67 -19.52 23.68
CA PRO G 254 -12.82 -18.87 24.29
C PRO G 254 -12.33 -18.24 25.60
N MET G 255 -12.84 -17.07 25.94
CA MET G 255 -12.48 -16.44 27.20
C MET G 255 -13.79 -16.30 27.97
N TYR G 256 -14.84 -15.86 27.27
CA TYR G 256 -16.15 -15.76 27.89
C TYR G 256 -17.12 -16.69 27.17
N ALA G 257 -18.06 -17.25 27.91
CA ALA G 257 -19.07 -18.14 27.36
C ALA G 257 -20.42 -17.67 27.92
N PHE G 258 -21.51 -18.25 27.45
CA PHE G 258 -22.83 -17.83 27.91
C PHE G 258 -23.68 -18.96 28.42
N ALA G 259 -24.18 -18.84 29.64
CA ALA G 259 -25.07 -19.84 30.23
C ALA G 259 -26.46 -19.39 29.81
N LEU G 260 -27.10 -20.17 28.94
CA LEU G 260 -28.42 -19.85 28.39
C LEU G 260 -29.66 -20.25 29.15
N ARG G 261 -30.66 -19.38 29.14
CA ARG G 261 -31.94 -19.67 29.76
C ARG G 261 -32.93 -19.57 28.61
N ARG G 262 -33.76 -20.59 28.43
CA ARG G 262 -34.72 -20.61 27.33
C ARG G 262 -36.07 -20.00 27.68
N GLY G 263 -36.69 -19.39 26.66
CA GLY G 263 -38.01 -18.78 26.82
C GLY G 263 -38.84 -19.00 25.56
N PHE G 264 -40.07 -18.51 25.56
CA PHE G 264 -40.94 -18.66 24.40
C PHE G 264 -41.41 -17.31 23.89
N GLY G 265 -41.73 -17.24 22.61
CA GLY G 265 -42.23 -16.02 22.03
C GLY G 265 -41.23 -14.97 21.60
N SER G 266 -39.93 -15.24 21.76
CA SER G 266 -38.93 -14.27 21.35
C SER G 266 -38.56 -14.49 19.89
N GLY G 267 -37.74 -13.58 19.36
CA GLY G 267 -37.34 -13.68 17.97
C GLY G 267 -36.48 -12.50 17.57
N ILE G 268 -35.88 -12.58 16.38
CA ILE G 268 -35.03 -11.52 15.87
C ILE G 268 -35.74 -10.80 14.74
N ILE G 269 -35.88 -9.48 14.87
CA ILE G 269 -36.51 -8.68 13.82
C ILE G 269 -35.54 -7.59 13.38
N THR G 270 -35.78 -7.04 12.20
CA THR G 270 -34.95 -5.97 11.67
C THR G 270 -35.87 -4.75 11.60
N SER G 271 -35.43 -3.64 12.16
CA SER G 271 -36.24 -2.44 12.18
C SER G 271 -35.41 -1.17 12.26
N ASN G 272 -35.94 -0.08 11.74
CA ASN G 272 -35.22 1.19 11.84
C ASN G 272 -36.02 2.14 12.73
N ALA G 273 -36.98 1.60 13.46
CA ALA G 273 -37.81 2.37 14.38
C ALA G 273 -37.04 2.49 15.71
N SER G 274 -37.38 3.49 16.51
CA SER G 274 -36.67 3.69 17.77
C SER G 274 -37.37 3.14 18.98
N MET G 275 -36.59 2.81 20.00
CA MET G 275 -37.10 2.30 21.25
C MET G 275 -37.60 3.47 22.08
N HIS G 276 -38.77 3.29 22.70
CA HIS G 276 -39.38 4.32 23.53
C HIS G 276 -39.85 3.60 24.77
N GLU G 277 -40.21 4.35 25.81
CA GLU G 277 -40.69 3.75 27.04
C GLU G 277 -42.19 3.50 26.94
N CYS G 278 -42.56 2.46 26.18
CA CYS G 278 -43.96 2.07 25.97
C CYS G 278 -44.07 0.56 26.17
N ASN G 279 -45.28 0.09 26.45
CA ASN G 279 -45.49 -1.33 26.66
C ASN G 279 -46.54 -1.84 25.67
N THR G 280 -46.36 -3.07 25.21
CA THR G 280 -47.28 -3.67 24.25
C THR G 280 -47.30 -5.17 24.38
N LYS G 281 -48.33 -5.77 23.80
CA LYS G 281 -48.45 -7.21 23.79
C LYS G 281 -48.14 -7.67 22.36
N CYS G 282 -48.08 -6.71 21.44
CA CYS G 282 -47.80 -7.02 20.05
C CYS G 282 -46.88 -6.00 19.36
N GLN G 283 -45.74 -6.49 18.88
CA GLN G 283 -44.76 -5.62 18.23
C GLN G 283 -44.42 -6.05 16.81
N THR G 284 -44.31 -5.08 15.90
CA THR G 284 -43.91 -5.36 14.52
C THR G 284 -42.71 -4.45 14.27
N PRO G 285 -41.96 -4.68 13.18
CA PRO G 285 -40.80 -3.85 12.87
C PRO G 285 -41.16 -2.38 12.60
N LEU G 286 -42.42 -2.11 12.32
CA LEU G 286 -42.85 -0.74 12.04
C LEU G 286 -43.33 -0.01 13.29
N GLY G 287 -43.84 -0.77 14.26
CA GLY G 287 -44.36 -0.18 15.46
C GLY G 287 -45.26 -1.15 16.19
N ALA G 288 -45.63 -0.82 17.41
CA ALA G 288 -46.47 -1.67 18.24
C ALA G 288 -47.95 -1.53 17.88
N ILE G 289 -48.71 -2.57 18.18
CA ILE G 289 -50.14 -2.62 17.93
C ILE G 289 -50.89 -2.94 19.21
N ASN G 290 -52.00 -2.24 19.44
CA ASN G 290 -52.87 -2.49 20.59
C ASN G 290 -54.26 -2.63 19.98
N SER G 291 -54.68 -3.87 19.77
CA SER G 291 -55.96 -4.10 19.13
C SER G 291 -56.53 -5.48 19.40
N SER G 292 -57.85 -5.61 19.31
CA SER G 292 -58.52 -6.89 19.51
C SER G 292 -59.09 -7.39 18.18
N LEU G 293 -58.82 -6.64 17.11
CA LEU G 293 -59.32 -7.01 15.78
C LEU G 293 -58.62 -8.28 15.26
N PRO G 294 -59.35 -9.14 14.56
CA PRO G 294 -58.80 -10.39 14.01
C PRO G 294 -57.67 -10.24 13.00
N TYR G 295 -57.69 -9.17 12.21
CA TYR G 295 -56.64 -9.00 11.20
C TYR G 295 -55.92 -7.66 11.29
N GLN G 296 -54.77 -7.60 10.61
CA GLN G 296 -53.96 -6.40 10.53
C GLN G 296 -53.26 -6.45 9.19
N ASN G 297 -53.01 -5.29 8.59
CA ASN G 297 -52.32 -5.23 7.31
C ASN G 297 -51.07 -4.39 7.46
N ILE G 298 -50.58 -4.30 8.69
CA ILE G 298 -49.38 -3.52 9.00
C ILE G 298 -48.07 -4.20 8.61
N HIS G 299 -47.84 -5.41 9.11
CA HIS G 299 -46.61 -6.14 8.79
C HIS G 299 -46.73 -7.63 9.08
N PRO G 300 -46.11 -8.48 8.24
CA PRO G 300 -46.17 -9.93 8.45
C PRO G 300 -45.33 -10.40 9.64
N VAL G 301 -44.29 -9.65 9.98
CA VAL G 301 -43.43 -10.00 11.11
C VAL G 301 -44.07 -9.47 12.40
N THR G 302 -44.31 -10.36 13.35
CA THR G 302 -44.92 -9.97 14.60
C THR G 302 -44.31 -10.69 15.79
N ILE G 303 -44.25 -10.00 16.93
CA ILE G 303 -43.75 -10.59 18.16
C ILE G 303 -44.86 -10.41 19.18
N GLY G 304 -45.25 -11.51 19.84
CA GLY G 304 -46.29 -11.43 20.84
C GLY G 304 -47.62 -12.07 20.45
N GLU G 305 -48.71 -11.42 20.83
CA GLU G 305 -50.06 -11.89 20.51
C GLU G 305 -50.66 -10.83 19.61
N CYS G 306 -50.66 -11.12 18.31
CA CYS G 306 -51.10 -10.16 17.31
C CYS G 306 -52.21 -10.62 16.39
N PRO G 307 -52.81 -9.66 15.65
CA PRO G 307 -53.88 -9.98 14.71
C PRO G 307 -53.19 -10.69 13.53
N LYS G 308 -53.95 -11.47 12.76
CA LYS G 308 -53.37 -12.16 11.62
C LYS G 308 -53.07 -11.18 10.50
N TYR G 309 -51.88 -11.28 9.93
CA TYR G 309 -51.49 -10.43 8.82
C TYR G 309 -52.17 -10.87 7.53
N VAL G 310 -52.64 -9.88 6.77
CA VAL G 310 -53.31 -10.12 5.51
C VAL G 310 -52.94 -8.97 4.58
N ARG G 311 -53.02 -9.18 3.27
CA ARG G 311 -52.69 -8.12 2.33
C ARG G 311 -53.86 -7.15 2.13
N SER G 312 -55.04 -7.52 2.63
CA SER G 312 -56.24 -6.70 2.47
C SER G 312 -56.06 -5.24 2.82
N ALA G 313 -56.73 -4.37 2.05
CA ALA G 313 -56.69 -2.94 2.27
C ALA G 313 -57.87 -2.57 3.15
N LYS G 314 -58.92 -3.38 3.08
CA LYS G 314 -60.15 -3.13 3.84
C LYS G 314 -60.94 -4.41 4.15
N LEU G 315 -61.41 -4.51 5.39
CA LEU G 315 -62.22 -5.65 5.82
C LEU G 315 -63.23 -5.10 6.80
N ARG G 316 -64.38 -4.70 6.26
CA ARG G 316 -65.44 -4.13 7.08
C ARG G 316 -66.70 -4.96 6.94
N MET G 317 -67.21 -5.42 8.07
CA MET G 317 -68.40 -6.25 8.12
C MET G 317 -69.60 -5.39 8.49
N VAL G 318 -70.67 -5.49 7.70
CA VAL G 318 -71.88 -4.71 7.95
C VAL G 318 -72.71 -5.37 9.05
N THR G 319 -73.22 -4.56 9.97
CA THR G 319 -74.05 -5.04 11.05
C THR G 319 -75.46 -4.48 10.91
N GLY G 320 -75.55 -3.23 10.50
CA GLY G 320 -76.85 -2.60 10.31
C GLY G 320 -77.45 -2.99 8.98
N LEU G 321 -78.37 -2.19 8.47
CA LEU G 321 -79.00 -2.49 7.19
C LEU G 321 -78.62 -1.49 6.11
N ARG G 322 -79.09 -1.74 4.90
CA ARG G 322 -78.83 -0.85 3.78
C ARG G 322 -79.37 0.51 4.24
N ASN G 323 -78.51 1.54 4.21
CA ASN G 323 -78.93 2.87 4.65
C ASN G 323 -79.60 3.67 3.54
N ILE G 324 -80.88 3.98 3.74
CA ILE G 324 -81.64 4.73 2.75
C ILE G 324 -82.35 5.90 3.43
N PRO G 325 -81.60 6.99 3.70
CA PRO G 325 -82.11 8.20 4.35
C PRO G 325 -83.40 8.70 3.72
N ALA G 326 -83.49 8.60 2.40
CA ALA G 326 -84.67 9.04 1.66
C ALA G 326 -84.87 10.54 1.83
N ARG G 327 -84.01 11.33 1.18
CA ARG G 327 -84.09 12.78 1.25
C ARG G 327 -84.47 13.39 -0.10
N GLY H 1 -83.26 -6.47 -2.64
CA GLY H 1 -83.42 -7.31 -1.46
C GLY H 1 -84.01 -8.66 -1.80
N LEU H 2 -83.46 -9.71 -1.21
CA LEU H 2 -83.93 -11.06 -1.47
C LEU H 2 -85.38 -11.26 -1.03
N PHE H 3 -85.83 -10.52 -0.01
CA PHE H 3 -87.19 -10.71 0.46
C PHE H 3 -88.19 -9.61 0.06
N GLY H 4 -87.74 -8.65 -0.73
CA GLY H 4 -88.61 -7.59 -1.23
C GLY H 4 -89.07 -6.44 -0.33
N ALA H 5 -88.65 -6.40 0.92
CA ALA H 5 -89.06 -5.31 1.82
C ALA H 5 -88.17 -4.08 1.72
N ILE H 6 -87.00 -4.16 2.34
CA ILE H 6 -86.03 -3.05 2.33
C ILE H 6 -85.70 -2.70 0.88
N ALA H 7 -85.78 -1.41 0.55
CA ALA H 7 -85.51 -0.94 -0.80
C ALA H 7 -86.44 -1.64 -1.78
N GLY H 8 -87.59 -2.10 -1.27
CA GLY H 8 -88.57 -2.79 -2.09
C GLY H 8 -89.95 -2.17 -1.97
N PHE H 9 -90.94 -2.97 -1.55
CA PHE H 9 -92.29 -2.45 -1.41
C PHE H 9 -92.36 -1.40 -0.30
N ILE H 10 -91.29 -1.32 0.48
CA ILE H 10 -91.19 -0.33 1.54
C ILE H 10 -89.89 0.43 1.22
N GLU H 11 -90.04 1.30 0.22
CA GLU H 11 -89.00 2.14 -0.38
C GLU H 11 -87.80 2.67 0.40
N GLY H 12 -88.04 3.42 1.48
CA GLY H 12 -86.91 3.98 2.20
C GLY H 12 -86.93 3.80 3.71
N GLY H 13 -85.88 4.29 4.35
CA GLY H 13 -85.78 4.19 5.80
C GLY H 13 -86.23 5.45 6.52
N TRP H 14 -86.35 5.33 7.85
CA TRP H 14 -86.77 6.45 8.67
C TRP H 14 -85.64 6.99 9.53
N THR H 15 -85.18 8.19 9.23
CA THR H 15 -84.12 8.79 10.02
C THR H 15 -84.74 9.25 11.34
N GLY H 16 -86.06 9.16 11.41
CA GLY H 16 -86.77 9.55 12.61
C GLY H 16 -86.80 8.41 13.62
N MET H 17 -86.40 7.23 13.17
CA MET H 17 -86.36 6.04 14.03
C MET H 17 -84.99 5.94 14.70
N ILE H 18 -84.96 5.97 16.03
CA ILE H 18 -83.70 5.90 16.76
C ILE H 18 -83.76 4.96 17.95
N ASP H 19 -84.71 4.03 17.93
CA ASP H 19 -84.86 3.08 19.02
C ASP H 19 -84.44 1.68 18.60
N GLY H 20 -84.38 1.46 17.29
CA GLY H 20 -83.99 0.17 16.77
C GLY H 20 -83.87 0.15 15.27
N TRP H 21 -83.68 -1.04 14.70
CA TRP H 21 -83.54 -1.17 13.26
C TRP H 21 -84.89 -1.30 12.57
N TYR H 22 -85.83 -1.91 13.26
CA TYR H 22 -87.17 -2.12 12.73
C TYR H 22 -88.20 -1.46 13.65
N GLY H 23 -89.29 -0.96 13.08
CA GLY H 23 -90.30 -0.32 13.92
C GLY H 23 -91.59 0.08 13.23
N TYR H 24 -92.32 1.01 13.85
CA TYR H 24 -93.59 1.48 13.29
C TYR H 24 -93.73 2.98 13.39
N HIS H 25 -94.59 3.53 12.54
CA HIS H 25 -94.90 4.95 12.58
C HIS H 25 -96.40 5.01 12.70
N HIS H 26 -96.92 5.77 13.66
CA HIS H 26 -98.36 5.81 13.81
C HIS H 26 -98.95 7.20 13.55
N GLN H 27 -100.12 7.22 12.93
CA GLN H 27 -100.80 8.46 12.64
C GLN H 27 -102.09 8.37 13.43
N ASN H 28 -102.23 9.23 14.44
CA ASN H 28 -103.41 9.19 15.29
C ASN H 28 -103.95 10.60 15.51
N GLU H 29 -105.21 10.69 15.92
CA GLU H 29 -105.86 11.96 16.22
C GLU H 29 -105.03 12.58 17.32
N GLN H 30 -104.41 11.72 18.12
CA GLN H 30 -103.57 12.15 19.24
C GLN H 30 -102.16 12.57 18.78
N GLY H 31 -101.80 12.20 17.55
CA GLY H 31 -100.50 12.58 17.04
C GLY H 31 -99.77 11.48 16.29
N SER H 32 -98.63 11.83 15.70
CA SER H 32 -97.80 10.90 14.94
C SER H 32 -96.61 10.44 15.77
N GLY H 33 -95.60 9.87 15.11
CA GLY H 33 -94.41 9.42 15.84
C GLY H 33 -93.87 8.07 15.42
N TYR H 34 -92.65 7.77 15.85
CA TYR H 34 -92.01 6.50 15.54
C TYR H 34 -91.78 5.69 16.81
N ALA H 35 -91.57 4.39 16.63
CA ALA H 35 -91.32 3.49 17.76
C ALA H 35 -90.77 2.15 17.25
N ALA H 36 -89.56 1.82 17.66
CA ALA H 36 -88.93 0.58 17.22
C ALA H 36 -89.56 -0.63 17.90
N ASP H 37 -89.45 -1.78 17.25
CA ASP H 37 -89.98 -3.01 17.81
C ASP H 37 -88.81 -3.73 18.47
N GLN H 38 -88.74 -3.63 19.79
CA GLN H 38 -87.67 -4.24 20.58
C GLN H 38 -87.51 -5.73 20.31
N LYS H 39 -88.64 -6.42 20.20
CA LYS H 39 -88.65 -7.86 19.95
C LYS H 39 -87.80 -8.23 18.72
N SER H 40 -88.16 -7.69 17.57
CA SER H 40 -87.45 -7.96 16.33
C SER H 40 -86.04 -7.40 16.29
N THR H 41 -85.87 -6.18 16.79
CA THR H 41 -84.58 -5.54 16.80
C THR H 41 -83.53 -6.28 17.63
N GLN H 42 -83.94 -6.73 18.81
CA GLN H 42 -83.01 -7.43 19.70
C GLN H 42 -82.55 -8.76 19.09
N ASN H 43 -83.47 -9.55 18.57
CA ASN H 43 -83.14 -10.82 17.95
C ASN H 43 -82.13 -10.60 16.83
N ALA H 44 -82.33 -9.52 16.08
CA ALA H 44 -81.44 -9.17 14.98
C ALA H 44 -80.08 -8.78 15.54
N ILE H 45 -80.09 -8.13 16.70
CA ILE H 45 -78.84 -7.73 17.33
C ILE H 45 -78.12 -8.95 17.88
N ASN H 46 -78.87 -9.86 18.51
CA ASN H 46 -78.25 -11.06 19.05
C ASN H 46 -77.64 -11.91 17.94
N GLY H 47 -78.35 -12.04 16.83
CA GLY H 47 -77.85 -12.83 15.72
C GLY H 47 -76.60 -12.25 15.08
N ILE H 48 -76.66 -10.98 14.71
CA ILE H 48 -75.52 -10.35 14.09
C ILE H 48 -74.33 -10.21 15.04
N THR H 49 -74.60 -10.05 16.33
CA THR H 49 -73.52 -9.93 17.30
C THR H 49 -72.79 -11.27 17.35
N ASN H 50 -73.56 -12.36 17.34
CA ASN H 50 -72.98 -13.69 17.38
C ASN H 50 -72.23 -13.98 16.08
N LYS H 51 -72.70 -13.42 14.97
CA LYS H 51 -72.03 -13.65 13.69
C LYS H 51 -70.66 -13.01 13.70
N VAL H 52 -70.61 -11.73 14.08
CA VAL H 52 -69.36 -11.00 14.15
C VAL H 52 -68.39 -11.67 15.13
N ASN H 53 -68.90 -12.12 16.27
CA ASN H 53 -68.03 -12.76 17.25
C ASN H 53 -67.46 -14.07 16.73
N SER H 54 -68.25 -14.81 15.96
CA SER H 54 -67.77 -16.08 15.41
C SER H 54 -66.61 -15.81 14.46
N VAL H 55 -66.78 -14.83 13.58
CA VAL H 55 -65.75 -14.47 12.60
C VAL H 55 -64.46 -14.12 13.34
N ILE H 56 -64.61 -13.40 14.44
CA ILE H 56 -63.45 -12.99 15.24
C ILE H 56 -62.82 -14.16 15.97
N GLU H 57 -63.64 -15.00 16.58
CA GLU H 57 -63.15 -16.15 17.33
C GLU H 57 -62.44 -17.20 16.50
N LYS H 58 -62.92 -17.43 15.28
CA LYS H 58 -62.30 -18.43 14.42
C LYS H 58 -60.88 -18.03 13.99
N MET H 59 -60.58 -16.73 14.03
CA MET H 59 -59.26 -16.20 13.67
C MET H 59 -58.44 -15.93 14.94
N ASN H 60 -58.27 -16.94 15.79
CA ASN H 60 -57.51 -16.77 17.03
C ASN H 60 -56.15 -16.09 16.79
N ILE H 61 -55.62 -15.47 17.84
CA ILE H 61 -54.35 -14.73 17.81
C ILE H 61 -53.17 -15.34 17.07
N GLN H 62 -52.44 -14.49 16.35
CA GLN H 62 -51.25 -14.90 15.62
C GLN H 62 -50.10 -14.72 16.59
N PHE H 63 -49.36 -15.78 16.87
CA PHE H 63 -48.23 -15.68 17.79
C PHE H 63 -46.96 -15.33 17.03
N THR H 64 -45.87 -15.11 17.77
CA THR H 64 -44.60 -14.74 17.17
C THR H 64 -44.27 -15.45 15.86
N ALA H 65 -44.14 -14.65 14.81
CA ALA H 65 -43.80 -15.16 13.48
C ALA H 65 -42.77 -14.19 12.91
N VAL H 66 -41.56 -14.68 12.66
CA VAL H 66 -40.49 -13.84 12.15
C VAL H 66 -39.78 -14.45 10.94
N GLY H 67 -38.82 -13.71 10.38
CA GLY H 67 -38.07 -14.18 9.23
C GLY H 67 -36.90 -15.06 9.62
N LYS H 68 -36.33 -15.74 8.64
CA LYS H 68 -35.20 -16.62 8.89
C LYS H 68 -34.06 -16.28 7.92
N GLU H 69 -32.83 -16.60 8.32
CA GLU H 69 -31.69 -16.36 7.46
C GLU H 69 -31.25 -17.68 6.85
N PHE H 70 -30.56 -17.61 5.72
CA PHE H 70 -30.08 -18.78 5.02
C PHE H 70 -28.76 -18.38 4.41
N ASN H 71 -27.74 -19.24 4.51
CA ASN H 71 -26.46 -18.87 3.93
C ASN H 71 -26.58 -18.94 2.41
N LYS H 72 -25.52 -18.54 1.71
CA LYS H 72 -25.49 -18.50 0.25
C LYS H 72 -25.66 -19.86 -0.42
N LEU H 73 -25.46 -20.93 0.34
CA LEU H 73 -25.62 -22.25 -0.23
C LEU H 73 -26.95 -22.89 0.18
N GLU H 74 -27.89 -22.07 0.64
CA GLU H 74 -29.21 -22.59 1.03
C GLU H 74 -30.32 -21.87 0.30
N LYS H 75 -30.14 -21.64 -1.00
CA LYS H 75 -31.13 -20.93 -1.79
C LYS H 75 -32.44 -21.71 -1.92
N ARG H 76 -32.34 -23.03 -2.05
CA ARG H 76 -33.54 -23.85 -2.18
C ARG H 76 -34.37 -23.79 -0.91
N MET H 77 -33.72 -23.92 0.25
CA MET H 77 -34.41 -23.87 1.52
C MET H 77 -35.04 -22.48 1.70
N GLU H 78 -34.32 -21.45 1.26
CA GLU H 78 -34.81 -20.09 1.35
C GLU H 78 -36.06 -19.93 0.47
N ASN H 79 -36.03 -20.49 -0.74
CA ASN H 79 -37.20 -20.40 -1.60
C ASN H 79 -38.35 -21.22 -1.05
N LEU H 80 -38.05 -22.35 -0.43
CA LEU H 80 -39.09 -23.19 0.16
C LEU H 80 -39.80 -22.36 1.21
N ASN H 81 -39.00 -21.73 2.07
CA ASN H 81 -39.54 -20.89 3.14
C ASN H 81 -40.41 -19.78 2.59
N ASN H 82 -39.95 -19.15 1.52
CA ASN H 82 -40.69 -18.08 0.87
C ASN H 82 -42.01 -18.60 0.32
N LYS H 83 -41.98 -19.77 -0.31
CA LYS H 83 -43.18 -20.37 -0.88
C LYS H 83 -44.20 -20.66 0.22
N VAL H 84 -43.72 -21.09 1.38
CA VAL H 84 -44.60 -21.39 2.48
C VAL H 84 -45.29 -20.12 2.98
N ASP H 85 -44.50 -19.10 3.28
CA ASP H 85 -45.06 -17.85 3.78
C ASP H 85 -46.05 -17.21 2.81
N ASP H 86 -45.70 -17.14 1.53
CA ASP H 86 -46.60 -16.54 0.55
C ASP H 86 -47.87 -17.36 0.38
N GLY H 87 -47.72 -18.67 0.39
CA GLY H 87 -48.85 -19.56 0.22
C GLY H 87 -49.87 -19.42 1.33
N PHE H 88 -49.39 -19.33 2.57
CA PHE H 88 -50.31 -19.18 3.69
C PHE H 88 -50.92 -17.79 3.63
N LEU H 89 -50.10 -16.80 3.30
CA LEU H 89 -50.58 -15.44 3.21
C LEU H 89 -51.70 -15.35 2.17
N ASP H 90 -51.47 -15.96 1.00
CA ASP H 90 -52.49 -15.96 -0.05
C ASP H 90 -53.80 -16.56 0.45
N ILE H 91 -53.72 -17.69 1.12
CA ILE H 91 -54.93 -18.34 1.61
C ILE H 91 -55.71 -17.53 2.64
N TRP H 92 -55.02 -16.96 3.61
CA TRP H 92 -55.69 -16.18 4.63
C TRP H 92 -56.26 -14.87 4.09
N THR H 93 -55.56 -14.25 3.15
CA THR H 93 -56.05 -13.01 2.56
C THR H 93 -57.35 -13.32 1.81
N TYR H 94 -57.32 -14.38 1.02
CA TYR H 94 -58.48 -14.83 0.26
C TYR H 94 -59.61 -15.21 1.22
N ASN H 95 -59.28 -16.02 2.23
CA ASN H 95 -60.26 -16.45 3.23
C ASN H 95 -60.98 -15.30 3.91
N ALA H 96 -60.21 -14.36 4.46
CA ALA H 96 -60.79 -13.22 5.17
C ALA H 96 -61.67 -12.38 4.24
N GLU H 97 -61.16 -12.07 3.05
CA GLU H 97 -61.93 -11.26 2.11
C GLU H 97 -63.21 -11.94 1.64
N LEU H 98 -63.12 -13.22 1.28
CA LEU H 98 -64.28 -13.96 0.82
C LEU H 98 -65.33 -14.13 1.93
N LEU H 99 -64.89 -14.37 3.15
CA LEU H 99 -65.84 -14.54 4.25
C LEU H 99 -66.62 -13.26 4.52
N VAL H 100 -65.95 -12.12 4.45
CA VAL H 100 -66.59 -10.84 4.69
C VAL H 100 -67.60 -10.50 3.59
N LEU H 101 -67.20 -10.70 2.34
CA LEU H 101 -68.07 -10.43 1.18
C LEU H 101 -69.35 -11.24 1.24
N LEU H 102 -69.19 -12.54 1.49
CA LEU H 102 -70.33 -13.43 1.55
C LEU H 102 -71.22 -13.15 2.75
N GLU H 103 -70.62 -12.91 3.92
CA GLU H 103 -71.42 -12.65 5.11
C GLU H 103 -72.13 -11.30 5.09
N ASN H 104 -71.55 -10.33 4.39
CA ASN H 104 -72.17 -9.01 4.29
C ASN H 104 -73.48 -9.17 3.51
N GLU H 105 -73.43 -9.98 2.45
CA GLU H 105 -74.62 -10.22 1.64
C GLU H 105 -75.68 -10.87 2.53
N ARG H 106 -75.28 -11.89 3.26
CA ARG H 106 -76.19 -12.61 4.15
C ARG H 106 -76.82 -11.73 5.20
N THR H 107 -76.05 -10.79 5.74
CA THR H 107 -76.56 -9.89 6.76
C THR H 107 -77.66 -8.97 6.22
N LEU H 108 -77.41 -8.38 5.05
CA LEU H 108 -78.39 -7.49 4.46
C LEU H 108 -79.68 -8.28 4.22
N ASP H 109 -79.55 -9.49 3.67
CA ASP H 109 -80.74 -10.30 3.44
C ASP H 109 -81.40 -10.55 4.77
N PHE H 110 -80.59 -10.75 5.80
CA PHE H 110 -81.12 -11.02 7.13
C PHE H 110 -82.09 -9.92 7.51
N HIS H 111 -81.64 -8.68 7.40
CA HIS H 111 -82.49 -7.55 7.75
C HIS H 111 -83.73 -7.49 6.86
N ASP H 112 -83.54 -7.68 5.55
CA ASP H 112 -84.65 -7.65 4.61
C ASP H 112 -85.71 -8.63 5.09
N SER H 113 -85.26 -9.83 5.43
CA SER H 113 -86.15 -10.87 5.92
C SER H 113 -86.86 -10.45 7.19
N ASN H 114 -86.14 -9.82 8.11
CA ASN H 114 -86.76 -9.42 9.37
C ASN H 114 -87.86 -8.39 9.17
N VAL H 115 -87.63 -7.43 8.26
CA VAL H 115 -88.62 -6.41 7.99
C VAL H 115 -89.86 -7.06 7.36
N LYS H 116 -89.61 -8.00 6.45
CA LYS H 116 -90.66 -8.73 5.76
C LYS H 116 -91.55 -9.46 6.77
N ASN H 117 -90.93 -10.25 7.64
CA ASN H 117 -91.69 -11.02 8.63
C ASN H 117 -92.45 -10.13 9.60
N LEU H 118 -91.84 -9.03 10.02
CA LEU H 118 -92.50 -8.11 10.93
C LEU H 118 -93.74 -7.54 10.24
N TYR H 119 -93.60 -7.22 8.97
CA TYR H 119 -94.70 -6.67 8.19
C TYR H 119 -95.81 -7.71 8.05
N GLU H 120 -95.45 -8.92 7.65
CA GLU H 120 -96.43 -9.98 7.49
C GLU H 120 -97.10 -10.30 8.81
N LYS H 121 -96.42 -9.98 9.91
CA LYS H 121 -96.95 -10.25 11.23
C LYS H 121 -98.07 -9.25 11.54
N VAL H 122 -97.86 -7.99 11.18
CA VAL H 122 -98.86 -6.96 11.39
C VAL H 122 -100.03 -7.16 10.43
N LYS H 123 -99.71 -7.44 9.17
CA LYS H 123 -100.70 -7.67 8.14
C LYS H 123 -101.67 -8.77 8.55
N SER H 124 -101.15 -9.79 9.22
CA SER H 124 -101.97 -10.92 9.65
C SER H 124 -102.89 -10.59 10.82
N GLN H 125 -102.60 -9.52 11.54
CA GLN H 125 -103.43 -9.10 12.67
C GLN H 125 -104.49 -8.12 12.19
N LEU H 126 -104.06 -7.16 11.37
CA LEU H 126 -104.96 -6.16 10.84
C LEU H 126 -105.81 -6.82 9.74
N LYS H 127 -105.93 -8.14 9.83
CA LYS H 127 -106.69 -8.96 8.90
C LYS H 127 -107.73 -8.15 8.14
N ASN H 128 -108.88 -7.96 8.77
CA ASN H 128 -109.97 -7.22 8.18
C ASN H 128 -110.46 -6.10 9.08
N ASN H 129 -109.53 -5.21 9.44
CA ASN H 129 -109.84 -4.07 10.29
C ASN H 129 -109.12 -2.86 9.70
N ALA H 130 -108.55 -3.06 8.52
CA ALA H 130 -107.83 -2.01 7.81
C ALA H 130 -107.44 -2.56 6.45
N LYS H 131 -106.80 -1.73 5.63
CA LYS H 131 -106.35 -2.17 4.31
C LYS H 131 -104.89 -1.79 4.12
N GLU H 132 -104.23 -2.45 3.17
CA GLU H 132 -102.83 -2.17 2.88
C GLU H 132 -102.78 -1.02 1.88
N ILE H 133 -102.07 0.06 2.23
CA ILE H 133 -102.00 1.20 1.34
C ILE H 133 -100.58 1.48 0.85
N GLY H 134 -99.94 2.49 1.44
CA GLY H 134 -98.59 2.87 1.04
C GLY H 134 -97.51 1.83 1.20
N ASN H 135 -97.90 0.55 1.16
CA ASN H 135 -96.95 -0.53 1.31
C ASN H 135 -96.10 -0.31 2.55
N GLY H 136 -96.43 -1.06 3.59
CA GLY H 136 -95.74 -0.94 4.84
C GLY H 136 -96.73 -0.27 5.77
N CYS H 137 -97.72 0.38 5.17
CA CYS H 137 -98.74 1.08 5.94
C CYS H 137 -100.11 0.42 5.88
N PHE H 138 -100.96 0.75 6.85
CA PHE H 138 -102.32 0.23 6.94
C PHE H 138 -103.27 1.32 7.42
N GLU H 139 -104.38 1.50 6.71
CA GLU H 139 -105.39 2.49 7.11
C GLU H 139 -106.49 1.76 7.85
N PHE H 140 -106.62 2.05 9.15
CA PHE H 140 -107.64 1.40 9.95
C PHE H 140 -109.05 1.74 9.50
N TYR H 141 -110.00 0.87 9.83
CA TYR H 141 -111.39 1.07 9.47
C TYR H 141 -112.12 1.77 10.61
N HIS H 142 -111.73 1.44 11.84
CA HIS H 142 -112.37 1.98 13.04
C HIS H 142 -111.58 2.92 13.93
N LYS H 143 -110.50 3.52 13.43
CA LYS H 143 -109.70 4.41 14.27
C LYS H 143 -109.10 3.56 15.39
N CYS H 144 -107.84 3.82 15.72
CA CYS H 144 -107.16 3.02 16.73
C CYS H 144 -106.24 3.86 17.61
N ASP H 145 -106.85 4.71 18.44
CA ASP H 145 -106.14 5.61 19.36
C ASP H 145 -104.63 5.45 19.49
N ASN H 146 -104.16 5.30 20.73
CA ASN H 146 -102.74 5.11 21.02
C ASN H 146 -102.60 3.76 21.72
N GLU H 147 -103.40 3.58 22.77
CA GLU H 147 -103.40 2.33 23.52
C GLU H 147 -103.70 1.21 22.53
N CYS H 148 -104.61 1.49 21.60
CA CYS H 148 -104.99 0.51 20.59
C CYS H 148 -103.82 0.24 19.64
N MET H 149 -103.11 1.30 19.25
CA MET H 149 -101.97 1.16 18.36
C MET H 149 -100.94 0.24 18.99
N GLU H 150 -100.82 0.34 20.31
CA GLU H 150 -99.87 -0.48 21.06
C GLU H 150 -100.21 -1.95 20.93
N SER H 151 -101.49 -2.30 21.09
CA SER H 151 -101.92 -3.68 20.98
C SER H 151 -101.45 -4.28 19.65
N VAL H 152 -101.09 -3.41 18.71
CA VAL H 152 -100.62 -3.85 17.41
C VAL H 152 -99.11 -4.11 17.51
N ARG H 153 -98.40 -3.17 18.11
CA ARG H 153 -96.97 -3.28 18.26
C ARG H 153 -96.56 -4.46 19.14
N ASN H 154 -97.36 -4.75 20.16
CA ASN H 154 -97.03 -5.85 21.07
C ASN H 154 -97.57 -7.21 20.66
N GLY H 155 -98.20 -7.28 19.49
CA GLY H 155 -98.71 -8.56 19.01
C GLY H 155 -100.08 -9.02 19.47
N THR H 156 -100.84 -8.16 20.13
CA THR H 156 -102.17 -8.53 20.58
C THR H 156 -103.18 -8.15 19.49
N TYR H 157 -104.11 -7.24 19.79
CA TYR H 157 -105.10 -6.82 18.80
C TYR H 157 -105.68 -8.04 18.09
N ASP H 158 -106.51 -8.81 18.77
CA ASP H 158 -107.11 -10.00 18.18
C ASP H 158 -108.55 -9.73 17.74
N TYR H 159 -108.69 -9.03 16.61
CA TYR H 159 -110.00 -8.70 16.06
C TYR H 159 -110.12 -9.25 14.65
N PRO H 160 -111.30 -9.77 14.28
CA PRO H 160 -111.51 -10.33 12.94
C PRO H 160 -111.26 -9.30 11.84
N ASP I 5 -108.29 -10.36 -21.39
CA ASP I 5 -106.99 -9.65 -21.20
C ASP I 5 -106.24 -10.20 -19.99
N THR I 6 -105.14 -10.90 -20.26
CA THR I 6 -104.33 -11.49 -19.20
C THR I 6 -102.84 -11.22 -19.33
N ILE I 7 -102.26 -10.71 -18.25
CA ILE I 7 -100.84 -10.42 -18.22
C ILE I 7 -100.22 -11.43 -17.25
N CYS I 8 -99.19 -12.14 -17.70
CA CYS I 8 -98.52 -13.11 -16.86
C CYS I 8 -97.06 -12.72 -16.67
N ILE I 9 -96.48 -13.12 -15.55
CA ILE I 9 -95.08 -12.84 -15.29
C ILE I 9 -94.36 -14.18 -15.29
N GLY I 10 -93.27 -14.28 -16.05
CA GLY I 10 -92.54 -15.53 -16.13
C GLY I 10 -91.03 -15.35 -16.17
N TYR I 11 -90.33 -16.39 -16.62
CA TYR I 11 -88.88 -16.36 -16.69
C TYR I 11 -88.31 -17.08 -17.90
N HIS I 12 -87.16 -16.59 -18.37
CA HIS I 12 -86.46 -17.11 -19.52
C HIS I 12 -86.19 -18.62 -19.53
N ALA I 13 -86.09 -19.17 -20.73
CA ALA I 13 -85.81 -20.60 -20.94
C ALA I 13 -85.21 -20.70 -22.33
N ASN I 14 -84.45 -21.77 -22.59
CA ASN I 14 -83.83 -21.98 -23.90
C ASN I 14 -83.41 -23.42 -24.14
N ASN I 15 -82.64 -23.65 -25.21
CA ASN I 15 -82.20 -25.00 -25.55
C ASN I 15 -80.82 -25.36 -24.99
N SER I 16 -80.39 -24.62 -23.97
CA SER I 16 -79.10 -24.86 -23.33
C SER I 16 -79.09 -26.18 -22.58
N THR I 17 -77.94 -26.87 -22.61
CA THR I 17 -77.80 -28.15 -21.93
C THR I 17 -76.66 -28.08 -20.89
N ASP I 18 -76.18 -26.86 -20.62
CA ASP I 18 -75.12 -26.64 -19.64
C ASP I 18 -75.62 -27.13 -18.30
N THR I 19 -74.74 -27.73 -17.51
CA THR I 19 -75.12 -28.22 -16.19
C THR I 19 -74.07 -27.84 -15.15
N VAL I 20 -74.54 -27.61 -13.92
CA VAL I 20 -73.65 -27.24 -12.83
C VAL I 20 -74.10 -27.95 -11.57
N ASP I 21 -73.19 -28.05 -10.60
CA ASP I 21 -73.55 -28.68 -9.35
C ASP I 21 -73.83 -27.62 -8.31
N THR I 22 -74.68 -27.96 -7.35
CA THR I 22 -75.02 -27.07 -6.27
C THR I 22 -74.86 -27.91 -5.01
N VAL I 23 -75.12 -27.32 -3.85
CA VAL I 23 -75.00 -28.02 -2.59
C VAL I 23 -76.10 -29.07 -2.45
N LEU I 24 -77.30 -28.68 -2.84
CA LEU I 24 -78.47 -29.55 -2.74
C LEU I 24 -78.73 -30.46 -3.92
N GLU I 25 -78.27 -30.09 -5.11
CA GLU I 25 -78.52 -30.91 -6.30
C GLU I 25 -77.38 -30.89 -7.32
N LYS I 26 -77.08 -32.06 -7.87
CA LYS I 26 -76.03 -32.18 -8.87
C LYS I 26 -76.61 -32.14 -10.28
N ASN I 27 -75.75 -31.93 -11.26
CA ASN I 27 -76.15 -31.89 -12.67
C ASN I 27 -77.48 -31.17 -12.92
N VAL I 28 -77.51 -29.87 -12.66
CA VAL I 28 -78.70 -29.06 -12.86
C VAL I 28 -78.53 -28.25 -14.14
N THR I 29 -79.43 -28.46 -15.10
CA THR I 29 -79.36 -27.75 -16.37
C THR I 29 -79.77 -26.29 -16.20
N VAL I 30 -78.99 -25.39 -16.79
CA VAL I 30 -79.22 -23.97 -16.67
C VAL I 30 -79.17 -23.23 -18.01
N THR I 31 -79.76 -22.05 -18.05
CA THR I 31 -79.81 -21.23 -19.27
C THR I 31 -78.48 -20.61 -19.67
N HIS I 32 -77.78 -20.03 -18.69
CA HIS I 32 -76.48 -19.42 -18.95
C HIS I 32 -75.50 -19.78 -17.85
N SER I 33 -74.25 -20.04 -18.22
CA SER I 33 -73.22 -20.39 -17.26
C SER I 33 -71.85 -20.03 -17.81
N VAL I 34 -70.86 -19.96 -16.92
CA VAL I 34 -69.50 -19.61 -17.31
C VAL I 34 -68.52 -20.67 -16.80
N ASN I 35 -67.53 -20.98 -17.62
CA ASN I 35 -66.51 -21.95 -17.26
C ASN I 35 -65.36 -21.18 -16.63
N LEU I 36 -64.89 -21.64 -15.47
CA LEU I 36 -63.80 -20.98 -14.78
C LEU I 36 -62.54 -21.84 -14.76
N LEU I 37 -62.65 -23.02 -15.34
CA LEU I 37 -61.54 -23.97 -15.35
C LEU I 37 -60.91 -24.14 -16.73
N GLU I 38 -59.71 -23.62 -16.90
CA GLU I 38 -59.03 -23.74 -18.19
C GLU I 38 -58.43 -25.14 -18.37
N ASP I 39 -58.78 -25.81 -19.46
CA ASP I 39 -58.25 -27.15 -19.73
C ASP I 39 -57.66 -27.30 -21.12
N SER I 40 -57.42 -26.18 -21.80
CA SER I 40 -56.86 -26.22 -23.14
C SER I 40 -55.46 -25.60 -23.23
N HIS I 41 -54.54 -26.30 -23.89
CA HIS I 41 -53.19 -25.78 -24.09
C HIS I 41 -52.80 -26.06 -25.55
N ASN I 42 -51.70 -25.50 -26.03
CA ASN I 42 -51.32 -25.70 -27.43
C ASN I 42 -50.33 -26.83 -27.69
N GLY I 43 -50.03 -27.61 -26.65
CA GLY I 43 -49.09 -28.71 -26.78
C GLY I 43 -47.70 -28.35 -27.27
N LYS I 44 -47.31 -27.09 -27.12
CA LYS I 44 -46.00 -26.66 -27.58
C LYS I 44 -45.23 -25.76 -26.62
N LEU I 45 -43.91 -25.77 -26.77
CA LEU I 45 -43.05 -24.91 -25.97
C LEU I 45 -42.98 -23.61 -26.77
N CYS I 46 -43.28 -22.50 -26.13
CA CYS I 46 -43.27 -21.22 -26.83
C CYS I 46 -42.32 -20.21 -26.23
N ARG I 47 -42.19 -19.08 -26.90
CA ARG I 47 -41.38 -17.98 -26.43
C ARG I 47 -42.24 -17.39 -25.31
N LEU I 48 -41.59 -16.77 -24.34
CA LEU I 48 -42.31 -16.13 -23.25
C LEU I 48 -42.09 -14.64 -23.47
N LYS I 49 -43.16 -13.92 -23.80
CA LYS I 49 -43.05 -12.49 -24.07
C LYS I 49 -41.90 -12.22 -25.06
N GLY I 50 -41.87 -13.00 -26.14
CA GLY I 50 -40.87 -12.84 -27.17
C GLY I 50 -39.51 -13.51 -26.99
N ILE I 51 -39.19 -13.94 -25.77
CA ILE I 51 -37.89 -14.56 -25.56
C ILE I 51 -37.95 -16.09 -25.52
N ALA I 52 -37.09 -16.71 -26.33
CA ALA I 52 -37.02 -18.16 -26.43
C ALA I 52 -36.34 -18.80 -25.22
N PRO I 53 -36.79 -20.00 -24.84
CA PRO I 53 -36.21 -20.72 -23.70
C PRO I 53 -34.91 -21.37 -24.12
N LEU I 54 -34.17 -21.87 -23.15
CA LEU I 54 -32.92 -22.57 -23.41
C LEU I 54 -33.27 -24.05 -23.42
N GLN I 55 -33.03 -24.71 -24.55
CA GLN I 55 -33.32 -26.14 -24.67
C GLN I 55 -32.04 -26.95 -24.55
N LEU I 56 -31.86 -27.60 -23.40
CA LEU I 56 -30.67 -28.41 -23.17
C LEU I 56 -30.74 -29.72 -23.94
N GLY I 57 -31.94 -30.08 -24.39
CA GLY I 57 -32.10 -31.31 -25.15
C GLY I 57 -31.56 -32.53 -24.42
N LYS I 58 -30.55 -33.16 -25.03
CA LYS I 58 -29.92 -34.35 -24.49
C LYS I 58 -28.96 -34.05 -23.33
N CYS I 59 -28.75 -32.78 -23.05
CA CYS I 59 -27.85 -32.40 -21.97
C CYS I 59 -28.61 -31.88 -20.76
N ASN I 60 -27.93 -31.84 -19.62
CA ASN I 60 -28.54 -31.30 -18.40
C ASN I 60 -27.68 -30.12 -17.98
N ILE I 61 -28.10 -29.42 -16.93
CA ILE I 61 -27.36 -28.26 -16.44
C ILE I 61 -25.85 -28.53 -16.32
N ALA I 62 -25.49 -29.63 -15.69
CA ALA I 62 -24.09 -29.98 -15.50
C ALA I 62 -23.34 -30.06 -16.82
N GLY I 63 -23.86 -30.84 -17.77
CA GLY I 63 -23.20 -30.95 -19.05
C GLY I 63 -23.07 -29.61 -19.76
N TRP I 64 -24.07 -28.76 -19.58
CA TRP I 64 -24.09 -27.43 -20.19
C TRP I 64 -23.02 -26.54 -19.57
N LEU I 65 -23.07 -26.37 -18.25
CA LEU I 65 -22.11 -25.53 -17.56
C LEU I 65 -20.66 -26.04 -17.62
N LEU I 66 -20.46 -27.35 -17.58
CA LEU I 66 -19.10 -27.89 -17.63
C LEU I 66 -18.53 -27.89 -19.05
N GLY I 67 -19.41 -27.97 -20.04
CA GLY I 67 -18.94 -27.99 -21.41
C GLY I 67 -18.74 -29.40 -21.94
N ASN I 68 -19.66 -30.28 -21.58
CA ASN I 68 -19.61 -31.65 -22.06
C ASN I 68 -19.58 -31.51 -23.59
N PRO I 69 -18.64 -32.19 -24.27
CA PRO I 69 -18.54 -32.11 -25.73
C PRO I 69 -19.87 -32.33 -26.44
N GLU I 70 -20.73 -33.15 -25.86
CA GLU I 70 -22.03 -33.43 -26.46
C GLU I 70 -23.03 -32.28 -26.32
N CYS I 71 -22.58 -31.14 -25.78
CA CYS I 71 -23.47 -30.00 -25.59
C CYS I 71 -22.99 -28.75 -26.33
N ASP I 72 -22.03 -28.91 -27.23
CA ASP I 72 -21.51 -27.77 -27.99
C ASP I 72 -22.56 -26.85 -28.59
N PRO I 73 -23.65 -27.41 -29.14
CA PRO I 73 -24.70 -26.56 -29.73
C PRO I 73 -25.20 -25.50 -28.76
N LEU I 74 -24.94 -25.71 -27.47
CA LEU I 74 -25.38 -24.79 -26.43
C LEU I 74 -24.38 -23.68 -26.13
N LEU I 75 -23.12 -23.91 -26.50
CA LEU I 75 -22.06 -22.94 -26.25
C LEU I 75 -22.36 -21.48 -26.57
N PRO I 76 -22.98 -21.20 -27.72
CA PRO I 76 -23.28 -19.81 -28.07
C PRO I 76 -24.48 -19.14 -27.43
N VAL I 77 -25.44 -19.91 -26.94
CA VAL I 77 -26.64 -19.34 -26.32
C VAL I 77 -26.32 -18.40 -25.16
N ARG I 78 -26.88 -17.19 -25.20
CA ARG I 78 -26.60 -16.20 -24.16
C ARG I 78 -27.78 -15.70 -23.33
N SER I 79 -29.00 -15.89 -23.81
CA SER I 79 -30.16 -15.44 -23.06
C SER I 79 -31.34 -16.35 -23.30
N TRP I 80 -32.26 -16.40 -22.35
CA TRP I 80 -33.42 -17.28 -22.45
C TRP I 80 -34.47 -16.82 -21.45
N SER I 81 -35.70 -17.26 -21.65
CA SER I 81 -36.80 -16.89 -20.75
C SER I 81 -37.01 -17.97 -19.68
N TYR I 82 -36.65 -19.20 -20.00
CA TYR I 82 -36.76 -20.31 -19.05
C TYR I 82 -35.87 -21.44 -19.56
N ILE I 83 -35.60 -22.42 -18.72
CA ILE I 83 -34.73 -23.53 -19.10
C ILE I 83 -35.54 -24.81 -19.25
N VAL I 84 -35.23 -25.58 -20.29
CA VAL I 84 -35.97 -26.81 -20.54
C VAL I 84 -35.08 -28.03 -20.61
N GLU I 85 -35.40 -29.01 -19.78
CA GLU I 85 -34.69 -30.28 -19.77
C GLU I 85 -35.70 -31.29 -20.28
N THR I 86 -35.21 -32.39 -20.83
CA THR I 86 -36.11 -33.42 -21.34
C THR I 86 -35.88 -34.72 -20.57
N PRO I 87 -36.77 -35.69 -20.74
CA PRO I 87 -36.61 -36.97 -20.04
C PRO I 87 -35.31 -37.63 -20.51
N ASN I 88 -34.80 -37.20 -21.65
CA ASN I 88 -33.57 -37.75 -22.21
C ASN I 88 -32.33 -36.90 -21.91
N SER I 89 -32.45 -36.00 -20.94
CA SER I 89 -31.31 -35.16 -20.58
C SER I 89 -30.35 -35.98 -19.71
N GLU I 90 -29.56 -36.83 -20.37
CA GLU I 90 -28.62 -37.69 -19.67
C GLU I 90 -27.18 -37.17 -19.67
N ASN I 91 -26.76 -36.54 -20.76
CA ASN I 91 -25.41 -36.00 -20.90
C ASN I 91 -25.03 -34.92 -19.89
N GLY I 92 -24.56 -35.34 -18.72
CA GLY I 92 -24.16 -34.39 -17.70
C GLY I 92 -22.65 -34.49 -17.60
N ILE I 93 -22.14 -34.86 -16.44
CA ILE I 93 -20.71 -35.01 -16.30
C ILE I 93 -20.36 -36.23 -17.14
N CYS I 94 -19.19 -36.23 -17.77
CA CYS I 94 -18.81 -37.38 -18.58
C CYS I 94 -17.71 -38.19 -17.88
N TYR I 95 -16.92 -37.53 -17.03
CA TYR I 95 -15.89 -38.22 -16.27
C TYR I 95 -16.58 -38.44 -14.91
N PRO I 96 -16.60 -39.68 -14.41
CA PRO I 96 -17.25 -40.00 -13.13
C PRO I 96 -16.77 -39.18 -11.94
N GLY I 97 -17.71 -38.82 -11.07
CA GLY I 97 -17.37 -38.06 -9.89
C GLY I 97 -18.58 -37.43 -9.23
N ASP I 98 -18.32 -36.57 -8.25
CA ASP I 98 -19.38 -35.89 -7.51
C ASP I 98 -19.39 -34.40 -7.88
N PHE I 99 -20.58 -33.86 -8.14
CA PHE I 99 -20.72 -32.44 -8.47
C PHE I 99 -21.25 -31.80 -7.18
N ILE I 100 -20.34 -31.21 -6.40
CA ILE I 100 -20.70 -30.62 -5.12
C ILE I 100 -21.70 -29.47 -5.22
N ASP I 101 -22.77 -29.56 -4.42
CA ASP I 101 -23.83 -28.57 -4.37
C ASP I 101 -24.43 -28.33 -5.75
N TYR I 102 -24.59 -29.42 -6.51
CA TYR I 102 -25.17 -29.34 -7.84
C TYR I 102 -26.57 -28.76 -7.83
N GLU I 103 -27.40 -29.19 -6.88
CA GLU I 103 -28.77 -28.70 -6.82
C GLU I 103 -28.84 -27.20 -6.60
N GLU I 104 -27.99 -26.67 -5.73
CA GLU I 104 -27.97 -25.23 -5.48
C GLU I 104 -27.55 -24.50 -6.77
N LEU I 105 -26.58 -25.05 -7.49
CA LEU I 105 -26.13 -24.42 -8.73
C LEU I 105 -27.30 -24.33 -9.70
N ARG I 106 -28.14 -25.36 -9.73
CA ARG I 106 -29.30 -25.35 -10.61
C ARG I 106 -30.26 -24.25 -10.16
N GLU I 107 -30.42 -24.12 -8.86
CA GLU I 107 -31.30 -23.11 -8.31
C GLU I 107 -30.77 -21.72 -8.70
N GLN I 108 -29.45 -21.56 -8.68
CA GLN I 108 -28.81 -20.31 -9.04
C GLN I 108 -29.14 -19.96 -10.49
N LEU I 109 -28.93 -20.91 -11.40
CA LEU I 109 -29.22 -20.65 -12.81
C LEU I 109 -30.69 -20.34 -13.03
N SER I 110 -31.54 -20.74 -12.08
CA SER I 110 -32.98 -20.51 -12.21
C SER I 110 -33.41 -19.05 -12.24
N SER I 111 -32.57 -18.16 -11.71
CA SER I 111 -32.88 -16.74 -11.70
C SER I 111 -31.90 -15.99 -12.60
N VAL I 112 -31.26 -16.71 -13.51
CA VAL I 112 -30.32 -16.10 -14.44
C VAL I 112 -31.01 -15.88 -15.78
N SER I 113 -31.04 -14.63 -16.22
CA SER I 113 -31.68 -14.26 -17.48
C SER I 113 -30.70 -14.34 -18.64
N SER I 114 -29.42 -14.15 -18.37
CA SER I 114 -28.42 -14.25 -19.42
C SER I 114 -27.02 -14.18 -18.84
N PHE I 115 -26.04 -14.58 -19.64
CA PHE I 115 -24.66 -14.50 -19.19
C PHE I 115 -23.70 -14.44 -20.36
N GLU I 116 -22.45 -14.10 -20.09
CA GLU I 116 -21.46 -14.08 -21.15
C GLU I 116 -20.40 -15.10 -20.76
N ARG I 117 -20.15 -16.03 -21.66
CA ARG I 117 -19.15 -17.06 -21.47
C ARG I 117 -17.83 -16.46 -21.97
N PHE I 118 -16.86 -16.30 -21.08
CA PHE I 118 -15.55 -15.71 -21.45
C PHE I 118 -14.36 -16.53 -20.92
N GLU I 119 -13.20 -16.34 -21.52
CA GLU I 119 -12.00 -17.05 -21.10
C GLU I 119 -11.44 -16.43 -19.84
N ILE I 120 -11.66 -17.08 -18.70
CA ILE I 120 -11.12 -16.59 -17.44
C ILE I 120 -9.61 -16.86 -17.44
N PHE I 121 -9.22 -18.04 -17.93
CA PHE I 121 -7.81 -18.41 -17.98
C PHE I 121 -7.49 -18.95 -19.37
N PRO I 122 -7.12 -18.07 -20.32
CA PRO I 122 -6.77 -18.51 -21.68
C PRO I 122 -5.82 -19.70 -21.68
N LYS I 123 -6.20 -20.73 -22.41
CA LYS I 123 -5.41 -21.96 -22.50
C LYS I 123 -3.91 -21.76 -22.71
N GLU I 124 -3.54 -21.10 -23.81
CA GLU I 124 -2.13 -20.89 -24.11
C GLU I 124 -1.52 -19.55 -23.71
N SER I 125 -1.35 -19.37 -22.41
CA SER I 125 -0.77 -18.16 -21.84
C SER I 125 -0.91 -18.20 -20.33
N SER I 126 -1.88 -18.98 -19.84
CA SER I 126 -2.13 -19.11 -18.41
C SER I 126 -1.32 -20.21 -17.76
N TRP I 127 -1.07 -21.29 -18.51
CA TRP I 127 -0.35 -22.44 -17.96
C TRP I 127 0.95 -22.75 -18.72
N PRO I 128 1.95 -21.86 -18.60
CA PRO I 128 3.28 -21.95 -19.24
C PRO I 128 4.10 -23.19 -18.93
N ASN I 129 4.11 -23.59 -17.65
CA ASN I 129 4.91 -24.72 -17.22
C ASN I 129 4.16 -26.01 -16.97
N HIS I 130 3.01 -26.17 -17.62
CA HIS I 130 2.21 -27.38 -17.45
C HIS I 130 1.64 -27.81 -18.79
N ASN I 131 1.30 -29.09 -18.91
CA ASN I 131 0.67 -29.56 -20.14
C ASN I 131 -0.83 -29.38 -19.95
N THR I 132 -1.52 -29.05 -21.05
CA THR I 132 -2.96 -28.79 -21.00
C THR I 132 -3.75 -29.56 -22.04
N ASN I 133 -3.13 -30.51 -22.72
CA ASN I 133 -3.80 -31.27 -23.76
C ASN I 133 -4.42 -32.58 -23.30
N GLY I 134 -4.43 -32.81 -21.99
CA GLY I 134 -5.00 -34.05 -21.49
C GLY I 134 -6.45 -34.25 -21.90
N VAL I 135 -6.76 -35.45 -22.38
CA VAL I 135 -8.13 -35.78 -22.79
C VAL I 135 -8.52 -37.14 -22.20
N THR I 136 -9.77 -37.54 -22.40
CA THR I 136 -10.23 -38.81 -21.88
C THR I 136 -11.31 -39.40 -22.79
N ALA I 137 -11.36 -40.73 -22.84
CA ALA I 137 -12.35 -41.43 -23.67
C ALA I 137 -13.72 -41.31 -23.03
N ALA I 138 -13.76 -40.94 -21.75
CA ALA I 138 -15.03 -40.79 -21.03
C ALA I 138 -15.77 -39.56 -21.52
N CYS I 139 -15.02 -38.61 -22.09
CA CYS I 139 -15.60 -37.38 -22.64
C CYS I 139 -15.19 -37.29 -24.10
N SER I 140 -15.60 -38.28 -24.88
CA SER I 140 -15.23 -38.32 -26.30
C SER I 140 -16.16 -37.49 -27.18
N HIS I 141 -15.66 -37.12 -28.34
CA HIS I 141 -16.42 -36.34 -29.31
C HIS I 141 -15.97 -36.78 -30.69
N GLU I 142 -16.92 -37.06 -31.58
CA GLU I 142 -16.60 -37.52 -32.92
C GLU I 142 -15.79 -38.81 -32.85
N GLY I 143 -16.13 -39.66 -31.88
CA GLY I 143 -15.41 -40.92 -31.73
C GLY I 143 -13.97 -40.80 -31.24
N LYS I 144 -13.55 -39.61 -30.82
CA LYS I 144 -12.19 -39.42 -30.33
C LYS I 144 -12.21 -38.90 -28.89
N SER I 145 -11.16 -39.22 -28.12
CA SER I 145 -11.07 -38.76 -26.75
C SER I 145 -10.99 -37.24 -26.74
N SER I 146 -11.74 -36.61 -25.84
CA SER I 146 -11.76 -35.16 -25.75
C SER I 146 -11.90 -34.74 -24.28
N PHE I 147 -12.40 -33.52 -24.04
CA PHE I 147 -12.55 -33.03 -22.67
C PHE I 147 -13.57 -31.89 -22.62
N TYR I 148 -13.97 -31.52 -21.41
CA TYR I 148 -14.91 -30.43 -21.19
C TYR I 148 -14.42 -29.18 -21.93
N ARG I 149 -15.35 -28.39 -22.45
CA ARG I 149 -14.96 -27.19 -23.19
C ARG I 149 -14.61 -26.02 -22.27
N ASN I 150 -15.15 -26.02 -21.07
CA ASN I 150 -14.91 -24.92 -20.13
C ASN I 150 -13.86 -25.19 -19.06
N LEU I 151 -13.21 -26.35 -19.13
CA LEU I 151 -12.19 -26.71 -18.15
C LEU I 151 -10.94 -27.24 -18.85
N LEU I 152 -9.82 -27.25 -18.14
CA LEU I 152 -8.55 -27.75 -18.67
C LEU I 152 -7.91 -28.75 -17.73
N TRP I 153 -7.46 -29.87 -18.29
CA TRP I 153 -6.81 -30.90 -17.50
C TRP I 153 -5.32 -30.61 -17.50
N LEU I 154 -4.80 -30.10 -16.38
CA LEU I 154 -3.38 -29.79 -16.28
C LEU I 154 -2.57 -31.01 -15.84
N THR I 155 -1.45 -31.25 -16.51
CA THR I 155 -0.60 -32.38 -16.15
C THR I 155 0.88 -31.99 -16.17
N GLU I 156 1.71 -32.93 -15.76
CA GLU I 156 3.15 -32.74 -15.72
C GLU I 156 3.75 -32.38 -17.09
N LYS I 157 4.83 -31.59 -17.06
CA LYS I 157 5.51 -31.18 -18.28
C LYS I 157 7.00 -31.45 -18.14
N GLU I 158 7.49 -32.40 -18.94
CA GLU I 158 8.90 -32.77 -18.92
C GLU I 158 9.25 -33.33 -17.55
N GLY I 159 8.40 -34.24 -17.07
CA GLY I 159 8.62 -34.86 -15.77
C GLY I 159 8.56 -33.88 -14.61
N SER I 160 7.85 -32.78 -14.80
CA SER I 160 7.73 -31.80 -13.73
C SER I 160 6.38 -31.07 -13.71
N TYR I 161 5.84 -30.89 -12.50
CA TYR I 161 4.58 -30.19 -12.30
C TYR I 161 4.87 -29.15 -11.23
N PRO I 162 5.37 -27.98 -11.64
CA PRO I 162 5.70 -26.89 -10.71
C PRO I 162 4.45 -26.39 -9.99
N LYS I 163 4.64 -25.80 -8.81
CA LYS I 163 3.50 -25.28 -8.08
C LYS I 163 2.96 -24.10 -8.89
N LEU I 164 1.65 -24.08 -9.10
CA LEU I 164 1.04 -23.01 -9.87
C LEU I 164 0.21 -22.11 -8.98
N LYS I 165 0.06 -20.87 -9.40
CA LYS I 165 -0.75 -19.89 -8.71
C LYS I 165 -1.22 -18.91 -9.77
N ASN I 166 -2.51 -18.92 -10.04
CA ASN I 166 -3.08 -18.02 -11.03
C ASN I 166 -4.26 -17.29 -10.44
N SER I 167 -4.36 -16.01 -10.74
CA SER I 167 -5.44 -15.18 -10.24
C SER I 167 -6.27 -14.61 -11.37
N TYR I 168 -7.44 -14.12 -10.98
CA TYR I 168 -8.36 -13.49 -11.90
C TYR I 168 -9.16 -12.48 -11.11
N VAL I 169 -9.12 -11.22 -11.55
CA VAL I 169 -9.86 -10.16 -10.88
C VAL I 169 -11.11 -9.96 -11.71
N ASN I 170 -12.26 -10.01 -11.05
CA ASN I 170 -13.53 -9.85 -11.74
C ASN I 170 -13.85 -8.38 -12.01
N LYS I 171 -13.70 -7.96 -13.26
CA LYS I 171 -14.00 -6.59 -13.63
C LYS I 171 -15.17 -6.55 -14.61
N LYS I 172 -15.98 -7.61 -14.59
CA LYS I 172 -17.14 -7.73 -15.45
C LYS I 172 -18.31 -6.92 -14.92
N GLY I 173 -18.21 -6.48 -13.67
CA GLY I 173 -19.29 -5.71 -13.07
C GLY I 173 -20.49 -6.59 -12.75
N LYS I 174 -20.25 -7.90 -12.67
CA LYS I 174 -21.30 -8.88 -12.37
C LYS I 174 -20.73 -10.13 -11.71
N GLU I 175 -21.59 -10.89 -11.04
CA GLU I 175 -21.16 -12.13 -10.41
C GLU I 175 -20.60 -13.03 -11.50
N VAL I 176 -19.48 -13.69 -11.21
CA VAL I 176 -18.90 -14.61 -12.18
C VAL I 176 -18.94 -16.03 -11.62
N LEU I 177 -19.63 -16.91 -12.33
CA LEU I 177 -19.72 -18.30 -11.94
C LEU I 177 -18.44 -18.97 -12.41
N VAL I 178 -17.64 -19.48 -11.47
CA VAL I 178 -16.41 -20.17 -11.83
C VAL I 178 -16.55 -21.63 -11.44
N LEU I 179 -16.18 -22.52 -12.34
CA LEU I 179 -16.25 -23.94 -12.07
C LEU I 179 -14.88 -24.55 -12.25
N TRP I 180 -14.62 -25.65 -11.56
CA TRP I 180 -13.33 -26.31 -11.68
C TRP I 180 -13.48 -27.73 -11.16
N GLY I 181 -12.45 -28.54 -11.33
CA GLY I 181 -12.53 -29.90 -10.86
C GLY I 181 -11.26 -30.34 -10.17
N ILE I 182 -11.36 -31.46 -9.45
CA ILE I 182 -10.21 -32.03 -8.76
C ILE I 182 -10.19 -33.48 -9.22
N HIS I 183 -9.07 -33.91 -9.79
CA HIS I 183 -8.99 -35.29 -10.27
C HIS I 183 -8.38 -36.19 -9.21
N HIS I 184 -8.94 -37.39 -9.07
CA HIS I 184 -8.49 -38.37 -8.08
C HIS I 184 -8.04 -39.69 -8.73
N PRO I 185 -6.72 -39.88 -8.87
CA PRO I 185 -6.19 -41.12 -9.46
C PRO I 185 -6.60 -42.33 -8.62
N PRO I 186 -6.67 -43.52 -9.23
CA PRO I 186 -7.03 -44.75 -8.51
C PRO I 186 -5.83 -45.37 -7.77
N ASN I 187 -4.62 -44.96 -8.16
CA ASN I 187 -3.40 -45.45 -7.52
C ASN I 187 -2.27 -44.40 -7.55
N SER I 188 -1.33 -44.54 -6.63
CA SER I 188 -0.22 -43.61 -6.52
C SER I 188 0.67 -43.53 -7.76
N LYS I 189 0.77 -44.64 -8.50
CA LYS I 189 1.59 -44.65 -9.70
C LYS I 189 1.07 -43.62 -10.70
N GLU I 190 -0.25 -43.62 -10.90
CA GLU I 190 -0.88 -42.68 -11.81
C GLU I 190 -0.73 -41.26 -11.27
N GLN I 191 -0.92 -41.10 -9.96
CA GLN I 191 -0.79 -39.79 -9.33
C GLN I 191 0.58 -39.19 -9.65
N GLN I 192 1.62 -40.02 -9.57
CA GLN I 192 2.97 -39.57 -9.86
C GLN I 192 3.19 -39.36 -11.35
N ASN I 193 2.66 -40.27 -12.16
CA ASN I 193 2.82 -40.17 -13.60
C ASN I 193 2.18 -38.90 -14.17
N LEU I 194 1.04 -38.50 -13.62
CA LEU I 194 0.33 -37.31 -14.10
C LEU I 194 0.73 -36.01 -13.42
N TYR I 195 0.98 -36.07 -12.12
CA TYR I 195 1.29 -34.87 -11.37
C TYR I 195 2.64 -34.80 -10.68
N GLN I 196 3.48 -35.82 -10.87
CA GLN I 196 4.80 -35.88 -10.25
C GLN I 196 4.80 -36.03 -8.74
N ASN I 197 4.18 -35.09 -8.03
CA ASN I 197 4.14 -35.13 -6.57
C ASN I 197 3.10 -36.06 -5.99
N GLU I 198 3.54 -36.99 -5.13
CA GLU I 198 2.65 -37.95 -4.48
C GLU I 198 1.60 -37.27 -3.59
N ASN I 199 2.05 -36.27 -2.85
CA ASN I 199 1.16 -35.55 -1.93
C ASN I 199 0.84 -34.15 -2.45
N ALA I 200 -0.15 -34.07 -3.32
CA ALA I 200 -0.55 -32.80 -3.91
C ALA I 200 -1.74 -32.17 -3.22
N TYR I 201 -2.01 -30.91 -3.55
CA TYR I 201 -3.14 -30.20 -2.98
C TYR I 201 -3.57 -29.08 -3.93
N VAL I 202 -4.81 -28.63 -3.74
CA VAL I 202 -5.36 -27.56 -4.52
C VAL I 202 -6.04 -26.59 -3.56
N SER I 203 -5.87 -25.30 -3.81
CA SER I 203 -6.47 -24.28 -2.98
C SER I 203 -7.19 -23.29 -3.89
N VAL I 204 -8.38 -22.89 -3.49
CA VAL I 204 -9.17 -21.91 -4.24
C VAL I 204 -9.74 -20.95 -3.21
N VAL I 205 -9.43 -19.67 -3.38
CA VAL I 205 -9.88 -18.67 -2.43
C VAL I 205 -10.32 -17.37 -3.10
N THR I 206 -11.28 -16.68 -2.46
CA THR I 206 -11.77 -15.39 -2.90
C THR I 206 -11.94 -14.63 -1.59
N SER I 207 -12.65 -13.50 -1.62
CA SER I 207 -12.86 -12.75 -0.38
C SER I 207 -13.86 -13.45 0.51
N ASN I 208 -14.69 -14.32 -0.05
CA ASN I 208 -15.70 -14.99 0.74
C ASN I 208 -15.80 -16.50 0.52
N TYR I 209 -14.81 -17.05 -0.18
CA TYR I 209 -14.75 -18.49 -0.44
C TYR I 209 -13.35 -18.94 -0.04
N ASN I 210 -13.26 -20.10 0.60
CA ASN I 210 -11.99 -20.61 1.06
C ASN I 210 -12.07 -22.13 1.21
N ARG I 211 -11.39 -22.84 0.31
CA ARG I 211 -11.42 -24.30 0.38
C ARG I 211 -10.15 -24.95 -0.13
N ARG I 212 -9.77 -26.06 0.51
CA ARG I 212 -8.56 -26.81 0.14
C ARG I 212 -8.94 -28.23 -0.26
N PHE I 213 -8.29 -28.76 -1.29
CA PHE I 213 -8.60 -30.09 -1.79
C PHE I 213 -7.39 -31.02 -1.80
N THR I 214 -7.59 -32.23 -1.28
CA THR I 214 -6.54 -33.23 -1.21
C THR I 214 -6.97 -34.45 -2.01
N PRO I 215 -6.07 -35.00 -2.83
CA PRO I 215 -6.46 -36.18 -3.60
C PRO I 215 -6.62 -37.35 -2.63
N GLU I 216 -7.61 -38.20 -2.89
CA GLU I 216 -7.85 -39.36 -2.06
C GLU I 216 -7.68 -40.50 -3.06
N ILE I 217 -6.53 -41.15 -3.01
CA ILE I 217 -6.22 -42.23 -3.94
C ILE I 217 -6.65 -43.60 -3.45
N ALA I 218 -7.36 -44.33 -4.31
CA ALA I 218 -7.83 -45.66 -3.99
C ALA I 218 -8.46 -46.30 -5.22
N GLU I 219 -8.44 -47.63 -5.27
CA GLU I 219 -9.02 -48.37 -6.37
C GLU I 219 -10.54 -48.27 -6.20
N ARG I 220 -11.23 -48.06 -7.31
CA ARG I 220 -12.68 -47.91 -7.27
C ARG I 220 -13.33 -48.61 -8.45
N PRO I 221 -14.65 -48.89 -8.34
CA PRO I 221 -15.34 -49.55 -9.46
C PRO I 221 -15.27 -48.60 -10.67
N LYS I 222 -15.17 -49.16 -11.87
CA LYS I 222 -15.09 -48.32 -13.06
C LYS I 222 -16.46 -47.82 -13.48
N VAL I 223 -16.54 -46.52 -13.75
CA VAL I 223 -17.76 -45.89 -14.20
C VAL I 223 -17.38 -45.22 -15.53
N ARG I 224 -18.13 -45.52 -16.58
CA ARG I 224 -17.82 -44.98 -17.91
C ARG I 224 -16.39 -45.37 -18.19
N ASP I 225 -16.06 -46.59 -17.75
CA ASP I 225 -14.74 -47.18 -17.93
C ASP I 225 -13.60 -46.49 -17.18
N GLN I 226 -13.92 -45.82 -16.07
CA GLN I 226 -12.90 -45.14 -15.28
C GLN I 226 -12.93 -45.48 -13.79
N ALA I 227 -11.77 -45.82 -13.24
CA ALA I 227 -11.62 -46.12 -11.82
C ALA I 227 -11.26 -44.78 -11.19
N GLY I 228 -10.82 -43.86 -12.03
CA GLY I 228 -10.48 -42.53 -11.57
C GLY I 228 -11.78 -41.80 -11.29
N ARG I 229 -11.66 -40.65 -10.63
CA ARG I 229 -12.82 -39.83 -10.30
C ARG I 229 -12.45 -38.37 -10.45
N MET I 230 -13.47 -37.57 -10.69
CA MET I 230 -13.27 -36.15 -10.84
C MET I 230 -14.41 -35.49 -10.07
N ASN I 231 -14.08 -34.64 -9.10
CA ASN I 231 -15.12 -33.95 -8.35
C ASN I 231 -15.18 -32.51 -8.84
N TYR I 232 -16.39 -32.02 -9.05
CA TYR I 232 -16.58 -30.68 -9.58
C TYR I 232 -17.10 -29.71 -8.54
N TYR I 233 -16.52 -28.51 -8.54
CA TYR I 233 -16.89 -27.45 -7.62
C TYR I 233 -17.12 -26.13 -8.34
N TRP I 234 -17.82 -25.21 -7.67
CA TRP I 234 -18.10 -23.90 -8.24
C TRP I 234 -18.29 -22.88 -7.14
N THR I 235 -18.21 -21.61 -7.53
CA THR I 235 -18.42 -20.53 -6.58
C THR I 235 -18.79 -19.27 -7.37
N LEU I 236 -19.40 -18.30 -6.70
CA LEU I 236 -19.77 -17.05 -7.35
C LEU I 236 -18.78 -15.99 -6.91
N LEU I 237 -18.02 -15.47 -7.87
CA LEU I 237 -17.05 -14.43 -7.61
C LEU I 237 -17.77 -13.08 -7.71
N LYS I 238 -17.84 -12.35 -6.60
CA LYS I 238 -18.50 -11.07 -6.58
C LYS I 238 -17.78 -10.03 -7.45
N PRO I 239 -18.52 -9.01 -7.92
CA PRO I 239 -17.91 -7.97 -8.77
C PRO I 239 -16.72 -7.32 -8.06
N GLY I 240 -15.59 -7.23 -8.75
CA GLY I 240 -14.42 -6.61 -8.19
C GLY I 240 -13.51 -7.52 -7.37
N ASP I 241 -14.02 -8.68 -6.95
CA ASP I 241 -13.23 -9.60 -6.14
C ASP I 241 -12.25 -10.42 -6.97
N THR I 242 -11.33 -11.09 -6.29
CA THR I 242 -10.31 -11.90 -6.94
C THR I 242 -10.37 -13.38 -6.53
N ILE I 243 -10.13 -14.27 -7.49
CA ILE I 243 -10.12 -15.69 -7.19
C ILE I 243 -8.70 -16.20 -7.44
N ILE I 244 -8.15 -16.92 -6.47
CA ILE I 244 -6.81 -17.44 -6.62
C ILE I 244 -6.77 -18.96 -6.58
N PHE I 245 -6.18 -19.52 -7.62
CA PHE I 245 -6.03 -20.96 -7.73
C PHE I 245 -4.55 -21.26 -7.48
N GLU I 246 -4.30 -22.23 -6.60
CA GLU I 246 -2.95 -22.63 -6.28
C GLU I 246 -2.93 -24.14 -6.18
N ALA I 247 -1.93 -24.77 -6.77
CA ALA I 247 -1.86 -26.22 -6.74
C ALA I 247 -0.55 -26.78 -7.23
N ASN I 248 -0.29 -28.02 -6.87
CA ASN I 248 0.89 -28.72 -7.33
C ASN I 248 0.46 -30.08 -7.86
N GLY I 249 -0.78 -30.12 -8.35
CA GLY I 249 -1.34 -31.32 -8.94
C GLY I 249 -2.84 -31.49 -8.83
N ASN I 250 -3.40 -32.41 -9.62
CA ASN I 250 -4.81 -32.75 -9.55
C ASN I 250 -5.84 -31.70 -9.93
N LEU I 251 -5.42 -30.48 -10.21
CA LEU I 251 -6.37 -29.43 -10.57
C LEU I 251 -6.87 -29.50 -12.00
N ILE I 252 -8.20 -29.51 -12.14
CA ILE I 252 -8.82 -29.48 -13.45
C ILE I 252 -9.22 -28.01 -13.47
N ALA I 253 -8.33 -27.18 -14.02
CA ALA I 253 -8.49 -25.73 -14.07
C ALA I 253 -9.62 -25.15 -14.90
N PRO I 254 -10.15 -24.00 -14.45
CA PRO I 254 -11.24 -23.33 -15.18
C PRO I 254 -10.62 -22.72 -16.43
N MET I 255 -11.36 -22.73 -17.53
CA MET I 255 -10.87 -22.10 -18.76
C MET I 255 -11.88 -21.02 -19.13
N TYR I 256 -13.16 -21.39 -19.15
CA TYR I 256 -14.21 -20.43 -19.43
C TYR I 256 -15.08 -20.27 -18.18
N ALA I 257 -15.48 -19.04 -17.91
CA ALA I 257 -16.32 -18.73 -16.77
C ALA I 257 -17.59 -18.02 -17.29
N PHE I 258 -18.53 -17.71 -16.40
CA PHE I 258 -19.76 -17.05 -16.82
C PHE I 258 -20.11 -15.80 -16.00
N ALA I 259 -20.24 -14.66 -16.68
CA ALA I 259 -20.62 -13.41 -16.02
C ALA I 259 -22.15 -13.45 -16.07
N LEU I 260 -22.79 -13.54 -14.90
CA LEU I 260 -24.24 -13.66 -14.80
C LEU I 260 -25.07 -12.39 -14.66
N ARG I 261 -26.23 -12.39 -15.32
CA ARG I 261 -27.17 -11.28 -15.23
C ARG I 261 -28.43 -11.91 -14.62
N ARG I 262 -29.00 -11.28 -13.60
CA ARG I 262 -30.18 -11.82 -12.94
C ARG I 262 -31.52 -11.29 -13.47
N GLY I 263 -32.55 -12.10 -13.31
CA GLY I 263 -33.88 -11.72 -13.75
C GLY I 263 -34.93 -12.40 -12.88
N PHE I 264 -36.20 -12.22 -13.23
CA PHE I 264 -37.28 -12.83 -12.47
C PHE I 264 -38.20 -13.62 -13.37
N GLY I 265 -38.96 -14.55 -12.80
CA GLY I 265 -39.89 -15.34 -13.59
C GLY I 265 -39.39 -16.59 -14.26
N SER I 266 -38.07 -16.75 -14.37
CA SER I 266 -37.51 -17.93 -15.00
C SER I 266 -37.51 -19.15 -14.07
N GLY I 267 -37.10 -20.29 -14.61
CA GLY I 267 -37.05 -21.52 -13.83
C GLY I 267 -36.71 -22.67 -14.76
N ILE I 268 -36.51 -23.86 -14.20
CA ILE I 268 -36.19 -25.04 -14.99
C ILE I 268 -37.38 -25.97 -15.02
N ILE I 269 -37.76 -26.42 -16.21
CA ILE I 269 -38.88 -27.35 -16.34
C ILE I 269 -38.44 -28.55 -17.14
N THR I 270 -39.18 -29.65 -17.02
CA THR I 270 -38.85 -30.86 -17.77
C THR I 270 -40.02 -31.08 -18.72
N SER I 271 -39.71 -31.09 -20.01
CA SER I 271 -40.75 -31.24 -21.01
C SER I 271 -40.39 -32.16 -22.15
N ASN I 272 -41.42 -32.77 -22.72
CA ASN I 272 -41.27 -33.68 -23.83
C ASN I 272 -41.77 -32.95 -25.08
N ALA I 273 -42.46 -31.83 -24.86
CA ALA I 273 -43.02 -31.02 -25.95
C ALA I 273 -41.93 -30.40 -26.81
N SER I 274 -42.29 -29.97 -28.01
CA SER I 274 -41.32 -29.37 -28.92
C SER I 274 -41.42 -27.86 -28.97
N MET I 275 -40.30 -27.20 -29.27
CA MET I 275 -40.24 -25.75 -29.39
C MET I 275 -40.78 -25.35 -30.76
N HIS I 276 -41.68 -24.37 -30.78
CA HIS I 276 -42.27 -23.86 -32.02
C HIS I 276 -42.15 -22.35 -31.98
N GLU I 277 -42.40 -21.70 -33.12
CA GLU I 277 -42.32 -20.24 -33.17
C GLU I 277 -43.65 -19.64 -32.74
N CYS I 278 -43.96 -19.79 -31.46
CA CYS I 278 -45.18 -19.27 -30.87
C CYS I 278 -44.77 -18.39 -29.69
N ASN I 279 -45.70 -17.54 -29.25
CA ASN I 279 -45.44 -16.63 -28.15
C ASN I 279 -46.55 -16.80 -27.12
N THR I 280 -46.20 -16.79 -25.84
CA THR I 280 -47.18 -16.95 -24.79
C THR I 280 -46.83 -16.17 -23.53
N LYS I 281 -47.77 -16.13 -22.60
CA LYS I 281 -47.57 -15.44 -21.34
C LYS I 281 -47.50 -16.52 -20.25
N CYS I 282 -48.01 -17.71 -20.59
CA CYS I 282 -48.03 -18.82 -19.66
C CYS I 282 -47.60 -20.12 -20.32
N GLN I 283 -46.57 -20.74 -19.78
CA GLN I 283 -46.06 -21.99 -20.35
C GLN I 283 -46.01 -23.12 -19.33
N THR I 284 -46.49 -24.30 -19.72
CA THR I 284 -46.42 -25.47 -18.84
C THR I 284 -45.58 -26.49 -19.61
N PRO I 285 -45.23 -27.61 -18.97
CA PRO I 285 -44.43 -28.65 -19.63
C PRO I 285 -45.19 -29.34 -20.77
N LEU I 286 -46.51 -29.22 -20.76
CA LEU I 286 -47.35 -29.86 -21.77
C LEU I 286 -47.67 -28.94 -22.94
N GLY I 287 -47.66 -27.64 -22.69
CA GLY I 287 -47.98 -26.69 -23.73
C GLY I 287 -48.33 -25.31 -23.17
N ALA I 288 -48.41 -24.33 -24.05
CA ALA I 288 -48.72 -22.96 -23.66
C ALA I 288 -50.20 -22.75 -23.41
N ILE I 289 -50.50 -21.81 -22.53
CA ILE I 289 -51.86 -21.46 -22.19
C ILE I 289 -52.12 -19.98 -22.47
N ASN I 290 -53.25 -19.70 -23.10
CA ASN I 290 -53.68 -18.34 -23.40
C ASN I 290 -55.07 -18.29 -22.82
N SER I 291 -55.19 -17.80 -21.59
CA SER I 291 -56.48 -17.77 -20.92
C SER I 291 -56.58 -16.69 -19.87
N SER I 292 -57.82 -16.28 -19.58
CA SER I 292 -58.10 -15.27 -18.57
C SER I 292 -58.83 -15.90 -17.39
N LEU I 293 -59.11 -17.19 -17.49
CA LEU I 293 -59.83 -17.90 -16.45
C LEU I 293 -59.00 -18.00 -15.15
N PRO I 294 -59.68 -18.03 -13.99
CA PRO I 294 -58.97 -18.12 -12.72
C PRO I 294 -58.25 -19.43 -12.44
N TYR I 295 -58.74 -20.54 -12.98
CA TYR I 295 -58.11 -21.84 -12.71
C TYR I 295 -57.74 -22.63 -13.96
N GLN I 296 -56.96 -23.69 -13.74
CA GLN I 296 -56.53 -24.61 -14.80
C GLN I 296 -56.15 -25.95 -14.19
N ASN I 297 -56.46 -27.03 -14.92
CA ASN I 297 -56.14 -28.37 -14.46
C ASN I 297 -55.17 -29.05 -15.43
N ILE I 298 -54.41 -28.22 -16.14
CA ILE I 298 -53.45 -28.73 -17.12
C ILE I 298 -52.16 -29.25 -16.48
N HIS I 299 -51.50 -28.41 -15.68
CA HIS I 299 -50.23 -28.83 -15.05
C HIS I 299 -49.85 -27.91 -13.89
N PRO I 300 -49.32 -28.48 -12.78
CA PRO I 300 -48.92 -27.65 -11.63
C PRO I 300 -47.68 -26.79 -11.90
N VAL I 301 -46.84 -27.21 -12.84
CA VAL I 301 -45.64 -26.45 -13.17
C VAL I 301 -45.97 -25.38 -14.22
N THR I 302 -45.68 -24.12 -13.90
CA THR I 302 -45.97 -23.03 -14.80
C THR I 302 -44.87 -21.96 -14.83
N ILE I 303 -44.68 -21.36 -16.00
CA ILE I 303 -43.70 -20.28 -16.17
C ILE I 303 -44.51 -19.08 -16.67
N GLY I 304 -44.37 -17.93 -16.00
CA GLY I 304 -45.07 -16.74 -16.41
C GLY I 304 -46.26 -16.32 -15.54
N GLU I 305 -47.31 -15.86 -16.19
CA GLU I 305 -48.51 -15.44 -15.49
C GLU I 305 -49.59 -16.40 -15.91
N CYS I 306 -49.98 -17.27 -15.00
CA CYS I 306 -50.93 -18.33 -15.28
C CYS I 306 -52.08 -18.46 -14.30
N PRO I 307 -53.09 -19.28 -14.65
CA PRO I 307 -54.25 -19.50 -13.79
C PRO I 307 -53.77 -20.44 -12.68
N LYS I 308 -54.47 -20.48 -11.56
CA LYS I 308 -54.09 -21.35 -10.46
C LYS I 308 -54.44 -22.80 -10.78
N TYR I 309 -53.46 -23.68 -10.63
CA TYR I 309 -53.68 -25.10 -10.89
C TYR I 309 -54.50 -25.75 -9.77
N VAL I 310 -55.46 -26.56 -10.17
CA VAL I 310 -56.32 -27.31 -9.23
C VAL I 310 -56.57 -28.68 -9.86
N ARG I 311 -56.89 -29.67 -9.04
CA ARG I 311 -57.14 -31.02 -9.54
C ARG I 311 -58.55 -31.19 -10.13
N SER I 312 -59.40 -30.21 -9.89
CA SER I 312 -60.78 -30.27 -10.37
C SER I 312 -60.94 -30.66 -11.84
N ALA I 313 -61.98 -31.44 -12.11
CA ALA I 313 -62.26 -31.85 -13.47
C ALA I 313 -63.19 -30.81 -14.06
N LYS I 314 -64.01 -30.21 -13.19
CA LYS I 314 -64.97 -29.22 -13.64
C LYS I 314 -65.23 -28.11 -12.61
N LEU I 315 -65.26 -26.87 -13.09
CA LEU I 315 -65.56 -25.71 -12.26
C LEU I 315 -66.37 -24.76 -13.13
N ARG I 316 -67.68 -24.89 -13.07
CA ARG I 316 -68.58 -24.07 -13.88
C ARG I 316 -69.56 -23.32 -12.98
N MET I 317 -69.65 -22.02 -13.19
CA MET I 317 -70.53 -21.18 -12.39
C MET I 317 -71.77 -20.78 -13.16
N VAL I 318 -72.94 -21.06 -12.57
CA VAL I 318 -74.20 -20.72 -13.21
C VAL I 318 -74.48 -19.22 -13.11
N THR I 319 -74.89 -18.64 -14.23
CA THR I 319 -75.23 -17.22 -14.26
C THR I 319 -76.72 -17.08 -14.52
N GLY I 320 -77.25 -17.89 -15.44
CA GLY I 320 -78.67 -17.84 -15.75
C GLY I 320 -79.48 -18.54 -14.67
N LEU I 321 -80.63 -19.11 -15.06
CA LEU I 321 -81.46 -19.82 -14.08
C LEU I 321 -81.72 -21.25 -14.49
N ARG I 322 -82.45 -21.96 -13.65
CA ARG I 322 -82.79 -23.34 -13.93
C ARG I 322 -83.57 -23.31 -15.25
N ASN I 323 -83.14 -24.11 -16.21
CA ASN I 323 -83.77 -24.13 -17.54
C ASN I 323 -84.94 -25.11 -17.62
N ILE I 324 -86.14 -24.57 -17.79
CA ILE I 324 -87.34 -25.39 -17.86
C ILE I 324 -88.16 -25.09 -19.12
N PRO I 325 -87.74 -25.61 -20.28
CA PRO I 325 -88.45 -25.39 -21.54
C PRO I 325 -89.90 -25.85 -21.41
N ALA I 326 -90.14 -26.73 -20.44
CA ALA I 326 -91.47 -27.27 -20.16
C ALA I 326 -92.00 -28.16 -21.28
N ARG I 327 -91.15 -28.42 -22.28
CA ARG I 327 -91.55 -29.27 -23.41
C ARG I 327 -92.14 -30.58 -22.91
N GLY J 1 -87.92 -24.37 -5.60
CA GLY J 1 -87.01 -23.27 -5.28
C GLY J 1 -87.19 -22.76 -3.87
N LEU J 2 -86.25 -21.94 -3.42
CA LEU J 2 -86.28 -21.39 -2.07
C LEU J 2 -87.39 -20.35 -1.86
N PHE J 3 -87.74 -19.62 -2.92
CA PHE J 3 -88.78 -18.61 -2.80
C PHE J 3 -90.12 -19.00 -3.42
N GLY J 4 -90.22 -20.26 -3.85
CA GLY J 4 -91.44 -20.79 -4.42
C GLY J 4 -91.81 -20.48 -5.85
N ALA J 5 -91.22 -19.44 -6.43
CA ALA J 5 -91.55 -19.06 -7.80
C ALA J 5 -91.09 -20.04 -8.88
N ILE J 6 -89.83 -19.91 -9.30
CA ILE J 6 -89.29 -20.78 -10.36
C ILE J 6 -89.48 -22.25 -10.04
N ALA J 7 -89.94 -23.01 -11.03
CA ALA J 7 -90.18 -24.44 -10.86
C ALA J 7 -91.11 -24.66 -9.67
N GLY J 8 -91.85 -23.62 -9.30
CA GLY J 8 -92.76 -23.68 -8.18
C GLY J 8 -94.17 -23.37 -8.64
N PHE J 9 -94.75 -22.28 -8.14
CA PHE J 9 -96.10 -21.93 -8.55
C PHE J 9 -96.08 -21.44 -10.00
N ILE J 10 -94.90 -21.43 -10.59
CA ILE J 10 -94.74 -21.03 -12.00
C ILE J 10 -93.92 -22.17 -12.60
N GLU J 11 -94.61 -23.28 -12.85
CA GLU J 11 -94.05 -24.51 -13.41
C GLU J 11 -92.85 -24.42 -14.35
N GLY J 12 -92.98 -23.68 -15.45
CA GLY J 12 -91.87 -23.61 -16.39
C GLY J 12 -91.51 -22.23 -16.90
N GLY J 13 -90.48 -22.19 -17.74
CA GLY J 13 -90.02 -20.94 -18.30
C GLY J 13 -90.56 -20.70 -19.70
N TRP J 14 -90.13 -19.60 -20.32
CA TRP J 14 -90.60 -19.27 -21.66
C TRP J 14 -89.51 -19.20 -22.70
N THR J 15 -89.51 -20.14 -23.64
CA THR J 15 -88.52 -20.10 -24.71
C THR J 15 -88.91 -18.93 -25.60
N GLY J 16 -90.10 -18.41 -25.38
CA GLY J 16 -90.60 -17.28 -26.14
C GLY J 16 -89.94 -15.97 -25.75
N MET J 17 -89.37 -15.93 -24.55
CA MET J 17 -88.68 -14.72 -24.08
C MET J 17 -87.22 -14.76 -24.50
N ILE J 18 -86.72 -13.65 -25.02
CA ILE J 18 -85.33 -13.59 -25.46
C ILE J 18 -84.76 -12.19 -25.26
N ASP J 19 -85.32 -11.45 -24.31
CA ASP J 19 -84.86 -10.09 -24.03
C ASP J 19 -84.35 -9.99 -22.60
N GLY J 20 -84.53 -11.05 -21.83
CA GLY J 20 -84.07 -11.04 -20.45
C GLY J 20 -84.41 -12.33 -19.72
N TRP J 21 -84.21 -12.33 -18.41
CA TRP J 21 -84.48 -13.50 -17.60
C TRP J 21 -85.88 -13.46 -17.00
N TYR J 22 -86.38 -12.25 -16.73
CA TYR J 22 -87.70 -12.06 -16.14
C TYR J 22 -88.55 -11.17 -17.04
N GLY J 23 -89.79 -11.59 -17.30
CA GLY J 23 -90.64 -10.79 -18.15
C GLY J 23 -92.12 -11.08 -18.03
N TYR J 24 -92.91 -10.54 -18.97
CA TYR J 24 -94.35 -10.73 -18.96
C TYR J 24 -94.88 -11.26 -20.30
N HIS J 25 -96.18 -11.53 -20.30
CA HIS J 25 -96.89 -12.02 -21.47
C HIS J 25 -98.30 -11.45 -21.36
N HIS J 26 -98.71 -10.68 -22.37
CA HIS J 26 -100.04 -10.05 -22.35
C HIS J 26 -101.07 -10.70 -23.29
N GLN J 27 -102.34 -10.47 -22.98
CA GLN J 27 -103.45 -11.06 -23.73
C GLN J 27 -104.56 -10.11 -24.20
N ASN J 28 -104.21 -8.89 -24.59
CA ASN J 28 -105.26 -7.98 -25.04
C ASN J 28 -105.54 -8.19 -26.54
N GLU J 29 -106.79 -7.96 -26.94
CA GLU J 29 -107.22 -8.13 -28.33
C GLU J 29 -106.14 -7.87 -29.36
N GLN J 30 -105.46 -6.74 -29.22
CA GLN J 30 -104.41 -6.35 -30.14
C GLN J 30 -103.33 -7.41 -30.37
N GLY J 31 -103.41 -8.52 -29.65
CA GLY J 31 -102.43 -9.58 -29.82
C GLY J 31 -101.71 -9.98 -28.54
N SER J 32 -100.93 -11.06 -28.62
CA SER J 32 -100.17 -11.55 -27.47
C SER J 32 -98.70 -11.18 -27.67
N GLY J 33 -97.81 -11.84 -26.93
CA GLY J 33 -96.39 -11.55 -27.04
C GLY J 33 -95.69 -11.45 -25.71
N TYR J 34 -94.38 -11.66 -25.72
CA TYR J 34 -93.60 -11.59 -24.49
C TYR J 34 -92.87 -10.26 -24.40
N ALA J 35 -92.39 -9.93 -23.21
CA ALA J 35 -91.66 -8.70 -22.99
C ALA J 35 -90.87 -8.79 -21.70
N ALA J 36 -89.57 -8.56 -21.79
CA ALA J 36 -88.70 -8.63 -20.61
C ALA J 36 -88.74 -7.37 -19.77
N ASP J 37 -88.69 -7.56 -18.46
CA ASP J 37 -88.69 -6.43 -17.53
C ASP J 37 -87.22 -6.05 -17.37
N GLN J 38 -86.83 -4.94 -18.00
CA GLN J 38 -85.44 -4.48 -17.95
C GLN J 38 -84.94 -4.23 -16.54
N LYS J 39 -85.74 -3.54 -15.74
CA LYS J 39 -85.36 -3.24 -14.37
C LYS J 39 -84.80 -4.47 -13.66
N SER J 40 -85.62 -5.52 -13.57
CA SER J 40 -85.22 -6.76 -12.91
C SER J 40 -84.05 -7.44 -13.57
N THR J 41 -84.19 -7.77 -14.85
CA THR J 41 -83.13 -8.45 -15.59
C THR J 41 -81.81 -7.71 -15.51
N GLN J 42 -81.86 -6.37 -15.55
CA GLN J 42 -80.64 -5.58 -15.50
C GLN J 42 -79.98 -5.65 -14.12
N ASN J 43 -80.76 -5.51 -13.06
CA ASN J 43 -80.21 -5.59 -11.72
C ASN J 43 -79.62 -6.97 -11.50
N ALA J 44 -80.33 -7.99 -11.98
CA ALA J 44 -79.87 -9.36 -11.87
C ALA J 44 -78.55 -9.53 -12.61
N ILE J 45 -78.46 -8.90 -13.78
CA ILE J 45 -77.24 -8.98 -14.57
C ILE J 45 -76.10 -8.29 -13.84
N ASN J 46 -76.37 -7.13 -13.25
CA ASN J 46 -75.33 -6.40 -12.54
C ASN J 46 -74.84 -7.17 -11.32
N GLY J 47 -75.75 -7.83 -10.61
CA GLY J 47 -75.36 -8.59 -9.43
C GLY J 47 -74.55 -9.83 -9.77
N ILE J 48 -75.08 -10.67 -10.66
CA ILE J 48 -74.41 -11.90 -11.07
C ILE J 48 -73.06 -11.61 -11.72
N THR J 49 -72.99 -10.56 -12.53
CA THR J 49 -71.74 -10.21 -13.18
C THR J 49 -70.73 -9.84 -12.11
N ASN J 50 -71.20 -9.17 -11.06
CA ASN J 50 -70.32 -8.77 -9.97
C ASN J 50 -69.86 -10.00 -9.20
N LYS J 51 -70.74 -10.98 -9.04
CA LYS J 51 -70.37 -12.20 -8.30
C LYS J 51 -69.27 -12.95 -9.02
N VAL J 52 -69.43 -13.13 -10.32
CA VAL J 52 -68.45 -13.84 -11.12
C VAL J 52 -67.11 -13.10 -11.16
N ASN J 53 -67.15 -11.78 -11.24
CA ASN J 53 -65.92 -10.98 -11.27
C ASN J 53 -65.21 -11.01 -9.92
N SER J 54 -65.97 -11.06 -8.83
CA SER J 54 -65.36 -11.11 -7.52
C SER J 54 -64.63 -12.44 -7.40
N VAL J 55 -65.29 -13.53 -7.78
CA VAL J 55 -64.71 -14.85 -7.70
C VAL J 55 -63.41 -14.89 -8.50
N ILE J 56 -63.44 -14.34 -9.70
CA ILE J 56 -62.26 -14.31 -10.55
C ILE J 56 -61.15 -13.45 -9.96
N GLU J 57 -61.52 -12.26 -9.51
CA GLU J 57 -60.56 -11.33 -8.93
C GLU J 57 -59.84 -11.82 -7.67
N LYS J 58 -60.54 -12.57 -6.83
CA LYS J 58 -59.91 -13.08 -5.61
C LYS J 58 -58.81 -14.09 -5.89
N MET J 59 -58.89 -14.74 -7.06
CA MET J 59 -57.88 -15.73 -7.48
C MET J 59 -56.83 -15.10 -8.37
N ASN J 60 -56.08 -14.14 -7.84
CA ASN J 60 -55.04 -13.48 -8.61
C ASN J 60 -54.15 -14.52 -9.32
N ILE J 61 -53.45 -14.08 -10.36
CA ILE J 61 -52.61 -14.96 -11.16
C ILE J 61 -51.50 -15.71 -10.43
N GLN J 62 -51.23 -16.92 -10.94
CA GLN J 62 -50.19 -17.78 -10.41
C GLN J 62 -48.91 -17.48 -11.19
N PHE J 63 -47.88 -17.00 -10.50
CA PHE J 63 -46.62 -16.70 -11.16
C PHE J 63 -45.77 -17.96 -11.22
N THR J 64 -44.65 -17.87 -11.90
CA THR J 64 -43.75 -19.01 -12.04
C THR J 64 -43.66 -19.90 -10.79
N ALA J 65 -43.90 -21.19 -11.00
CA ALA J 65 -43.83 -22.19 -9.93
C ALA J 65 -43.34 -23.48 -10.58
N VAL J 66 -42.15 -23.93 -10.18
CA VAL J 66 -41.57 -25.14 -10.74
C VAL J 66 -41.05 -26.11 -9.67
N GLY J 67 -40.61 -27.28 -10.11
CA GLY J 67 -40.09 -28.27 -9.18
C GLY J 67 -38.64 -27.97 -8.81
N LYS J 68 -38.13 -28.70 -7.83
CA LYS J 68 -36.76 -28.51 -7.38
C LYS J 68 -36.11 -29.89 -7.32
N GLU J 69 -34.79 -29.93 -7.40
CA GLU J 69 -34.07 -31.19 -7.31
C GLU J 69 -33.46 -31.29 -5.91
N PHE J 70 -33.27 -32.51 -5.42
CA PHE J 70 -32.71 -32.75 -4.10
C PHE J 70 -31.75 -33.92 -4.23
N ASN J 71 -30.55 -33.80 -3.64
CA ASN J 71 -29.62 -34.91 -3.76
C ASN J 71 -30.13 -36.09 -2.93
N LYS J 72 -29.46 -37.22 -3.05
CA LYS J 72 -29.86 -38.46 -2.36
C LYS J 72 -29.84 -38.38 -0.85
N LEU J 73 -29.15 -37.38 -0.31
CA LEU J 73 -29.06 -37.20 1.13
C LEU J 73 -30.00 -36.07 1.59
N GLU J 74 -30.98 -35.73 0.77
CA GLU J 74 -31.94 -34.69 1.13
C GLU J 74 -33.36 -35.16 0.99
N LYS J 75 -33.61 -36.42 1.36
CA LYS J 75 -34.93 -37.01 1.27
C LYS J 75 -35.96 -36.30 2.15
N ARG J 76 -35.57 -35.91 3.36
CA ARG J 76 -36.50 -35.23 4.26
C ARG J 76 -36.91 -33.87 3.68
N MET J 77 -35.96 -33.12 3.14
CA MET J 77 -36.26 -31.82 2.55
C MET J 77 -37.18 -32.07 1.35
N GLU J 78 -36.81 -33.05 0.52
CA GLU J 78 -37.60 -33.39 -0.66
C GLU J 78 -39.04 -33.73 -0.26
N ASN J 79 -39.21 -34.45 0.85
CA ASN J 79 -40.54 -34.80 1.31
C ASN J 79 -41.27 -33.61 1.90
N LEU J 80 -40.53 -32.67 2.51
CA LEU J 80 -41.14 -31.49 3.08
C LEU J 80 -41.74 -30.68 1.93
N ASN J 81 -40.91 -30.46 0.90
CA ASN J 81 -41.31 -29.71 -0.28
C ASN J 81 -42.59 -30.34 -0.85
N ASN J 82 -42.61 -31.68 -0.89
CA ASN J 82 -43.75 -32.42 -1.40
C ASN J 82 -45.00 -32.18 -0.56
N LYS J 83 -44.82 -32.18 0.75
CA LYS J 83 -45.93 -31.96 1.67
C LYS J 83 -46.50 -30.57 1.46
N VAL J 84 -45.62 -29.60 1.24
CA VAL J 84 -46.03 -28.21 1.02
C VAL J 84 -46.82 -28.06 -0.28
N ASP J 85 -46.28 -28.56 -1.39
CA ASP J 85 -46.98 -28.47 -2.67
C ASP J 85 -48.33 -29.17 -2.63
N ASP J 86 -48.38 -30.37 -2.07
CA ASP J 86 -49.62 -31.14 -1.99
C ASP J 86 -50.67 -30.50 -1.08
N GLY J 87 -50.21 -29.94 0.04
CA GLY J 87 -51.12 -29.32 0.99
C GLY J 87 -51.80 -28.09 0.42
N PHE J 88 -51.03 -27.23 -0.25
CA PHE J 88 -51.60 -26.03 -0.85
C PHE J 88 -52.57 -26.44 -1.96
N LEU J 89 -52.15 -27.40 -2.78
CA LEU J 89 -53.01 -27.88 -3.87
C LEU J 89 -54.33 -28.41 -3.32
N ASP J 90 -54.26 -29.14 -2.21
CA ASP J 90 -55.48 -29.67 -1.59
C ASP J 90 -56.43 -28.53 -1.18
N ILE J 91 -55.86 -27.50 -0.58
CA ILE J 91 -56.66 -26.38 -0.11
C ILE J 91 -57.30 -25.57 -1.24
N TRP J 92 -56.54 -25.27 -2.29
CA TRP J 92 -57.08 -24.51 -3.39
C TRP J 92 -58.15 -25.28 -4.18
N THR J 93 -57.92 -26.56 -4.42
CA THR J 93 -58.89 -27.37 -5.14
C THR J 93 -60.19 -27.42 -4.34
N TYR J 94 -60.05 -27.53 -3.03
CA TYR J 94 -61.17 -27.58 -2.09
C TYR J 94 -61.88 -26.24 -2.08
N ASN J 95 -61.10 -25.17 -1.95
CA ASN J 95 -61.67 -23.82 -1.93
C ASN J 95 -62.44 -23.53 -3.24
N ALA J 96 -61.82 -23.81 -4.38
CA ALA J 96 -62.45 -23.56 -5.68
C ALA J 96 -63.76 -24.32 -5.86
N GLU J 97 -63.75 -25.60 -5.53
CA GLU J 97 -64.94 -26.43 -5.67
C GLU J 97 -66.07 -26.05 -4.73
N LEU J 98 -65.75 -25.75 -3.47
CA LEU J 98 -66.79 -25.36 -2.52
C LEU J 98 -67.40 -24.02 -2.91
N LEU J 99 -66.54 -23.05 -3.19
CA LEU J 99 -67.04 -21.73 -3.56
C LEU J 99 -68.05 -21.82 -4.69
N VAL J 100 -67.68 -22.50 -5.78
CA VAL J 100 -68.57 -22.63 -6.92
C VAL J 100 -69.87 -23.35 -6.58
N LEU J 101 -69.79 -24.45 -5.85
CA LEU J 101 -70.97 -25.20 -5.45
C LEU J 101 -71.93 -24.34 -4.65
N LEU J 102 -71.38 -23.64 -3.67
CA LEU J 102 -72.15 -22.79 -2.81
C LEU J 102 -72.75 -21.58 -3.51
N GLU J 103 -71.95 -20.94 -4.35
CA GLU J 103 -72.46 -19.77 -5.06
C GLU J 103 -73.50 -20.10 -6.12
N ASN J 104 -73.43 -21.31 -6.68
CA ASN J 104 -74.40 -21.71 -7.69
C ASN J 104 -75.78 -21.83 -7.06
N GLU J 105 -75.83 -22.37 -5.84
CA GLU J 105 -77.07 -22.51 -5.12
C GLU J 105 -77.64 -21.12 -4.90
N ARG J 106 -76.78 -20.24 -4.40
CA ARG J 106 -77.14 -18.86 -4.11
C ARG J 106 -77.68 -18.15 -5.34
N THR J 107 -77.03 -18.37 -6.47
CA THR J 107 -77.44 -17.75 -7.72
C THR J 107 -78.83 -18.20 -8.16
N LEU J 108 -79.11 -19.50 -8.05
CA LEU J 108 -80.42 -20.01 -8.44
C LEU J 108 -81.49 -19.43 -7.53
N ASP J 109 -81.24 -19.40 -6.22
CA ASP J 109 -82.21 -18.84 -5.28
C ASP J 109 -82.41 -17.35 -5.56
N PHE J 110 -81.36 -16.71 -6.06
CA PHE J 110 -81.42 -15.30 -6.37
C PHE J 110 -82.48 -15.06 -7.44
N HIS J 111 -82.38 -15.81 -8.52
CA HIS J 111 -83.34 -15.69 -9.62
C HIS J 111 -84.74 -15.98 -9.11
N ASP J 112 -84.88 -17.05 -8.34
CA ASP J 112 -86.17 -17.43 -7.78
C ASP J 112 -86.75 -16.24 -7.03
N SER J 113 -85.89 -15.56 -6.27
CA SER J 113 -86.29 -14.40 -5.51
C SER J 113 -86.77 -13.28 -6.41
N ASN J 114 -86.03 -13.03 -7.48
CA ASN J 114 -86.41 -11.96 -8.40
C ASN J 114 -87.75 -12.18 -9.09
N VAL J 115 -88.03 -13.42 -9.46
CA VAL J 115 -89.29 -13.74 -10.12
C VAL J 115 -90.43 -13.52 -9.14
N LYS J 116 -90.25 -14.01 -7.92
CA LYS J 116 -91.24 -13.86 -6.87
C LYS J 116 -91.57 -12.39 -6.62
N ASN J 117 -90.54 -11.59 -6.38
CA ASN J 117 -90.75 -10.18 -6.12
C ASN J 117 -91.40 -9.46 -7.31
N LEU J 118 -91.05 -9.88 -8.52
CA LEU J 118 -91.62 -9.28 -9.73
C LEU J 118 -93.10 -9.59 -9.79
N TYR J 119 -93.48 -10.79 -9.34
CA TYR J 119 -94.88 -11.20 -9.34
C TYR J 119 -95.66 -10.36 -8.33
N GLU J 120 -95.10 -10.21 -7.14
CA GLU J 120 -95.73 -9.44 -6.07
C GLU J 120 -95.90 -7.98 -6.46
N LYS J 121 -94.89 -7.42 -7.11
CA LYS J 121 -94.94 -6.03 -7.55
C LYS J 121 -96.21 -5.79 -8.36
N VAL J 122 -96.38 -6.61 -9.39
CA VAL J 122 -97.55 -6.51 -10.27
C VAL J 122 -98.83 -6.74 -9.48
N LYS J 123 -98.86 -7.81 -8.71
CA LYS J 123 -100.02 -8.15 -7.90
C LYS J 123 -100.49 -6.97 -7.05
N SER J 124 -99.56 -6.32 -6.37
CA SER J 124 -99.91 -5.18 -5.52
C SER J 124 -100.28 -3.94 -6.33
N GLN J 125 -100.08 -4.01 -7.64
CA GLN J 125 -100.42 -2.91 -8.52
C GLN J 125 -101.87 -3.04 -8.99
N LEU J 126 -102.18 -4.18 -9.59
CA LEU J 126 -103.50 -4.46 -10.11
C LEU J 126 -104.56 -4.46 -9.01
N LYS J 127 -104.30 -5.21 -7.93
CA LYS J 127 -105.23 -5.31 -6.81
C LYS J 127 -106.57 -5.92 -7.21
N ASN J 128 -107.65 -5.16 -7.03
CA ASN J 128 -109.00 -5.62 -7.36
C ASN J 128 -109.35 -5.62 -8.84
N ASN J 129 -108.56 -4.89 -9.64
CA ASN J 129 -108.84 -4.81 -11.07
C ASN J 129 -108.45 -6.05 -11.85
N ALA J 130 -108.27 -7.17 -11.15
CA ALA J 130 -107.90 -8.42 -11.78
C ALA J 130 -107.86 -9.57 -10.77
N LYS J 131 -107.82 -10.80 -11.26
CA LYS J 131 -107.77 -11.96 -10.37
C LYS J 131 -106.53 -12.79 -10.66
N GLU J 132 -106.15 -13.64 -9.69
CA GLU J 132 -105.00 -14.52 -9.84
C GLU J 132 -105.44 -15.85 -10.40
N ILE J 133 -104.98 -16.17 -11.61
CA ILE J 133 -105.36 -17.42 -12.26
C ILE J 133 -104.31 -18.50 -12.13
N GLY J 134 -103.91 -19.07 -13.27
CA GLY J 134 -102.93 -20.15 -13.31
C GLY J 134 -101.53 -19.86 -12.81
N ASN J 135 -101.43 -19.15 -11.70
CA ASN J 135 -100.13 -18.85 -11.13
C ASN J 135 -99.22 -18.08 -12.07
N GLY J 136 -98.94 -16.84 -11.72
CA GLY J 136 -98.08 -16.00 -12.53
C GLY J 136 -98.91 -15.12 -13.44
N CYS J 137 -100.12 -15.56 -13.74
CA CYS J 137 -101.03 -14.82 -14.62
C CYS J 137 -102.10 -14.03 -13.87
N PHE J 138 -102.64 -13.02 -14.55
CA PHE J 138 -103.69 -12.17 -14.01
C PHE J 138 -104.73 -11.88 -15.09
N GLU J 139 -106.00 -11.86 -14.70
CA GLU J 139 -107.10 -11.57 -15.64
C GLU J 139 -107.72 -10.23 -15.28
N PHE J 140 -107.60 -9.26 -16.18
CA PHE J 140 -108.16 -7.94 -15.92
C PHE J 140 -109.69 -7.97 -15.99
N TYR J 141 -110.32 -7.27 -15.06
CA TYR J 141 -111.77 -7.18 -15.01
C TYR J 141 -112.26 -6.06 -15.93
N HIS J 142 -111.38 -5.10 -16.19
CA HIS J 142 -111.74 -3.96 -17.04
C HIS J 142 -111.15 -3.99 -18.44
N LYS J 143 -110.49 -5.10 -18.81
CA LYS J 143 -109.89 -5.22 -20.14
C LYS J 143 -109.00 -4.00 -20.39
N CYS J 144 -107.70 -4.22 -20.59
CA CYS J 144 -106.80 -3.10 -20.78
C CYS J 144 -105.83 -3.11 -21.97
N ASP J 145 -105.74 -1.95 -22.61
CA ASP J 145 -104.92 -1.70 -23.80
C ASP J 145 -103.48 -2.23 -23.82
N ASN J 146 -102.86 -2.07 -24.98
CA ASN J 146 -101.47 -2.45 -25.19
C ASN J 146 -100.66 -1.41 -24.44
N GLU J 147 -101.12 -0.17 -24.51
CA GLU J 147 -100.47 0.95 -23.85
C GLU J 147 -100.58 0.75 -22.35
N CYS J 148 -101.75 0.28 -21.91
CA CYS J 148 -101.98 0.03 -20.49
C CYS J 148 -101.12 -1.13 -20.00
N MET J 149 -100.91 -2.13 -20.84
CA MET J 149 -100.09 -3.26 -20.45
C MET J 149 -98.71 -2.75 -20.10
N GLU J 150 -98.26 -1.73 -20.81
CA GLU J 150 -96.95 -1.15 -20.57
C GLU J 150 -96.91 -0.46 -19.20
N SER J 151 -98.06 0.07 -18.78
CA SER J 151 -98.15 0.74 -17.49
C SER J 151 -97.91 -0.25 -16.36
N VAL J 152 -98.30 -1.51 -16.61
CA VAL J 152 -98.14 -2.56 -15.63
C VAL J 152 -96.69 -3.06 -15.63
N ARG J 153 -96.03 -2.94 -16.78
CA ARG J 153 -94.65 -3.38 -16.90
C ARG J 153 -93.66 -2.36 -16.35
N ASN J 154 -93.93 -1.08 -16.57
CA ASN J 154 -93.02 -0.04 -16.09
C ASN J 154 -93.33 0.45 -14.68
N GLY J 155 -94.20 -0.26 -13.97
CA GLY J 155 -94.52 0.12 -12.61
C GLY J 155 -95.54 1.22 -12.39
N THR J 156 -96.16 1.70 -13.46
CA THR J 156 -97.16 2.74 -13.33
C THR J 156 -98.54 2.14 -13.10
N TYR J 157 -99.41 2.17 -14.10
CA TYR J 157 -100.74 1.60 -13.92
C TYR J 157 -101.45 2.32 -12.77
N ASP J 158 -102.48 3.08 -13.14
CA ASP J 158 -103.26 3.85 -12.18
C ASP J 158 -104.70 3.31 -12.10
N TYR J 159 -105.15 2.91 -10.90
CA TYR J 159 -106.52 2.40 -10.57
C TYR J 159 -106.55 1.15 -9.64
N PRO J 160 -107.43 1.14 -8.61
CA PRO J 160 -107.59 0.04 -7.63
C PRO J 160 -108.51 -1.10 -8.05
N ASP K 5 -114.44 -28.32 10.65
CA ASP K 5 -113.38 -28.99 9.83
C ASP K 5 -112.20 -28.06 9.61
N THR K 6 -111.04 -28.46 10.13
CA THR K 6 -109.82 -27.66 9.99
C THR K 6 -108.61 -28.51 9.61
N ILE K 7 -107.83 -28.03 8.65
CA ILE K 7 -106.62 -28.73 8.21
C ILE K 7 -105.46 -27.81 8.51
N CYS K 8 -104.38 -28.36 9.07
CA CYS K 8 -103.21 -27.55 9.38
C CYS K 8 -101.93 -28.10 8.76
N ILE K 9 -101.04 -27.18 8.39
CA ILE K 9 -99.75 -27.54 7.82
C ILE K 9 -98.76 -27.34 8.96
N GLY K 10 -97.95 -28.35 9.22
CA GLY K 10 -96.97 -28.25 10.30
C GLY K 10 -95.70 -29.03 10.04
N TYR K 11 -94.78 -28.96 11.00
CA TYR K 11 -93.50 -29.66 10.86
C TYR K 11 -93.17 -30.63 12.00
N HIS K 12 -92.36 -31.62 11.68
CA HIS K 12 -91.94 -32.65 12.62
C HIS K 12 -91.27 -32.11 13.88
N ALA K 13 -91.36 -32.89 14.96
CA ALA K 13 -90.78 -32.54 16.24
C ALA K 13 -90.53 -33.85 16.99
N ASN K 14 -89.68 -33.82 18.01
CA ASN K 14 -89.39 -35.02 18.79
C ASN K 14 -88.71 -34.73 20.13
N ASN K 15 -88.08 -35.75 20.71
CA ASN K 15 -87.40 -35.62 21.99
C ASN K 15 -85.89 -35.48 21.85
N SER K 16 -85.42 -35.55 20.61
CA SER K 16 -83.98 -35.44 20.30
C SER K 16 -83.39 -34.20 20.96
N THR K 17 -82.24 -34.36 21.59
CA THR K 17 -81.57 -33.24 22.25
C THR K 17 -80.28 -32.85 21.53
N ASP K 18 -80.09 -33.34 20.31
CA ASP K 18 -78.91 -33.01 19.52
C ASP K 18 -78.78 -31.50 19.47
N THR K 19 -77.55 -31.00 19.59
CA THR K 19 -77.31 -29.58 19.56
C THR K 19 -76.27 -29.22 18.50
N VAL K 20 -76.51 -28.13 17.77
CA VAL K 20 -75.58 -27.68 16.74
C VAL K 20 -75.43 -26.16 16.77
N ASP K 21 -74.36 -25.66 16.18
CA ASP K 21 -74.13 -24.22 16.13
C ASP K 21 -74.35 -23.69 14.72
N THR K 22 -74.72 -22.42 14.65
CA THR K 22 -74.94 -21.75 13.38
C THR K 22 -74.25 -20.42 13.49
N VAL K 23 -74.27 -19.63 12.41
CA VAL K 23 -73.61 -18.34 12.43
C VAL K 23 -74.34 -17.35 13.34
N LEU K 24 -75.66 -17.40 13.34
CA LEU K 24 -76.46 -16.49 14.15
C LEU K 24 -76.76 -16.97 15.57
N GLU K 25 -76.78 -18.28 15.78
CA GLU K 25 -77.10 -18.80 17.10
C GLU K 25 -76.35 -20.08 17.46
N LYS K 26 -75.91 -20.16 18.71
CA LYS K 26 -75.18 -21.33 19.18
C LYS K 26 -76.12 -22.29 19.89
N ASN K 27 -75.67 -23.54 20.04
CA ASN K 27 -76.44 -24.58 20.70
C ASN K 27 -77.93 -24.55 20.38
N VAL K 28 -78.24 -24.82 19.12
CA VAL K 28 -79.62 -24.87 18.66
C VAL K 28 -80.04 -26.32 18.68
N THR K 29 -81.09 -26.65 19.42
CA THR K 29 -81.57 -28.02 19.50
C THR K 29 -82.30 -28.40 18.23
N VAL K 30 -81.91 -29.54 17.64
CA VAL K 30 -82.50 -29.99 16.39
C VAL K 30 -83.04 -31.42 16.49
N THR K 31 -83.85 -31.81 15.51
CA THR K 31 -84.46 -33.13 15.49
C THR K 31 -83.53 -34.23 14.99
N HIS K 32 -82.71 -33.91 14.00
CA HIS K 32 -81.78 -34.87 13.42
C HIS K 32 -80.46 -34.19 13.08
N SER K 33 -79.35 -34.89 13.30
CA SER K 33 -78.03 -34.35 13.00
C SER K 33 -77.03 -35.46 12.74
N VAL K 34 -75.91 -35.11 12.11
CA VAL K 34 -74.87 -36.07 11.80
C VAL K 34 -73.52 -35.60 12.31
N ASN K 35 -72.83 -36.47 13.02
CA ASN K 35 -71.50 -36.16 13.55
C ASN K 35 -70.49 -36.39 12.44
N LEU K 36 -69.62 -35.42 12.22
CA LEU K 36 -68.59 -35.53 11.20
C LEU K 36 -67.22 -35.64 11.83
N LEU K 37 -67.17 -35.54 13.15
CA LEU K 37 -65.90 -35.59 13.86
C LEU K 37 -65.66 -36.88 14.64
N GLU K 38 -64.74 -37.69 14.15
CA GLU K 38 -64.41 -38.96 14.80
C GLU K 38 -63.52 -38.71 16.02
N ASP K 39 -63.98 -39.12 17.19
CA ASP K 39 -63.21 -38.93 18.41
C ASP K 39 -63.02 -40.25 19.17
N SER K 40 -63.23 -41.36 18.48
CA SER K 40 -63.11 -42.67 19.09
C SER K 40 -62.04 -43.53 18.44
N HIS K 41 -61.31 -44.27 19.26
CA HIS K 41 -60.27 -45.16 18.77
C HIS K 41 -60.07 -46.29 19.79
N ASN K 42 -59.54 -47.43 19.36
CA ASN K 42 -59.27 -48.52 20.30
C ASN K 42 -57.85 -48.21 20.78
N GLY K 43 -57.61 -48.22 22.08
CA GLY K 43 -56.27 -47.87 22.53
C GLY K 43 -55.19 -48.89 22.20
N LYS K 44 -55.16 -49.37 20.96
CA LYS K 44 -54.17 -50.38 20.60
C LYS K 44 -53.48 -50.15 19.26
N LEU K 45 -52.31 -50.77 19.12
CA LEU K 45 -51.57 -50.72 17.87
C LEU K 45 -52.07 -51.97 17.17
N CYS K 46 -52.50 -51.84 15.93
CA CYS K 46 -53.03 -52.97 15.19
C CYS K 46 -52.24 -53.29 13.95
N ARG K 47 -52.61 -54.38 13.29
CA ARG K 47 -51.97 -54.76 12.04
C ARG K 47 -52.58 -53.80 11.04
N LEU K 48 -51.85 -53.48 9.97
CA LEU K 48 -52.35 -52.58 8.95
C LEU K 48 -52.67 -53.46 7.77
N LYS K 49 -53.97 -53.68 7.54
CA LYS K 49 -54.42 -54.53 6.45
C LYS K 49 -53.70 -55.89 6.53
N GLY K 50 -53.77 -56.50 7.71
CA GLY K 50 -53.18 -57.80 7.92
C GLY K 50 -51.71 -57.87 8.28
N ILE K 51 -50.95 -56.84 7.93
CA ILE K 51 -49.51 -56.83 8.21
C ILE K 51 -49.16 -56.10 9.51
N ALA K 52 -48.40 -56.78 10.36
CA ALA K 52 -48.01 -56.23 11.65
C ALA K 52 -46.87 -55.21 11.61
N PRO K 53 -46.88 -54.26 12.54
CA PRO K 53 -45.82 -53.25 12.57
C PRO K 53 -44.56 -53.83 13.21
N LEU K 54 -43.44 -53.16 13.02
CA LEU K 54 -42.19 -53.59 13.61
C LEU K 54 -42.10 -52.82 14.93
N GLN K 55 -42.12 -53.54 16.04
CA GLN K 55 -42.02 -52.89 17.35
C GLN K 55 -40.58 -52.92 17.84
N LEU K 56 -39.95 -51.75 17.84
CA LEU K 56 -38.56 -51.65 18.29
C LEU K 56 -38.44 -51.72 19.81
N GLY K 57 -39.55 -51.53 20.51
CA GLY K 57 -39.51 -51.60 21.97
C GLY K 57 -38.52 -50.65 22.62
N LYS K 58 -37.58 -51.21 23.37
CA LYS K 58 -36.56 -50.41 24.07
C LYS K 58 -35.41 -49.99 23.16
N CYS K 59 -35.51 -50.30 21.87
CA CYS K 59 -34.47 -49.95 20.91
C CYS K 59 -34.97 -48.88 19.92
N ASN K 60 -34.05 -48.21 19.25
CA ASN K 60 -34.43 -47.22 18.24
C ASN K 60 -33.81 -47.68 16.94
N ILE K 61 -34.09 -46.97 15.85
CA ILE K 61 -33.58 -47.35 14.54
C ILE K 61 -32.09 -47.70 14.54
N ALA K 62 -31.27 -46.89 15.21
CA ALA K 62 -29.82 -47.13 15.25
C ALA K 62 -29.45 -48.47 15.90
N GLY K 63 -30.06 -48.78 17.02
CA GLY K 63 -29.77 -50.04 17.70
C GLY K 63 -30.18 -51.22 16.83
N TRP K 64 -31.34 -51.08 16.21
CA TRP K 64 -31.88 -52.10 15.33
C TRP K 64 -30.95 -52.38 14.14
N LEU K 65 -30.58 -51.33 13.39
CA LEU K 65 -29.72 -51.51 12.22
C LEU K 65 -28.25 -51.84 12.52
N LEU K 66 -27.70 -51.33 13.61
CA LEU K 66 -26.30 -51.64 13.92
C LEU K 66 -26.21 -53.03 14.53
N GLY K 67 -27.28 -53.44 15.20
CA GLY K 67 -27.30 -54.75 15.84
C GLY K 67 -26.89 -54.69 17.29
N ASN K 68 -27.30 -53.63 17.98
CA ASN K 68 -27.00 -53.49 19.40
C ASN K 68 -27.42 -54.81 20.05
N PRO K 69 -26.54 -55.45 20.83
CA PRO K 69 -26.85 -56.73 21.49
C PRO K 69 -28.20 -56.76 22.21
N GLU K 70 -28.62 -55.61 22.70
CA GLU K 70 -29.89 -55.51 23.42
C GLU K 70 -31.12 -55.55 22.50
N CYS K 71 -30.88 -55.65 21.20
CA CYS K 71 -31.99 -55.67 20.25
C CYS K 71 -32.05 -56.97 19.44
N ASP K 72 -31.48 -58.05 19.98
CA ASP K 72 -31.48 -59.34 19.30
C ASP K 72 -32.88 -59.83 18.84
N PRO K 73 -33.92 -59.64 19.68
CA PRO K 73 -35.27 -60.09 19.30
C PRO K 73 -35.74 -59.54 17.94
N LEU K 74 -35.13 -58.44 17.49
CA LEU K 74 -35.51 -57.82 16.21
C LEU K 74 -34.77 -58.43 15.03
N LEU K 75 -33.67 -59.12 15.28
CA LEU K 75 -32.88 -59.71 14.20
C LEU K 75 -33.62 -60.49 13.12
N PRO K 76 -34.59 -61.34 13.51
CA PRO K 76 -35.36 -62.14 12.54
C PRO K 76 -36.49 -61.44 11.76
N VAL K 77 -36.97 -60.29 12.26
CA VAL K 77 -38.06 -59.60 11.56
C VAL K 77 -37.65 -59.16 10.16
N ARG K 78 -38.45 -59.55 9.17
CA ARG K 78 -38.16 -59.23 7.78
C ARG K 78 -39.12 -58.27 7.08
N SER K 79 -40.34 -58.14 7.59
CA SER K 79 -41.31 -57.26 6.97
C SER K 79 -42.24 -56.65 8.02
N TRP K 80 -42.82 -55.50 7.68
CA TRP K 80 -43.69 -54.78 8.59
C TRP K 80 -44.55 -53.78 7.80
N SER K 81 -45.55 -53.22 8.46
CA SER K 81 -46.45 -52.26 7.82
C SER K 81 -46.06 -50.83 8.23
N TYR K 82 -45.50 -50.69 9.43
CA TYR K 82 -45.03 -49.41 9.95
C TYR K 82 -44.09 -49.68 11.12
N ILE K 83 -43.22 -48.73 11.43
CA ILE K 83 -42.25 -48.89 12.51
C ILE K 83 -42.72 -48.12 13.73
N VAL K 84 -42.54 -48.74 14.90
CA VAL K 84 -42.98 -48.14 16.16
C VAL K 84 -41.87 -48.00 17.18
N GLU K 85 -41.61 -46.77 17.61
CA GLU K 85 -40.62 -46.49 18.64
C GLU K 85 -41.43 -46.11 19.87
N THR K 86 -40.84 -46.28 21.04
CA THR K 86 -41.53 -45.95 22.27
C THR K 86 -40.74 -44.88 23.01
N PRO K 87 -41.37 -44.25 24.02
CA PRO K 87 -40.67 -43.22 24.79
C PRO K 87 -39.42 -43.81 25.43
N ASN K 88 -39.40 -45.13 25.57
CA ASN K 88 -38.25 -45.81 26.18
C ASN K 88 -37.28 -46.46 25.20
N SER K 89 -37.30 -46.02 23.94
CA SER K 89 -36.37 -46.56 22.96
C SER K 89 -35.01 -45.93 23.23
N GLU K 90 -34.34 -46.42 24.27
CA GLU K 90 -33.04 -45.91 24.68
C GLU K 90 -31.86 -46.59 23.97
N ASN K 91 -31.98 -47.90 23.75
CA ASN K 91 -30.93 -48.69 23.12
C ASN K 91 -30.66 -48.38 21.65
N GLY K 92 -29.70 -47.49 21.40
CA GLY K 92 -29.33 -47.15 20.05
C GLY K 92 -27.90 -47.56 19.89
N ILE K 93 -27.01 -46.61 19.62
CA ILE K 93 -25.59 -46.97 19.52
C ILE K 93 -25.17 -47.23 20.98
N CYS K 94 -24.23 -48.14 21.19
CA CYS K 94 -23.77 -48.41 22.55
C CYS K 94 -22.36 -47.88 22.76
N TYR K 95 -21.58 -47.81 21.69
CA TYR K 95 -20.24 -47.26 21.78
C TYR K 95 -20.42 -45.78 21.36
N PRO K 96 -20.08 -44.84 22.25
CA PRO K 96 -20.22 -43.40 21.98
C PRO K 96 -19.62 -42.92 20.66
N GLY K 97 -20.34 -42.03 19.99
CA GLY K 97 -19.88 -41.50 18.72
C GLY K 97 -21.03 -40.82 17.97
N ASP K 98 -20.77 -40.42 16.73
CA ASP K 98 -21.79 -39.75 15.92
C ASP K 98 -22.29 -40.69 14.81
N PHE K 99 -23.61 -40.73 14.61
CA PHE K 99 -24.20 -41.54 13.55
C PHE K 99 -24.47 -40.57 12.39
N ILE K 100 -23.56 -40.49 11.44
CA ILE K 100 -23.71 -39.56 10.33
C ILE K 100 -24.96 -39.77 9.46
N ASP K 101 -25.67 -38.66 9.23
CA ASP K 101 -26.90 -38.65 8.44
C ASP K 101 -27.91 -39.66 8.96
N TYR K 102 -27.99 -39.76 10.28
CA TYR K 102 -28.90 -40.67 10.94
C TYR K 102 -30.35 -40.38 10.56
N GLU K 103 -30.75 -39.11 10.65
CA GLU K 103 -32.13 -38.73 10.31
C GLU K 103 -32.51 -39.14 8.87
N GLU K 104 -31.58 -38.99 7.93
CA GLU K 104 -31.87 -39.39 6.56
C GLU K 104 -32.04 -40.92 6.49
N LEU K 105 -31.25 -41.64 7.29
CA LEU K 105 -31.36 -43.09 7.30
C LEU K 105 -32.78 -43.46 7.75
N ARG K 106 -33.25 -42.79 8.80
CA ARG K 106 -34.59 -43.04 9.31
C ARG K 106 -35.62 -42.79 8.22
N GLU K 107 -35.42 -41.72 7.46
CA GLU K 107 -36.34 -41.39 6.39
C GLU K 107 -36.29 -42.49 5.34
N GLN K 108 -35.10 -43.04 5.10
CA GLN K 108 -34.95 -44.12 4.12
C GLN K 108 -35.76 -45.36 4.56
N LEU K 109 -35.60 -45.75 5.83
CA LEU K 109 -36.30 -46.92 6.33
C LEU K 109 -37.82 -46.73 6.33
N SER K 110 -38.24 -45.47 6.32
CA SER K 110 -39.66 -45.12 6.32
C SER K 110 -40.43 -45.60 5.07
N SER K 111 -39.71 -45.88 3.98
CA SER K 111 -40.36 -46.36 2.77
C SER K 111 -39.97 -47.81 2.47
N VAL K 112 -39.38 -48.48 3.45
CA VAL K 112 -38.98 -49.88 3.27
C VAL K 112 -40.08 -50.78 3.81
N SER K 113 -40.59 -51.68 2.96
CA SER K 113 -41.64 -52.59 3.40
C SER K 113 -41.02 -53.88 3.95
N SER K 114 -39.80 -54.18 3.53
CA SER K 114 -39.10 -55.38 4.01
C SER K 114 -37.68 -55.46 3.49
N PHE K 115 -36.86 -56.27 4.14
CA PHE K 115 -35.49 -56.48 3.70
C PHE K 115 -34.95 -57.83 4.12
N GLU K 116 -33.82 -58.23 3.54
CA GLU K 116 -33.22 -59.48 3.95
C GLU K 116 -31.85 -59.14 4.54
N ARG K 117 -31.66 -59.51 5.80
CA ARG K 117 -30.42 -59.30 6.51
C ARG K 117 -29.54 -60.47 6.09
N PHE K 118 -28.38 -60.17 5.51
CA PHE K 118 -27.48 -61.24 5.07
C PHE K 118 -26.02 -60.88 5.34
N GLU K 119 -25.18 -61.90 5.40
CA GLU K 119 -23.76 -61.70 5.66
C GLU K 119 -23.07 -61.14 4.43
N ILE K 120 -22.73 -59.87 4.48
CA ILE K 120 -22.04 -59.27 3.34
C ILE K 120 -20.58 -59.70 3.38
N PHE K 121 -20.02 -59.76 4.58
CA PHE K 121 -18.64 -60.18 4.77
C PHE K 121 -18.57 -61.19 5.93
N PRO K 122 -18.71 -62.50 5.62
CA PRO K 122 -18.66 -63.57 6.63
C PRO K 122 -17.51 -63.39 7.63
N LYS K 123 -17.84 -63.43 8.91
CA LYS K 123 -16.86 -63.25 9.98
C LYS K 123 -15.50 -63.87 9.74
N GLU K 124 -15.43 -65.20 9.71
CA GLU K 124 -14.14 -65.84 9.51
C GLU K 124 -13.97 -66.45 8.13
N SER K 125 -13.46 -65.63 7.21
CA SER K 125 -13.19 -66.01 5.83
C SER K 125 -12.97 -64.72 5.05
N SER K 126 -13.42 -63.60 5.63
CA SER K 126 -13.28 -62.29 5.01
C SER K 126 -12.03 -61.57 5.49
N TRP K 127 -11.69 -61.77 6.76
CA TRP K 127 -10.53 -61.11 7.36
C TRP K 127 -9.53 -62.14 7.92
N PRO K 128 -8.84 -62.86 7.03
CA PRO K 128 -7.85 -63.88 7.43
C PRO K 128 -6.68 -63.35 8.23
N ASN K 129 -6.21 -62.15 7.89
CA ASN K 129 -5.06 -61.57 8.56
C ASN K 129 -5.34 -60.55 9.66
N HIS K 130 -6.52 -60.60 10.26
CA HIS K 130 -6.84 -59.66 11.32
C HIS K 130 -7.66 -60.33 12.41
N ASN K 131 -7.62 -59.79 13.62
CA ASN K 131 -8.44 -60.35 14.68
C ASN K 131 -9.82 -59.71 14.54
N THR K 132 -10.86 -60.48 14.83
CA THR K 132 -12.22 -60.02 14.69
C THR K 132 -13.03 -60.24 15.95
N ASN K 133 -12.35 -60.58 17.04
CA ASN K 133 -13.04 -60.85 18.29
C ASN K 133 -13.13 -59.64 19.21
N GLY K 134 -12.75 -58.47 18.69
CA GLY K 134 -12.81 -57.25 19.49
C GLY K 134 -14.18 -57.10 20.12
N VAL K 135 -14.20 -56.73 21.40
CA VAL K 135 -15.45 -56.61 22.14
C VAL K 135 -15.40 -55.38 23.07
N THR K 136 -16.54 -54.95 23.61
CA THR K 136 -16.53 -53.78 24.51
C THR K 136 -17.62 -53.85 25.58
N ALA K 137 -17.30 -53.36 26.78
CA ALA K 137 -18.26 -53.38 27.88
C ALA K 137 -19.36 -52.34 27.64
N ALA K 138 -19.15 -51.48 26.65
CA ALA K 138 -20.14 -50.47 26.33
C ALA K 138 -21.30 -51.14 25.59
N CYS K 139 -21.02 -52.28 24.97
CA CYS K 139 -22.02 -53.05 24.25
C CYS K 139 -22.08 -54.45 24.86
N SER K 140 -22.50 -54.52 26.11
CA SER K 140 -22.57 -55.80 26.80
C SER K 140 -23.91 -56.54 26.64
N HIS K 141 -23.86 -57.86 26.77
CA HIS K 141 -25.03 -58.72 26.67
C HIS K 141 -24.82 -59.85 27.69
N GLU K 142 -25.84 -60.09 28.52
CA GLU K 142 -25.75 -61.12 29.56
C GLU K 142 -24.64 -60.79 30.54
N GLY K 143 -24.48 -59.51 30.84
CA GLY K 143 -23.45 -59.08 31.76
C GLY K 143 -22.03 -59.26 31.24
N LYS K 144 -21.89 -59.60 29.97
CA LYS K 144 -20.56 -59.79 29.40
C LYS K 144 -20.31 -58.87 28.21
N SER K 145 -19.06 -58.41 28.08
CA SER K 145 -18.69 -57.53 26.98
C SER K 145 -18.98 -58.21 25.65
N SER K 146 -19.58 -57.45 24.73
CA SER K 146 -19.92 -57.99 23.43
C SER K 146 -19.80 -56.91 22.36
N PHE K 147 -20.45 -57.10 21.20
CA PHE K 147 -20.38 -56.11 20.14
C PHE K 147 -21.62 -56.15 19.26
N TYR K 148 -21.71 -55.17 18.36
CA TYR K 148 -22.81 -55.08 17.42
C TYR K 148 -22.88 -56.37 16.63
N ARG K 149 -24.09 -56.86 16.38
CA ARG K 149 -24.26 -58.11 15.64
C ARG K 149 -23.98 -57.92 14.16
N ASN K 150 -24.15 -56.71 13.65
CA ASN K 150 -23.96 -56.47 12.22
C ASN K 150 -22.62 -55.88 11.81
N LEU K 151 -21.78 -55.57 12.80
CA LEU K 151 -20.47 -55.01 12.53
C LEU K 151 -19.39 -55.86 13.19
N LEU K 152 -18.15 -55.74 12.71
CA LEU K 152 -17.02 -56.48 13.24
C LEU K 152 -15.87 -55.54 13.60
N TRP K 153 -15.39 -55.60 14.84
CA TRP K 153 -14.31 -54.74 15.26
C TRP K 153 -13.01 -55.41 14.85
N LEU K 154 -12.37 -54.91 13.79
CA LEU K 154 -11.12 -55.51 13.33
C LEU K 154 -9.93 -54.93 14.08
N THR K 155 -8.96 -55.77 14.41
CA THR K 155 -7.76 -55.31 15.10
C THR K 155 -6.52 -56.05 14.64
N GLU K 156 -5.37 -55.61 15.13
CA GLU K 156 -4.09 -56.19 14.81
C GLU K 156 -4.01 -57.66 15.21
N LYS K 157 -3.29 -58.44 14.40
CA LYS K 157 -3.11 -59.86 14.65
C LYS K 157 -1.63 -60.20 14.57
N GLU K 158 -1.05 -60.61 15.70
CA GLU K 158 0.36 -60.96 15.77
C GLU K 158 1.22 -59.73 15.53
N GLY K 159 0.85 -58.61 16.15
CA GLY K 159 1.58 -57.38 15.99
C GLY K 159 1.63 -56.89 14.55
N SER K 160 0.51 -57.01 13.85
CA SER K 160 0.46 -56.60 12.46
C SER K 160 -0.96 -56.38 11.97
N TYR K 161 -1.18 -55.25 11.29
CA TYR K 161 -2.49 -54.93 10.74
C TYR K 161 -2.27 -54.59 9.27
N PRO K 162 -2.32 -55.61 8.41
CA PRO K 162 -2.13 -55.51 6.96
C PRO K 162 -3.18 -54.64 6.28
N LYS K 163 -2.76 -53.86 5.29
CA LYS K 163 -3.71 -53.04 4.56
C LYS K 163 -4.68 -54.03 3.96
N LEU K 164 -5.96 -53.88 4.27
CA LEU K 164 -6.99 -54.78 3.77
C LEU K 164 -7.77 -54.13 2.63
N LYS K 165 -8.36 -54.96 1.77
CA LYS K 165 -9.17 -54.49 0.66
C LYS K 165 -10.19 -55.55 0.31
N ASN K 166 -11.41 -55.35 0.76
CA ASN K 166 -12.50 -56.27 0.50
C ASN K 166 -13.60 -55.63 -0.33
N SER K 167 -14.19 -56.42 -1.22
CA SER K 167 -15.24 -55.96 -2.09
C SER K 167 -16.46 -56.85 -1.96
N TYR K 168 -17.58 -56.33 -2.42
CA TYR K 168 -18.82 -57.07 -2.42
C TYR K 168 -19.62 -56.57 -3.62
N VAL K 169 -19.96 -57.47 -4.53
CA VAL K 169 -20.73 -57.11 -5.71
C VAL K 169 -22.20 -57.35 -5.35
N ASN K 170 -23.02 -56.32 -5.50
CA ASN K 170 -24.43 -56.45 -5.18
C ASN K 170 -25.18 -57.19 -6.27
N LYS K 171 -25.46 -58.47 -6.00
CA LYS K 171 -26.18 -59.29 -6.95
C LYS K 171 -27.55 -59.69 -6.39
N LYS K 172 -28.05 -58.89 -5.47
CA LYS K 172 -29.34 -59.15 -4.83
C LYS K 172 -30.53 -58.64 -5.64
N GLY K 173 -30.27 -57.84 -6.66
CA GLY K 173 -31.34 -57.31 -7.47
C GLY K 173 -32.10 -56.21 -6.74
N LYS K 174 -31.51 -55.71 -5.66
CA LYS K 174 -32.10 -54.64 -4.86
C LYS K 174 -31.03 -53.77 -4.23
N GLU K 175 -31.44 -52.59 -3.74
CA GLU K 175 -30.52 -51.68 -3.08
C GLU K 175 -30.07 -52.39 -1.81
N VAL K 176 -28.79 -52.25 -1.48
CA VAL K 176 -28.27 -52.88 -0.27
C VAL K 176 -27.79 -51.79 0.68
N LEU K 177 -28.37 -51.73 1.87
CA LEU K 177 -27.94 -50.76 2.86
C LEU K 177 -26.72 -51.36 3.55
N VAL K 178 -25.60 -50.64 3.51
CA VAL K 178 -24.38 -51.09 4.15
C VAL K 178 -24.00 -50.10 5.24
N LEU K 179 -23.64 -50.62 6.41
CA LEU K 179 -23.25 -49.79 7.53
C LEU K 179 -21.88 -50.20 8.04
N TRP K 180 -21.14 -49.22 8.56
CA TRP K 180 -19.83 -49.48 9.10
C TRP K 180 -19.48 -48.38 10.08
N GLY K 181 -18.33 -48.52 10.72
CA GLY K 181 -17.92 -47.52 11.68
C GLY K 181 -16.43 -47.27 11.60
N ILE K 182 -16.00 -46.19 12.23
CA ILE K 182 -14.59 -45.82 12.27
C ILE K 182 -14.31 -45.58 13.75
N HIS K 183 -13.35 -46.29 14.30
CA HIS K 183 -13.04 -46.12 15.71
C HIS K 183 -11.96 -45.05 15.89
N HIS K 184 -12.10 -44.26 16.94
CA HIS K 184 -11.15 -43.19 17.22
C HIS K 184 -10.58 -43.33 18.62
N PRO K 185 -9.38 -43.91 18.75
CA PRO K 185 -8.75 -44.07 20.07
C PRO K 185 -8.58 -42.71 20.74
N PRO K 186 -8.44 -42.67 22.07
CA PRO K 186 -8.26 -41.40 22.77
C PRO K 186 -6.79 -40.97 22.84
N ASN K 187 -5.88 -41.87 22.51
CA ASN K 187 -4.45 -41.58 22.52
C ASN K 187 -3.70 -42.47 21.53
N SER K 188 -2.55 -41.98 21.08
CA SER K 188 -1.73 -42.70 20.11
C SER K 188 -1.27 -44.08 20.56
N LYS K 189 -1.01 -44.25 21.85
CA LYS K 189 -0.57 -45.54 22.37
C LYS K 189 -1.63 -46.59 22.04
N GLU K 190 -2.87 -46.29 22.37
CA GLU K 190 -3.96 -47.20 22.08
C GLU K 190 -4.07 -47.46 20.59
N GLN K 191 -3.94 -46.40 19.80
CA GLN K 191 -4.01 -46.53 18.34
C GLN K 191 -2.95 -47.52 17.84
N GLN K 192 -1.77 -47.47 18.43
CA GLN K 192 -0.69 -48.35 18.01
C GLN K 192 -0.86 -49.81 18.42
N ASN K 193 -1.27 -50.08 19.64
CA ASN K 193 -1.41 -51.47 20.02
C ASN K 193 -2.69 -52.10 19.49
N LEU K 194 -3.58 -51.28 18.93
CA LEU K 194 -4.82 -51.81 18.36
C LEU K 194 -4.72 -51.97 16.85
N TYR K 195 -4.10 -51.00 16.19
CA TYR K 195 -3.99 -51.03 14.74
C TYR K 195 -2.55 -50.97 14.21
N GLN K 196 -1.58 -50.89 15.12
CA GLN K 196 -0.17 -50.81 14.73
C GLN K 196 0.20 -49.50 14.06
N ASN K 197 -0.40 -49.23 12.90
CA ASN K 197 -0.12 -48.01 12.15
C ASN K 197 -0.54 -46.73 12.86
N GLU K 198 0.42 -45.83 13.07
CA GLU K 198 0.15 -44.58 13.75
C GLU K 198 -0.67 -43.62 12.88
N ASN K 199 -0.54 -43.78 11.57
CA ASN K 199 -1.28 -42.95 10.63
C ASN K 199 -2.09 -43.81 9.67
N ALA K 200 -3.25 -44.23 10.15
CA ALA K 200 -4.15 -45.09 9.38
C ALA K 200 -5.24 -44.30 8.67
N TYR K 201 -5.96 -45.00 7.80
CA TYR K 201 -7.05 -44.37 7.06
C TYR K 201 -8.00 -45.47 6.60
N VAL K 202 -9.24 -45.09 6.35
CA VAL K 202 -10.24 -46.02 5.87
C VAL K 202 -10.82 -45.42 4.60
N SER K 203 -11.02 -46.25 3.58
CA SER K 203 -11.59 -45.78 2.33
C SER K 203 -12.78 -46.64 1.96
N VAL K 204 -13.87 -45.99 1.58
CA VAL K 204 -15.08 -46.69 1.18
C VAL K 204 -15.52 -46.06 -0.13
N VAL K 205 -15.71 -46.89 -1.16
CA VAL K 205 -16.12 -46.38 -2.45
C VAL K 205 -17.07 -47.31 -3.18
N THR K 206 -17.91 -46.72 -4.02
CA THR K 206 -18.85 -47.47 -4.86
C THR K 206 -18.85 -46.68 -6.17
N SER K 207 -19.84 -46.89 -7.03
CA SER K 207 -19.87 -46.15 -8.28
C SER K 207 -20.35 -44.71 -8.04
N ASN K 208 -21.05 -44.49 -6.93
CA ASN K 208 -21.56 -43.16 -6.63
C ASN K 208 -21.29 -42.70 -5.19
N TYR K 209 -20.42 -43.40 -4.48
CA TYR K 209 -20.07 -43.03 -3.11
C TYR K 209 -18.54 -43.04 -3.04
N ASN K 210 -17.97 -42.07 -2.35
CA ASN K 210 -16.52 -41.98 -2.26
C ASN K 210 -16.12 -41.16 -1.05
N ARG K 211 -15.66 -41.84 0.00
CA ARG K 211 -15.27 -41.14 1.22
C ARG K 211 -14.04 -41.75 1.90
N ARG K 212 -13.21 -40.88 2.47
CA ARG K 212 -12.01 -41.33 3.14
C ARG K 212 -12.09 -40.90 4.60
N PHE K 213 -11.72 -41.80 5.50
CA PHE K 213 -11.79 -41.50 6.92
C PHE K 213 -10.42 -41.55 7.56
N THR K 214 -10.15 -40.54 8.38
CA THR K 214 -8.88 -40.41 9.10
C THR K 214 -9.13 -40.40 10.61
N PRO K 215 -8.39 -41.22 11.36
CA PRO K 215 -8.60 -41.25 12.82
C PRO K 215 -8.22 -39.89 13.39
N GLU K 216 -9.02 -39.42 14.33
CA GLU K 216 -8.72 -38.14 14.98
C GLU K 216 -8.57 -38.50 16.44
N ILE K 217 -7.31 -38.61 16.87
CA ILE K 217 -6.95 -39.00 18.23
C ILE K 217 -6.90 -37.84 19.21
N ALA K 218 -7.60 -37.99 20.34
CA ALA K 218 -7.63 -36.96 21.38
C ALA K 218 -8.35 -37.42 22.64
N GLU K 219 -7.90 -36.94 23.79
CA GLU K 219 -8.52 -37.28 25.07
C GLU K 219 -9.94 -36.73 25.02
N ARG K 220 -10.90 -37.49 25.53
CA ARG K 220 -12.28 -37.03 25.49
C ARG K 220 -13.04 -37.39 26.76
N PRO K 221 -14.09 -36.63 27.07
CA PRO K 221 -14.86 -36.96 28.28
C PRO K 221 -15.37 -38.38 28.06
N LYS K 222 -15.50 -39.15 29.13
CA LYS K 222 -15.98 -40.51 29.00
C LYS K 222 -17.49 -40.55 28.85
N VAL K 223 -17.96 -41.35 27.92
CA VAL K 223 -19.39 -41.54 27.69
C VAL K 223 -19.55 -43.05 27.71
N ARG K 224 -20.46 -43.54 28.55
CA ARG K 224 -20.67 -44.97 28.70
C ARG K 224 -19.30 -45.55 29.03
N ASP K 225 -18.60 -44.84 29.91
CA ASP K 225 -17.27 -45.21 30.38
C ASP K 225 -16.20 -45.31 29.28
N GLN K 226 -16.40 -44.60 28.17
CA GLN K 226 -15.44 -44.63 27.07
C GLN K 226 -14.95 -43.23 26.68
N ALA K 227 -13.64 -43.09 26.49
CA ALA K 227 -13.06 -41.82 26.06
C ALA K 227 -12.90 -41.96 24.55
N GLY K 228 -12.94 -43.21 24.09
CA GLY K 228 -12.84 -43.47 22.68
C GLY K 228 -14.17 -43.11 22.03
N ARG K 229 -14.18 -43.07 20.70
CA ARG K 229 -15.39 -42.75 19.97
C ARG K 229 -15.45 -43.63 18.74
N MET K 230 -16.67 -43.87 18.28
CA MET K 230 -16.91 -44.66 17.10
C MET K 230 -17.94 -43.89 16.27
N ASN K 231 -17.58 -43.53 15.03
CA ASN K 231 -18.52 -42.82 14.17
C ASN K 231 -19.08 -43.83 13.20
N TYR K 232 -20.39 -43.75 12.96
CA TYR K 232 -21.05 -44.68 12.07
C TYR K 232 -21.50 -44.05 10.77
N TYR K 233 -21.37 -44.82 9.70
CA TYR K 233 -21.75 -44.35 8.38
C TYR K 233 -22.52 -45.43 7.65
N TRP K 234 -23.16 -45.04 6.56
CA TRP K 234 -23.93 -45.99 5.77
C TRP K 234 -24.03 -45.48 4.35
N THR K 235 -24.44 -46.35 3.44
CA THR K 235 -24.65 -45.92 2.06
C THR K 235 -25.56 -46.92 1.38
N LEU K 236 -26.17 -46.53 0.27
CA LEU K 236 -27.03 -47.43 -0.48
C LEU K 236 -26.30 -47.90 -1.73
N LEU K 237 -26.02 -49.20 -1.77
CA LEU K 237 -25.31 -49.80 -2.89
C LEU K 237 -26.36 -50.19 -3.93
N LYS K 238 -26.26 -49.58 -5.11
CA LYS K 238 -27.20 -49.85 -6.19
C LYS K 238 -27.07 -51.29 -6.69
N PRO K 239 -28.17 -51.84 -7.24
CA PRO K 239 -28.16 -53.21 -7.75
C PRO K 239 -27.03 -53.36 -8.79
N GLY K 240 -26.22 -54.40 -8.64
CA GLY K 240 -25.13 -54.60 -9.59
C GLY K 240 -23.86 -53.81 -9.33
N ASP K 241 -23.91 -52.82 -8.44
CA ASP K 241 -22.72 -52.03 -8.16
C ASP K 241 -21.80 -52.72 -7.15
N THR K 242 -20.58 -52.24 -7.03
CA THR K 242 -19.61 -52.83 -6.11
C THR K 242 -19.12 -51.86 -5.03
N ILE K 243 -18.98 -52.36 -3.81
CA ILE K 243 -18.47 -51.53 -2.74
C ILE K 243 -17.10 -52.07 -2.31
N ILE K 244 -16.14 -51.18 -2.17
CA ILE K 244 -14.79 -51.56 -1.79
C ILE K 244 -14.36 -50.92 -0.49
N PHE K 245 -13.95 -51.74 0.47
CA PHE K 245 -13.46 -51.27 1.76
C PHE K 245 -11.95 -51.47 1.78
N GLU K 246 -11.21 -50.39 2.05
CA GLU K 246 -9.77 -50.47 2.10
C GLU K 246 -9.33 -49.76 3.38
N ALA K 247 -8.42 -50.39 4.12
CA ALA K 247 -7.97 -49.79 5.37
C ALA K 247 -6.73 -50.43 5.95
N ASN K 248 -6.05 -49.67 6.81
CA ASN K 248 -4.89 -50.16 7.52
C ASN K 248 -5.09 -49.80 8.98
N GLY K 249 -6.36 -49.76 9.38
CA GLY K 249 -6.70 -49.46 10.76
C GLY K 249 -8.05 -48.81 10.99
N ASN K 250 -8.48 -48.81 12.25
CA ASN K 250 -9.70 -48.15 12.67
C ASN K 250 -11.05 -48.53 12.05
N LEU K 251 -11.05 -49.45 11.11
CA LEU K 251 -12.29 -49.85 10.49
C LEU K 251 -13.15 -50.80 11.31
N ILE K 252 -14.40 -50.41 11.52
CA ILE K 252 -15.37 -51.26 12.20
C ILE K 252 -16.14 -51.76 10.98
N ALA K 253 -15.71 -52.90 10.46
CA ALA K 253 -16.27 -53.47 9.24
C ALA K 253 -17.68 -54.04 9.24
N PRO K 254 -18.33 -53.97 8.07
CA PRO K 254 -19.68 -54.49 7.90
C PRO K 254 -19.58 -56.01 7.93
N MET K 255 -20.58 -56.66 8.52
CA MET K 255 -20.62 -58.12 8.54
C MET K 255 -21.97 -58.44 7.92
N TYR K 256 -23.04 -57.86 8.47
CA TYR K 256 -24.37 -58.05 7.92
C TYR K 256 -24.85 -56.75 7.26
N ALA K 257 -25.53 -56.89 6.12
CA ALA K 257 -26.05 -55.75 5.38
C ALA K 257 -27.52 -56.04 5.10
N PHE K 258 -28.23 -55.09 4.49
CA PHE K 258 -29.65 -55.27 4.21
C PHE K 258 -30.08 -55.02 2.76
N ALA K 259 -30.71 -56.02 2.15
CA ALA K 259 -31.23 -55.89 0.79
C ALA K 259 -32.63 -55.34 1.02
N LEU K 260 -32.85 -54.11 0.60
CA LEU K 260 -34.13 -53.44 0.82
C LEU K 260 -35.19 -53.54 -0.26
N ARG K 261 -36.45 -53.63 0.15
CA ARG K 261 -37.58 -53.68 -0.76
C ARG K 261 -38.44 -52.48 -0.37
N ARG K 262 -38.79 -51.65 -1.35
CA ARG K 262 -39.58 -50.45 -1.09
C ARG K 262 -41.09 -50.66 -1.12
N GLY K 263 -41.79 -49.91 -0.27
CA GLY K 263 -43.24 -49.97 -0.20
C GLY K 263 -43.81 -48.57 -0.04
N PHE K 264 -45.12 -48.48 0.08
CA PHE K 264 -45.78 -47.19 0.24
C PHE K 264 -46.61 -47.17 1.51
N GLY K 265 -46.85 -45.97 2.03
CA GLY K 265 -47.68 -45.82 3.21
C GLY K 265 -47.05 -46.15 4.55
N SER K 266 -45.79 -46.54 4.59
CA SER K 266 -45.19 -46.86 5.87
C SER K 266 -44.68 -45.58 6.54
N GLY K 267 -44.19 -45.71 7.76
CA GLY K 267 -43.69 -44.56 8.50
C GLY K 267 -43.27 -44.96 9.90
N ILE K 268 -42.61 -44.05 10.61
CA ILE K 268 -42.17 -44.31 11.96
C ILE K 268 -43.01 -43.49 12.92
N ILE K 269 -43.57 -44.14 13.93
CA ILE K 269 -44.37 -43.42 14.92
C ILE K 269 -43.84 -43.75 16.31
N THR K 270 -44.16 -42.88 17.26
CA THR K 270 -43.76 -43.06 18.64
C THR K 270 -45.04 -43.31 19.41
N SER K 271 -45.07 -44.38 20.19
CA SER K 271 -46.28 -44.71 20.92
C SER K 271 -45.99 -45.57 22.14
N ASN K 272 -46.83 -45.46 23.17
CA ASN K 272 -46.64 -46.31 24.33
C ASN K 272 -47.85 -47.23 24.43
N ALA K 273 -48.59 -47.35 23.33
CA ALA K 273 -49.76 -48.23 23.27
C ALA K 273 -49.22 -49.62 22.92
N SER K 274 -49.95 -50.66 23.28
CA SER K 274 -49.48 -52.02 23.01
C SER K 274 -50.06 -52.67 21.76
N MET K 275 -49.27 -53.57 21.17
CA MET K 275 -49.68 -54.30 19.98
C MET K 275 -50.70 -55.36 20.38
N HIS K 276 -51.74 -55.52 19.58
CA HIS K 276 -52.78 -56.50 19.84
C HIS K 276 -53.14 -57.16 18.52
N GLU K 277 -53.85 -58.29 18.56
CA GLU K 277 -54.22 -58.96 17.33
C GLU K 277 -55.51 -58.38 16.74
N CYS K 278 -55.43 -57.11 16.35
CA CYS K 278 -56.54 -56.39 15.75
C CYS K 278 -56.07 -55.97 14.37
N ASN K 279 -57.01 -55.66 13.48
CA ASN K 279 -56.65 -55.24 12.13
C ASN K 279 -57.26 -53.86 11.89
N THR K 280 -56.60 -53.03 11.10
CA THR K 280 -57.11 -51.68 10.85
C THR K 280 -56.63 -51.10 9.53
N LYS K 281 -57.27 -50.01 9.13
CA LYS K 281 -56.90 -49.30 7.92
C LYS K 281 -56.30 -47.95 8.34
N CYS K 282 -56.58 -47.56 9.57
CA CYS K 282 -56.06 -46.30 10.09
C CYS K 282 -55.48 -46.42 11.50
N GLN K 283 -54.17 -46.20 11.62
CA GLN K 283 -53.50 -46.31 12.91
C GLN K 283 -52.90 -44.98 13.38
N THR K 284 -53.09 -44.67 14.66
CA THR K 284 -52.51 -43.46 15.24
C THR K 284 -51.72 -43.93 16.46
N PRO K 285 -50.78 -43.11 16.94
CA PRO K 285 -49.96 -43.47 18.11
C PRO K 285 -50.81 -43.77 19.36
N LEU K 286 -52.04 -43.27 19.39
CA LEU K 286 -52.91 -43.49 20.53
C LEU K 286 -53.83 -44.68 20.38
N GLY K 287 -54.03 -45.12 19.14
CA GLY K 287 -54.91 -46.24 18.88
C GLY K 287 -55.40 -46.23 17.45
N ALA K 288 -56.04 -47.33 17.05
CA ALA K 288 -56.55 -47.48 15.69
C ALA K 288 -57.94 -46.88 15.56
N ILE K 289 -58.23 -46.42 14.34
CA ILE K 289 -59.52 -45.82 14.02
C ILE K 289 -60.25 -46.64 12.96
N ASN K 290 -61.56 -46.74 13.12
CA ASN K 290 -62.41 -47.45 12.17
C ASN K 290 -63.57 -46.49 11.95
N SER K 291 -63.48 -45.68 10.89
CA SER K 291 -64.51 -44.68 10.65
C SER K 291 -64.61 -44.26 9.19
N SER K 292 -65.73 -43.59 8.87
CA SER K 292 -65.96 -43.10 7.53
C SER K 292 -66.15 -41.59 7.57
N LEU K 293 -66.13 -41.03 8.78
CA LEU K 293 -66.30 -39.59 8.94
C LEU K 293 -65.10 -38.85 8.30
N PRO K 294 -65.33 -37.63 7.82
CA PRO K 294 -64.28 -36.82 7.18
C PRO K 294 -63.19 -36.29 8.12
N TYR K 295 -63.54 -36.03 9.38
CA TYR K 295 -62.54 -35.50 10.31
C TYR K 295 -62.38 -36.34 11.58
N GLN K 296 -61.29 -36.09 12.30
CA GLN K 296 -61.00 -36.77 13.55
C GLN K 296 -60.13 -35.82 14.38
N ASN K 297 -60.35 -35.83 15.70
CA ASN K 297 -59.58 -34.97 16.59
C ASN K 297 -58.76 -35.82 17.56
N ILE K 298 -58.39 -37.02 17.12
CA ILE K 298 -57.62 -37.95 17.93
C ILE K 298 -56.11 -37.66 17.95
N HIS K 299 -55.49 -37.63 16.76
CA HIS K 299 -54.05 -37.37 16.68
C HIS K 299 -53.66 -36.95 15.26
N PRO K 300 -52.64 -36.08 15.14
CA PRO K 300 -52.20 -35.63 13.82
C PRO K 300 -51.38 -36.70 13.08
N VAL K 301 -50.75 -37.59 13.84
CA VAL K 301 -49.93 -38.65 13.27
C VAL K 301 -50.81 -39.85 12.88
N THR K 302 -50.80 -40.19 11.60
CA THR K 302 -51.62 -41.29 11.10
C THR K 302 -50.93 -42.17 10.07
N ILE K 303 -51.23 -43.47 10.12
CA ILE K 303 -50.68 -44.44 9.19
C ILE K 303 -51.90 -45.05 8.48
N GLY K 304 -51.86 -45.10 7.16
CA GLY K 304 -52.96 -45.68 6.40
C GLY K 304 -53.89 -44.71 5.69
N GLU K 305 -55.19 -44.93 5.84
CA GLU K 305 -56.21 -44.09 5.24
C GLU K 305 -57.07 -43.61 6.40
N CYS K 306 -56.94 -42.33 6.71
CA CYS K 306 -57.62 -41.77 7.85
C CYS K 306 -58.39 -40.48 7.61
N PRO K 307 -59.21 -40.07 8.59
CA PRO K 307 -59.98 -38.83 8.47
C PRO K 307 -58.93 -37.73 8.70
N LYS K 308 -59.18 -36.52 8.19
CA LYS K 308 -58.24 -35.44 8.36
C LYS K 308 -58.23 -34.96 9.82
N TYR K 309 -57.03 -34.76 10.35
CA TYR K 309 -56.90 -34.28 11.73
C TYR K 309 -57.30 -32.82 11.78
N VAL K 310 -58.03 -32.48 12.84
CA VAL K 310 -58.51 -31.13 13.05
C VAL K 310 -58.54 -30.89 14.55
N ARG K 311 -58.39 -29.64 14.99
CA ARG K 311 -58.39 -29.33 16.43
C ARG K 311 -59.78 -29.18 17.04
N SER K 312 -60.80 -29.26 16.20
CA SER K 312 -62.18 -29.11 16.66
C SER K 312 -62.61 -30.08 17.75
N ALA K 313 -63.39 -29.58 18.69
CA ALA K 313 -63.91 -30.39 19.77
C ALA K 313 -65.25 -30.95 19.32
N LYS K 314 -65.86 -30.28 18.33
CA LYS K 314 -67.16 -30.71 17.83
C LYS K 314 -67.50 -30.23 16.42
N LEU K 315 -68.00 -31.15 15.59
CA LEU K 315 -68.41 -30.82 14.23
C LEU K 315 -69.66 -31.63 13.91
N ARG K 316 -70.83 -31.05 14.18
CA ARG K 316 -72.10 -31.73 13.93
C ARG K 316 -72.93 -30.94 12.94
N MET K 317 -73.28 -31.59 11.84
CA MET K 317 -74.06 -30.97 10.78
C MET K 317 -75.54 -31.32 10.96
N VAL K 318 -76.37 -30.30 11.17
CA VAL K 318 -77.81 -30.53 11.34
C VAL K 318 -78.44 -31.07 10.05
N THR K 319 -79.32 -32.05 10.22
CA THR K 319 -80.01 -32.68 9.09
C THR K 319 -81.50 -32.37 9.16
N GLY K 320 -82.08 -32.52 10.35
CA GLY K 320 -83.49 -32.24 10.52
C GLY K 320 -83.72 -30.76 10.68
N LEU K 321 -84.69 -30.38 11.51
CA LEU K 321 -84.96 -28.96 11.71
C LEU K 321 -84.96 -28.58 13.18
N ARG K 322 -85.11 -27.28 13.43
CA ARG K 322 -85.13 -26.75 14.78
C ARG K 322 -86.20 -27.52 15.57
N ASN K 323 -85.80 -28.17 16.65
CA ASN K 323 -86.72 -28.96 17.46
C ASN K 323 -87.52 -28.16 18.48
N ILE K 324 -88.85 -28.20 18.33
CA ILE K 324 -89.75 -27.48 19.23
C ILE K 324 -90.90 -28.38 19.65
N PRO K 325 -90.73 -29.13 20.74
CA PRO K 325 -91.76 -30.06 21.27
C PRO K 325 -93.12 -29.39 21.45
N ALA K 326 -93.10 -28.09 21.77
CA ALA K 326 -94.31 -27.32 21.99
C ALA K 326 -95.03 -27.78 23.25
N ARG K 327 -94.34 -28.57 24.07
CA ARG K 327 -94.90 -29.08 25.31
C ARG K 327 -95.23 -27.96 26.30
N GLY L 1 -86.74 -17.19 12.10
CA GLY L 1 -86.57 -17.94 10.87
C GLY L 1 -86.56 -17.03 9.66
N LEU L 2 -85.65 -17.28 8.73
CA LEU L 2 -85.53 -16.48 7.52
C LEU L 2 -86.85 -16.37 6.74
N PHE L 3 -87.61 -17.45 6.68
CA PHE L 3 -88.87 -17.42 5.94
C PHE L 3 -90.14 -17.23 6.77
N GLY L 4 -89.99 -17.21 8.10
CA GLY L 4 -91.12 -16.96 8.98
C GLY L 4 -92.04 -18.09 9.40
N ALA L 5 -91.94 -19.24 8.75
CA ALA L 5 -92.82 -20.36 9.12
C ALA L 5 -92.41 -21.03 10.43
N ILE L 6 -91.33 -21.81 10.39
CA ILE L 6 -90.84 -22.52 11.57
C ILE L 6 -90.52 -21.55 12.70
N ALA L 7 -91.14 -21.77 13.86
CA ALA L 7 -90.96 -20.92 15.02
C ALA L 7 -91.48 -19.52 14.70
N GLY L 8 -92.23 -19.42 13.60
CA GLY L 8 -92.80 -18.15 13.19
C GLY L 8 -94.29 -18.15 13.41
N PHE L 9 -95.07 -18.02 12.34
CA PHE L 9 -96.52 -18.02 12.51
C PHE L 9 -97.00 -19.43 12.85
N ILE L 10 -96.09 -20.39 12.73
CA ILE L 10 -96.40 -21.78 13.07
C ILE L 10 -95.50 -22.06 14.27
N GLU L 11 -95.86 -21.46 15.40
CA GLU L 11 -95.13 -21.57 16.66
C GLU L 11 -94.33 -22.83 16.94
N GLY L 12 -94.98 -23.99 16.94
CA GLY L 12 -94.26 -25.22 17.24
C GLY L 12 -94.41 -26.40 16.30
N GLY L 13 -93.72 -27.50 16.65
CA GLY L 13 -93.77 -28.70 15.83
C GLY L 13 -94.71 -29.75 16.41
N TRP L 14 -94.98 -30.79 15.64
CA TRP L 14 -95.87 -31.85 16.07
C TRP L 14 -95.17 -33.16 16.38
N THR L 15 -95.04 -33.48 17.66
CA THR L 15 -94.42 -34.74 18.04
C THR L 15 -95.30 -35.85 17.46
N GLY L 16 -96.58 -35.53 17.25
CA GLY L 16 -97.51 -36.48 16.69
C GLY L 16 -97.08 -37.01 15.33
N MET L 17 -96.38 -36.18 14.56
CA MET L 17 -95.91 -36.61 13.25
C MET L 17 -94.68 -37.49 13.38
N ILE L 18 -94.60 -38.53 12.57
CA ILE L 18 -93.46 -39.44 12.61
C ILE L 18 -93.23 -40.05 11.24
N ASP L 19 -93.76 -39.40 10.19
CA ASP L 19 -93.61 -39.90 8.83
C ASP L 19 -92.80 -38.96 7.96
N GLY L 20 -92.51 -37.77 8.48
CA GLY L 20 -91.74 -36.82 7.71
C GLY L 20 -91.44 -35.56 8.48
N TRP L 21 -90.89 -34.56 7.80
CA TRP L 21 -90.56 -33.30 8.44
C TRP L 21 -91.70 -32.31 8.31
N TYR L 22 -92.44 -32.41 7.19
CA TYR L 22 -93.57 -31.51 6.95
C TYR L 22 -94.83 -32.31 6.61
N GLY L 23 -95.94 -31.98 7.27
CA GLY L 23 -97.19 -32.68 7.03
C GLY L 23 -98.45 -31.92 7.37
N TYR L 24 -99.54 -32.64 7.63
CA TYR L 24 -100.82 -32.03 7.96
C TYR L 24 -101.53 -32.68 9.14
N HIS L 25 -102.66 -32.08 9.51
CA HIS L 25 -103.51 -32.54 10.60
C HIS L 25 -104.94 -32.19 10.19
N HIS L 26 -105.88 -33.11 10.38
CA HIS L 26 -107.27 -32.84 10.01
C HIS L 26 -108.29 -32.97 11.15
N GLN L 27 -109.43 -32.32 10.95
CA GLN L 27 -110.50 -32.25 11.95
C GLN L 27 -111.90 -32.64 11.46
N ASN L 28 -112.01 -33.60 10.54
CA ASN L 28 -113.33 -33.99 10.07
C ASN L 28 -113.96 -35.04 10.96
N GLU L 29 -115.28 -34.96 11.10
CA GLU L 29 -116.07 -35.89 11.90
C GLU L 29 -115.41 -37.26 12.03
N GLN L 30 -114.96 -37.78 10.91
CA GLN L 30 -114.33 -39.08 10.88
C GLN L 30 -113.09 -39.22 11.79
N GLY L 31 -112.67 -38.11 12.41
CA GLY L 31 -111.53 -38.16 13.29
C GLY L 31 -110.41 -37.22 12.92
N SER L 32 -109.38 -37.17 13.77
CA SER L 32 -108.20 -36.32 13.54
C SER L 32 -107.05 -37.17 13.04
N GLY L 33 -105.82 -36.75 13.32
CA GLY L 33 -104.66 -37.50 12.89
C GLY L 33 -103.62 -36.62 12.23
N TYR L 34 -102.48 -37.23 11.87
CA TYR L 34 -101.40 -36.50 11.21
C TYR L 34 -101.04 -37.23 9.93
N ALA L 35 -100.53 -36.48 8.95
CA ALA L 35 -100.14 -37.07 7.68
C ALA L 35 -98.94 -36.31 7.09
N ALA L 36 -97.87 -37.03 6.79
CA ALA L 36 -96.68 -36.43 6.24
C ALA L 36 -96.76 -36.33 4.73
N ASP L 37 -96.34 -35.19 4.19
CA ASP L 37 -96.35 -34.99 2.75
C ASP L 37 -95.07 -35.58 2.18
N GLN L 38 -95.20 -36.75 1.54
CA GLN L 38 -94.04 -37.42 0.95
C GLN L 38 -93.28 -36.50 0.00
N LYS L 39 -93.98 -35.98 -1.00
CA LYS L 39 -93.38 -35.08 -1.98
C LYS L 39 -92.42 -34.08 -1.34
N SER L 40 -92.88 -33.37 -0.31
CA SER L 40 -92.08 -32.37 0.39
C SER L 40 -90.92 -32.97 1.17
N THR L 41 -91.24 -33.83 2.13
CA THR L 41 -90.22 -34.46 2.96
C THR L 41 -89.12 -35.14 2.16
N GLN L 42 -89.52 -35.84 1.10
CA GLN L 42 -88.54 -36.55 0.28
C GLN L 42 -87.58 -35.59 -0.40
N ASN L 43 -88.11 -34.61 -1.12
CA ASN L 43 -87.25 -33.63 -1.80
C ASN L 43 -86.26 -33.03 -0.82
N ALA L 44 -86.73 -32.77 0.41
CA ALA L 44 -85.87 -32.21 1.44
C ALA L 44 -84.77 -33.20 1.78
N ILE L 45 -85.14 -34.46 1.93
CA ILE L 45 -84.18 -35.51 2.25
C ILE L 45 -83.15 -35.62 1.13
N ASN L 46 -83.59 -35.50 -0.11
CA ASN L 46 -82.67 -35.60 -1.23
C ASN L 46 -81.61 -34.51 -1.17
N GLY L 47 -82.07 -33.27 -0.98
CA GLY L 47 -81.17 -32.15 -0.90
C GLY L 47 -80.16 -32.22 0.23
N ILE L 48 -80.65 -32.35 1.45
CA ILE L 48 -79.78 -32.42 2.61
C ILE L 48 -78.82 -33.61 2.55
N THR L 49 -79.30 -34.74 2.06
CA THR L 49 -78.46 -35.92 1.95
C THR L 49 -77.32 -35.60 0.98
N ASN L 50 -77.65 -34.85 -0.07
CA ASN L 50 -76.64 -34.46 -1.06
C ASN L 50 -75.68 -33.42 -0.49
N LYS L 51 -76.17 -32.61 0.45
CA LYS L 51 -75.33 -31.59 1.06
C LYS L 51 -74.29 -32.26 1.93
N VAL L 52 -74.75 -33.14 2.81
CA VAL L 52 -73.86 -33.85 3.72
C VAL L 52 -72.84 -34.67 2.94
N ASN L 53 -73.28 -35.32 1.87
CA ASN L 53 -72.36 -36.13 1.09
C ASN L 53 -71.32 -35.27 0.39
N SER L 54 -71.66 -34.02 0.11
CA SER L 54 -70.72 -33.13 -0.55
C SER L 54 -69.62 -32.74 0.44
N VAL L 55 -70.03 -32.35 1.63
CA VAL L 55 -69.09 -31.97 2.66
C VAL L 55 -68.10 -33.11 2.90
N ILE L 56 -68.63 -34.32 3.01
CA ILE L 56 -67.79 -35.49 3.22
C ILE L 56 -66.91 -35.80 2.02
N GLU L 57 -67.46 -35.72 0.82
CA GLU L 57 -66.70 -36.00 -0.39
C GLU L 57 -65.55 -35.02 -0.62
N LYS L 58 -65.75 -33.75 -0.28
CA LYS L 58 -64.72 -32.75 -0.48
C LYS L 58 -63.48 -32.97 0.41
N MET L 59 -63.66 -33.61 1.55
CA MET L 59 -62.58 -33.91 2.47
C MET L 59 -61.99 -35.28 2.14
N ASN L 60 -61.12 -35.32 1.15
CA ASN L 60 -60.52 -36.59 0.74
C ASN L 60 -59.76 -37.30 1.85
N ILE L 61 -59.46 -38.57 1.61
CA ILE L 61 -58.73 -39.42 2.54
C ILE L 61 -57.39 -38.82 2.95
N GLN L 62 -57.12 -38.86 4.25
CA GLN L 62 -55.84 -38.39 4.76
C GLN L 62 -54.92 -39.61 4.78
N PHE L 63 -53.92 -39.63 3.91
CA PHE L 63 -53.01 -40.76 3.88
C PHE L 63 -51.90 -40.60 4.91
N THR L 64 -51.01 -41.57 4.99
CA THR L 64 -49.92 -41.53 5.97
C THR L 64 -49.22 -40.19 6.13
N ALA L 65 -49.27 -39.66 7.35
CA ALA L 65 -48.62 -38.40 7.68
C ALA L 65 -47.99 -38.61 9.05
N VAL L 66 -46.66 -38.55 9.11
CA VAL L 66 -45.96 -38.75 10.37
C VAL L 66 -44.92 -37.67 10.64
N GLY L 67 -44.38 -37.67 11.86
CA GLY L 67 -43.38 -36.69 12.24
C GLY L 67 -42.01 -37.02 11.65
N LYS L 68 -41.09 -36.06 11.73
CA LYS L 68 -39.75 -36.26 11.21
C LYS L 68 -38.74 -35.82 12.27
N GLU L 69 -37.51 -36.32 12.17
CA GLU L 69 -36.48 -35.94 13.12
C GLU L 69 -35.47 -34.98 12.50
N PHE L 70 -34.78 -34.22 13.34
CA PHE L 70 -33.80 -33.26 12.90
C PHE L 70 -32.64 -33.27 13.90
N ASN L 71 -31.41 -33.16 13.39
CA ASN L 71 -30.28 -33.15 14.31
C ASN L 71 -30.21 -31.76 14.96
N LYS L 72 -29.36 -31.64 15.97
CA LYS L 72 -29.21 -30.38 16.71
C LYS L 72 -28.84 -29.16 15.85
N LEU L 73 -28.37 -29.41 14.64
CA LEU L 73 -27.97 -28.34 13.74
C LEU L 73 -28.98 -28.12 12.61
N GLU L 74 -30.20 -28.61 12.77
CA GLU L 74 -31.23 -28.43 11.75
C GLU L 74 -32.45 -27.81 12.39
N LYS L 75 -32.20 -26.92 13.34
CA LYS L 75 -33.26 -26.24 14.04
C LYS L 75 -34.14 -25.38 13.12
N ARG L 76 -33.55 -24.73 12.13
CA ARG L 76 -34.34 -23.91 11.21
C ARG L 76 -35.28 -24.81 10.40
N MET L 77 -34.73 -25.93 9.90
CA MET L 77 -35.53 -26.88 9.12
C MET L 77 -36.64 -27.46 10.01
N GLU L 78 -36.31 -27.78 11.25
CA GLU L 78 -37.30 -28.32 12.17
C GLU L 78 -38.42 -27.29 12.36
N ASN L 79 -38.06 -26.02 12.54
CA ASN L 79 -39.07 -24.98 12.71
C ASN L 79 -39.91 -24.76 11.46
N LEU L 80 -39.30 -24.90 10.29
CA LEU L 80 -40.02 -24.73 9.04
C LEU L 80 -41.09 -25.82 8.95
N ASN L 81 -40.68 -27.05 9.27
CA ASN L 81 -41.58 -28.20 9.24
C ASN L 81 -42.75 -27.93 10.18
N ASN L 82 -42.42 -27.40 11.35
CA ASN L 82 -43.40 -27.08 12.36
C ASN L 82 -44.38 -26.02 11.86
N LYS L 83 -43.86 -25.00 11.21
CA LYS L 83 -44.71 -23.92 10.67
C LYS L 83 -45.65 -24.49 9.59
N VAL L 84 -45.14 -25.40 8.78
CA VAL L 84 -45.94 -26.01 7.73
C VAL L 84 -47.09 -26.80 8.34
N ASP L 85 -46.78 -27.74 9.21
CA ASP L 85 -47.82 -28.56 9.85
C ASP L 85 -48.86 -27.75 10.60
N ASP L 86 -48.42 -26.74 11.36
CA ASP L 86 -49.36 -25.91 12.11
C ASP L 86 -50.17 -25.01 11.19
N GLY L 87 -49.55 -24.55 10.10
CA GLY L 87 -50.23 -23.69 9.16
C GLY L 87 -51.38 -24.42 8.51
N PHE L 88 -51.12 -25.63 8.01
CA PHE L 88 -52.17 -26.42 7.38
C PHE L 88 -53.23 -26.79 8.40
N LEU L 89 -52.81 -27.12 9.61
CA LEU L 89 -53.77 -27.50 10.64
C LEU L 89 -54.74 -26.35 10.93
N ASP L 90 -54.20 -25.14 11.06
CA ASP L 90 -55.04 -23.97 11.31
C ASP L 90 -56.10 -23.80 10.23
N ILE L 91 -55.68 -23.84 8.98
CA ILE L 91 -56.57 -23.66 7.84
C ILE L 91 -57.69 -24.70 7.79
N TRP L 92 -57.34 -25.98 7.93
CA TRP L 92 -58.34 -27.02 7.89
C TRP L 92 -59.31 -26.98 9.08
N THR L 93 -58.83 -26.59 10.25
CA THR L 93 -59.69 -26.51 11.42
C THR L 93 -60.67 -25.36 11.16
N TYR L 94 -60.11 -24.28 10.64
CA TYR L 94 -60.89 -23.09 10.31
C TYR L 94 -61.93 -23.48 9.27
N ASN L 95 -61.48 -24.04 8.15
CA ASN L 95 -62.39 -24.45 7.07
C ASN L 95 -63.54 -25.35 7.53
N ALA L 96 -63.20 -26.45 8.20
CA ALA L 96 -64.20 -27.38 8.68
C ALA L 96 -65.24 -26.73 9.60
N GLU L 97 -64.79 -25.96 10.58
CA GLU L 97 -65.71 -25.35 11.52
C GLU L 97 -66.58 -24.26 10.88
N LEU L 98 -66.00 -23.51 9.94
CA LEU L 98 -66.74 -22.46 9.27
C LEU L 98 -67.78 -23.06 8.34
N LEU L 99 -67.38 -24.10 7.61
CA LEU L 99 -68.30 -24.76 6.67
C LEU L 99 -69.53 -25.31 7.38
N VAL L 100 -69.31 -25.98 8.51
CA VAL L 100 -70.41 -26.56 9.25
C VAL L 100 -71.33 -25.48 9.84
N LEU L 101 -70.75 -24.44 10.41
CA LEU L 101 -71.53 -23.36 10.98
C LEU L 101 -72.40 -22.67 9.94
N LEU L 102 -71.82 -22.39 8.77
CA LEU L 102 -72.52 -21.72 7.70
C LEU L 102 -73.57 -22.60 7.03
N GLU L 103 -73.27 -23.88 6.85
CA GLU L 103 -74.22 -24.77 6.24
C GLU L 103 -75.37 -25.14 7.18
N ASN L 104 -75.11 -25.10 8.48
CA ASN L 104 -76.13 -25.41 9.46
C ASN L 104 -77.21 -24.33 9.39
N GLU L 105 -76.77 -23.07 9.29
CA GLU L 105 -77.68 -21.95 9.19
C GLU L 105 -78.51 -22.10 7.92
N ARG L 106 -77.84 -22.45 6.82
CA ARG L 106 -78.51 -22.62 5.53
C ARG L 106 -79.54 -23.75 5.57
N THR L 107 -79.21 -24.82 6.28
CA THR L 107 -80.10 -25.97 6.38
C THR L 107 -81.38 -25.64 7.11
N LEU L 108 -81.26 -24.94 8.24
CA LEU L 108 -82.44 -24.57 9.02
C LEU L 108 -83.35 -23.69 8.19
N ASP L 109 -82.77 -22.74 7.47
CA ASP L 109 -83.57 -21.86 6.64
C ASP L 109 -84.20 -22.64 5.49
N PHE L 110 -83.53 -23.70 5.05
CA PHE L 110 -84.05 -24.52 3.97
C PHE L 110 -85.41 -25.10 4.36
N HIS L 111 -85.46 -25.72 5.54
CA HIS L 111 -86.69 -26.30 6.04
C HIS L 111 -87.72 -25.21 6.20
N ASP L 112 -87.30 -24.10 6.79
CA ASP L 112 -88.19 -22.97 7.01
C ASP L 112 -88.87 -22.61 5.69
N SER L 113 -88.09 -22.68 4.62
CA SER L 113 -88.58 -22.38 3.28
C SER L 113 -89.53 -23.45 2.78
N ASN L 114 -89.28 -24.71 3.13
CA ASN L 114 -90.13 -25.80 2.69
C ASN L 114 -91.50 -25.76 3.36
N VAL L 115 -91.52 -25.35 4.63
CA VAL L 115 -92.78 -25.26 5.36
C VAL L 115 -93.60 -24.11 4.80
N LYS L 116 -92.94 -22.99 4.57
CA LYS L 116 -93.58 -21.80 4.02
C LYS L 116 -94.22 -22.11 2.66
N ASN L 117 -93.41 -22.61 1.72
CA ASN L 117 -93.91 -22.92 0.39
C ASN L 117 -95.03 -23.95 0.38
N LEU L 118 -94.99 -24.88 1.32
CA LEU L 118 -96.04 -25.91 1.41
C LEU L 118 -97.32 -25.23 1.90
N TYR L 119 -97.16 -24.37 2.89
CA TYR L 119 -98.29 -23.64 3.45
C TYR L 119 -98.98 -22.84 2.34
N GLU L 120 -98.21 -21.98 1.68
CA GLU L 120 -98.73 -21.16 0.60
C GLU L 120 -99.30 -22.00 -0.54
N LYS L 121 -98.84 -23.24 -0.66
CA LYS L 121 -99.33 -24.12 -1.71
C LYS L 121 -100.77 -24.55 -1.41
N VAL L 122 -101.05 -24.77 -0.13
CA VAL L 122 -102.38 -25.16 0.31
C VAL L 122 -103.31 -23.95 0.27
N LYS L 123 -102.86 -22.86 0.88
CA LYS L 123 -103.60 -21.61 0.92
C LYS L 123 -104.09 -21.21 -0.47
N SER L 124 -103.27 -21.44 -1.49
CA SER L 124 -103.64 -21.07 -2.86
C SER L 124 -104.65 -22.03 -3.49
N GLN L 125 -104.79 -23.22 -2.93
CA GLN L 125 -105.74 -24.19 -3.46
C GLN L 125 -107.11 -23.98 -2.83
N LEU L 126 -107.14 -23.88 -1.51
CA LEU L 126 -108.38 -23.68 -0.79
C LEU L 126 -108.99 -22.35 -1.22
N LYS L 127 -108.19 -21.31 -1.22
CA LYS L 127 -108.64 -19.99 -1.63
C LYS L 127 -109.81 -19.48 -0.80
N ASN L 128 -111.02 -19.61 -1.33
CA ASN L 128 -112.22 -19.13 -0.65
C ASN L 128 -113.02 -20.20 0.10
N ASN L 129 -112.64 -21.46 -0.07
CA ASN L 129 -113.35 -22.55 0.59
C ASN L 129 -112.98 -22.65 2.06
N ALA L 130 -112.26 -21.66 2.57
CA ALA L 130 -111.87 -21.66 3.98
C ALA L 130 -111.15 -20.38 4.36
N LYS L 131 -110.81 -20.25 5.64
CA LYS L 131 -110.11 -19.07 6.12
C LYS L 131 -108.84 -19.48 6.89
N GLU L 132 -107.95 -18.51 7.13
CA GLU L 132 -106.72 -18.76 7.86
C GLU L 132 -106.95 -18.38 9.32
N ILE L 133 -106.86 -19.36 10.21
CA ILE L 133 -107.10 -19.10 11.63
C ILE L 133 -105.85 -19.10 12.52
N GLY L 134 -105.65 -20.20 13.23
CA GLY L 134 -104.52 -20.33 14.15
C GLY L 134 -103.14 -20.44 13.53
N ASN L 135 -102.96 -19.85 12.35
CA ASN L 135 -101.67 -19.88 11.67
C ASN L 135 -101.22 -21.31 11.36
N GLY L 136 -101.25 -21.65 10.08
CA GLY L 136 -100.86 -22.97 9.65
C GLY L 136 -102.12 -23.79 9.46
N CYS L 137 -103.20 -23.32 10.09
CA CYS L 137 -104.49 -24.00 10.01
C CYS L 137 -105.52 -23.28 9.12
N PHE L 138 -106.41 -24.06 8.52
CA PHE L 138 -107.46 -23.53 7.67
C PHE L 138 -108.81 -24.14 8.06
N GLU L 139 -109.75 -23.30 8.50
CA GLU L 139 -111.07 -23.78 8.87
C GLU L 139 -111.96 -23.80 7.63
N PHE L 140 -112.35 -24.98 7.20
CA PHE L 140 -113.19 -25.11 6.02
C PHE L 140 -114.56 -24.46 6.20
N TYR L 141 -115.12 -23.99 5.09
CA TYR L 141 -116.43 -23.35 5.08
C TYR L 141 -117.52 -24.34 4.69
N HIS L 142 -117.14 -25.34 3.90
CA HIS L 142 -118.10 -26.34 3.43
C HIS L 142 -118.00 -27.69 4.15
N LYS L 143 -116.93 -27.89 4.91
CA LYS L 143 -116.73 -29.14 5.63
C LYS L 143 -116.54 -30.27 4.61
N CYS L 144 -115.60 -31.17 4.86
CA CYS L 144 -115.38 -32.25 3.89
C CYS L 144 -114.75 -33.54 4.44
N ASP L 145 -115.03 -34.65 3.75
CA ASP L 145 -114.55 -35.98 4.13
C ASP L 145 -113.05 -36.16 4.26
N ASN L 146 -112.65 -37.38 4.59
CA ASN L 146 -111.25 -37.75 4.73
C ASN L 146 -110.70 -37.95 3.34
N GLU L 147 -111.50 -38.56 2.48
CA GLU L 147 -111.09 -38.80 1.10
C GLU L 147 -110.86 -37.44 0.48
N CYS L 148 -111.53 -36.43 1.03
CA CYS L 148 -111.40 -35.07 0.54
C CYS L 148 -110.16 -34.37 1.10
N MET L 149 -109.90 -34.55 2.39
CA MET L 149 -108.73 -33.94 3.01
C MET L 149 -107.52 -34.43 2.22
N GLU L 150 -107.65 -35.64 1.68
CA GLU L 150 -106.60 -36.24 0.90
C GLU L 150 -106.40 -35.49 -0.41
N SER L 151 -107.48 -34.93 -0.95
CA SER L 151 -107.40 -34.18 -2.20
C SER L 151 -106.52 -32.96 -1.98
N VAL L 152 -106.51 -32.47 -0.74
CA VAL L 152 -105.71 -31.32 -0.37
C VAL L 152 -104.25 -31.75 -0.29
N ARG L 153 -104.01 -32.89 0.34
CA ARG L 153 -102.67 -33.42 0.49
C ARG L 153 -102.02 -33.80 -0.83
N ASN L 154 -102.73 -34.56 -1.67
CA ASN L 154 -102.18 -34.99 -2.94
C ASN L 154 -102.09 -33.87 -3.98
N GLY L 155 -102.39 -32.64 -3.56
CA GLY L 155 -102.29 -31.51 -4.46
C GLY L 155 -103.39 -31.32 -5.49
N THR L 156 -104.52 -31.98 -5.31
CA THR L 156 -105.64 -31.83 -6.24
C THR L 156 -106.56 -30.73 -5.72
N TYR L 157 -107.77 -31.08 -5.31
CA TYR L 157 -108.71 -30.09 -4.79
C TYR L 157 -108.71 -28.86 -5.70
N ASP L 158 -109.50 -28.90 -6.76
CA ASP L 158 -109.56 -27.79 -7.71
C ASP L 158 -110.88 -27.03 -7.69
N TYR L 159 -111.03 -26.12 -6.74
CA TYR L 159 -112.25 -25.30 -6.62
C TYR L 159 -111.93 -23.95 -5.98
N PRO L 160 -112.52 -22.87 -6.52
CA PRO L 160 -112.31 -21.51 -5.99
C PRO L 160 -112.74 -21.36 -4.54
#